data_8BTS
#
_entry.id   8BTS
#
_cell.length_a   148.392
_cell.length_b   73.444
_cell.length_c   211.253
_cell.angle_alpha   90.00
_cell.angle_beta   104.76
_cell.angle_gamma   90.00
#
_symmetry.space_group_name_H-M   'P 1 21 1'
#
loop_
_entity.id
_entity.type
_entity.pdbx_description
1 polymer 'Nitrogenase protein alpha chain'
2 polymer 'Nitrogenase molybdenum-iron protein beta chain'
3 non-polymer '3-HYDROXY-3-CARBOXY-ADIPIC ACID'
4 non-polymer 'iron-sulfur-molybdenum cluster with interstitial carbon'
5 non-polymer GLYCEROL
6 non-polymer 'SULFATE ION'
7 non-polymer 'FE(8)-S(7) CLUSTER, OXIDIZED'
8 non-polymer 'FE (III) ION'
#
loop_
_entity_poly.entity_id
_entity_poly.type
_entity_poly.pdbx_seq_one_letter_code
_entity_poly.pdbx_strand_id
1 'polypeptide(L)'
;MTHHHHHHHHGMSREEVESLIQEVLEVYPEKARKDRNKHLAVNDPAVTQSKKAIISNKKSQPGLMTIRGCAYAGSKGVVW
GPIKDMIHISHGPVGCGQYSRAGRRNYYIGTTGVNAFVTMNFTSDFQEKDIVFGGDKKLAKLIDEVETLFPLNKGISVQS
ECPIGCIGDDIESVSKVKGAELSKTIVPVRCEGFRGVSQSLGHHIANDAVRDWVLGKRDEDTTFASTPYDVAIIGDYNIG
GDAWSSRILLEEMGLRCVAQWSGDGSISEIELTPKVKLNLVHCYRSMNYISRHMEEKYGIPWMEYNFFGPTKTIESLRAI
AAKFDESIQKKCEEVIAKYKPEWEAVVAKYRPRLEGKRVMLYIGGLRPRHVIGAYEDLGMEVVGTGYEFAHNDDYDRTMK
EMGDSTLLYDDVTGYEFEEFVKRIKPDLIGSGIKEKFIFQKMGIPFRQMHSWDYSGPYHGFDGFAIFARDMDMTLNNPCW
KKLQAPWEASEGAEKVAASA
;
A,C,H,J
2 'polypeptide(L)'
;MSQQVDKIKASYPLFLDQDYKDMLAKKRDGFEEKYPQDKIDEVFQWTTTKEYQELNFQREALTVNPAKACQPLGAVLCAL
GFEKTMPYVHGSQGCVAYFRSYFNRHFREPVSCVSDSMTEDAAVFGGQQNMKDGLQNCKATYKPDMIAVSTTCMAEVIGD
DLNAFINNSKKEGFIPDEFPVPFAHTPSFVGSHVTGWDNMFEGIARYFTLKSMDDKVVGSNKKINIVPGFETYLGNFRVI
KRMLSEMGVGYSLLSDPEEVLDTPADGQFRMYAGGTTQEEMKDAPNALNTVLLQPWHLEKTKKFVEGTWKHEVPKLNIPM
GLDWTDEFLMKVSEISGQPIPASLTKERGRLVDMMTDSHTWLHGKRFALWGDPDFVMGLVKFLLELGCEPVHILCHNGNK
RWKKAVDAILAASPYGKNATVYIGKDLWHLRSLVFTDKPDFMIGNSYGKFIQRDTLHKGKEFEVPLIRIGFPIFDRHHLH
RSTTLGYEGAMQILTTLVNSILERLDEETRGMQATDYNHDLVR
;
B,D,I,L
#
loop_
_chem_comp.id
_chem_comp.type
_chem_comp.name
_chem_comp.formula
1CL non-polymer 'FE(8)-S(7) CLUSTER, OXIDIZED' 'Fe8 S7'
FE non-polymer 'FE (III) ION' 'Fe 3'
GOL non-polymer GLYCEROL 'C3 H8 O3'
HCA non-polymer '3-HYDROXY-3-CARBOXY-ADIPIC ACID' 'C7 H10 O7'
ICS non-polymer 'iron-sulfur-molybdenum cluster with interstitial carbon' 'C Fe7 Mo S9'
SO4 non-polymer 'SULFATE ION' 'O4 S -2'
#
# COMPACT_ATOMS: atom_id res chain seq x y z
N MET A 12 -11.46 -54.29 -29.15
CA MET A 12 -10.76 -53.96 -30.39
C MET A 12 -10.51 -55.20 -31.25
N SER A 13 -10.64 -55.02 -32.56
CA SER A 13 -10.42 -56.10 -33.52
C SER A 13 -8.96 -56.16 -33.93
N ARG A 14 -8.57 -57.29 -34.53
CA ARG A 14 -7.18 -57.42 -35.02
C ARG A 14 -6.84 -56.21 -35.89
N GLU A 15 -7.69 -55.91 -36.88
CA GLU A 15 -7.37 -54.82 -37.79
C GLU A 15 -7.24 -53.50 -37.04
N GLU A 16 -8.07 -53.29 -36.01
CA GLU A 16 -8.01 -52.04 -35.26
C GLU A 16 -6.71 -51.95 -34.47
N VAL A 17 -6.28 -53.05 -33.87
CA VAL A 17 -5.02 -53.03 -33.14
C VAL A 17 -3.87 -52.73 -34.11
N GLU A 18 -3.92 -53.32 -35.31
CA GLU A 18 -2.91 -53.04 -36.31
C GLU A 18 -2.91 -51.58 -36.74
N SER A 19 -4.09 -50.96 -36.77
CA SER A 19 -4.16 -49.53 -37.10
C SER A 19 -3.54 -48.70 -35.99
N LEU A 20 -3.81 -49.04 -34.74
CA LEU A 20 -3.26 -48.28 -33.62
C LEU A 20 -1.73 -48.32 -33.66
N ILE A 21 -1.15 -49.50 -33.87
CA ILE A 21 0.30 -49.61 -33.98
C ILE A 21 0.82 -48.66 -35.05
N GLN A 22 0.23 -48.72 -36.24
CA GLN A 22 0.71 -47.90 -37.35
C GLN A 22 0.52 -46.41 -37.06
N GLU A 23 -0.62 -46.05 -36.46
CA GLU A 23 -0.85 -44.63 -36.12
C GLU A 23 0.19 -44.13 -35.12
N VAL A 24 0.55 -44.97 -34.14
CA VAL A 24 1.53 -44.55 -33.16
C VAL A 24 2.91 -44.41 -33.80
N LEU A 25 3.24 -45.27 -34.76
CA LEU A 25 4.56 -45.23 -35.36
C LEU A 25 4.78 -44.01 -36.26
N GLU A 26 3.72 -43.25 -36.56
CA GLU A 26 3.86 -42.14 -37.50
C GLU A 26 4.81 -41.06 -36.98
N VAL A 27 4.92 -40.92 -35.66
CA VAL A 27 5.68 -39.82 -35.10
C VAL A 27 7.18 -40.01 -35.25
N TYR A 28 7.65 -41.23 -35.54
CA TYR A 28 9.07 -41.51 -35.51
C TYR A 28 9.76 -41.09 -36.80
N PRO A 29 11.05 -40.75 -36.73
CA PRO A 29 11.86 -40.69 -37.95
C PRO A 29 11.94 -42.06 -38.62
N GLU A 30 12.24 -42.04 -39.92
CA GLU A 30 12.14 -43.25 -40.73
C GLU A 30 13.00 -44.39 -40.16
N LYS A 31 14.20 -44.08 -39.68
CA LYS A 31 15.07 -45.15 -39.19
C LYS A 31 14.48 -45.85 -37.98
N ALA A 32 13.98 -45.07 -37.01
CA ALA A 32 13.37 -45.64 -35.83
C ALA A 32 12.03 -46.29 -36.15
N ARG A 33 11.24 -45.66 -37.03
CA ARG A 33 9.94 -46.23 -37.38
C ARG A 33 10.11 -47.63 -37.96
N LYS A 34 11.10 -47.82 -38.81
CA LYS A 34 11.31 -49.13 -39.42
C LYS A 34 11.65 -50.18 -38.37
N ASP A 35 12.44 -49.81 -37.36
CA ASP A 35 12.83 -50.78 -36.35
C ASP A 35 11.69 -51.07 -35.38
N ARG A 36 11.05 -50.03 -34.85
CA ARG A 36 10.02 -50.23 -33.82
C ARG A 36 8.86 -51.05 -34.35
N ASN A 37 8.56 -50.94 -35.65
CA ASN A 37 7.49 -51.73 -36.25
C ASN A 37 7.71 -53.23 -36.03
N LYS A 38 8.97 -53.66 -36.03
CA LYS A 38 9.28 -55.08 -35.84
C LYS A 38 9.08 -55.53 -34.41
N HIS A 39 8.92 -54.60 -33.46
CA HIS A 39 8.81 -54.93 -32.04
C HIS A 39 7.39 -54.74 -31.51
N LEU A 40 6.41 -54.66 -32.40
CA LEU A 40 5.02 -54.45 -32.03
C LEU A 40 4.17 -55.40 -32.85
N ALA A 41 3.23 -56.09 -32.20
CA ALA A 41 2.51 -57.16 -32.88
C ALA A 41 1.15 -57.39 -32.23
N VAL A 42 0.24 -57.93 -33.04
CA VAL A 42 -1.07 -58.37 -32.59
C VAL A 42 -0.98 -59.87 -32.35
N ASN A 43 -1.31 -60.30 -31.15
CA ASN A 43 -1.06 -61.69 -30.75
C ASN A 43 -1.93 -62.65 -31.56
N ASP A 44 -1.32 -63.79 -31.91
CA ASP A 44 -2.04 -64.92 -32.51
C ASP A 44 -1.62 -66.17 -31.73
N PRO A 45 -2.47 -66.67 -30.84
CA PRO A 45 -2.03 -67.79 -29.97
C PRO A 45 -1.67 -69.04 -30.72
N ALA A 46 -1.98 -69.15 -32.01
CA ALA A 46 -1.67 -70.36 -32.76
C ALA A 46 -0.19 -70.45 -33.14
N VAL A 47 0.51 -69.32 -33.19
CA VAL A 47 1.88 -69.30 -33.68
C VAL A 47 2.79 -69.90 -32.63
N THR A 48 3.78 -70.67 -33.10
CA THR A 48 4.74 -71.32 -32.22
C THR A 48 6.15 -70.76 -32.34
N GLN A 49 6.49 -70.11 -33.45
CA GLN A 49 7.75 -69.40 -33.64
C GLN A 49 7.41 -67.92 -33.65
N SER A 50 7.54 -67.27 -32.49
CA SER A 50 7.20 -65.84 -32.38
C SER A 50 8.08 -64.96 -33.25
N LYS A 51 9.18 -65.52 -33.77
CA LYS A 51 10.16 -64.73 -34.53
C LYS A 51 9.56 -64.06 -35.76
N LYS A 52 8.51 -64.63 -36.34
CA LYS A 52 7.91 -64.02 -37.53
C LYS A 52 6.82 -63.00 -37.21
N ALA A 53 6.46 -62.82 -35.94
CA ALA A 53 5.52 -61.77 -35.58
C ALA A 53 6.18 -60.61 -34.86
N ILE A 54 7.26 -60.87 -34.12
CA ILE A 54 7.88 -59.84 -33.29
C ILE A 54 9.35 -60.17 -33.10
N ILE A 55 10.18 -59.13 -33.11
CA ILE A 55 11.61 -59.26 -32.89
C ILE A 55 11.91 -58.73 -31.49
N SER A 56 12.93 -59.31 -30.87
CA SER A 56 13.23 -58.98 -29.49
C SER A 56 14.73 -59.06 -29.25
N ASN A 57 15.14 -58.62 -28.06
CA ASN A 57 16.54 -58.71 -27.63
C ASN A 57 17.46 -57.99 -28.61
N LYS A 58 17.04 -56.82 -29.07
CA LYS A 58 17.84 -56.00 -29.97
C LYS A 58 18.17 -54.68 -29.29
N LYS A 59 19.13 -53.97 -29.87
CA LYS A 59 19.57 -52.70 -29.31
C LYS A 59 18.42 -51.71 -29.25
N SER A 60 18.45 -50.86 -28.23
CA SER A 60 17.45 -49.82 -28.09
C SER A 60 17.77 -48.66 -29.02
N GLN A 61 16.73 -48.09 -29.61
CA GLN A 61 16.92 -46.91 -30.44
C GLN A 61 17.28 -45.71 -29.55
N PRO A 62 18.27 -44.91 -29.95
CA PRO A 62 18.71 -43.82 -29.07
C PRO A 62 17.66 -42.74 -28.93
N GLY A 63 17.46 -42.30 -27.69
CA GLY A 63 16.67 -41.12 -27.40
C GLY A 63 15.17 -41.31 -27.38
N LEU A 64 14.68 -42.56 -27.32
CA LEU A 64 13.25 -42.82 -27.30
C LEU A 64 12.73 -43.15 -25.91
N MET A 65 13.55 -43.00 -24.87
CA MET A 65 13.15 -43.26 -23.49
C MET A 65 12.74 -44.72 -23.30
N THR A 66 13.69 -45.61 -23.56
CA THR A 66 13.48 -47.00 -23.20
C THR A 66 13.38 -47.12 -21.68
N ILE A 67 12.74 -48.19 -21.23
CA ILE A 67 12.63 -48.50 -19.81
C ILE A 67 13.72 -49.48 -19.35
N ARG A 68 14.57 -49.92 -20.27
CA ARG A 68 15.61 -50.89 -19.98
C ARG A 68 16.67 -50.32 -19.04
N GLY A 69 17.34 -51.23 -18.33
CA GLY A 69 18.55 -50.96 -17.60
C GLY A 69 19.77 -51.45 -18.34
N CYS A 70 20.82 -51.80 -17.59
CA CYS A 70 22.11 -52.22 -18.14
C CYS A 70 22.46 -53.64 -17.69
N ALA A 71 23.64 -54.09 -18.11
CA ALA A 71 24.10 -55.42 -17.75
C ALA A 71 24.52 -55.50 -16.28
N TYR A 72 25.02 -54.39 -15.72
CA TYR A 72 25.36 -54.37 -14.31
C TYR A 72 24.11 -54.58 -13.45
N ALA A 73 23.00 -53.98 -13.86
CA ALA A 73 21.74 -54.19 -13.14
C ALA A 73 21.35 -55.66 -13.17
N GLY A 74 21.51 -56.30 -14.32
CA GLY A 74 21.16 -57.71 -14.45
C GLY A 74 22.08 -58.65 -13.71
N SER A 75 23.33 -58.22 -13.45
CA SER A 75 24.31 -59.04 -12.74
C SER A 75 24.35 -58.72 -11.25
N LYS A 76 24.65 -57.47 -10.89
CA LYS A 76 24.71 -57.10 -9.48
C LYS A 76 23.32 -57.01 -8.88
N GLY A 77 22.42 -56.26 -9.52
CA GLY A 77 21.12 -56.03 -8.94
C GLY A 77 20.25 -57.28 -8.85
N VAL A 78 20.36 -58.16 -9.85
CA VAL A 78 19.41 -59.26 -9.99
C VAL A 78 19.99 -60.58 -9.50
N VAL A 79 21.12 -60.99 -10.07
CA VAL A 79 21.63 -62.34 -9.85
C VAL A 79 22.50 -62.42 -8.60
N TRP A 80 23.53 -61.57 -8.51
CA TRP A 80 24.54 -61.71 -7.47
C TRP A 80 24.13 -61.04 -6.16
N GLY A 81 23.58 -59.82 -6.22
CA GLY A 81 23.26 -59.08 -5.02
C GLY A 81 22.49 -59.83 -3.96
N PRO A 82 21.48 -60.61 -4.34
CA PRO A 82 20.69 -61.33 -3.31
C PRO A 82 21.51 -62.28 -2.46
N ILE A 83 22.61 -62.82 -2.99
CA ILE A 83 23.41 -63.80 -2.26
C ILE A 83 23.88 -63.14 -0.97
N LYS A 84 23.40 -63.64 0.16
CA LYS A 84 23.41 -62.84 1.38
C LYS A 84 24.74 -62.88 2.12
N ASP A 85 25.43 -64.02 2.15
CA ASP A 85 26.65 -64.13 2.95
C ASP A 85 27.92 -63.84 2.16
N MET A 86 27.80 -63.26 0.98
CA MET A 86 28.96 -62.67 0.32
C MET A 86 28.83 -61.15 0.28
N ILE A 87 29.95 -60.50 0.02
CA ILE A 87 30.05 -59.06 -0.13
C ILE A 87 30.27 -58.79 -1.60
N HIS A 88 29.46 -57.89 -2.17
CA HIS A 88 29.51 -57.58 -3.59
C HIS A 88 30.01 -56.16 -3.77
N ILE A 89 31.10 -56.00 -4.51
CA ILE A 89 31.76 -54.71 -4.70
C ILE A 89 31.26 -54.11 -6.01
N SER A 90 30.59 -52.97 -5.92
CA SER A 90 30.28 -52.16 -7.09
C SER A 90 31.56 -51.44 -7.48
N HIS A 91 32.23 -51.95 -8.51
CA HIS A 91 33.59 -51.54 -8.85
C HIS A 91 33.55 -50.46 -9.93
N GLY A 92 33.89 -49.23 -9.53
CA GLY A 92 33.79 -48.09 -10.41
C GLY A 92 33.36 -46.84 -9.67
N PRO A 93 32.81 -45.86 -10.38
CA PRO A 93 32.37 -44.64 -9.70
C PRO A 93 31.13 -44.89 -8.86
N VAL A 94 30.76 -43.86 -8.09
CA VAL A 94 29.86 -44.03 -6.96
C VAL A 94 28.42 -44.28 -7.36
N GLY A 95 28.04 -43.96 -8.59
CA GLY A 95 26.65 -43.98 -8.97
C GLY A 95 25.98 -45.33 -8.87
N CYS A 96 26.51 -46.34 -9.55
CA CYS A 96 25.79 -47.60 -9.68
C CYS A 96 25.42 -48.16 -8.31
N GLY A 97 26.41 -48.27 -7.43
CA GLY A 97 26.17 -48.88 -6.13
C GLY A 97 25.21 -48.11 -5.26
N GLN A 98 25.06 -46.82 -5.49
CA GLN A 98 24.14 -46.02 -4.68
C GLN A 98 22.70 -46.13 -5.20
N TYR A 99 22.49 -45.98 -6.51
CA TYR A 99 21.15 -46.06 -7.07
C TYR A 99 20.57 -47.46 -6.98
N SER A 100 21.41 -48.48 -6.88
CA SER A 100 20.97 -49.85 -6.75
C SER A 100 21.01 -50.34 -5.31
N ARG A 101 21.27 -49.46 -4.35
CA ARG A 101 21.34 -49.87 -2.95
C ARG A 101 19.92 -50.07 -2.42
N ALA A 102 19.55 -51.34 -2.20
CA ALA A 102 18.33 -51.70 -1.50
C ALA A 102 17.07 -51.24 -2.24
N GLY A 103 17.13 -51.21 -3.57
CA GLY A 103 15.97 -50.87 -4.36
C GLY A 103 15.11 -52.06 -4.68
N ARG A 104 15.71 -53.25 -4.65
CA ARG A 104 15.05 -54.49 -5.03
C ARG A 104 14.79 -55.33 -3.78
N ARG A 105 13.55 -55.76 -3.60
CA ARG A 105 13.14 -56.37 -2.35
C ARG A 105 13.43 -57.87 -2.30
N ASN A 106 14.65 -58.25 -2.69
CA ASN A 106 15.11 -59.62 -2.56
C ASN A 106 15.37 -59.88 -1.08
N TYR A 107 14.42 -60.53 -0.41
CA TYR A 107 14.43 -60.65 1.04
C TYR A 107 15.38 -61.76 1.49
N TYR A 108 15.83 -61.63 2.74
CA TYR A 108 16.80 -62.57 3.31
C TYR A 108 16.68 -62.55 4.83
N ILE A 109 17.23 -63.60 5.45
CA ILE A 109 17.37 -63.70 6.89
C ILE A 109 18.85 -63.61 7.23
N GLY A 110 19.23 -62.58 7.95
CA GLY A 110 20.62 -62.45 8.35
C GLY A 110 20.82 -61.25 9.25
N THR A 111 22.04 -61.14 9.74
CA THR A 111 22.45 -60.01 10.58
C THR A 111 23.25 -59.09 9.65
N THR A 112 22.61 -58.00 9.23
CA THR A 112 23.17 -57.13 8.21
C THR A 112 24.36 -56.34 8.75
N GLY A 113 25.49 -56.44 8.06
CA GLY A 113 26.73 -55.84 8.49
C GLY A 113 27.66 -56.79 9.21
N VAL A 114 27.19 -57.96 9.61
CA VAL A 114 27.98 -58.93 10.36
C VAL A 114 28.20 -60.17 9.51
N ASN A 115 27.14 -60.94 9.26
CA ASN A 115 27.20 -62.14 8.43
C ASN A 115 26.43 -62.05 7.13
N ALA A 116 25.60 -61.03 6.95
CA ALA A 116 24.87 -60.78 5.71
C ALA A 116 25.04 -59.32 5.32
N PHE A 117 24.98 -59.06 4.01
CA PHE A 117 25.43 -57.76 3.50
C PHE A 117 24.60 -57.28 2.31
N VAL A 118 23.36 -57.74 2.16
CA VAL A 118 22.62 -57.52 0.92
C VAL A 118 22.33 -56.04 0.73
N THR A 119 21.77 -55.38 1.76
CA THR A 119 21.32 -54.01 1.60
C THR A 119 22.45 -52.99 1.74
N MET A 120 23.69 -53.43 1.89
CA MET A 120 24.82 -52.53 1.97
C MET A 120 25.36 -52.22 0.58
N ASN A 121 26.05 -51.09 0.46
CA ASN A 121 26.65 -50.66 -0.80
C ASN A 121 28.16 -50.59 -0.59
N PHE A 122 28.86 -51.63 -1.04
CA PHE A 122 30.32 -51.59 -1.11
C PHE A 122 30.71 -51.11 -2.49
N THR A 123 31.62 -50.15 -2.55
CA THR A 123 32.05 -49.58 -3.82
C THR A 123 33.50 -49.13 -3.70
N SER A 124 34.17 -49.07 -4.84
CA SER A 124 35.52 -48.54 -4.91
C SER A 124 35.54 -47.04 -5.15
N ASP A 125 34.38 -46.42 -5.40
CA ASP A 125 34.25 -44.98 -5.55
C ASP A 125 35.36 -44.37 -6.39
N PHE A 126 35.39 -44.69 -7.68
CA PHE A 126 36.48 -44.25 -8.52
C PHE A 126 36.54 -42.72 -8.56
N GLN A 127 37.75 -42.20 -8.45
CA GLN A 127 38.05 -40.81 -8.74
C GLN A 127 38.88 -40.76 -10.01
N GLU A 128 39.23 -39.54 -10.43
CA GLU A 128 39.95 -39.41 -11.70
C GLU A 128 41.28 -40.16 -11.63
N LYS A 129 41.95 -40.13 -10.48
CA LYS A 129 43.23 -40.81 -10.35
C LYS A 129 43.09 -42.30 -10.69
N ASP A 130 41.96 -42.90 -10.36
CA ASP A 130 41.75 -44.31 -10.66
C ASP A 130 41.46 -44.54 -12.13
N ILE A 131 40.76 -43.60 -12.78
CA ILE A 131 40.52 -43.70 -14.20
C ILE A 131 41.84 -43.61 -14.97
N VAL A 132 42.71 -42.68 -14.57
CA VAL A 132 43.92 -42.41 -15.33
C VAL A 132 44.93 -43.54 -15.15
N PHE A 133 45.12 -44.00 -13.92
CA PHE A 133 46.17 -44.96 -13.60
C PHE A 133 45.65 -46.37 -13.37
N GLY A 134 44.35 -46.58 -13.47
CA GLY A 134 43.78 -47.89 -13.26
C GLY A 134 43.43 -48.16 -11.80
N GLY A 135 42.50 -49.08 -11.60
CA GLY A 135 42.01 -49.41 -10.28
C GLY A 135 42.48 -50.72 -9.69
N ASP A 136 43.38 -51.43 -10.37
CA ASP A 136 43.74 -52.77 -9.90
C ASP A 136 44.46 -52.72 -8.54
N LYS A 137 45.28 -51.70 -8.31
CA LYS A 137 45.92 -51.57 -7.01
C LYS A 137 44.90 -51.23 -5.92
N LYS A 138 43.95 -50.35 -6.25
CA LYS A 138 42.90 -50.02 -5.28
C LYS A 138 42.07 -51.25 -4.94
N LEU A 139 41.76 -52.07 -5.95
CA LEU A 139 40.92 -53.23 -5.72
C LEU A 139 41.60 -54.23 -4.81
N ALA A 140 42.91 -54.43 -4.98
CA ALA A 140 43.64 -55.32 -4.09
C ALA A 140 43.61 -54.81 -2.65
N LYS A 141 43.85 -53.52 -2.47
CA LYS A 141 43.76 -52.94 -1.12
C LYS A 141 42.33 -53.00 -0.61
N LEU A 142 41.35 -52.71 -1.46
CA LEU A 142 39.96 -52.77 -1.05
C LEU A 142 39.61 -54.16 -0.53
N ILE A 143 40.11 -55.21 -1.19
CA ILE A 143 39.79 -56.56 -0.76
C ILE A 143 40.33 -56.84 0.63
N ASP A 144 41.57 -56.41 0.89
CA ASP A 144 42.14 -56.56 2.23
C ASP A 144 41.28 -55.87 3.27
N GLU A 145 40.85 -54.64 2.98
CA GLU A 145 40.08 -53.88 3.94
C GLU A 145 38.74 -54.56 4.24
N VAL A 146 38.12 -55.15 3.20
CA VAL A 146 36.89 -55.92 3.41
C VAL A 146 37.15 -57.06 4.38
N GLU A 147 38.26 -57.79 4.18
CA GLU A 147 38.54 -58.94 5.01
C GLU A 147 38.73 -58.53 6.46
N THR A 148 39.31 -57.36 6.69
CA THR A 148 39.56 -56.92 8.06
C THR A 148 38.27 -56.52 8.76
N LEU A 149 37.45 -55.69 8.12
CA LEU A 149 36.29 -55.11 8.77
C LEU A 149 35.05 -55.99 8.72
N PHE A 150 35.05 -57.02 7.86
CA PHE A 150 33.92 -57.93 7.73
C PHE A 150 34.44 -59.35 7.68
N PRO A 151 34.96 -59.85 8.81
CA PRO A 151 35.62 -61.16 8.79
C PRO A 151 34.68 -62.33 8.54
N LEU A 152 33.38 -62.18 8.76
CA LEU A 152 32.44 -63.29 8.59
C LEU A 152 31.90 -63.43 7.17
N ASN A 153 32.32 -62.58 6.23
CA ASN A 153 31.93 -62.77 4.85
C ASN A 153 32.46 -64.11 4.36
N LYS A 154 31.71 -64.73 3.45
CA LYS A 154 32.07 -66.06 2.93
C LYS A 154 32.50 -65.98 1.46
N GLY A 155 32.82 -64.80 0.97
CA GLY A 155 33.21 -64.63 -0.41
C GLY A 155 32.92 -63.23 -0.89
N ILE A 156 33.66 -62.83 -1.92
CA ILE A 156 33.55 -61.51 -2.52
C ILE A 156 33.25 -61.68 -3.99
N SER A 157 32.42 -60.80 -4.53
CA SER A 157 32.28 -60.66 -5.97
C SER A 157 32.58 -59.21 -6.34
N VAL A 158 33.14 -59.04 -7.54
CA VAL A 158 33.54 -57.73 -8.05
C VAL A 158 32.65 -57.41 -9.23
N GLN A 159 31.71 -56.50 -9.04
CA GLN A 159 30.74 -56.17 -10.08
C GLN A 159 31.28 -54.98 -10.88
N SER A 160 31.76 -55.25 -12.09
CA SER A 160 32.38 -54.23 -12.89
C SER A 160 31.35 -53.25 -13.41
N GLU A 161 31.63 -51.96 -13.23
CA GLU A 161 30.83 -50.89 -13.79
C GLU A 161 31.46 -50.44 -15.10
N CYS A 162 30.77 -49.55 -15.82
CA CYS A 162 31.18 -49.17 -17.17
C CYS A 162 32.68 -48.97 -17.35
N PRO A 163 33.37 -48.14 -16.56
CA PRO A 163 34.78 -47.82 -16.90
C PRO A 163 35.75 -48.97 -16.79
N ILE A 164 35.45 -50.02 -16.00
CA ILE A 164 36.44 -51.06 -15.75
C ILE A 164 36.89 -51.70 -17.05
N GLY A 165 35.93 -52.06 -17.90
CA GLY A 165 36.28 -52.56 -19.22
C GLY A 165 36.88 -51.50 -20.13
N CYS A 166 36.36 -50.26 -20.05
CA CYS A 166 36.92 -49.18 -20.84
C CYS A 166 38.36 -48.89 -20.43
N ILE A 167 38.60 -48.72 -19.13
CA ILE A 167 39.97 -48.53 -18.66
C ILE A 167 40.79 -49.76 -18.95
N GLY A 168 40.16 -50.93 -19.02
CA GLY A 168 40.84 -52.18 -19.31
C GLY A 168 41.44 -52.89 -18.12
N ASP A 169 41.03 -52.55 -16.89
CA ASP A 169 41.61 -53.16 -15.71
C ASP A 169 41.46 -54.68 -15.78
N ASP A 170 42.35 -55.38 -15.06
CA ASP A 170 42.41 -56.84 -15.09
C ASP A 170 41.99 -57.37 -13.73
N ILE A 171 40.68 -57.33 -13.48
CA ILE A 171 40.15 -57.79 -12.19
C ILE A 171 40.25 -59.29 -12.04
N GLU A 172 40.36 -60.05 -13.14
CA GLU A 172 40.53 -61.50 -13.01
C GLU A 172 41.84 -61.85 -12.33
N SER A 173 42.91 -61.13 -12.67
CA SER A 173 44.18 -61.39 -12.01
C SER A 173 44.12 -61.04 -10.53
N VAL A 174 43.53 -59.89 -10.21
CA VAL A 174 43.39 -59.50 -8.81
C VAL A 174 42.62 -60.57 -8.05
N SER A 175 41.49 -61.01 -8.58
CA SER A 175 40.69 -62.03 -7.91
C SER A 175 41.49 -63.31 -7.71
N LYS A 176 42.25 -63.72 -8.74
CA LYS A 176 43.05 -64.93 -8.63
C LYS A 176 44.13 -64.78 -7.56
N VAL A 177 44.89 -63.68 -7.63
CA VAL A 177 46.01 -63.50 -6.70
C VAL A 177 45.50 -63.32 -5.28
N LYS A 178 44.50 -62.43 -5.09
CA LYS A 178 43.97 -62.19 -3.75
C LYS A 178 43.18 -63.38 -3.25
N GLY A 179 42.49 -64.10 -4.13
CA GLY A 179 41.77 -65.28 -3.71
C GLY A 179 42.70 -66.38 -3.23
N ALA A 180 43.84 -66.56 -3.90
CA ALA A 180 44.82 -67.53 -3.45
C ALA A 180 45.49 -67.07 -2.15
N GLU A 181 45.88 -65.81 -2.08
CA GLU A 181 46.58 -65.31 -0.90
C GLU A 181 45.71 -65.46 0.35
N LEU A 182 44.44 -65.10 0.26
CA LEU A 182 43.56 -65.06 1.42
C LEU A 182 42.68 -66.30 1.51
N SER A 183 42.95 -67.32 0.70
CA SER A 183 42.16 -68.56 0.71
C SER A 183 40.67 -68.23 0.76
N LYS A 184 40.27 -67.34 -0.13
CA LYS A 184 38.90 -66.84 -0.18
C LYS A 184 38.39 -66.90 -1.61
N THR A 185 37.10 -67.19 -1.77
CA THR A 185 36.46 -67.17 -3.08
C THR A 185 36.20 -65.71 -3.47
N ILE A 186 36.85 -65.27 -4.53
CA ILE A 186 36.67 -63.92 -5.08
C ILE A 186 36.28 -64.08 -6.54
N VAL A 187 35.11 -63.59 -6.90
CA VAL A 187 34.49 -63.85 -8.20
C VAL A 187 34.55 -62.56 -9.02
N PRO A 188 35.32 -62.53 -10.11
CA PRO A 188 35.29 -61.36 -11.01
C PRO A 188 34.15 -61.48 -12.01
N VAL A 189 33.35 -60.42 -12.14
CA VAL A 189 32.21 -60.39 -13.03
C VAL A 189 32.36 -59.21 -13.99
N ARG A 190 32.45 -59.53 -15.29
CA ARG A 190 32.59 -58.51 -16.33
C ARG A 190 31.21 -58.10 -16.85
N CYS A 191 30.47 -57.43 -15.98
CA CYS A 191 29.10 -56.99 -16.27
C CYS A 191 29.01 -55.48 -16.52
N GLU A 192 30.00 -54.93 -17.22
CA GLU A 192 29.98 -53.50 -17.54
C GLU A 192 28.72 -53.17 -18.33
N GLY A 193 28.17 -51.97 -18.08
CA GLY A 193 26.87 -51.62 -18.60
C GLY A 193 26.81 -51.39 -20.10
N PHE A 194 27.95 -51.12 -20.73
CA PHE A 194 27.98 -50.99 -22.18
C PHE A 194 27.92 -52.35 -22.88
N ARG A 195 28.02 -53.45 -22.15
CA ARG A 195 27.88 -54.78 -22.74
C ARG A 195 26.42 -55.15 -22.90
N GLY A 196 26.13 -55.90 -23.96
CA GLY A 196 24.77 -56.27 -24.23
C GLY A 196 23.94 -55.06 -24.62
N VAL A 197 22.64 -55.20 -24.42
CA VAL A 197 21.67 -54.19 -24.82
C VAL A 197 20.64 -53.99 -23.71
N SER A 198 20.77 -54.72 -22.62
CA SER A 198 19.72 -54.79 -21.61
C SER A 198 20.27 -55.50 -20.39
N GLN A 199 19.40 -55.68 -19.38
CA GLN A 199 19.78 -56.46 -18.21
C GLN A 199 20.08 -57.91 -18.59
N SER A 200 19.58 -58.38 -19.73
CA SER A 200 19.58 -59.82 -19.98
C SER A 200 21.00 -60.36 -20.12
N LEU A 201 21.89 -59.62 -20.77
CA LEU A 201 23.27 -60.09 -20.86
C LEU A 201 23.94 -60.11 -19.49
N GLY A 202 23.49 -59.26 -18.57
CA GLY A 202 23.97 -59.34 -17.21
C GLY A 202 23.69 -60.69 -16.60
N HIS A 203 22.48 -61.20 -16.79
CA HIS A 203 22.15 -62.54 -16.32
C HIS A 203 23.18 -63.55 -16.83
N HIS A 204 23.42 -63.54 -18.14
CA HIS A 204 24.31 -64.55 -18.75
C HIS A 204 25.73 -64.40 -18.23
N ILE A 205 26.24 -63.18 -18.15
CA ILE A 205 27.57 -62.96 -17.61
C ILE A 205 27.64 -63.48 -16.19
N ALA A 206 26.63 -63.15 -15.38
CA ALA A 206 26.62 -63.61 -13.99
C ALA A 206 26.53 -65.12 -13.91
N ASN A 207 25.67 -65.73 -14.73
CA ASN A 207 25.56 -67.19 -14.72
C ASN A 207 26.91 -67.83 -15.05
N ASP A 208 27.63 -67.27 -16.02
CA ASP A 208 28.96 -67.80 -16.35
C ASP A 208 29.95 -67.58 -15.21
N ALA A 209 29.81 -66.47 -14.47
CA ALA A 209 30.68 -66.24 -13.32
C ALA A 209 30.42 -67.25 -12.22
N VAL A 210 29.14 -67.55 -11.94
CA VAL A 210 28.80 -68.63 -11.02
C VAL A 210 29.41 -69.93 -11.50
N ARG A 211 29.25 -70.22 -12.79
CA ARG A 211 29.78 -71.47 -13.35
C ARG A 211 31.28 -71.57 -13.16
N ASP A 212 32.00 -70.49 -13.47
CA ASP A 212 33.45 -70.60 -13.59
C ASP A 212 34.17 -70.53 -12.24
N TRP A 213 33.57 -69.89 -11.23
CA TRP A 213 34.29 -69.56 -10.00
C TRP A 213 33.69 -70.11 -8.72
N VAL A 214 32.46 -70.60 -8.73
CA VAL A 214 31.81 -71.02 -7.49
C VAL A 214 31.23 -72.42 -7.60
N LEU A 215 30.53 -72.69 -8.70
CA LEU A 215 29.65 -73.86 -8.74
C LEU A 215 30.43 -75.16 -8.61
N GLY A 216 31.66 -75.20 -9.13
CA GLY A 216 32.42 -76.43 -9.18
C GLY A 216 33.33 -76.70 -8.00
N LYS A 217 33.22 -75.95 -6.91
CA LYS A 217 34.17 -76.11 -5.81
C LYS A 217 33.99 -77.41 -5.07
N ARG A 218 32.78 -77.98 -5.08
CA ARG A 218 32.52 -79.23 -4.38
C ARG A 218 32.33 -80.39 -5.35
N ASP A 219 32.99 -80.33 -6.50
CA ASP A 219 32.89 -81.40 -7.47
C ASP A 219 33.48 -82.70 -6.93
N GLU A 220 34.67 -82.60 -6.33
CA GLU A 220 35.38 -83.77 -5.79
C GLU A 220 35.15 -83.95 -4.30
N ASP A 221 34.16 -83.26 -3.74
CA ASP A 221 33.74 -83.41 -2.35
C ASP A 221 32.43 -84.20 -2.35
N THR A 222 32.46 -85.37 -1.70
CA THR A 222 31.29 -86.23 -1.65
C THR A 222 30.50 -86.09 -0.34
N THR A 223 30.76 -85.04 0.45
CA THR A 223 30.31 -85.00 1.85
C THR A 223 28.80 -84.97 2.02
N PHE A 224 28.06 -84.44 1.05
CA PHE A 224 26.63 -84.21 1.25
C PHE A 224 25.84 -85.48 0.95
N ALA A 225 24.97 -85.85 1.88
CA ALA A 225 24.16 -87.05 1.75
C ALA A 225 22.87 -86.69 1.02
N SER A 226 22.75 -87.12 -0.22
CA SER A 226 21.59 -86.79 -1.03
C SER A 226 20.48 -87.81 -0.80
N THR A 227 19.26 -87.39 -1.08
CA THR A 227 18.06 -88.21 -1.07
C THR A 227 17.36 -88.03 -2.41
N PRO A 228 16.46 -88.95 -2.78
CA PRO A 228 15.81 -88.84 -4.09
C PRO A 228 14.95 -87.59 -4.26
N TYR A 229 14.70 -86.85 -3.18
CA TYR A 229 13.75 -85.74 -3.19
C TYR A 229 14.45 -84.38 -3.10
N ASP A 230 15.75 -84.33 -3.39
CA ASP A 230 16.51 -83.09 -3.33
C ASP A 230 16.25 -82.28 -4.59
N VAL A 231 15.83 -81.02 -4.41
CA VAL A 231 15.61 -80.10 -5.51
C VAL A 231 16.32 -78.79 -5.21
N ALA A 232 16.30 -77.89 -6.19
CA ALA A 232 16.77 -76.53 -6.03
C ALA A 232 15.76 -75.60 -6.69
N ILE A 233 15.42 -74.50 -6.00
CA ILE A 233 14.61 -73.46 -6.61
C ILE A 233 15.55 -72.54 -7.38
N ILE A 234 15.41 -72.52 -8.70
CA ILE A 234 16.33 -71.80 -9.59
C ILE A 234 15.58 -70.63 -10.20
N GLY A 235 16.07 -69.42 -9.96
CA GLY A 235 15.47 -68.23 -10.51
C GLY A 235 14.31 -67.67 -9.73
N ASP A 236 14.39 -67.72 -8.39
CA ASP A 236 13.44 -67.06 -7.53
C ASP A 236 14.23 -66.16 -6.58
N TYR A 237 14.04 -64.86 -6.70
CA TYR A 237 14.84 -63.86 -6.00
C TYR A 237 14.10 -63.30 -4.79
N ASN A 238 13.05 -64.01 -4.36
CA ASN A 238 12.44 -63.80 -3.05
C ASN A 238 11.95 -62.37 -2.88
N ILE A 239 11.33 -61.85 -3.94
CA ILE A 239 10.73 -60.52 -3.88
C ILE A 239 9.55 -60.55 -2.91
N GLY A 240 9.62 -59.77 -1.85
CA GLY A 240 8.60 -59.80 -0.82
C GLY A 240 8.44 -61.14 -0.15
N GLY A 241 9.43 -62.02 -0.27
CA GLY A 241 9.36 -63.35 0.32
C GLY A 241 8.86 -64.42 -0.62
N ASP A 242 8.75 -64.12 -1.92
CA ASP A 242 8.19 -65.07 -2.87
C ASP A 242 8.78 -66.47 -2.69
N ALA A 243 10.09 -66.57 -2.58
CA ALA A 243 10.72 -67.89 -2.56
C ALA A 243 10.32 -68.67 -1.32
N TRP A 244 10.08 -67.98 -0.20
CA TRP A 244 9.69 -68.67 1.02
C TRP A 244 8.28 -69.24 0.90
N SER A 245 7.34 -68.48 0.34
CA SER A 245 5.99 -69.00 0.14
C SER A 245 5.93 -70.00 -1.01
N SER A 246 7.02 -70.17 -1.75
CA SER A 246 7.16 -71.25 -2.71
C SER A 246 7.86 -72.46 -2.08
N ARG A 247 8.86 -72.22 -1.25
CA ARG A 247 9.60 -73.31 -0.64
C ARG A 247 8.70 -74.15 0.27
N ILE A 248 7.84 -73.50 1.06
CA ILE A 248 7.05 -74.23 2.04
C ILE A 248 6.15 -75.25 1.36
N LEU A 249 5.60 -74.90 0.19
CA LEU A 249 4.73 -75.82 -0.54
C LEU A 249 5.53 -77.02 -1.06
N LEU A 250 6.74 -76.77 -1.57
CA LEU A 250 7.56 -77.85 -2.09
C LEU A 250 7.95 -78.84 -1.00
N GLU A 251 8.19 -78.33 0.22
CA GLU A 251 8.59 -79.19 1.32
C GLU A 251 7.40 -79.81 2.06
N GLU A 252 6.23 -79.17 2.03
CA GLU A 252 5.02 -79.87 2.47
C GLU A 252 4.74 -81.06 1.57
N MET A 253 5.06 -80.94 0.29
CA MET A 253 4.93 -82.03 -0.68
C MET A 253 5.90 -83.16 -0.42
N GLY A 254 6.87 -82.98 0.48
CA GLY A 254 7.82 -84.02 0.80
C GLY A 254 9.19 -83.88 0.15
N LEU A 255 9.43 -82.81 -0.60
CA LEU A 255 10.72 -82.57 -1.22
C LEU A 255 11.61 -81.76 -0.29
N ARG A 256 12.92 -81.88 -0.50
CA ARG A 256 13.91 -81.18 0.31
C ARG A 256 14.58 -80.12 -0.57
N CYS A 257 14.33 -78.86 -0.26
CA CYS A 257 14.90 -77.75 -1.02
C CYS A 257 16.32 -77.51 -0.53
N VAL A 258 17.30 -77.93 -1.33
CA VAL A 258 18.70 -77.76 -0.94
C VAL A 258 19.16 -76.32 -1.14
N ALA A 259 18.60 -75.60 -2.12
CA ALA A 259 19.12 -74.29 -2.46
C ALA A 259 18.04 -73.41 -3.07
N GLN A 260 18.22 -72.09 -2.91
CA GLN A 260 17.40 -71.07 -3.57
C GLN A 260 18.34 -70.14 -4.33
N TRP A 261 18.14 -70.05 -5.65
CA TRP A 261 18.94 -69.18 -6.52
C TRP A 261 18.10 -67.97 -6.91
N SER A 262 18.38 -66.80 -6.32
CA SER A 262 19.42 -66.57 -5.31
C SER A 262 18.83 -65.81 -4.13
N GLY A 263 17.51 -65.58 -4.16
CA GLY A 263 16.85 -64.89 -3.06
C GLY A 263 17.03 -65.64 -1.76
N ASP A 264 17.44 -64.94 -0.71
CA ASP A 264 17.79 -65.58 0.56
C ASP A 264 18.84 -66.67 0.37
N GLY A 265 19.64 -66.56 -0.68
CA GLY A 265 20.61 -67.58 -1.02
C GLY A 265 21.95 -67.39 -0.31
N SER A 266 22.57 -68.50 0.03
CA SER A 266 23.89 -68.54 0.60
C SER A 266 24.86 -69.15 -0.40
N ILE A 267 26.14 -68.79 -0.28
CA ILE A 267 27.11 -69.34 -1.22
C ILE A 267 27.27 -70.84 -1.00
N SER A 268 27.10 -71.31 0.24
CA SER A 268 27.21 -72.74 0.50
C SER A 268 26.12 -73.51 -0.25
N GLU A 269 24.90 -72.98 -0.29
CA GLU A 269 23.82 -73.71 -0.97
C GLU A 269 23.89 -73.57 -2.48
N ILE A 270 24.68 -72.63 -3.01
CA ILE A 270 25.03 -72.68 -4.43
C ILE A 270 26.00 -73.82 -4.70
N GLU A 271 27.03 -73.93 -3.86
CA GLU A 271 28.04 -74.97 -4.02
C GLU A 271 27.46 -76.37 -3.87
N LEU A 272 26.32 -76.50 -3.18
CA LEU A 272 25.69 -77.79 -2.98
C LEU A 272 24.75 -78.18 -4.11
N THR A 273 24.37 -77.22 -4.96
CA THR A 273 23.32 -77.48 -5.95
C THR A 273 23.67 -78.61 -6.91
N PRO A 274 24.93 -78.83 -7.33
CA PRO A 274 25.21 -79.98 -8.22
C PRO A 274 24.93 -81.33 -7.57
N LYS A 275 24.52 -81.34 -6.31
CA LYS A 275 24.18 -82.59 -5.64
C LYS A 275 22.68 -82.93 -5.70
N VAL A 276 21.83 -82.01 -6.18
CA VAL A 276 20.39 -82.20 -6.15
C VAL A 276 19.97 -83.14 -7.29
N LYS A 277 18.70 -83.58 -7.28
CA LYS A 277 18.17 -84.45 -8.30
C LYS A 277 17.34 -83.73 -9.36
N LEU A 278 16.91 -82.49 -9.11
CA LEU A 278 16.03 -81.79 -10.03
C LEU A 278 16.14 -80.30 -9.77
N ASN A 279 16.29 -79.53 -10.84
CA ASN A 279 16.32 -78.08 -10.76
C ASN A 279 14.96 -77.53 -11.19
N LEU A 280 14.32 -76.80 -10.29
CA LEU A 280 13.00 -76.23 -10.54
C LEU A 280 13.19 -74.77 -10.93
N VAL A 281 12.92 -74.45 -12.19
CA VAL A 281 13.23 -73.15 -12.77
C VAL A 281 11.96 -72.31 -12.80
N HIS A 282 11.95 -71.20 -12.06
CA HIS A 282 10.87 -70.23 -12.15
C HIS A 282 11.18 -69.20 -13.24
N CYS A 283 12.23 -68.42 -13.05
CA CYS A 283 12.65 -67.44 -14.04
C CYS A 283 13.54 -68.11 -15.09
N TYR A 284 12.92 -68.48 -16.22
CA TYR A 284 13.68 -69.06 -17.32
C TYR A 284 14.70 -68.08 -17.88
N ARG A 285 14.30 -66.81 -18.04
CA ARG A 285 15.15 -65.82 -18.71
C ARG A 285 16.54 -65.74 -18.09
N SER A 286 16.61 -65.48 -16.78
CA SER A 286 17.89 -65.16 -16.15
C SER A 286 18.69 -66.39 -15.73
N MET A 287 18.06 -67.57 -15.62
CA MET A 287 18.71 -68.74 -15.04
C MET A 287 18.72 -69.97 -15.94
N ASN A 288 18.19 -69.91 -17.16
CA ASN A 288 18.26 -71.09 -18.02
C ASN A 288 19.70 -71.43 -18.40
N TYR A 289 20.61 -70.45 -18.38
CA TYR A 289 21.99 -70.70 -18.80
C TYR A 289 22.68 -71.68 -17.86
N ILE A 290 22.63 -71.41 -16.56
CA ILE A 290 23.28 -72.31 -15.60
C ILE A 290 22.53 -73.64 -15.53
N SER A 291 21.22 -73.64 -15.75
CA SER A 291 20.46 -74.88 -15.76
C SER A 291 20.95 -75.80 -16.87
N ARG A 292 21.07 -75.28 -18.09
CA ARG A 292 21.58 -76.07 -19.20
C ARG A 292 22.98 -76.57 -18.91
N HIS A 293 23.79 -75.75 -18.25
CA HIS A 293 25.15 -76.17 -17.89
C HIS A 293 25.12 -77.34 -16.90
N MET A 294 24.24 -77.26 -15.89
CA MET A 294 24.21 -78.30 -14.87
C MET A 294 23.62 -79.59 -15.41
N GLU A 295 22.74 -79.51 -16.40
CA GLU A 295 22.31 -80.69 -17.11
C GLU A 295 23.47 -81.27 -17.93
N GLU A 296 24.27 -80.40 -18.55
CA GLU A 296 25.35 -80.85 -19.41
C GLU A 296 26.52 -81.40 -18.59
N LYS A 297 26.78 -80.85 -17.41
CA LYS A 297 27.92 -81.26 -16.61
C LYS A 297 27.59 -82.31 -15.55
N TYR A 298 26.47 -82.17 -14.85
CA TYR A 298 26.12 -83.08 -13.77
C TYR A 298 24.97 -84.01 -14.11
N GLY A 299 24.33 -83.84 -15.25
CA GLY A 299 23.21 -84.68 -15.60
C GLY A 299 21.97 -84.40 -14.81
N ILE A 300 21.86 -83.21 -14.24
CA ILE A 300 20.71 -82.84 -13.43
C ILE A 300 19.63 -82.30 -14.37
N PRO A 301 18.45 -82.91 -14.42
CA PRO A 301 17.38 -82.35 -15.24
C PRO A 301 16.84 -81.06 -14.64
N TRP A 302 16.20 -80.26 -15.49
CA TRP A 302 15.53 -79.05 -15.05
C TRP A 302 14.17 -78.96 -15.73
N MET A 303 13.23 -78.30 -15.06
CA MET A 303 11.91 -78.07 -15.63
C MET A 303 11.42 -76.69 -15.24
N GLU A 304 10.56 -76.11 -16.08
CA GLU A 304 9.96 -74.82 -15.82
C GLU A 304 8.66 -74.99 -15.06
N TYR A 305 8.39 -74.06 -14.14
CA TYR A 305 7.16 -74.10 -13.38
C TYR A 305 6.64 -72.67 -13.19
N ASN A 306 5.50 -72.57 -12.50
CA ASN A 306 4.80 -71.30 -12.33
C ASN A 306 4.01 -71.39 -11.03
N PHE A 307 4.29 -70.50 -10.09
CA PHE A 307 3.59 -70.46 -8.81
C PHE A 307 2.73 -69.21 -8.66
N PHE A 308 2.30 -68.63 -9.77
CA PHE A 308 1.42 -67.45 -9.76
C PHE A 308 -0.03 -67.90 -9.91
N GLY A 309 -0.80 -67.78 -8.83
CA GLY A 309 -2.21 -68.11 -8.87
C GLY A 309 -2.46 -69.58 -8.64
N PRO A 310 -3.64 -69.91 -8.11
CA PRO A 310 -3.89 -71.31 -7.76
C PRO A 310 -3.87 -72.25 -8.94
N THR A 311 -4.39 -71.82 -10.10
CA THR A 311 -4.43 -72.70 -11.26
C THR A 311 -3.02 -73.13 -11.66
N LYS A 312 -2.09 -72.18 -11.74
CA LYS A 312 -0.73 -72.52 -12.13
C LYS A 312 0.01 -73.24 -11.01
N THR A 313 -0.21 -72.82 -9.76
CA THR A 313 0.43 -73.47 -8.63
C THR A 313 0.06 -74.95 -8.57
N ILE A 314 -1.24 -75.24 -8.68
CA ILE A 314 -1.70 -76.62 -8.68
C ILE A 314 -1.10 -77.37 -9.86
N GLU A 315 -1.10 -76.75 -11.03
CA GLU A 315 -0.54 -77.38 -12.22
C GLU A 315 0.95 -77.68 -12.04
N SER A 316 1.67 -76.79 -11.36
CA SER A 316 3.11 -76.99 -11.17
C SER A 316 3.38 -78.07 -10.12
N LEU A 317 2.70 -77.99 -8.98
CA LEU A 317 2.87 -79.02 -7.96
C LEU A 317 2.66 -80.41 -8.55
N ARG A 318 1.59 -80.59 -9.32
CA ARG A 318 1.29 -81.90 -9.87
C ARG A 318 2.34 -82.31 -10.89
N ALA A 319 2.81 -81.35 -11.70
CA ALA A 319 3.82 -81.66 -12.71
C ALA A 319 5.16 -82.01 -12.08
N ILE A 320 5.49 -81.36 -10.97
CA ILE A 320 6.75 -81.65 -10.27
C ILE A 320 6.66 -83.01 -9.59
N ALA A 321 5.56 -83.25 -8.87
CA ALA A 321 5.42 -84.51 -8.14
C ALA A 321 5.46 -85.71 -9.06
N ALA A 322 4.99 -85.55 -10.30
CA ALA A 322 5.00 -86.64 -11.26
C ALA A 322 6.41 -87.10 -11.60
N LYS A 323 7.43 -86.27 -11.36
CA LYS A 323 8.80 -86.66 -11.64
C LYS A 323 9.39 -87.56 -10.57
N PHE A 324 8.71 -87.78 -9.46
CA PHE A 324 9.22 -88.58 -8.36
C PHE A 324 8.37 -89.85 -8.25
N ASP A 325 7.86 -90.20 -7.08
CA ASP A 325 7.18 -91.47 -6.84
C ASP A 325 5.77 -91.23 -6.30
N GLU A 326 5.11 -92.33 -5.93
CA GLU A 326 3.72 -92.26 -5.48
C GLU A 326 3.61 -91.53 -4.14
N SER A 327 4.62 -91.64 -3.29
CA SER A 327 4.56 -90.96 -2.00
C SER A 327 4.53 -89.45 -2.17
N ILE A 328 5.35 -88.92 -3.07
CA ILE A 328 5.34 -87.47 -3.32
C ILE A 328 4.03 -87.05 -3.96
N GLN A 329 3.47 -87.90 -4.83
CA GLN A 329 2.19 -87.57 -5.45
C GLN A 329 1.05 -87.58 -4.44
N LYS A 330 1.12 -88.47 -3.45
CA LYS A 330 0.10 -88.51 -2.42
C LYS A 330 0.16 -87.26 -1.55
N LYS A 331 1.38 -86.89 -1.13
CA LYS A 331 1.55 -85.66 -0.37
C LYS A 331 1.11 -84.46 -1.19
N CYS A 332 1.33 -84.48 -2.51
CA CYS A 332 0.95 -83.36 -3.35
C CYS A 332 -0.54 -83.10 -3.28
N GLU A 333 -1.34 -84.16 -3.39
CA GLU A 333 -2.79 -84.01 -3.31
C GLU A 333 -3.24 -83.61 -1.92
N GLU A 334 -2.43 -83.92 -0.90
CA GLU A 334 -2.73 -83.44 0.44
C GLU A 334 -2.44 -81.94 0.56
N VAL A 335 -1.37 -81.46 -0.07
CA VAL A 335 -1.12 -80.02 -0.12
C VAL A 335 -2.26 -79.33 -0.83
N ILE A 336 -2.67 -79.86 -1.99
CA ILE A 336 -3.75 -79.25 -2.77
C ILE A 336 -5.03 -79.23 -1.96
N ALA A 337 -5.33 -80.32 -1.26
CA ALA A 337 -6.55 -80.38 -0.45
C ALA A 337 -6.47 -79.40 0.71
N LYS A 338 -5.29 -79.26 1.32
CA LYS A 338 -5.16 -78.38 2.47
C LYS A 338 -5.54 -76.95 2.11
N TYR A 339 -4.99 -76.43 1.01
CA TYR A 339 -5.15 -75.02 0.65
C TYR A 339 -6.39 -74.75 -0.19
N LYS A 340 -7.07 -75.78 -0.68
CA LYS A 340 -8.25 -75.59 -1.52
C LYS A 340 -9.27 -74.64 -0.91
N PRO A 341 -9.69 -74.80 0.34
CA PRO A 341 -10.63 -73.82 0.91
C PRO A 341 -10.04 -72.42 1.00
N GLU A 342 -8.70 -72.31 1.11
CA GLU A 342 -8.08 -71.02 1.32
C GLU A 342 -8.16 -70.15 0.05
N TRP A 343 -7.68 -70.68 -1.07
CA TRP A 343 -7.71 -69.87 -2.30
C TRP A 343 -9.12 -69.77 -2.86
N GLU A 344 -9.99 -70.74 -2.59
CA GLU A 344 -11.38 -70.62 -3.00
C GLU A 344 -12.05 -69.47 -2.25
N ALA A 345 -11.69 -69.29 -0.97
CA ALA A 345 -12.24 -68.17 -0.20
C ALA A 345 -11.76 -66.85 -0.76
N VAL A 346 -10.49 -66.81 -1.18
CA VAL A 346 -9.96 -65.58 -1.77
C VAL A 346 -10.71 -65.25 -3.05
N VAL A 347 -10.90 -66.25 -3.91
CA VAL A 347 -11.61 -66.04 -5.17
C VAL A 347 -13.04 -65.58 -4.88
N ALA A 348 -13.73 -66.30 -3.98
CA ALA A 348 -15.12 -65.95 -3.68
C ALA A 348 -15.25 -64.52 -3.22
N LYS A 349 -14.25 -64.02 -2.47
CA LYS A 349 -14.31 -62.65 -1.96
C LYS A 349 -13.99 -61.63 -3.05
N TYR A 350 -12.93 -61.89 -3.84
CA TYR A 350 -12.35 -60.85 -4.68
C TYR A 350 -12.69 -60.97 -6.16
N ARG A 351 -12.90 -62.17 -6.69
CA ARG A 351 -13.26 -62.27 -8.10
C ARG A 351 -14.50 -61.45 -8.42
N PRO A 352 -15.56 -61.44 -7.60
CA PRO A 352 -16.71 -60.58 -7.91
C PRO A 352 -16.35 -59.11 -8.00
N ARG A 353 -15.32 -58.68 -7.28
CA ARG A 353 -14.89 -57.29 -7.32
C ARG A 353 -14.02 -56.97 -8.52
N LEU A 354 -13.54 -58.00 -9.23
CA LEU A 354 -12.59 -57.80 -10.31
C LEU A 354 -13.03 -58.44 -11.62
N GLU A 355 -14.13 -59.19 -11.65
CA GLU A 355 -14.55 -59.88 -12.86
C GLU A 355 -14.70 -58.91 -14.02
N GLY A 356 -14.05 -59.22 -15.14
CA GLY A 356 -14.18 -58.45 -16.36
C GLY A 356 -13.21 -57.30 -16.49
N LYS A 357 -12.45 -56.97 -15.45
CA LYS A 357 -11.51 -55.86 -15.56
C LYS A 357 -10.35 -56.23 -16.45
N ARG A 358 -9.87 -55.24 -17.21
CA ARG A 358 -8.84 -55.42 -18.23
C ARG A 358 -7.56 -54.75 -17.77
N VAL A 359 -6.45 -55.45 -17.91
CA VAL A 359 -5.17 -55.01 -17.39
C VAL A 359 -4.12 -55.11 -18.49
N MET A 360 -3.24 -54.10 -18.56
CA MET A 360 -2.06 -54.16 -19.41
C MET A 360 -0.82 -54.27 -18.53
N LEU A 361 0.13 -55.08 -18.98
CA LEU A 361 1.36 -55.32 -18.24
C LEU A 361 2.55 -54.86 -19.06
N TYR A 362 3.58 -54.40 -18.35
CA TYR A 362 4.90 -54.23 -18.96
C TYR A 362 5.94 -54.45 -17.87
N ILE A 363 6.67 -55.57 -17.96
CA ILE A 363 7.64 -55.92 -16.95
C ILE A 363 8.92 -56.38 -17.64
N GLY A 364 9.66 -57.30 -17.04
CA GLY A 364 11.03 -57.57 -17.47
C GLY A 364 11.22 -58.68 -18.47
N GLY A 365 11.22 -59.93 -17.99
CA GLY A 365 11.55 -61.06 -18.84
C GLY A 365 10.79 -62.33 -18.53
N LEU A 366 9.96 -62.31 -17.50
CA LEU A 366 9.19 -63.49 -17.13
C LEU A 366 7.77 -63.09 -16.76
N ARG A 367 7.62 -62.24 -15.75
CA ARG A 367 6.29 -61.97 -15.23
C ARG A 367 5.28 -61.50 -16.27
N PRO A 368 5.66 -60.84 -17.38
CA PRO A 368 4.62 -60.42 -18.34
C PRO A 368 3.76 -61.56 -18.85
N ARG A 369 4.30 -62.79 -18.89
CA ARG A 369 3.48 -63.96 -19.21
C ARG A 369 3.12 -64.77 -17.98
N HIS A 370 3.92 -64.68 -16.92
CA HIS A 370 3.86 -65.65 -15.84
C HIS A 370 2.73 -65.36 -14.86
N VAL A 371 2.31 -64.09 -14.76
CA VAL A 371 1.22 -63.73 -13.87
C VAL A 371 -0.15 -63.75 -14.56
N ILE A 372 -0.19 -64.07 -15.86
CA ILE A 372 -1.45 -64.02 -16.60
C ILE A 372 -2.48 -64.91 -15.93
N GLY A 373 -2.11 -66.16 -15.65
CA GLY A 373 -3.05 -67.09 -15.06
C GLY A 373 -3.59 -66.62 -13.72
N ALA A 374 -2.78 -65.90 -12.94
CA ALA A 374 -3.28 -65.37 -11.69
C ALA A 374 -4.40 -64.36 -11.92
N TYR A 375 -4.24 -63.48 -12.93
CA TYR A 375 -5.31 -62.52 -13.21
C TYR A 375 -6.57 -63.22 -13.69
N GLU A 376 -6.44 -64.27 -14.51
CA GLU A 376 -7.62 -64.98 -14.97
C GLU A 376 -8.28 -65.76 -13.83
N ASP A 377 -7.52 -66.15 -12.81
CA ASP A 377 -8.12 -66.76 -11.64
C ASP A 377 -8.99 -65.77 -10.87
N LEU A 378 -8.80 -64.47 -11.08
CA LEU A 378 -9.69 -63.46 -10.51
C LEU A 378 -10.61 -62.87 -11.56
N GLY A 379 -10.74 -63.50 -12.72
CA GLY A 379 -11.70 -63.08 -13.72
C GLY A 379 -11.31 -61.84 -14.51
N MET A 380 -10.05 -61.42 -14.44
CA MET A 380 -9.59 -60.29 -15.22
C MET A 380 -8.90 -60.79 -16.49
N GLU A 381 -8.82 -59.90 -17.47
CA GLU A 381 -8.32 -60.21 -18.80
C GLU A 381 -7.10 -59.35 -19.09
N VAL A 382 -6.00 -60.00 -19.47
CA VAL A 382 -4.78 -59.30 -19.87
C VAL A 382 -4.94 -58.91 -21.33
N VAL A 383 -5.11 -57.60 -21.58
CA VAL A 383 -5.35 -57.12 -22.94
C VAL A 383 -4.07 -56.68 -23.65
N GLY A 384 -2.99 -56.46 -22.93
CA GLY A 384 -1.71 -56.14 -23.53
C GLY A 384 -0.56 -56.45 -22.60
N THR A 385 0.53 -56.98 -23.15
CA THR A 385 1.68 -57.34 -22.33
C THR A 385 2.94 -57.14 -23.15
N GLY A 386 4.08 -57.09 -22.46
CA GLY A 386 5.35 -56.94 -23.12
C GLY A 386 6.48 -57.07 -22.13
N TYR A 387 7.70 -57.12 -22.68
CA TYR A 387 8.91 -57.25 -21.89
C TYR A 387 9.87 -56.10 -22.18
N GLU A 388 10.74 -55.81 -21.21
CA GLU A 388 11.84 -54.90 -21.46
C GLU A 388 12.92 -55.56 -22.31
N PHE A 389 13.26 -56.82 -22.02
CA PHE A 389 14.47 -57.40 -22.56
C PHE A 389 14.36 -58.89 -22.88
N ALA A 390 13.16 -59.43 -22.98
CA ALA A 390 13.00 -60.86 -23.23
C ALA A 390 13.52 -61.22 -24.62
N HIS A 391 13.77 -62.51 -24.80
CA HIS A 391 14.22 -63.05 -26.07
C HIS A 391 13.04 -63.72 -26.76
N ASN A 392 13.30 -64.31 -27.92
CA ASN A 392 12.21 -64.87 -28.69
C ASN A 392 11.68 -66.15 -28.07
N ASP A 393 12.49 -66.90 -27.31
CA ASP A 393 11.96 -68.08 -26.64
C ASP A 393 11.05 -67.69 -25.47
N ASP A 394 11.14 -66.46 -24.98
CA ASP A 394 10.13 -65.97 -24.05
C ASP A 394 8.82 -65.67 -24.77
N TYR A 395 8.91 -65.09 -25.97
CA TYR A 395 7.70 -64.80 -26.74
C TYR A 395 7.11 -66.08 -27.30
N ASP A 396 7.94 -67.09 -27.58
CA ASP A 396 7.43 -68.41 -27.89
C ASP A 396 6.48 -68.91 -26.80
N ARG A 397 6.81 -68.64 -25.54
CA ARG A 397 6.02 -69.09 -24.40
C ARG A 397 4.88 -68.14 -24.06
N THR A 398 4.83 -66.96 -24.68
CA THR A 398 3.85 -65.95 -24.30
C THR A 398 2.59 -66.02 -25.16
N MET A 399 2.74 -66.23 -26.46
CA MET A 399 1.61 -66.06 -27.37
C MET A 399 0.51 -67.07 -27.10
N LYS A 400 0.88 -68.28 -26.67
CA LYS A 400 -0.13 -69.28 -26.32
C LYS A 400 -0.86 -68.91 -25.03
N GLU A 401 -0.26 -68.03 -24.21
CA GLU A 401 -0.82 -67.64 -22.93
C GLU A 401 -1.71 -66.41 -23.01
N MET A 402 -1.67 -65.66 -24.10
CA MET A 402 -2.47 -64.45 -24.26
C MET A 402 -3.63 -64.72 -25.22
N GLY A 403 -4.72 -64.00 -24.99
CA GLY A 403 -5.88 -64.12 -25.84
C GLY A 403 -5.61 -63.63 -27.25
N ASP A 404 -6.48 -64.01 -28.17
CA ASP A 404 -6.28 -63.64 -29.56
C ASP A 404 -6.57 -62.16 -29.77
N SER A 405 -5.74 -61.52 -30.60
CA SER A 405 -5.88 -60.13 -30.98
C SER A 405 -5.51 -59.16 -29.86
N THR A 406 -4.81 -59.63 -28.83
CA THR A 406 -4.26 -58.73 -27.82
C THR A 406 -2.92 -58.17 -28.32
N LEU A 407 -2.41 -57.16 -27.60
CA LEU A 407 -1.28 -56.37 -28.09
C LEU A 407 0.00 -56.77 -27.37
N LEU A 408 1.08 -56.96 -28.14
CA LEU A 408 2.41 -57.25 -27.63
C LEU A 408 3.37 -56.15 -28.05
N TYR A 409 4.29 -55.80 -27.13
CA TYR A 409 5.28 -54.75 -27.37
C TYR A 409 6.59 -55.13 -26.69
N ASP A 410 7.67 -55.15 -27.46
CA ASP A 410 8.99 -55.43 -26.93
C ASP A 410 9.78 -54.13 -26.79
N ASP A 411 10.46 -53.98 -25.65
CA ASP A 411 11.23 -52.78 -25.34
C ASP A 411 10.43 -51.52 -25.69
N VAL A 412 9.22 -51.44 -25.14
CA VAL A 412 8.34 -50.32 -25.47
C VAL A 412 8.97 -49.01 -25.03
N THR A 413 8.75 -47.98 -25.83
CA THR A 413 9.16 -46.63 -25.50
C THR A 413 8.08 -45.96 -24.65
N GLY A 414 8.48 -44.93 -23.92
CA GLY A 414 7.51 -44.19 -23.13
C GLY A 414 6.36 -43.69 -23.98
N TYR A 415 6.67 -43.20 -25.18
CA TYR A 415 5.63 -42.63 -26.04
C TYR A 415 4.68 -43.70 -26.53
N GLU A 416 5.19 -44.86 -26.95
CA GLU A 416 4.30 -45.93 -27.38
C GLU A 416 3.38 -46.36 -26.24
N PHE A 417 3.94 -46.58 -25.05
CA PHE A 417 3.13 -47.11 -23.96
C PHE A 417 2.00 -46.16 -23.59
N GLU A 418 2.32 -44.86 -23.48
CA GLU A 418 1.28 -43.90 -23.13
C GLU A 418 0.18 -43.88 -24.19
N GLU A 419 0.55 -43.91 -25.47
CA GLU A 419 -0.45 -43.81 -26.53
C GLU A 419 -1.28 -45.08 -26.63
N PHE A 420 -0.66 -46.25 -26.47
CA PHE A 420 -1.43 -47.48 -26.42
C PHE A 420 -2.46 -47.43 -25.29
N VAL A 421 -2.03 -46.98 -24.12
CA VAL A 421 -2.93 -46.93 -22.97
C VAL A 421 -4.07 -45.96 -23.24
N LYS A 422 -3.77 -44.79 -23.82
CA LYS A 422 -4.83 -43.83 -24.12
C LYS A 422 -5.91 -44.45 -25.00
N ARG A 423 -5.52 -45.34 -25.91
CA ARG A 423 -6.48 -45.96 -26.82
C ARG A 423 -7.17 -47.16 -26.17
N ILE A 424 -6.38 -48.05 -25.57
CA ILE A 424 -6.95 -49.30 -25.06
C ILE A 424 -7.75 -49.06 -23.79
N LYS A 425 -7.43 -48.01 -23.04
CA LYS A 425 -8.17 -47.65 -21.84
C LYS A 425 -8.29 -48.84 -20.89
N PRO A 426 -7.17 -49.38 -20.40
CA PRO A 426 -7.25 -50.47 -19.43
C PRO A 426 -7.79 -49.98 -18.09
N ASP A 427 -8.34 -50.94 -17.34
CA ASP A 427 -8.80 -50.66 -15.98
C ASP A 427 -7.66 -50.65 -14.97
N LEU A 428 -6.56 -51.33 -15.27
CA LEU A 428 -5.40 -51.42 -14.39
C LEU A 428 -4.16 -51.62 -15.24
N ILE A 429 -3.05 -51.05 -14.80
CA ILE A 429 -1.76 -51.21 -15.46
C ILE A 429 -0.79 -51.80 -14.44
N GLY A 430 0.02 -52.75 -14.89
CA GLY A 430 1.04 -53.34 -14.05
C GLY A 430 2.42 -53.17 -14.64
N SER A 431 3.23 -52.29 -14.07
CA SER A 431 4.57 -52.03 -14.58
C SER A 431 5.52 -51.55 -13.49
N GLY A 432 6.49 -50.70 -13.86
CA GLY A 432 7.57 -50.34 -12.98
C GLY A 432 7.43 -48.93 -12.40
N ILE A 433 8.47 -48.54 -11.66
CA ILE A 433 8.42 -47.30 -10.90
C ILE A 433 8.54 -46.10 -11.83
N LYS A 434 9.25 -46.24 -12.95
CA LYS A 434 9.35 -45.14 -13.90
C LYS A 434 8.06 -44.91 -14.67
N GLU A 435 7.14 -45.86 -14.61
CA GLU A 435 5.84 -45.76 -15.26
C GLU A 435 4.71 -45.41 -14.29
N LYS A 436 4.86 -45.78 -13.01
CA LYS A 436 3.73 -45.76 -12.08
C LYS A 436 3.06 -44.39 -12.06
N PHE A 437 3.82 -43.34 -11.77
CA PHE A 437 3.21 -42.04 -11.49
C PHE A 437 2.70 -41.35 -12.75
N ILE A 438 3.18 -41.75 -13.92
CA ILE A 438 2.61 -41.22 -15.17
C ILE A 438 1.14 -41.59 -15.25
N PHE A 439 0.83 -42.86 -15.04
CA PHE A 439 -0.52 -43.38 -15.26
C PHE A 439 -1.47 -43.09 -14.10
N GLN A 440 -0.94 -42.87 -12.91
CA GLN A 440 -1.80 -42.39 -11.82
C GLN A 440 -2.37 -41.02 -12.17
N LYS A 441 -1.54 -40.15 -12.77
CA LYS A 441 -1.99 -38.83 -13.18
C LYS A 441 -3.14 -38.92 -14.18
N MET A 442 -3.10 -39.91 -15.06
CA MET A 442 -4.16 -40.13 -16.04
C MET A 442 -5.41 -40.77 -15.44
N GLY A 443 -5.39 -41.08 -14.14
CA GLY A 443 -6.53 -41.68 -13.50
C GLY A 443 -6.69 -43.16 -13.76
N ILE A 444 -5.58 -43.87 -13.99
CA ILE A 444 -5.59 -45.29 -14.29
C ILE A 444 -4.94 -46.03 -13.11
N PRO A 445 -5.66 -46.87 -12.39
CA PRO A 445 -5.04 -47.63 -11.30
C PRO A 445 -3.78 -48.33 -11.77
N PHE A 446 -2.76 -48.31 -10.91
CA PHE A 446 -1.45 -48.85 -11.25
C PHE A 446 -0.95 -49.71 -10.10
N ARG A 447 -0.43 -50.89 -10.41
CA ARG A 447 0.24 -51.74 -9.45
C ARG A 447 1.66 -52.03 -9.92
N GLN A 448 2.61 -51.85 -9.02
CA GLN A 448 4.01 -52.15 -9.32
C GLN A 448 4.15 -53.66 -9.39
N MET A 449 4.56 -54.17 -10.54
CA MET A 449 4.76 -55.60 -10.72
C MET A 449 6.22 -55.98 -10.73
N HIS A 450 7.11 -55.08 -10.30
CA HIS A 450 8.47 -55.42 -9.95
C HIS A 450 8.60 -55.61 -8.45
N SER A 451 8.35 -54.53 -7.71
CA SER A 451 8.47 -54.49 -6.27
C SER A 451 7.19 -54.91 -5.55
N TRP A 452 6.14 -55.28 -6.27
CA TRP A 452 4.82 -55.54 -5.69
C TRP A 452 4.26 -54.36 -4.91
N ASP A 453 4.67 -53.12 -5.21
CA ASP A 453 4.25 -51.95 -4.43
C ASP A 453 4.48 -52.16 -2.93
N TYR A 454 5.61 -52.77 -2.60
CA TYR A 454 6.05 -52.88 -1.20
C TYR A 454 5.10 -53.77 -0.40
N SER A 455 4.47 -54.70 -1.11
CA SER A 455 3.62 -55.74 -0.51
C SER A 455 4.13 -57.11 -0.93
N GLY A 456 3.25 -58.11 -0.97
CA GLY A 456 3.64 -59.45 -1.32
C GLY A 456 3.80 -60.32 -0.08
N PRO A 457 4.22 -61.58 -0.26
CA PRO A 457 4.57 -62.27 -1.51
C PRO A 457 3.38 -62.50 -2.41
N TYR A 458 3.64 -62.77 -3.69
CA TYR A 458 2.58 -63.15 -4.62
C TYR A 458 2.67 -64.61 -5.05
N HIS A 459 3.82 -65.25 -4.87
CA HIS A 459 3.95 -66.66 -5.25
C HIS A 459 3.14 -67.55 -4.32
N GLY A 460 2.69 -68.68 -4.86
CA GLY A 460 2.08 -69.71 -4.06
C GLY A 460 0.66 -69.37 -3.63
N PHE A 461 0.11 -70.25 -2.79
CA PHE A 461 -1.24 -70.05 -2.29
C PHE A 461 -1.31 -68.85 -1.36
N ASP A 462 -0.35 -68.74 -0.44
CA ASP A 462 -0.35 -67.62 0.48
C ASP A 462 -0.15 -66.30 -0.25
N GLY A 463 0.56 -66.33 -1.37
CA GLY A 463 0.77 -65.12 -2.14
C GLY A 463 -0.46 -64.71 -2.94
N PHE A 464 -1.22 -65.68 -3.42
CA PHE A 464 -2.42 -65.36 -4.18
C PHE A 464 -3.38 -64.50 -3.37
N ALA A 465 -3.49 -64.77 -2.06
CA ALA A 465 -4.36 -63.98 -1.22
C ALA A 465 -3.91 -62.52 -1.21
N ILE A 466 -2.60 -62.28 -1.14
CA ILE A 466 -2.08 -60.92 -1.11
C ILE A 466 -2.25 -60.27 -2.47
N PHE A 467 -1.92 -60.99 -3.53
CA PHE A 467 -2.12 -60.49 -4.88
C PHE A 467 -3.56 -60.05 -5.10
N ALA A 468 -4.52 -60.90 -4.75
CA ALA A 468 -5.92 -60.54 -4.93
C ALA A 468 -6.27 -59.30 -4.13
N ARG A 469 -5.92 -59.30 -2.84
CA ARG A 469 -6.19 -58.14 -1.99
C ARG A 469 -5.61 -56.87 -2.61
N ASP A 470 -4.40 -56.96 -3.15
CA ASP A 470 -3.72 -55.77 -3.66
C ASP A 470 -4.42 -55.25 -4.93
N MET A 471 -4.73 -56.14 -5.87
CA MET A 471 -5.38 -55.69 -7.10
C MET A 471 -6.73 -55.04 -6.79
N ASP A 472 -7.49 -55.60 -5.85
CA ASP A 472 -8.77 -55.02 -5.47
C ASP A 472 -8.61 -53.65 -4.83
N MET A 473 -7.65 -53.52 -3.91
CA MET A 473 -7.51 -52.27 -3.16
C MET A 473 -7.22 -51.09 -4.08
N THR A 474 -6.43 -51.33 -5.13
CA THR A 474 -6.00 -50.25 -6.02
C THR A 474 -7.03 -49.99 -7.12
N LEU A 475 -7.51 -51.05 -7.77
CA LEU A 475 -8.45 -50.89 -8.87
C LEU A 475 -9.74 -50.20 -8.42
N ASN A 476 -10.29 -50.64 -7.28
CA ASN A 476 -11.58 -50.16 -6.80
C ASN A 476 -11.43 -49.05 -5.76
N ASN A 477 -10.26 -48.44 -5.64
CA ASN A 477 -10.05 -47.44 -4.60
C ASN A 477 -10.94 -46.23 -4.87
N PRO A 478 -11.40 -45.55 -3.81
CA PRO A 478 -12.24 -44.36 -4.02
C PRO A 478 -11.51 -43.21 -4.71
N CYS A 479 -10.18 -43.18 -4.65
CA CYS A 479 -9.46 -42.02 -5.16
C CYS A 479 -9.66 -41.83 -6.66
N TRP A 480 -9.91 -42.91 -7.39
CA TRP A 480 -9.96 -42.82 -8.84
C TRP A 480 -11.26 -42.20 -9.36
N LYS A 481 -12.24 -41.95 -8.50
CA LYS A 481 -13.49 -41.35 -8.92
C LYS A 481 -13.51 -39.83 -8.77
N LYS A 482 -12.39 -39.24 -8.32
CA LYS A 482 -12.37 -37.87 -7.84
C LYS A 482 -11.45 -36.97 -8.66
N LEU A 483 -10.92 -37.43 -9.79
CA LEU A 483 -9.88 -36.65 -10.47
C LEU A 483 -10.45 -35.43 -11.19
N GLN A 484 -11.70 -35.50 -11.65
CA GLN A 484 -12.33 -34.35 -12.30
C GLN A 484 -13.05 -33.52 -11.26
N ALA A 485 -12.67 -32.25 -11.17
CA ALA A 485 -13.32 -31.34 -10.23
C ALA A 485 -14.78 -31.15 -10.62
N PRO A 486 -15.69 -31.10 -9.65
CA PRO A 486 -17.12 -31.03 -9.99
C PRO A 486 -17.51 -29.77 -10.76
N TRP A 487 -16.69 -28.72 -10.75
CA TRP A 487 -16.95 -27.52 -11.54
C TRP A 487 -16.25 -27.55 -12.89
N GLU A 488 -15.64 -28.67 -13.26
CA GLU A 488 -14.85 -28.75 -14.48
C GLU A 488 -15.53 -29.60 -15.55
N SER B 2 -0.33 -70.62 5.62
CA SER B 2 -1.78 -70.50 5.44
C SER B 2 -2.22 -69.04 5.59
N GLN B 3 -3.44 -68.75 5.09
CA GLN B 3 -4.02 -67.42 5.15
C GLN B 3 -5.46 -67.46 5.67
N GLN B 4 -5.78 -66.49 6.51
CA GLN B 4 -7.16 -66.19 6.87
C GLN B 4 -7.68 -65.12 5.92
N VAL B 5 -8.70 -65.45 5.12
CA VAL B 5 -9.09 -64.60 4.00
C VAL B 5 -9.51 -63.21 4.46
N ASP B 6 -10.05 -63.09 5.67
CA ASP B 6 -10.51 -61.82 6.20
C ASP B 6 -9.45 -61.08 7.02
N LYS B 7 -8.28 -61.70 7.23
CA LYS B 7 -7.18 -61.08 7.95
C LYS B 7 -5.89 -61.52 7.25
N ILE B 8 -5.73 -61.07 5.99
CA ILE B 8 -4.61 -61.50 5.17
C ILE B 8 -3.31 -60.92 5.72
N LYS B 9 -2.27 -61.75 5.77
CA LYS B 9 -0.95 -61.35 6.22
C LYS B 9 -0.04 -61.20 5.02
N ALA B 10 0.64 -60.06 4.92
CA ALA B 10 1.70 -59.90 3.94
C ALA B 10 2.97 -60.51 4.53
N SER B 11 4.11 -60.29 3.87
CA SER B 11 5.37 -60.89 4.30
C SER B 11 5.58 -60.73 5.81
N TYR B 12 5.42 -59.52 6.33
CA TYR B 12 5.30 -59.33 7.76
C TYR B 12 3.82 -59.16 8.11
N PRO B 13 3.26 -59.98 9.01
CA PRO B 13 3.89 -61.01 9.83
C PRO B 13 3.70 -62.45 9.35
N LEU B 14 3.52 -62.66 8.03
CA LEU B 14 3.29 -64.02 7.54
C LEU B 14 4.41 -64.96 7.94
N PHE B 15 5.65 -64.58 7.68
CA PHE B 15 6.78 -65.49 7.90
C PHE B 15 7.11 -65.67 9.36
N LEU B 16 6.38 -65.04 10.27
CA LEU B 16 6.47 -65.33 11.69
C LEU B 16 5.56 -66.47 12.12
N ASP B 17 4.70 -66.97 11.23
CA ASP B 17 3.93 -68.16 11.52
C ASP B 17 4.88 -69.32 11.82
N GLN B 18 4.42 -70.24 12.68
CA GLN B 18 5.30 -71.30 13.17
C GLN B 18 5.83 -72.17 12.03
N ASP B 19 4.97 -72.54 11.08
CA ASP B 19 5.44 -73.44 10.02
C ASP B 19 6.52 -72.78 9.18
N TYR B 20 6.44 -71.46 9.01
CA TYR B 20 7.49 -70.74 8.27
C TYR B 20 8.77 -70.64 9.10
N LYS B 21 8.65 -70.33 10.39
CA LYS B 21 9.82 -70.34 11.26
C LYS B 21 10.53 -71.69 11.18
N ASP B 22 9.76 -72.77 11.32
CA ASP B 22 10.35 -74.10 11.30
C ASP B 22 11.03 -74.39 9.97
N MET B 23 10.40 -74.00 8.87
CA MET B 23 11.01 -74.18 7.56
C MET B 23 12.33 -73.42 7.47
N LEU B 24 12.34 -72.16 7.89
CA LEU B 24 13.54 -71.34 7.76
C LEU B 24 14.66 -71.85 8.66
N ALA B 25 14.32 -72.41 9.82
CA ALA B 25 15.35 -73.02 10.66
C ALA B 25 15.99 -74.21 9.96
N LYS B 26 15.18 -75.02 9.27
CA LYS B 26 15.71 -76.19 8.57
C LYS B 26 16.57 -75.78 7.39
N LYS B 27 16.22 -74.69 6.71
CA LYS B 27 17.03 -74.21 5.59
C LYS B 27 18.41 -73.76 6.09
N ARG B 28 18.45 -72.99 7.17
CA ARG B 28 19.71 -72.56 7.75
C ARG B 28 20.55 -73.75 8.19
N ASP B 29 19.98 -74.61 9.03
CA ASP B 29 20.74 -75.72 9.59
C ASP B 29 21.22 -76.68 8.49
N GLY B 30 20.34 -76.94 7.52
CA GLY B 30 20.66 -77.97 6.54
C GLY B 30 21.68 -77.55 5.51
N PHE B 31 21.61 -76.31 5.03
CA PHE B 31 22.28 -75.96 3.78
C PHE B 31 22.99 -74.61 3.76
N GLU B 32 22.84 -73.76 4.76
CA GLU B 32 23.46 -72.44 4.72
C GLU B 32 24.84 -72.41 5.35
N GLU B 33 25.21 -73.45 6.11
CA GLU B 33 26.51 -73.50 6.78
C GLU B 33 26.80 -72.18 7.49
N LYS B 34 25.80 -71.72 8.23
CA LYS B 34 25.85 -70.40 8.87
C LYS B 34 26.80 -70.40 10.06
N TYR B 35 27.39 -69.23 10.31
CA TYR B 35 28.23 -69.08 11.49
C TYR B 35 27.39 -69.22 12.75
N PRO B 36 27.94 -69.80 13.82
CA PRO B 36 27.16 -69.95 15.06
C PRO B 36 26.69 -68.61 15.60
N GLN B 37 25.50 -68.61 16.20
CA GLN B 37 24.94 -67.36 16.70
C GLN B 37 25.85 -66.73 17.75
N ASP B 38 26.59 -67.54 18.50
CA ASP B 38 27.54 -66.99 19.45
C ASP B 38 28.62 -66.18 18.74
N LYS B 39 29.15 -66.71 17.64
CA LYS B 39 30.17 -65.98 16.89
C LYS B 39 29.58 -64.72 16.27
N ILE B 40 28.37 -64.81 15.72
CA ILE B 40 27.72 -63.64 15.14
C ILE B 40 27.56 -62.55 16.18
N ASP B 41 27.09 -62.93 17.37
CA ASP B 41 26.95 -61.97 18.45
C ASP B 41 28.30 -61.38 18.84
N GLU B 42 29.35 -62.22 18.83
CA GLU B 42 30.68 -61.75 19.23
C GLU B 42 31.23 -60.75 18.23
N VAL B 43 31.02 -61.00 16.93
CA VAL B 43 31.54 -60.10 15.91
C VAL B 43 30.76 -58.79 15.92
N PHE B 44 29.44 -58.85 16.02
CA PHE B 44 28.65 -57.63 16.06
C PHE B 44 29.13 -56.72 17.19
N GLN B 45 29.23 -57.26 18.41
CA GLN B 45 29.75 -56.48 19.53
C GLN B 45 31.10 -55.87 19.19
N TRP B 46 31.92 -56.59 18.42
CA TRP B 46 33.23 -56.06 18.05
C TRP B 46 33.10 -54.84 17.14
N THR B 47 32.14 -54.85 16.22
CA THR B 47 31.98 -53.74 15.29
C THR B 47 31.48 -52.46 15.96
N THR B 48 31.10 -52.51 17.23
CA THR B 48 30.68 -51.32 17.96
C THR B 48 31.78 -50.74 18.83
N THR B 49 32.97 -51.33 18.80
CA THR B 49 34.04 -50.97 19.73
C THR B 49 34.95 -49.91 19.13
N LYS B 50 35.66 -49.20 20.03
CA LYS B 50 36.65 -48.24 19.59
C LYS B 50 37.76 -48.91 18.80
N GLU B 51 38.15 -50.13 19.20
CA GLU B 51 39.15 -50.87 18.46
C GLU B 51 38.74 -51.03 17.00
N TYR B 52 37.48 -51.37 16.76
CA TYR B 52 37.01 -51.51 15.39
C TYR B 52 36.98 -50.16 14.69
N GLN B 53 36.66 -49.09 15.42
CA GLN B 53 36.55 -47.78 14.80
C GLN B 53 37.88 -47.33 14.21
N GLU B 54 38.98 -47.58 14.93
CA GLU B 54 40.28 -47.19 14.41
C GLU B 54 40.60 -47.92 13.11
N LEU B 55 40.33 -49.23 13.07
CA LEU B 55 40.50 -49.97 11.83
C LEU B 55 39.57 -49.42 10.75
N ASN B 56 38.35 -49.03 11.14
CA ASN B 56 37.39 -48.52 10.17
C ASN B 56 37.91 -47.26 9.50
N PHE B 57 38.41 -46.31 10.29
CA PHE B 57 38.85 -45.04 9.74
C PHE B 57 40.19 -45.13 9.05
N GLN B 58 40.86 -46.29 9.13
CA GLN B 58 42.10 -46.54 8.40
C GLN B 58 41.85 -46.96 6.96
N ARG B 59 40.59 -47.04 6.53
CA ARG B 59 40.30 -47.42 5.16
C ARG B 59 40.93 -46.41 4.21
N GLU B 60 41.52 -46.92 3.13
CA GLU B 60 42.02 -46.09 2.04
C GLU B 60 41.42 -46.42 0.69
N ALA B 61 40.91 -47.64 0.50
CA ALA B 61 40.38 -48.09 -0.78
C ALA B 61 38.93 -48.51 -0.75
N LEU B 62 38.46 -49.09 0.36
CA LEU B 62 37.08 -49.57 0.45
C LEU B 62 36.17 -48.44 0.91
N THR B 63 35.06 -48.27 0.22
CA THR B 63 33.99 -47.38 0.63
C THR B 63 32.78 -48.24 0.99
N VAL B 64 32.07 -47.87 2.04
CA VAL B 64 30.90 -48.62 2.49
C VAL B 64 29.77 -47.64 2.76
N ASN B 65 28.63 -47.86 2.12
CA ASN B 65 27.44 -47.04 2.31
C ASN B 65 27.75 -45.56 2.11
N PRO B 66 28.03 -45.13 0.89
CA PRO B 66 28.34 -43.71 0.66
C PRO B 66 27.12 -42.83 0.89
N ALA B 67 27.40 -41.53 1.02
CA ALA B 67 26.35 -40.53 1.16
C ALA B 67 26.44 -39.50 0.03
N LYS B 68 26.52 -39.98 -1.21
CA LYS B 68 26.64 -39.11 -2.37
C LYS B 68 26.26 -39.91 -3.60
N ALA B 69 26.00 -39.19 -4.69
CA ALA B 69 25.69 -39.78 -5.98
C ALA B 69 26.61 -39.17 -7.04
N CYS B 70 26.48 -39.62 -8.27
CA CYS B 70 27.41 -39.24 -9.33
C CYS B 70 26.87 -38.06 -10.13
N GLN B 71 27.77 -37.40 -10.83
CA GLN B 71 27.48 -36.12 -11.46
C GLN B 71 26.19 -36.10 -12.26
N PRO B 72 26.00 -36.98 -13.26
CA PRO B 72 24.83 -36.81 -14.15
C PRO B 72 23.49 -36.75 -13.42
N LEU B 73 23.39 -37.28 -12.20
CA LEU B 73 22.14 -37.15 -11.46
C LEU B 73 21.81 -35.69 -11.21
N GLY B 74 22.81 -34.89 -10.84
CA GLY B 74 22.57 -33.48 -10.64
C GLY B 74 22.36 -32.73 -11.93
N ALA B 75 23.03 -33.15 -13.00
CA ALA B 75 22.79 -32.53 -14.31
C ALA B 75 21.35 -32.75 -14.76
N VAL B 76 20.80 -33.94 -14.49
CA VAL B 76 19.42 -34.21 -14.86
C VAL B 76 18.48 -33.29 -14.10
N LEU B 77 18.64 -33.20 -12.77
CA LEU B 77 17.78 -32.34 -11.97
C LEU B 77 17.88 -30.89 -12.40
N CYS B 78 19.09 -30.43 -12.77
CA CYS B 78 19.27 -29.09 -13.29
C CYS B 78 18.47 -28.88 -14.56
N ALA B 79 18.57 -29.83 -15.50
CA ALA B 79 17.90 -29.70 -16.79
C ALA B 79 16.38 -29.66 -16.60
N LEU B 80 15.86 -30.46 -15.68
CA LEU B 80 14.41 -30.51 -15.48
C LEU B 80 13.82 -29.14 -15.14
N GLY B 81 14.63 -28.23 -14.65
CA GLY B 81 14.11 -26.94 -14.24
C GLY B 81 13.91 -25.94 -15.36
N PHE B 82 14.06 -26.35 -16.61
CA PHE B 82 13.94 -25.43 -17.74
C PHE B 82 12.72 -25.81 -18.58
N GLU B 83 12.09 -24.79 -19.16
CA GLU B 83 10.83 -24.98 -19.86
C GLU B 83 10.96 -25.96 -21.02
N LYS B 84 10.07 -26.94 -21.06
CA LYS B 84 9.95 -27.87 -22.18
C LYS B 84 11.32 -28.40 -22.58
N THR B 85 12.13 -28.76 -21.59
CA THR B 85 13.48 -29.26 -21.79
C THR B 85 13.51 -30.74 -21.43
N MET B 86 14.17 -31.53 -22.28
CA MET B 86 14.35 -32.94 -22.01
C MET B 86 15.77 -33.20 -21.56
N PRO B 87 16.00 -33.74 -20.37
CA PRO B 87 17.35 -34.17 -20.00
C PRO B 87 17.79 -35.34 -20.87
N TYR B 88 19.06 -35.32 -21.26
CA TYR B 88 19.59 -36.25 -22.25
C TYR B 88 21.01 -36.59 -21.82
N VAL B 89 21.25 -37.86 -21.48
CA VAL B 89 22.54 -38.28 -20.97
C VAL B 89 23.24 -39.12 -22.04
N HIS B 90 24.23 -38.53 -22.68
CA HIS B 90 25.05 -39.21 -23.68
C HIS B 90 25.88 -40.30 -23.03
N GLY B 91 25.61 -41.55 -23.36
CA GLY B 91 26.34 -42.65 -22.77
C GLY B 91 25.48 -43.90 -22.74
N SER B 92 25.62 -44.68 -21.68
CA SER B 92 24.95 -45.97 -21.56
C SER B 92 23.60 -45.81 -20.88
N GLN B 93 22.63 -46.61 -21.33
CA GLN B 93 21.23 -46.37 -20.94
C GLN B 93 20.97 -46.76 -19.50
N GLY B 94 21.73 -47.71 -18.95
CA GLY B 94 21.48 -48.11 -17.58
C GLY B 94 21.51 -46.94 -16.63
N CYS B 95 22.42 -45.99 -16.87
CA CYS B 95 22.54 -44.84 -15.99
C CYS B 95 21.22 -44.09 -15.88
N VAL B 96 20.53 -43.89 -17.00
CA VAL B 96 19.29 -43.13 -16.98
C VAL B 96 18.21 -43.91 -16.25
N ALA B 97 18.17 -45.22 -16.44
CA ALA B 97 17.19 -46.03 -15.71
C ALA B 97 17.34 -45.81 -14.20
N TYR B 98 18.57 -45.68 -13.72
CA TYR B 98 18.78 -45.46 -12.30
C TYR B 98 18.41 -44.03 -11.90
N PHE B 99 18.86 -43.03 -12.67
CA PHE B 99 18.57 -41.64 -12.33
C PHE B 99 17.07 -41.44 -12.16
N ARG B 100 16.27 -41.96 -13.10
CA ARG B 100 14.83 -41.77 -13.06
C ARG B 100 14.21 -42.48 -11.86
N SER B 101 14.63 -43.71 -11.61
CA SER B 101 14.10 -44.45 -10.47
C SER B 101 14.48 -43.80 -9.15
N TYR B 102 15.72 -43.30 -9.05
CA TYR B 102 16.16 -42.60 -7.86
C TYR B 102 15.26 -41.41 -7.55
N PHE B 103 14.96 -40.61 -8.58
CA PHE B 103 14.11 -39.45 -8.39
C PHE B 103 12.64 -39.84 -8.28
N ASN B 104 12.21 -40.87 -9.01
CA ASN B 104 10.83 -41.36 -8.88
C ASN B 104 10.50 -41.65 -7.42
N ARG B 105 11.40 -42.35 -6.72
CA ARG B 105 11.12 -42.82 -5.37
C ARG B 105 11.22 -41.72 -4.32
N HIS B 106 11.92 -40.62 -4.60
CA HIS B 106 11.98 -39.51 -3.67
C HIS B 106 10.82 -38.54 -3.85
N PHE B 107 10.50 -38.19 -5.10
CA PHE B 107 9.46 -37.22 -5.38
C PHE B 107 8.08 -37.85 -5.57
N ARG B 108 8.02 -39.15 -5.83
CA ARG B 108 6.77 -39.84 -6.13
C ARG B 108 6.04 -39.12 -7.26
N GLU B 109 6.81 -38.79 -8.30
CA GLU B 109 6.36 -38.08 -9.48
C GLU B 109 7.03 -38.71 -10.69
N PRO B 110 6.49 -38.49 -11.88
CA PRO B 110 7.19 -38.92 -13.09
C PRO B 110 8.47 -38.13 -13.28
N VAL B 111 9.49 -38.81 -13.81
CA VAL B 111 10.77 -38.18 -14.12
C VAL B 111 11.13 -38.61 -15.53
N SER B 112 11.16 -37.67 -16.46
CA SER B 112 11.47 -37.94 -17.85
C SER B 112 12.94 -37.62 -18.13
N CYS B 113 13.58 -38.48 -18.91
CA CYS B 113 15.00 -38.38 -19.23
C CYS B 113 15.32 -39.47 -20.23
N VAL B 114 16.14 -39.15 -21.23
CA VAL B 114 16.45 -40.10 -22.29
C VAL B 114 17.94 -40.42 -22.27
N SER B 115 18.26 -41.56 -22.86
CA SER B 115 19.63 -41.94 -23.18
C SER B 115 19.70 -42.20 -24.68
N ASP B 116 20.89 -42.11 -25.25
CA ASP B 116 21.13 -42.54 -26.62
C ASP B 116 21.80 -43.91 -26.68
N SER B 117 21.85 -44.62 -25.56
CA SER B 117 22.05 -46.06 -25.53
C SER B 117 23.30 -46.48 -26.29
N MET B 118 24.45 -46.02 -25.81
CA MET B 118 25.71 -46.47 -26.37
C MET B 118 26.02 -47.87 -25.86
N THR B 119 26.41 -48.74 -26.77
CA THR B 119 26.69 -50.14 -26.50
C THR B 119 28.17 -50.42 -26.77
N GLU B 120 28.54 -51.70 -26.73
CA GLU B 120 29.95 -52.05 -26.91
C GLU B 120 30.47 -51.61 -28.26
N ASP B 121 29.57 -51.49 -29.25
CA ASP B 121 29.98 -50.99 -30.59
C ASP B 121 30.49 -49.57 -30.42
N ALA B 122 29.76 -48.74 -29.66
CA ALA B 122 30.19 -47.37 -29.43
C ALA B 122 31.44 -47.30 -28.56
N ALA B 123 31.74 -48.34 -27.79
CA ALA B 123 32.96 -48.33 -26.99
C ALA B 123 34.20 -48.34 -27.87
N VAL B 124 34.13 -48.92 -29.07
CA VAL B 124 35.28 -49.03 -29.95
C VAL B 124 35.32 -47.88 -30.96
N PHE B 125 34.17 -47.49 -31.50
CA PHE B 125 34.11 -46.48 -32.54
C PHE B 125 33.60 -45.14 -32.05
N GLY B 126 33.27 -45.01 -30.78
CA GLY B 126 32.70 -43.80 -30.26
C GLY B 126 31.22 -43.69 -30.55
N GLY B 127 30.59 -42.73 -29.88
CA GLY B 127 29.14 -42.63 -29.93
C GLY B 127 28.62 -41.46 -30.74
N GLN B 128 29.29 -41.10 -31.83
CA GLN B 128 28.77 -40.00 -32.65
C GLN B 128 27.43 -40.38 -33.28
N GLN B 129 27.31 -41.60 -33.82
CA GLN B 129 26.06 -41.98 -34.44
C GLN B 129 24.93 -42.05 -33.43
N ASN B 130 25.24 -42.44 -32.19
CA ASN B 130 24.22 -42.47 -31.15
C ASN B 130 23.69 -41.07 -30.87
N MET B 131 24.55 -40.06 -30.98
CA MET B 131 24.09 -38.69 -30.72
C MET B 131 23.24 -38.19 -31.87
N LYS B 132 23.66 -38.43 -33.11
CA LYS B 132 22.89 -37.97 -34.26
C LYS B 132 21.48 -38.55 -34.23
N ASP B 133 21.37 -39.88 -34.22
CA ASP B 133 20.06 -40.50 -34.19
C ASP B 133 19.33 -40.17 -32.89
N GLY B 134 20.06 -40.04 -31.79
CA GLY B 134 19.42 -39.79 -30.51
C GLY B 134 18.73 -38.43 -30.46
N LEU B 135 19.40 -37.39 -30.95
CA LEU B 135 18.77 -36.06 -30.93
C LEU B 135 17.57 -36.00 -31.86
N GLN B 136 17.69 -36.58 -33.05
CA GLN B 136 16.56 -36.60 -33.98
C GLN B 136 15.38 -37.36 -33.41
N ASN B 137 15.64 -38.52 -32.81
CA ASN B 137 14.57 -39.33 -32.23
C ASN B 137 13.95 -38.64 -31.02
N CYS B 138 14.78 -38.01 -30.18
CA CYS B 138 14.27 -37.30 -29.02
C CYS B 138 13.37 -36.14 -29.44
N LYS B 139 13.82 -35.33 -30.40
CA LYS B 139 13.07 -34.14 -30.78
C LYS B 139 11.76 -34.49 -31.47
N ALA B 140 11.76 -35.54 -32.30
CA ALA B 140 10.54 -35.89 -33.02
C ALA B 140 9.52 -36.55 -32.11
N THR B 141 9.98 -37.38 -31.16
CA THR B 141 9.07 -38.22 -30.39
C THR B 141 8.49 -37.48 -29.19
N TYR B 142 9.31 -36.76 -28.44
CA TYR B 142 8.87 -36.10 -27.21
C TYR B 142 8.79 -34.59 -27.36
N LYS B 143 9.16 -34.05 -28.52
CA LYS B 143 8.93 -32.66 -28.88
C LYS B 143 9.34 -31.65 -27.80
N PRO B 144 10.57 -31.70 -27.32
CA PRO B 144 11.05 -30.67 -26.41
C PRO B 144 11.51 -29.45 -27.19
N ASP B 145 11.45 -28.30 -26.52
CA ASP B 145 12.00 -27.09 -27.11
C ASP B 145 13.51 -27.00 -26.94
N MET B 146 14.06 -27.74 -25.97
CA MET B 146 15.48 -27.75 -25.71
C MET B 146 15.90 -29.14 -25.24
N ILE B 147 17.11 -29.53 -25.63
CA ILE B 147 17.73 -30.76 -25.16
C ILE B 147 19.01 -30.36 -24.46
N ALA B 148 19.13 -30.69 -23.18
CA ALA B 148 20.32 -30.42 -22.40
C ALA B 148 21.07 -31.73 -22.21
N VAL B 149 22.30 -31.78 -22.69
CA VAL B 149 23.05 -33.03 -22.79
C VAL B 149 24.07 -33.12 -21.66
N SER B 150 24.10 -34.28 -21.00
CA SER B 150 25.12 -34.65 -20.03
C SER B 150 25.70 -36.00 -20.44
N THR B 151 26.63 -36.53 -19.65
CA THR B 151 27.37 -37.72 -20.02
C THR B 151 27.42 -38.74 -18.88
N THR B 152 27.48 -40.01 -19.27
CA THR B 152 27.81 -41.08 -18.35
C THR B 152 29.32 -41.33 -18.40
N CYS B 153 29.82 -42.07 -17.41
CA CYS B 153 31.26 -42.26 -17.31
C CYS B 153 31.83 -42.92 -18.57
N MET B 154 31.08 -43.86 -19.16
CA MET B 154 31.57 -44.52 -20.36
C MET B 154 31.96 -43.50 -21.43
N ALA B 155 31.06 -42.58 -21.75
CA ALA B 155 31.37 -41.58 -22.77
C ALA B 155 32.57 -40.73 -22.38
N GLU B 156 32.74 -40.45 -21.08
CA GLU B 156 33.87 -39.63 -20.65
C GLU B 156 35.19 -40.37 -20.80
N VAL B 157 35.22 -41.65 -20.46
CA VAL B 157 36.45 -42.42 -20.56
C VAL B 157 36.90 -42.49 -22.02
N ILE B 158 35.99 -42.85 -22.92
CA ILE B 158 36.40 -42.97 -24.32
C ILE B 158 36.64 -41.60 -24.93
N GLY B 159 36.17 -40.52 -24.29
CA GLY B 159 36.53 -39.19 -24.71
C GLY B 159 35.71 -38.63 -25.86
N ASP B 160 34.41 -38.90 -25.89
CA ASP B 160 33.56 -38.36 -26.93
C ASP B 160 33.54 -36.83 -26.88
N ASP B 161 33.67 -36.22 -28.06
CA ASP B 161 33.62 -34.77 -28.22
C ASP B 161 32.17 -34.34 -28.36
N LEU B 162 31.54 -33.93 -27.27
CA LEU B 162 30.14 -33.52 -27.35
C LEU B 162 29.96 -32.36 -28.32
N ASN B 163 30.81 -31.34 -28.22
CA ASN B 163 30.64 -30.18 -29.09
C ASN B 163 30.69 -30.60 -30.56
N ALA B 164 31.65 -31.45 -30.90
CA ALA B 164 31.78 -31.90 -32.29
C ALA B 164 30.57 -32.73 -32.71
N PHE B 165 30.11 -33.63 -31.84
CA PHE B 165 28.97 -34.47 -32.20
C PHE B 165 27.73 -33.61 -32.43
N ILE B 166 27.47 -32.66 -31.53
CA ILE B 166 26.27 -31.84 -31.64
C ILE B 166 26.36 -30.92 -32.85
N ASN B 167 27.54 -30.37 -33.12
CA ASN B 167 27.71 -29.57 -34.33
C ASN B 167 27.41 -30.40 -35.58
N ASN B 168 27.91 -31.63 -35.60
CA ASN B 168 27.73 -32.48 -36.78
C ASN B 168 26.28 -32.90 -36.94
N SER B 169 25.56 -33.11 -35.84
CA SER B 169 24.14 -33.42 -35.94
C SER B 169 23.39 -32.29 -36.63
N LYS B 170 23.79 -31.04 -36.36
CA LYS B 170 23.13 -29.89 -36.96
C LYS B 170 23.57 -29.71 -38.41
N LYS B 171 24.86 -29.90 -38.68
CA LYS B 171 25.38 -29.73 -40.03
C LYS B 171 24.83 -30.78 -40.99
N GLU B 172 24.52 -31.97 -40.50
CA GLU B 172 24.00 -33.06 -41.31
C GLU B 172 22.49 -33.18 -41.24
N GLY B 173 21.81 -32.27 -40.55
CA GLY B 173 20.37 -32.16 -40.63
C GLY B 173 19.58 -33.06 -39.69
N PHE B 174 20.22 -33.64 -38.68
CA PHE B 174 19.48 -34.47 -37.72
C PHE B 174 18.60 -33.62 -36.80
N ILE B 175 19.05 -32.39 -36.52
CA ILE B 175 18.19 -31.47 -35.72
C ILE B 175 18.47 -30.04 -36.21
N PRO B 176 17.47 -29.14 -36.23
CA PRO B 176 17.65 -27.78 -36.77
C PRO B 176 18.81 -27.04 -36.12
N ASP B 177 19.52 -26.26 -36.93
CA ASP B 177 20.70 -25.55 -36.43
C ASP B 177 20.33 -24.57 -35.32
N GLU B 178 19.11 -24.06 -35.35
CA GLU B 178 18.66 -23.12 -34.32
C GLU B 178 18.16 -23.82 -33.07
N PHE B 179 17.93 -25.13 -33.12
CA PHE B 179 17.42 -25.84 -31.94
C PHE B 179 18.47 -25.80 -30.84
N PRO B 180 18.10 -25.41 -29.63
CA PRO B 180 19.11 -25.26 -28.56
C PRO B 180 19.53 -26.61 -27.99
N VAL B 181 20.83 -26.85 -27.98
CA VAL B 181 21.39 -28.07 -27.40
C VAL B 181 22.58 -27.70 -26.53
N PRO B 182 22.36 -27.11 -25.36
CA PRO B 182 23.48 -26.91 -24.42
C PRO B 182 23.97 -28.25 -23.90
N PHE B 183 25.23 -28.26 -23.46
CA PHE B 183 25.81 -29.52 -23.01
C PHE B 183 26.81 -29.27 -21.90
N ALA B 184 27.15 -30.34 -21.20
CA ALA B 184 28.19 -30.30 -20.18
C ALA B 184 28.75 -31.70 -20.00
N HIS B 185 30.07 -31.78 -19.83
CA HIS B 185 30.72 -33.02 -19.48
C HIS B 185 30.55 -33.26 -17.99
N THR B 186 30.02 -34.44 -17.63
CA THR B 186 29.65 -34.76 -16.26
C THR B 186 30.22 -36.12 -15.87
N PRO B 187 31.54 -36.21 -15.72
CA PRO B 187 32.14 -37.50 -15.36
C PRO B 187 31.82 -37.87 -13.92
N SER B 188 31.33 -39.11 -13.73
CA SER B 188 30.93 -39.57 -12.42
C SER B 188 32.11 -39.76 -11.48
N PHE B 189 33.32 -39.89 -12.01
CA PHE B 189 34.52 -40.10 -11.20
C PHE B 189 35.15 -38.78 -10.75
N VAL B 190 34.42 -37.67 -10.86
CA VAL B 190 34.86 -36.38 -10.33
C VAL B 190 33.73 -35.84 -9.46
N GLY B 191 34.07 -35.40 -8.26
CA GLY B 191 33.09 -34.71 -7.44
C GLY B 191 31.94 -35.62 -7.06
N SER B 192 30.73 -35.10 -7.23
CA SER B 192 29.52 -35.82 -6.84
C SER B 192 28.34 -35.24 -7.62
N HIS B 193 27.13 -35.67 -7.25
CA HIS B 193 25.94 -35.23 -7.97
C HIS B 193 25.84 -33.71 -7.99
N VAL B 194 26.28 -33.04 -6.93
CA VAL B 194 26.17 -31.58 -6.90
C VAL B 194 27.13 -30.94 -7.91
N THR B 195 28.24 -31.61 -8.23
CA THR B 195 29.11 -31.10 -9.28
C THR B 195 28.44 -31.17 -10.63
N GLY B 196 27.65 -32.22 -10.88
CA GLY B 196 26.97 -32.32 -12.15
C GLY B 196 25.94 -31.22 -12.33
N TRP B 197 25.25 -30.84 -11.26
CA TRP B 197 24.32 -29.72 -11.34
C TRP B 197 25.04 -28.44 -11.73
N ASP B 198 26.15 -28.14 -11.05
CA ASP B 198 26.96 -26.98 -11.39
C ASP B 198 27.40 -27.02 -12.86
N ASN B 199 27.98 -28.15 -13.27
CA ASN B 199 28.50 -28.26 -14.63
C ASN B 199 27.38 -28.05 -15.65
N MET B 200 26.22 -28.66 -15.42
CA MET B 200 25.13 -28.53 -16.38
C MET B 200 24.64 -27.09 -16.45
N PHE B 201 24.51 -26.43 -15.30
CA PHE B 201 24.00 -25.07 -15.29
C PHE B 201 24.94 -24.13 -16.03
N GLU B 202 26.25 -24.24 -15.76
CA GLU B 202 27.22 -23.44 -16.49
C GLU B 202 27.12 -23.69 -17.99
N GLY B 203 26.86 -24.95 -18.37
CA GLY B 203 26.73 -25.26 -19.79
C GLY B 203 25.53 -24.61 -20.42
N ILE B 204 24.42 -24.52 -19.68
CA ILE B 204 23.23 -23.87 -20.21
C ILE B 204 23.42 -22.36 -20.24
N ALA B 205 23.96 -21.79 -19.15
CA ALA B 205 24.18 -20.35 -19.12
C ALA B 205 25.16 -19.92 -20.22
N ARG B 206 26.21 -20.71 -20.45
CA ARG B 206 27.13 -20.40 -21.54
C ARG B 206 26.40 -20.39 -22.88
N TYR B 207 25.61 -21.44 -23.14
CA TYR B 207 25.00 -21.59 -24.45
C TYR B 207 24.21 -20.36 -24.87
N PHE B 208 23.55 -19.70 -23.92
CA PHE B 208 22.61 -18.65 -24.26
C PHE B 208 23.19 -17.24 -24.14
N THR B 209 24.39 -17.09 -23.59
CA THR B 209 24.94 -15.77 -23.31
C THR B 209 26.37 -15.54 -23.76
N LEU B 210 27.19 -16.59 -23.90
CA LEU B 210 28.63 -16.36 -24.11
C LEU B 210 28.88 -15.54 -25.37
N LYS B 211 28.19 -15.83 -26.46
CA LYS B 211 28.42 -15.19 -27.74
C LYS B 211 27.48 -14.01 -27.98
N SER B 212 26.82 -13.51 -26.94
CA SER B 212 25.87 -12.41 -27.09
C SER B 212 26.01 -11.43 -25.94
N MET B 213 27.25 -11.07 -25.62
CA MET B 213 27.46 -10.15 -24.45
C MET B 213 27.64 -8.71 -24.92
N ASP B 214 27.66 -8.46 -26.24
CA ASP B 214 27.90 -7.09 -26.69
C ASP B 214 26.78 -6.15 -26.25
N ASP B 215 25.52 -6.59 -26.37
CA ASP B 215 24.38 -5.72 -26.15
C ASP B 215 23.85 -5.74 -24.72
N LYS B 216 24.58 -6.34 -23.78
CA LYS B 216 24.11 -6.46 -22.41
C LYS B 216 24.62 -5.31 -21.55
N VAL B 217 23.77 -4.87 -20.62
CA VAL B 217 24.10 -3.84 -19.65
C VAL B 217 23.65 -4.33 -18.29
N VAL B 218 24.59 -4.44 -17.35
CA VAL B 218 24.25 -4.93 -16.02
C VAL B 218 23.23 -4.01 -15.38
N GLY B 219 22.22 -4.60 -14.76
CA GLY B 219 21.19 -3.86 -14.07
C GLY B 219 20.07 -3.34 -14.92
N SER B 220 20.09 -3.61 -16.23
CA SER B 220 19.14 -2.97 -17.14
C SER B 220 17.74 -3.55 -17.04
N ASN B 221 17.58 -4.80 -16.58
CA ASN B 221 16.25 -5.38 -16.43
C ASN B 221 15.73 -5.34 -15.00
N LYS B 222 16.42 -4.66 -14.08
CA LYS B 222 15.85 -4.47 -12.73
C LYS B 222 15.40 -5.80 -12.09
N LYS B 223 16.17 -6.88 -12.25
CA LYS B 223 15.89 -8.13 -11.56
C LYS B 223 17.16 -8.64 -10.87
N ILE B 224 16.96 -9.64 -10.02
CA ILE B 224 18.05 -10.39 -9.40
C ILE B 224 17.94 -11.84 -9.87
N ASN B 225 19.04 -12.39 -10.34
CA ASN B 225 19.06 -13.81 -10.69
C ASN B 225 19.21 -14.64 -9.43
N ILE B 226 18.55 -15.80 -9.41
CA ILE B 226 18.64 -16.74 -8.30
C ILE B 226 19.00 -18.10 -8.88
N VAL B 227 20.10 -18.67 -8.40
CA VAL B 227 20.55 -20.01 -8.79
C VAL B 227 20.34 -20.93 -7.60
N PRO B 228 19.44 -21.92 -7.67
CA PRO B 228 19.12 -22.70 -6.47
C PRO B 228 20.11 -23.82 -6.18
N GLY B 229 20.72 -24.36 -7.22
CA GLY B 229 21.54 -25.53 -7.05
C GLY B 229 20.71 -26.78 -6.85
N PHE B 230 21.41 -27.88 -6.58
CA PHE B 230 20.76 -29.17 -6.39
C PHE B 230 19.80 -29.11 -5.21
N GLU B 231 18.50 -29.10 -5.49
CA GLU B 231 17.48 -28.85 -4.48
C GLU B 231 16.35 -29.85 -4.63
N THR B 232 16.05 -30.59 -3.57
CA THR B 232 15.06 -31.66 -3.61
C THR B 232 13.90 -31.45 -2.64
N TYR B 233 13.74 -30.25 -2.10
CA TYR B 233 12.56 -29.87 -1.32
C TYR B 233 11.77 -28.85 -2.12
N LEU B 234 10.56 -29.22 -2.55
CA LEU B 234 9.74 -28.29 -3.31
C LEU B 234 9.51 -27.00 -2.55
N GLY B 235 9.32 -27.10 -1.23
CA GLY B 235 9.12 -25.91 -0.44
C GLY B 235 10.24 -24.91 -0.54
N ASN B 236 11.46 -25.37 -0.86
CA ASN B 236 12.60 -24.46 -0.90
C ASN B 236 12.55 -23.58 -2.16
N PHE B 237 12.14 -24.15 -3.29
CA PHE B 237 11.82 -23.31 -4.44
C PHE B 237 10.71 -22.33 -4.08
N ARG B 238 9.68 -22.80 -3.39
CA ARG B 238 8.48 -21.99 -3.20
C ARG B 238 8.70 -20.89 -2.17
N VAL B 239 9.51 -21.15 -1.14
CA VAL B 239 9.70 -20.14 -0.11
C VAL B 239 10.57 -18.99 -0.62
N ILE B 240 11.55 -19.27 -1.48
CA ILE B 240 12.36 -18.20 -2.04
C ILE B 240 11.50 -17.29 -2.91
N LYS B 241 10.77 -17.87 -3.86
CA LYS B 241 9.89 -17.07 -4.72
C LYS B 241 8.88 -16.29 -3.90
N ARG B 242 8.39 -16.89 -2.80
CA ARG B 242 7.41 -16.21 -1.98
C ARG B 242 8.00 -15.01 -1.26
N MET B 243 9.20 -15.15 -0.69
CA MET B 243 9.79 -14.04 0.05
C MET B 243 10.17 -12.90 -0.88
N LEU B 244 10.65 -13.20 -2.09
CA LEU B 244 10.99 -12.14 -3.03
C LEU B 244 9.74 -11.41 -3.51
N SER B 245 8.67 -12.14 -3.80
CA SER B 245 7.41 -11.48 -4.12
C SER B 245 6.88 -10.68 -2.93
N GLU B 246 7.20 -11.11 -1.71
CA GLU B 246 6.76 -10.39 -0.53
C GLU B 246 7.39 -9.01 -0.45
N MET B 247 8.66 -8.89 -0.85
CA MET B 247 9.37 -7.62 -0.86
C MET B 247 9.18 -6.83 -2.15
N GLY B 248 8.46 -7.38 -3.13
CA GLY B 248 8.36 -6.71 -4.41
C GLY B 248 9.66 -6.67 -5.18
N VAL B 249 10.50 -7.68 -5.02
CA VAL B 249 11.77 -7.74 -5.73
C VAL B 249 11.56 -8.47 -7.06
N GLY B 250 11.95 -7.83 -8.15
CA GLY B 250 11.98 -8.52 -9.42
C GLY B 250 13.12 -9.53 -9.44
N TYR B 251 12.81 -10.76 -9.85
CA TYR B 251 13.78 -11.84 -9.79
C TYR B 251 13.60 -12.77 -10.97
N SER B 252 14.59 -13.61 -11.18
CA SER B 252 14.53 -14.67 -12.19
C SER B 252 15.19 -15.91 -11.58
N LEU B 253 14.38 -16.93 -11.32
CA LEU B 253 14.88 -18.18 -10.75
C LEU B 253 15.34 -19.06 -11.90
N LEU B 254 16.65 -19.31 -11.96
CA LEU B 254 17.28 -20.00 -13.09
C LEU B 254 17.41 -21.48 -12.70
N SER B 255 16.62 -22.33 -13.37
CA SER B 255 16.40 -23.73 -13.01
C SER B 255 15.32 -23.83 -11.94
N ASP B 256 14.07 -24.06 -12.37
CA ASP B 256 12.91 -24.04 -11.48
C ASP B 256 12.00 -25.22 -11.78
N PRO B 257 12.25 -26.38 -11.16
CA PRO B 257 11.47 -27.58 -11.45
C PRO B 257 10.25 -27.81 -10.58
N GLU B 258 9.81 -26.83 -9.78
CA GLU B 258 8.76 -27.11 -8.82
C GLU B 258 7.41 -27.33 -9.50
N GLU B 259 7.18 -26.70 -10.66
CA GLU B 259 5.94 -26.96 -11.38
C GLU B 259 5.93 -28.37 -11.96
N VAL B 260 7.03 -28.77 -12.61
CA VAL B 260 7.08 -30.07 -13.28
C VAL B 260 7.24 -31.22 -12.31
N LEU B 261 7.59 -30.95 -11.05
CA LEU B 261 7.70 -31.99 -10.04
C LEU B 261 6.52 -32.01 -9.07
N ASP B 262 5.39 -31.41 -9.48
CA ASP B 262 4.19 -31.39 -8.66
C ASP B 262 2.97 -31.11 -9.52
N THR B 263 2.87 -31.80 -10.66
CA THR B 263 1.74 -31.61 -11.54
C THR B 263 0.50 -32.28 -10.95
N PRO B 264 -0.68 -31.71 -11.17
CA PRO B 264 -1.90 -32.29 -10.59
C PRO B 264 -2.27 -33.61 -11.24
N ALA B 265 -2.92 -34.47 -10.46
CA ALA B 265 -3.46 -35.73 -10.98
C ALA B 265 -4.92 -35.51 -11.39
N ASP B 266 -5.09 -34.89 -12.55
CA ASP B 266 -6.39 -34.44 -13.03
C ASP B 266 -6.81 -35.16 -14.30
N GLY B 267 -6.17 -36.28 -14.63
CA GLY B 267 -6.55 -37.08 -15.77
C GLY B 267 -5.59 -37.02 -16.94
N GLN B 268 -4.59 -36.15 -16.91
CA GLN B 268 -3.64 -36.06 -18.01
C GLN B 268 -2.22 -35.98 -17.46
N PHE B 269 -1.30 -36.64 -18.15
CA PHE B 269 0.11 -36.64 -17.79
C PHE B 269 0.81 -35.49 -18.53
N ARG B 270 1.44 -34.60 -17.76
CA ARG B 270 2.19 -33.48 -18.32
C ARG B 270 3.68 -33.78 -18.24
N MET B 271 4.29 -34.07 -19.40
CA MET B 271 5.73 -34.30 -19.42
C MET B 271 6.49 -33.04 -19.02
N TYR B 272 6.04 -31.87 -19.49
CA TYR B 272 6.65 -30.60 -19.17
C TYR B 272 5.65 -29.68 -18.50
N ALA B 273 6.14 -28.83 -17.60
CA ALA B 273 5.30 -27.84 -16.94
C ALA B 273 6.19 -26.79 -16.30
N GLY B 274 5.92 -25.52 -16.61
CA GLY B 274 6.67 -24.44 -16.02
C GLY B 274 8.14 -24.47 -16.42
N GLY B 275 8.98 -24.04 -15.49
CA GLY B 275 10.41 -24.06 -15.69
C GLY B 275 10.96 -22.71 -16.12
N THR B 276 12.28 -22.57 -16.01
CA THR B 276 12.93 -21.35 -16.47
C THR B 276 12.89 -21.30 -18.00
N THR B 277 12.50 -20.15 -18.53
CA THR B 277 12.38 -20.00 -19.97
C THR B 277 13.73 -19.71 -20.60
N GLN B 278 13.84 -20.03 -21.89
CA GLN B 278 15.05 -19.67 -22.62
C GLN B 278 15.25 -18.16 -22.62
N GLU B 279 14.16 -17.41 -22.71
CA GLU B 279 14.23 -15.96 -22.68
C GLU B 279 14.89 -15.46 -21.40
N GLU B 280 14.62 -16.14 -20.28
CA GLU B 280 15.15 -15.69 -18.99
C GLU B 280 16.65 -15.91 -18.91
N MET B 281 17.16 -17.00 -19.48
CA MET B 281 18.60 -17.22 -19.53
C MET B 281 19.28 -16.17 -20.40
N LYS B 282 18.75 -15.97 -21.60
CA LYS B 282 19.38 -15.05 -22.54
C LYS B 282 19.45 -13.63 -21.96
N ASP B 283 18.42 -13.23 -21.19
CA ASP B 283 18.36 -11.92 -20.57
C ASP B 283 19.08 -11.85 -19.22
N ALA B 284 19.51 -12.98 -18.67
CA ALA B 284 20.03 -12.99 -17.31
C ALA B 284 21.20 -12.03 -17.10
N PRO B 285 22.09 -11.81 -18.05
CA PRO B 285 23.21 -10.88 -17.82
C PRO B 285 22.77 -9.47 -17.50
N ASN B 286 21.56 -9.07 -17.91
CA ASN B 286 21.03 -7.74 -17.67
C ASN B 286 20.49 -7.55 -16.26
N ALA B 287 20.60 -8.55 -15.40
CA ALA B 287 20.11 -8.42 -14.04
C ALA B 287 21.05 -7.54 -13.22
N LEU B 288 20.53 -7.06 -12.09
CA LEU B 288 21.36 -6.30 -11.18
C LEU B 288 22.54 -7.13 -10.71
N ASN B 289 22.29 -8.39 -10.37
CA ASN B 289 23.29 -9.27 -9.79
C ASN B 289 22.72 -10.68 -9.83
N THR B 290 23.54 -11.65 -9.40
CA THR B 290 23.13 -13.04 -9.32
C THR B 290 23.49 -13.57 -7.94
N VAL B 291 22.53 -14.23 -7.30
CA VAL B 291 22.72 -14.81 -5.98
C VAL B 291 22.75 -16.33 -6.14
N LEU B 292 23.72 -16.96 -5.49
CA LEU B 292 23.87 -18.41 -5.51
C LEU B 292 23.43 -18.96 -4.15
N LEU B 293 22.32 -19.72 -4.16
CA LEU B 293 21.74 -20.17 -2.90
C LEU B 293 22.59 -21.24 -2.23
N GLN B 294 23.42 -21.95 -2.99
CA GLN B 294 24.27 -23.03 -2.47
C GLN B 294 25.67 -22.87 -3.05
N PRO B 295 26.43 -21.88 -2.58
CA PRO B 295 27.68 -21.51 -3.27
C PRO B 295 28.73 -22.61 -3.27
N TRP B 296 28.71 -23.54 -2.33
CA TRP B 296 29.80 -24.49 -2.22
C TRP B 296 29.75 -25.61 -3.25
N HIS B 297 28.70 -25.67 -4.10
CA HIS B 297 28.75 -26.52 -5.28
C HIS B 297 28.29 -25.75 -6.51
N LEU B 298 28.48 -24.44 -6.54
CA LEU B 298 28.19 -23.62 -7.70
C LEU B 298 29.41 -22.78 -8.09
N GLU B 299 30.61 -23.31 -7.87
CA GLU B 299 31.80 -22.48 -8.02
C GLU B 299 32.14 -22.25 -9.48
N LYS B 300 31.91 -23.25 -10.34
CA LYS B 300 32.12 -23.05 -11.77
C LYS B 300 31.08 -22.09 -12.35
N THR B 301 29.85 -22.16 -11.85
CA THR B 301 28.85 -21.15 -12.21
C THR B 301 29.28 -19.76 -11.73
N LYS B 302 29.83 -19.69 -10.52
CA LYS B 302 30.29 -18.40 -10.00
C LYS B 302 31.34 -17.79 -10.91
N LYS B 303 32.33 -18.59 -11.32
CA LYS B 303 33.38 -18.06 -12.18
C LYS B 303 32.81 -17.52 -13.48
N PHE B 304 31.85 -18.22 -14.08
CA PHE B 304 31.26 -17.75 -15.32
C PHE B 304 30.46 -16.47 -15.11
N VAL B 305 29.62 -16.44 -14.08
CA VAL B 305 28.77 -15.27 -13.85
C VAL B 305 29.63 -14.05 -13.54
N GLU B 306 30.66 -14.22 -12.70
CA GLU B 306 31.54 -13.10 -12.40
C GLU B 306 32.43 -12.75 -13.59
N GLY B 307 32.96 -13.76 -14.28
CA GLY B 307 33.91 -13.51 -15.34
C GLY B 307 33.28 -13.01 -16.62
N THR B 308 32.07 -13.45 -16.94
CA THR B 308 31.40 -13.09 -18.19
C THR B 308 30.28 -12.07 -17.98
N TRP B 309 29.34 -12.36 -17.10
CA TRP B 309 28.26 -11.39 -16.88
C TRP B 309 28.73 -10.18 -16.09
N LYS B 310 29.90 -10.27 -15.45
CA LYS B 310 30.46 -9.15 -14.67
C LYS B 310 29.52 -8.75 -13.54
N HIS B 311 28.90 -9.75 -12.92
CA HIS B 311 28.09 -9.53 -11.73
C HIS B 311 28.97 -9.66 -10.51
N GLU B 312 28.72 -8.82 -9.49
CA GLU B 312 29.45 -8.89 -8.23
C GLU B 312 28.69 -9.82 -7.29
N VAL B 313 28.82 -11.11 -7.55
CA VAL B 313 28.10 -12.15 -6.81
C VAL B 313 28.37 -11.99 -5.33
N PRO B 314 27.34 -11.72 -4.51
CA PRO B 314 27.59 -11.46 -3.09
C PRO B 314 28.05 -12.70 -2.35
N LYS B 315 28.83 -12.47 -1.28
CA LYS B 315 29.35 -13.58 -0.44
C LYS B 315 28.28 -13.93 0.60
N LEU B 316 27.31 -14.76 0.20
CA LEU B 316 26.21 -15.17 1.06
C LEU B 316 26.25 -16.66 1.29
N ASN B 317 25.95 -17.06 2.52
CA ASN B 317 25.73 -18.45 2.86
C ASN B 317 24.33 -18.89 2.40
N ILE B 318 24.11 -20.19 2.45
CA ILE B 318 22.75 -20.71 2.17
C ILE B 318 21.78 -20.11 3.18
N PRO B 319 20.62 -19.61 2.75
CA PRO B 319 19.69 -18.99 3.72
C PRO B 319 18.95 -20.02 4.57
N MET B 320 19.67 -20.60 5.54
CA MET B 320 19.09 -21.50 6.53
C MET B 320 19.34 -20.94 7.92
N GLY B 321 18.34 -21.07 8.79
CA GLY B 321 18.46 -20.56 10.13
C GLY B 321 18.12 -19.08 10.21
N LEU B 322 18.33 -18.52 11.40
CA LEU B 322 17.94 -17.14 11.66
C LEU B 322 18.93 -16.15 11.07
N ASP B 323 20.22 -16.31 11.39
CA ASP B 323 21.22 -15.34 10.97
C ASP B 323 21.33 -15.29 9.45
N TRP B 324 21.40 -16.45 8.80
CA TRP B 324 21.65 -16.48 7.37
C TRP B 324 20.43 -16.10 6.54
N THR B 325 19.21 -16.30 7.04
CA THR B 325 18.05 -15.75 6.35
C THR B 325 18.02 -14.23 6.49
N ASP B 326 18.37 -13.72 7.68
CA ASP B 326 18.51 -12.29 7.87
C ASP B 326 19.47 -11.68 6.85
N GLU B 327 20.66 -12.27 6.72
CA GLU B 327 21.66 -11.72 5.80
C GLU B 327 21.20 -11.83 4.36
N PHE B 328 20.49 -12.92 4.03
CA PHE B 328 19.96 -13.07 2.67
C PHE B 328 19.00 -11.94 2.33
N LEU B 329 18.01 -11.70 3.18
CA LEU B 329 17.03 -10.64 2.90
C LEU B 329 17.68 -9.27 2.88
N MET B 330 18.65 -9.03 3.77
CA MET B 330 19.29 -7.73 3.81
C MET B 330 20.13 -7.49 2.56
N LYS B 331 20.83 -8.53 2.09
CA LYS B 331 21.57 -8.36 0.84
C LYS B 331 20.63 -8.13 -0.33
N VAL B 332 19.52 -8.88 -0.39
CA VAL B 332 18.54 -8.66 -1.45
C VAL B 332 18.00 -7.24 -1.38
N SER B 333 17.65 -6.78 -0.17
CA SER B 333 17.14 -5.42 -0.02
C SER B 333 18.13 -4.39 -0.56
N GLU B 334 19.41 -4.58 -0.27
CA GLU B 334 20.43 -3.63 -0.72
C GLU B 334 20.55 -3.64 -2.24
N ILE B 335 20.54 -4.82 -2.86
CA ILE B 335 20.75 -4.89 -4.30
C ILE B 335 19.55 -4.34 -5.04
N SER B 336 18.34 -4.68 -4.60
CA SER B 336 17.13 -4.26 -5.30
C SER B 336 16.69 -2.86 -4.91
N GLY B 337 17.13 -2.36 -3.76
CA GLY B 337 16.58 -1.13 -3.23
C GLY B 337 15.21 -1.29 -2.60
N GLN B 338 14.70 -2.52 -2.49
CA GLN B 338 13.38 -2.74 -1.88
C GLN B 338 13.54 -2.99 -0.38
N PRO B 339 12.71 -2.38 0.45
CA PRO B 339 12.80 -2.62 1.89
C PRO B 339 12.18 -3.96 2.29
N ILE B 340 12.66 -4.48 3.41
CA ILE B 340 12.08 -5.70 4.00
C ILE B 340 10.72 -5.33 4.58
N PRO B 341 9.64 -5.92 4.10
CA PRO B 341 8.31 -5.51 4.55
C PRO B 341 8.03 -5.96 5.99
N ALA B 342 6.94 -5.43 6.53
CA ALA B 342 6.56 -5.79 7.90
C ALA B 342 6.18 -7.25 8.01
N SER B 343 5.63 -7.83 6.94
CA SER B 343 5.17 -9.22 7.01
C SER B 343 6.33 -10.19 7.21
N LEU B 344 7.49 -9.91 6.62
CA LEU B 344 8.66 -10.75 6.85
C LEU B 344 9.27 -10.47 8.22
N THR B 345 9.29 -9.21 8.66
CA THR B 345 9.76 -8.90 10.00
C THR B 345 8.90 -9.59 11.05
N LYS B 346 7.60 -9.71 10.80
CA LYS B 346 6.73 -10.45 11.71
C LYS B 346 7.04 -11.94 11.64
N GLU B 347 7.18 -12.49 10.43
CA GLU B 347 7.51 -13.90 10.30
C GLU B 347 8.81 -14.21 11.04
N ARG B 348 9.79 -13.32 10.95
CA ARG B 348 11.04 -13.52 11.68
C ARG B 348 10.77 -13.59 13.17
N GLY B 349 10.07 -12.59 13.72
CA GLY B 349 9.82 -12.58 15.15
C GLY B 349 9.05 -13.79 15.62
N ARG B 350 8.22 -14.37 14.76
CA ARG B 350 7.49 -15.58 15.14
C ARG B 350 8.43 -16.77 15.24
N LEU B 351 9.47 -16.81 14.40
CA LEU B 351 10.47 -17.86 14.53
C LEU B 351 11.22 -17.73 15.85
N VAL B 352 11.64 -16.51 16.20
CA VAL B 352 12.27 -16.28 17.49
C VAL B 352 11.34 -16.73 18.61
N ASP B 353 10.05 -16.38 18.49
CA ASP B 353 9.08 -16.79 19.50
C ASP B 353 9.08 -18.31 19.67
N MET B 354 9.08 -19.05 18.54
CA MET B 354 9.13 -20.51 18.62
C MET B 354 10.44 -21.00 19.22
N MET B 355 11.54 -20.31 18.94
CA MET B 355 12.82 -20.68 19.54
C MET B 355 12.78 -20.50 21.05
N THR B 356 12.14 -19.42 21.52
CA THR B 356 11.97 -19.23 22.95
C THR B 356 10.97 -20.20 23.54
N ASP B 357 10.00 -20.65 22.74
CA ASP B 357 8.97 -21.56 23.24
C ASP B 357 9.51 -22.97 23.45
N SER B 358 10.59 -23.36 22.74
CA SER B 358 11.11 -24.72 22.75
C SER B 358 12.62 -24.75 22.93
N HIS B 359 13.17 -23.83 23.73
CA HIS B 359 14.61 -23.80 23.92
C HIS B 359 15.08 -24.77 25.00
N THR B 360 14.24 -25.07 26.00
CA THR B 360 14.69 -25.93 27.09
C THR B 360 14.80 -27.39 26.66
N TRP B 361 13.86 -27.86 25.82
CA TRP B 361 13.94 -29.24 25.36
C TRP B 361 15.07 -29.43 24.36
N LEU B 362 15.43 -28.38 23.62
CA LEU B 362 16.48 -28.50 22.61
C LEU B 362 17.88 -28.33 23.19
N HIS B 363 18.00 -27.65 24.34
CA HIS B 363 19.33 -27.32 24.85
C HIS B 363 20.17 -28.58 25.09
N GLY B 364 21.40 -28.55 24.59
CA GLY B 364 22.38 -29.57 24.87
C GLY B 364 22.24 -30.85 24.09
N LYS B 365 21.16 -31.02 23.33
CA LYS B 365 20.94 -32.27 22.61
C LYS B 365 22.03 -32.46 21.56
N ARG B 366 22.46 -33.71 21.40
CA ARG B 366 23.62 -34.05 20.60
C ARG B 366 23.18 -34.77 19.34
N PHE B 367 23.69 -34.31 18.19
CA PHE B 367 23.25 -34.80 16.89
C PHE B 367 24.41 -35.25 16.04
N ALA B 368 24.17 -36.31 15.25
CA ALA B 368 25.00 -36.67 14.10
C ALA B 368 24.22 -36.35 12.84
N LEU B 369 24.90 -35.82 11.82
CA LEU B 369 24.19 -35.35 10.64
C LEU B 369 25.07 -35.47 9.40
N TRP B 370 24.42 -35.63 8.25
CA TRP B 370 25.14 -35.73 6.99
C TRP B 370 24.28 -35.20 5.85
N GLY B 371 24.91 -35.01 4.71
CA GLY B 371 24.24 -34.48 3.54
C GLY B 371 25.23 -33.75 2.65
N ASP B 372 24.69 -32.87 1.81
CA ASP B 372 25.50 -32.08 0.89
C ASP B 372 26.06 -30.86 1.61
N PRO B 373 27.17 -30.30 1.10
CA PRO B 373 27.89 -29.29 1.90
C PRO B 373 27.06 -28.11 2.34
N ASP B 374 26.36 -27.43 1.42
CA ASP B 374 25.63 -26.23 1.83
C ASP B 374 24.52 -26.58 2.81
N PHE B 375 23.79 -27.67 2.54
CA PHE B 375 22.76 -28.12 3.47
C PHE B 375 23.34 -28.37 4.85
N VAL B 376 24.49 -29.06 4.90
CA VAL B 376 25.04 -29.51 6.18
C VAL B 376 25.44 -28.32 7.04
N MET B 377 26.22 -27.39 6.50
CA MET B 377 26.64 -26.25 7.30
C MET B 377 25.43 -25.42 7.74
N GLY B 378 24.48 -25.19 6.84
CA GLY B 378 23.27 -24.48 7.24
C GLY B 378 22.59 -25.16 8.40
N LEU B 379 22.50 -26.49 8.35
CA LEU B 379 21.92 -27.25 9.45
C LEU B 379 22.76 -27.10 10.71
N VAL B 380 24.08 -27.15 10.58
CA VAL B 380 24.96 -26.94 11.74
C VAL B 380 24.76 -25.55 12.31
N LYS B 381 24.61 -24.54 11.44
CA LYS B 381 24.41 -23.18 11.91
C LYS B 381 23.12 -23.07 12.72
N PHE B 382 22.03 -23.63 12.20
CA PHE B 382 20.75 -23.52 12.89
C PHE B 382 20.77 -24.26 14.21
N LEU B 383 21.39 -25.44 14.25
CA LEU B 383 21.50 -26.19 15.49
C LEU B 383 22.24 -25.38 16.56
N LEU B 384 23.30 -24.67 16.17
CA LEU B 384 24.00 -23.81 17.12
C LEU B 384 23.10 -22.69 17.61
N GLU B 385 22.28 -22.12 16.71
CA GLU B 385 21.38 -21.05 17.11
C GLU B 385 20.33 -21.55 18.10
N LEU B 386 19.94 -22.82 18.00
CA LEU B 386 18.98 -23.38 18.95
C LEU B 386 19.62 -23.75 20.27
N GLY B 387 20.94 -23.74 20.37
CA GLY B 387 21.61 -24.22 21.55
C GLY B 387 21.79 -25.72 21.59
N CYS B 388 21.79 -26.38 20.45
CA CYS B 388 22.04 -27.82 20.34
C CYS B 388 23.51 -28.07 20.03
N GLU B 389 23.93 -29.31 20.26
CA GLU B 389 25.32 -29.68 20.06
C GLU B 389 25.46 -30.59 18.84
N PRO B 390 25.83 -30.07 17.68
CA PRO B 390 26.29 -30.96 16.60
C PRO B 390 27.58 -31.63 17.04
N VAL B 391 27.60 -32.95 17.03
CA VAL B 391 28.72 -33.73 17.52
C VAL B 391 29.48 -34.37 16.36
N HIS B 392 28.79 -35.12 15.51
CA HIS B 392 29.38 -35.76 14.34
C HIS B 392 28.77 -35.14 13.09
N ILE B 393 29.60 -34.43 12.32
CA ILE B 393 29.18 -33.77 11.09
C ILE B 393 29.94 -34.43 9.95
N LEU B 394 29.21 -35.11 9.06
CA LEU B 394 29.80 -35.86 7.96
C LEU B 394 29.32 -35.31 6.63
N CYS B 395 30.25 -35.03 5.73
CA CYS B 395 29.95 -34.58 4.37
C CYS B 395 30.83 -35.40 3.43
N HIS B 396 30.27 -36.46 2.86
CA HIS B 396 31.08 -37.37 2.05
C HIS B 396 31.68 -36.65 0.85
N ASN B 397 30.96 -35.69 0.29
CA ASN B 397 31.43 -34.95 -0.88
C ASN B 397 31.93 -33.56 -0.53
N GLY B 398 32.35 -33.33 0.71
CA GLY B 398 32.92 -32.07 1.10
C GLY B 398 34.42 -32.03 0.89
N ASN B 399 34.98 -30.81 0.96
CA ASN B 399 36.40 -30.59 0.72
C ASN B 399 37.02 -29.86 1.91
N LYS B 400 38.34 -29.68 1.84
CA LYS B 400 39.10 -29.07 2.93
C LYS B 400 38.68 -27.62 3.14
N ARG B 401 38.51 -26.87 2.05
CA ARG B 401 38.10 -25.47 2.16
C ARG B 401 36.77 -25.36 2.89
N TRP B 402 35.81 -26.22 2.56
CA TRP B 402 34.53 -26.21 3.24
C TRP B 402 34.68 -26.58 4.71
N LYS B 403 35.47 -27.63 4.99
CA LYS B 403 35.67 -28.06 6.38
C LYS B 403 36.19 -26.92 7.23
N LYS B 404 37.21 -26.22 6.75
CA LYS B 404 37.75 -25.09 7.51
C LYS B 404 36.66 -24.07 7.82
N ALA B 405 35.77 -23.81 6.85
CA ALA B 405 34.73 -22.81 7.05
C ALA B 405 33.70 -23.27 8.08
N VAL B 406 33.42 -24.57 8.14
CA VAL B 406 32.49 -25.08 9.14
C VAL B 406 33.16 -25.13 10.50
N ASP B 407 34.46 -25.50 10.55
CA ASP B 407 35.18 -25.50 11.81
C ASP B 407 35.20 -24.11 12.43
N ALA B 408 35.28 -23.07 11.60
CA ALA B 408 35.24 -21.70 12.10
C ALA B 408 33.87 -21.38 12.70
N ILE B 409 32.79 -21.81 12.05
CA ILE B 409 31.45 -21.61 12.60
C ILE B 409 31.34 -22.28 13.96
N LEU B 410 31.87 -23.51 14.08
CA LEU B 410 31.82 -24.23 15.34
C LEU B 410 32.64 -23.53 16.41
N ALA B 411 33.81 -23.00 16.04
CA ALA B 411 34.65 -22.31 17.00
C ALA B 411 34.00 -21.06 17.55
N ALA B 412 33.06 -20.47 16.80
CA ALA B 412 32.43 -19.22 17.20
C ALA B 412 31.27 -19.41 18.17
N SER B 413 30.97 -20.65 18.57
CA SER B 413 29.85 -20.90 19.45
C SER B 413 30.25 -21.86 20.56
N PRO B 414 29.81 -21.62 21.80
CA PRO B 414 30.12 -22.58 22.87
C PRO B 414 29.54 -23.96 22.61
N TYR B 415 28.50 -24.06 21.80
CA TYR B 415 27.82 -25.32 21.55
C TYR B 415 28.53 -26.18 20.52
N GLY B 416 29.60 -25.69 19.91
CA GLY B 416 30.40 -26.46 18.98
C GLY B 416 31.62 -27.11 19.58
N LYS B 417 31.79 -27.06 20.90
CA LYS B 417 33.00 -27.55 21.55
C LYS B 417 33.19 -29.06 21.41
N ASN B 418 32.14 -29.80 21.08
CA ASN B 418 32.21 -31.25 20.96
C ASN B 418 32.06 -31.75 19.53
N ALA B 419 32.09 -30.85 18.56
CA ALA B 419 31.84 -31.22 17.18
C ALA B 419 33.13 -31.64 16.48
N THR B 420 32.99 -32.56 15.54
CA THR B 420 34.06 -32.88 14.58
C THR B 420 33.45 -32.92 13.20
N VAL B 421 34.14 -32.32 12.24
CA VAL B 421 33.72 -32.29 10.84
C VAL B 421 34.51 -33.35 10.09
N TYR B 422 33.81 -34.23 9.38
CA TYR B 422 34.43 -35.29 8.62
C TYR B 422 34.12 -35.09 7.14
N ILE B 423 35.15 -35.17 6.30
CA ILE B 423 34.96 -35.10 4.86
C ILE B 423 35.55 -36.36 4.23
N GLY B 424 34.93 -36.83 3.17
CA GLY B 424 35.36 -38.05 2.55
C GLY B 424 35.02 -39.31 3.31
N LYS B 425 34.29 -39.19 4.41
CA LYS B 425 33.87 -40.34 5.19
C LYS B 425 32.45 -40.72 4.84
N ASP B 426 32.13 -42.00 5.05
CA ASP B 426 30.88 -42.60 4.61
C ASP B 426 30.06 -43.03 5.82
N LEU B 427 28.88 -43.62 5.56
CA LEU B 427 27.94 -43.94 6.62
C LEU B 427 28.33 -45.17 7.43
N TRP B 428 29.33 -45.95 6.98
CA TRP B 428 29.91 -46.97 7.84
C TRP B 428 30.90 -46.36 8.82
N HIS B 429 31.56 -45.27 8.44
CA HIS B 429 32.34 -44.49 9.39
C HIS B 429 31.43 -43.92 10.48
N LEU B 430 30.33 -43.28 10.08
CA LEU B 430 29.45 -42.63 11.05
C LEU B 430 28.83 -43.66 11.99
N ARG B 431 28.50 -44.85 11.48
CA ARG B 431 27.94 -45.90 12.34
C ARG B 431 28.85 -46.15 13.53
N SER B 432 30.15 -46.26 13.28
CA SER B 432 31.09 -46.45 14.38
C SER B 432 31.08 -45.25 15.32
N LEU B 433 30.91 -44.04 14.77
CA LEU B 433 30.92 -42.85 15.62
C LEU B 433 29.74 -42.84 16.58
N VAL B 434 28.55 -43.24 16.11
CA VAL B 434 27.37 -43.20 16.98
C VAL B 434 27.34 -44.36 17.97
N PHE B 435 28.26 -45.33 17.84
CA PHE B 435 28.42 -46.34 18.87
C PHE B 435 29.41 -45.90 19.95
N THR B 436 30.53 -45.30 19.55
CA THR B 436 31.58 -44.96 20.50
C THR B 436 31.31 -43.63 21.19
N ASP B 437 30.72 -42.66 20.49
CA ASP B 437 30.43 -41.33 21.03
C ASP B 437 28.96 -41.02 20.71
N LYS B 438 28.08 -41.70 21.42
CA LYS B 438 26.68 -41.75 21.00
C LYS B 438 26.03 -40.38 21.09
N PRO B 439 25.35 -39.92 20.04
CA PRO B 439 24.52 -38.72 20.15
C PRO B 439 23.09 -39.06 20.55
N ASP B 440 22.21 -38.08 20.62
CA ASP B 440 20.81 -38.34 20.92
C ASP B 440 20.02 -38.70 19.67
N PHE B 441 20.36 -38.11 18.53
CA PHE B 441 19.65 -38.38 17.28
C PHE B 441 20.63 -38.30 16.13
N MET B 442 20.21 -38.84 14.99
CA MET B 442 20.81 -38.52 13.71
C MET B 442 19.84 -37.65 12.91
N ILE B 443 20.39 -36.78 12.07
CA ILE B 443 19.64 -36.04 11.07
C ILE B 443 20.24 -36.43 9.72
N GLY B 444 19.49 -37.17 8.93
CA GLY B 444 20.02 -37.62 7.65
C GLY B 444 18.94 -38.21 6.79
N ASN B 445 19.35 -38.82 5.67
CA ASN B 445 18.42 -39.33 4.71
C ASN B 445 18.03 -40.78 5.06
N SER B 446 17.30 -41.44 4.17
CA SER B 446 16.74 -42.75 4.51
C SER B 446 17.81 -43.76 4.85
N TYR B 447 19.01 -43.62 4.28
CA TYR B 447 20.06 -44.60 4.53
C TYR B 447 20.40 -44.71 6.00
N GLY B 448 20.08 -43.70 6.80
CA GLY B 448 20.37 -43.76 8.22
C GLY B 448 19.54 -44.76 9.00
N LYS B 449 18.46 -45.29 8.40
CA LYS B 449 17.59 -46.22 9.12
C LYS B 449 18.32 -47.50 9.47
N PHE B 450 19.30 -47.90 8.66
CA PHE B 450 20.08 -49.09 8.93
C PHE B 450 21.10 -48.87 10.04
N ILE B 451 21.49 -47.62 10.28
CA ILE B 451 22.27 -47.32 11.46
C ILE B 451 21.40 -47.38 12.71
N GLN B 452 20.17 -46.87 12.64
CA GLN B 452 19.27 -46.99 13.78
C GLN B 452 18.98 -48.45 14.09
N ARG B 453 18.80 -49.27 13.05
CA ARG B 453 18.62 -50.70 13.25
C ARG B 453 19.81 -51.30 13.97
N ASP B 454 21.03 -50.95 13.53
CA ASP B 454 22.23 -51.51 14.15
C ASP B 454 22.36 -51.10 15.62
N THR B 455 22.08 -49.83 15.93
CA THR B 455 22.22 -49.38 17.31
C THR B 455 21.22 -50.08 18.22
N LEU B 456 19.97 -50.18 17.78
CA LEU B 456 18.96 -50.86 18.60
C LEU B 456 19.37 -52.30 18.90
N HIS B 457 20.06 -52.95 17.96
CA HIS B 457 20.44 -54.34 18.16
C HIS B 457 21.41 -54.51 19.32
N LYS B 458 22.22 -53.49 19.61
CA LYS B 458 23.05 -53.54 20.80
C LYS B 458 22.21 -53.45 22.07
N GLY B 459 21.12 -52.68 22.03
CA GLY B 459 20.28 -52.49 23.18
C GLY B 459 19.45 -51.23 23.05
N LYS B 460 18.31 -51.21 23.72
CA LYS B 460 17.40 -50.07 23.59
C LYS B 460 18.08 -48.79 24.05
N GLU B 461 18.91 -48.88 25.10
CA GLU B 461 19.59 -47.70 25.63
C GLU B 461 20.61 -47.13 24.65
N PHE B 462 21.03 -47.90 23.65
CA PHE B 462 22.02 -47.47 22.66
C PHE B 462 21.38 -47.00 21.37
N GLU B 463 20.05 -47.09 21.25
CA GLU B 463 19.39 -46.76 20.00
C GLU B 463 19.55 -45.28 19.69
N VAL B 464 19.91 -44.96 18.45
CA VAL B 464 19.98 -43.58 17.99
C VAL B 464 18.90 -43.37 16.95
N PRO B 465 17.78 -42.75 17.29
CA PRO B 465 16.70 -42.58 16.30
C PRO B 465 17.12 -41.65 15.16
N LEU B 466 16.54 -41.92 13.99
CA LEU B 466 16.80 -41.14 12.79
C LEU B 466 15.72 -40.08 12.59
N ILE B 467 16.14 -38.86 12.33
CA ILE B 467 15.27 -37.77 11.89
C ILE B 467 15.56 -37.53 10.42
N ARG B 468 14.51 -37.57 9.59
CA ARG B 468 14.70 -37.63 8.14
C ARG B 468 14.65 -36.22 7.54
N ILE B 469 15.83 -35.63 7.35
CA ILE B 469 15.95 -34.36 6.64
C ILE B 469 17.12 -34.47 5.67
N GLY B 470 16.83 -34.36 4.37
CA GLY B 470 17.85 -34.51 3.37
C GLY B 470 17.37 -35.23 2.13
N PHE B 471 18.29 -35.88 1.42
CA PHE B 471 17.97 -36.52 0.17
C PHE B 471 18.88 -37.75 0.02
N PRO B 472 18.32 -38.93 -0.33
CA PRO B 472 16.91 -39.20 -0.61
C PRO B 472 16.10 -39.68 0.58
N ILE B 473 14.79 -39.41 0.58
CA ILE B 473 13.87 -39.94 1.57
C ILE B 473 12.87 -40.83 0.83
N PHE B 474 13.05 -42.15 0.97
CA PHE B 474 12.28 -43.13 0.23
C PHE B 474 11.21 -43.82 1.05
N ASP B 475 11.34 -43.86 2.38
CA ASP B 475 10.49 -44.66 3.26
C ASP B 475 9.50 -43.82 4.04
N ARG B 476 9.32 -42.55 3.68
CA ARG B 476 8.19 -41.74 4.12
C ARG B 476 7.63 -41.04 2.89
N HIS B 477 6.36 -40.67 2.97
CA HIS B 477 5.66 -40.10 1.83
C HIS B 477 5.59 -38.58 1.95
N HIS B 478 5.84 -37.89 0.85
CA HIS B 478 5.56 -36.48 0.67
C HIS B 478 6.38 -35.57 1.57
N LEU B 479 7.48 -36.06 2.16
CA LEU B 479 8.36 -35.15 2.87
C LEU B 479 9.09 -34.22 1.92
N HIS B 480 9.19 -34.60 0.64
CA HIS B 480 9.77 -33.71 -0.37
C HIS B 480 8.99 -32.41 -0.51
N ARG B 481 7.78 -32.34 0.06
CA ARG B 481 6.97 -31.13 0.03
C ARG B 481 7.41 -30.10 1.06
N SER B 482 8.32 -30.46 1.95
CA SER B 482 8.64 -29.63 3.10
C SER B 482 9.46 -28.41 2.67
N THR B 483 9.92 -27.66 3.67
CA THR B 483 10.81 -26.53 3.47
C THR B 483 11.92 -26.59 4.51
N THR B 484 13.13 -26.19 4.10
CA THR B 484 14.25 -26.05 5.02
C THR B 484 14.93 -24.69 4.96
N LEU B 485 14.68 -23.89 3.92
CA LEU B 485 15.26 -22.55 3.81
C LEU B 485 14.36 -21.51 4.46
N GLY B 486 14.95 -20.34 4.73
CA GLY B 486 14.22 -19.22 5.26
C GLY B 486 13.70 -19.47 6.66
N TYR B 487 12.90 -18.51 7.13
CA TYR B 487 12.27 -18.66 8.43
C TYR B 487 11.28 -19.82 8.42
N GLU B 488 10.52 -19.95 7.34
CA GLU B 488 9.55 -21.04 7.25
C GLU B 488 10.23 -22.39 7.39
N GLY B 489 11.31 -22.61 6.64
CA GLY B 489 12.05 -23.86 6.77
C GLY B 489 12.63 -24.03 8.16
N ALA B 490 13.17 -22.95 8.72
CA ALA B 490 13.70 -23.02 10.09
C ALA B 490 12.59 -23.38 11.08
N MET B 491 11.39 -22.83 10.86
CA MET B 491 10.24 -23.17 11.71
C MET B 491 9.92 -24.65 11.65
N GLN B 492 9.96 -25.23 10.45
CA GLN B 492 9.62 -26.63 10.29
C GLN B 492 10.69 -27.54 10.87
N ILE B 493 11.96 -27.20 10.64
CA ILE B 493 13.04 -28.00 11.24
C ILE B 493 12.91 -28.00 12.75
N LEU B 494 12.72 -26.81 13.33
CA LEU B 494 12.62 -26.70 14.78
C LEU B 494 11.50 -27.57 15.32
N THR B 495 10.31 -27.47 14.73
CA THR B 495 9.19 -28.28 15.18
C THR B 495 9.52 -29.77 15.07
N THR B 496 10.22 -30.16 14.02
CA THR B 496 10.61 -31.56 13.86
C THR B 496 11.54 -32.00 14.99
N LEU B 497 12.56 -31.18 15.28
CA LEU B 497 13.56 -31.56 16.28
C LEU B 497 12.92 -31.72 17.67
N VAL B 498 12.19 -30.70 18.12
CA VAL B 498 11.66 -30.74 19.49
C VAL B 498 10.62 -31.83 19.64
N ASN B 499 9.82 -32.09 18.60
CA ASN B 499 8.80 -33.13 18.71
C ASN B 499 9.39 -34.53 18.52
N SER B 500 10.50 -34.66 17.78
CA SER B 500 11.22 -35.93 17.81
C SER B 500 11.74 -36.22 19.20
N ILE B 501 12.27 -35.19 19.87
CA ILE B 501 12.77 -35.33 21.24
C ILE B 501 11.64 -35.75 22.17
N LEU B 502 10.48 -35.10 22.04
CA LEU B 502 9.37 -35.39 22.94
C LEU B 502 8.74 -36.73 22.63
N GLU B 503 8.76 -37.15 21.36
CA GLU B 503 8.31 -38.49 21.01
C GLU B 503 9.16 -39.55 21.69
N ARG B 504 10.49 -39.37 21.66
CA ARG B 504 11.39 -40.34 22.25
C ARG B 504 11.26 -40.37 23.77
N LEU B 505 11.10 -39.21 24.40
CA LEU B 505 10.84 -39.18 25.83
C LEU B 505 9.58 -39.97 26.17
N ASP B 506 8.51 -39.77 25.39
CA ASP B 506 7.25 -40.44 25.66
C ASP B 506 7.41 -41.95 25.56
N GLU B 507 8.24 -42.42 24.62
CA GLU B 507 8.49 -43.85 24.51
C GLU B 507 9.25 -44.36 25.73
N GLU B 508 10.24 -43.61 26.19
CA GLU B 508 11.07 -44.06 27.30
C GLU B 508 10.33 -44.05 28.63
N THR B 509 9.28 -43.23 28.76
CA THR B 509 8.52 -43.14 29.99
C THR B 509 7.13 -43.76 29.87
N ARG B 510 6.95 -44.70 28.94
CA ARG B 510 5.64 -45.30 28.70
C ARG B 510 5.41 -46.57 29.51
N GLY B 511 6.44 -47.07 30.18
CA GLY B 511 6.30 -48.26 31.00
C GLY B 511 5.60 -47.99 32.31
N MET B 512 4.45 -48.62 32.52
CA MET B 512 3.67 -48.36 33.72
C MET B 512 4.40 -48.89 34.95
N GLN B 513 4.39 -48.09 36.02
CA GLN B 513 4.97 -48.42 37.31
C GLN B 513 6.48 -48.62 37.23
N ALA B 514 7.08 -48.36 36.06
CA ALA B 514 8.52 -48.39 35.91
C ALA B 514 9.07 -47.01 35.54
N THR B 515 8.61 -46.42 34.43
CA THR B 515 9.10 -45.13 33.99
C THR B 515 7.99 -44.09 33.76
N ASP B 516 6.71 -44.46 33.87
CA ASP B 516 5.63 -43.53 33.54
C ASP B 516 5.36 -42.50 34.63
N TYR B 517 6.19 -42.43 35.68
CA TYR B 517 6.11 -41.29 36.59
C TYR B 517 6.46 -40.00 35.86
N ASN B 518 7.25 -40.09 34.78
CA ASN B 518 7.64 -38.94 33.97
C ASN B 518 6.86 -38.89 32.65
N HIS B 519 5.71 -39.54 32.58
CA HIS B 519 4.89 -39.58 31.36
C HIS B 519 3.90 -38.40 31.37
N ASP B 520 4.47 -37.19 31.43
CA ASP B 520 3.69 -35.99 31.68
C ASP B 520 2.66 -35.76 30.57
N LEU B 521 1.51 -35.21 30.97
CA LEU B 521 0.54 -34.78 29.97
C LEU B 521 1.00 -33.51 29.26
N VAL B 522 1.61 -32.59 30.01
CA VAL B 522 1.99 -31.28 29.49
C VAL B 522 3.50 -31.22 29.40
N ARG B 523 4.02 -30.87 28.22
CA ARG B 523 5.45 -30.69 28.00
C ARG B 523 5.74 -29.32 27.39
N MET C 12 18.91 0.06 43.05
CA MET C 12 17.72 0.89 43.24
C MET C 12 17.50 1.16 44.72
N SER C 13 17.36 2.44 45.07
CA SER C 13 17.18 2.84 46.46
C SER C 13 15.71 2.69 46.87
N ARG C 14 15.47 2.78 48.18
CA ARG C 14 14.10 2.68 48.69
C ARG C 14 13.24 3.80 48.13
N GLU C 15 13.79 5.02 48.05
CA GLU C 15 13.05 6.15 47.52
C GLU C 15 12.69 5.98 46.04
N GLU C 16 13.45 5.16 45.31
CA GLU C 16 13.14 4.89 43.91
C GLU C 16 12.14 3.74 43.75
N VAL C 17 12.23 2.72 44.61
CA VAL C 17 11.25 1.65 44.58
C VAL C 17 9.90 2.16 45.08
N GLU C 18 9.91 2.99 46.12
CA GLU C 18 8.67 3.58 46.60
C GLU C 18 8.02 4.43 45.52
N SER C 19 8.81 5.24 44.81
CA SER C 19 8.28 6.06 43.73
C SER C 19 7.75 5.19 42.61
N LEU C 20 8.39 4.06 42.35
CA LEU C 20 7.92 3.13 41.32
C LEU C 20 6.54 2.60 41.67
N ILE C 21 6.35 2.19 42.93
CA ILE C 21 5.05 1.67 43.35
C ILE C 21 3.97 2.74 43.14
N GLN C 22 4.24 3.97 43.55
CA GLN C 22 3.23 5.03 43.42
C GLN C 22 2.95 5.34 41.96
N GLU C 23 3.99 5.36 41.11
CA GLU C 23 3.78 5.64 39.69
C GLU C 23 2.89 4.59 39.05
N VAL C 24 3.09 3.31 39.40
CA VAL C 24 2.28 2.25 38.82
C VAL C 24 0.82 2.40 39.25
N LEU C 25 0.60 2.79 40.51
CA LEU C 25 -0.75 2.85 41.06
C LEU C 25 -1.58 3.99 40.50
N GLU C 26 -0.99 4.92 39.75
CA GLU C 26 -1.76 6.04 39.21
C GLU C 26 -2.78 5.60 38.16
N VAL C 27 -2.64 4.38 37.62
CA VAL C 27 -3.57 3.91 36.59
C VAL C 27 -4.91 3.52 37.19
N TYR C 28 -4.97 3.28 38.50
CA TYR C 28 -6.14 2.68 39.10
C TYR C 28 -7.21 3.71 39.44
N PRO C 29 -8.48 3.28 39.49
CA PRO C 29 -9.50 4.06 40.21
C PRO C 29 -9.19 4.11 41.70
N GLU C 30 -9.71 5.15 42.35
CA GLU C 30 -9.31 5.45 43.72
C GLU C 30 -9.48 4.24 44.63
N LYS C 31 -10.61 3.53 44.51
CA LYS C 31 -10.87 2.39 45.40
C LYS C 31 -9.79 1.32 45.24
N ALA C 32 -9.51 0.93 44.00
CA ALA C 32 -8.48 -0.08 43.77
C ALA C 32 -7.11 0.45 44.14
N ARG C 33 -6.85 1.73 43.86
CA ARG C 33 -5.54 2.31 44.19
C ARG C 33 -5.27 2.19 45.69
N LYS C 34 -6.26 2.53 46.51
CA LYS C 34 -6.07 2.50 47.96
C LYS C 34 -5.81 1.08 48.44
N ASP C 35 -6.48 0.09 47.85
CA ASP C 35 -6.31 -1.29 48.31
C ASP C 35 -4.97 -1.84 47.85
N ARG C 36 -4.65 -1.72 46.56
CA ARG C 36 -3.42 -2.31 46.04
C ARG C 36 -2.19 -1.72 46.70
N ASN C 37 -2.26 -0.44 47.09
CA ASN C 37 -1.15 0.18 47.82
C ASN C 37 -0.80 -0.63 49.06
N LYS C 38 -1.80 -1.21 49.72
CA LYS C 38 -1.55 -2.00 50.93
C LYS C 38 -0.85 -3.31 50.62
N HIS C 39 -0.87 -3.76 49.36
CA HIS C 39 -0.33 -5.05 48.97
C HIS C 39 1.01 -4.93 48.25
N LEU C 40 1.66 -3.78 48.38
CA LEU C 40 2.95 -3.53 47.76
C LEU C 40 3.85 -2.91 48.81
N ALA C 41 5.10 -3.35 48.87
CA ALA C 41 6.00 -2.88 49.91
C ALA C 41 7.44 -2.98 49.46
N VAL C 42 8.27 -2.15 50.09
CA VAL C 42 9.72 -2.22 49.94
C VAL C 42 10.28 -2.90 51.17
N ASN C 43 11.06 -3.97 50.97
CA ASN C 43 11.42 -4.84 52.07
C ASN C 43 12.34 -4.15 53.08
N ASP C 44 12.14 -4.47 54.35
CA ASP C 44 13.06 -4.11 55.43
C ASP C 44 13.35 -5.40 56.19
N PRO C 45 14.55 -5.98 56.08
CA PRO C 45 14.77 -7.31 56.69
C PRO C 45 14.54 -7.35 58.18
N ALA C 46 14.64 -6.22 58.88
CA ALA C 46 14.49 -6.21 60.33
C ALA C 46 13.06 -6.47 60.79
N VAL C 47 12.08 -6.36 59.89
CA VAL C 47 10.67 -6.43 60.29
C VAL C 47 10.32 -7.85 60.68
N THR C 48 9.59 -7.98 61.79
CA THR C 48 8.99 -9.25 62.20
C THR C 48 7.48 -9.26 62.11
N GLN C 49 6.83 -8.12 62.30
CA GLN C 49 5.38 -7.99 62.18
C GLN C 49 5.08 -7.43 60.79
N SER C 50 4.96 -8.32 59.80
CA SER C 50 4.79 -7.90 58.41
C SER C 50 3.47 -7.20 58.17
N LYS C 51 2.48 -7.36 59.06
CA LYS C 51 1.18 -6.75 58.84
C LYS C 51 1.26 -5.23 58.75
N LYS C 52 2.31 -4.62 59.30
CA LYS C 52 2.48 -3.17 59.26
C LYS C 52 3.17 -2.70 57.99
N ALA C 53 3.68 -3.63 57.16
CA ALA C 53 4.34 -3.29 55.91
C ALA C 53 3.59 -3.80 54.68
N ILE C 54 2.83 -4.88 54.81
CA ILE C 54 2.12 -5.47 53.67
C ILE C 54 0.92 -6.24 54.20
N ILE C 55 -0.18 -6.20 53.44
CA ILE C 55 -1.41 -6.90 53.76
C ILE C 55 -1.54 -8.08 52.82
N SER C 56 -2.13 -9.17 53.32
CA SER C 56 -2.25 -10.38 52.52
C SER C 56 -3.50 -11.15 52.90
N ASN C 57 -3.79 -12.19 52.10
CA ASN C 57 -4.96 -13.05 52.30
C ASN C 57 -6.24 -12.23 52.34
N LYS C 58 -6.37 -11.31 51.39
CA LYS C 58 -7.58 -10.52 51.22
C LYS C 58 -8.19 -10.84 49.86
N LYS C 59 -9.43 -10.39 49.67
CA LYS C 59 -10.09 -10.60 48.38
C LYS C 59 -9.32 -9.89 47.27
N SER C 60 -9.41 -10.45 46.07
CA SER C 60 -8.83 -9.80 44.90
C SER C 60 -9.74 -8.68 44.41
N GLN C 61 -9.13 -7.60 43.94
CA GLN C 61 -9.90 -6.49 43.37
C GLN C 61 -10.50 -6.94 42.04
N PRO C 62 -11.79 -6.70 41.82
CA PRO C 62 -12.43 -7.18 40.57
C PRO C 62 -11.78 -6.60 39.32
N GLY C 63 -11.54 -7.46 38.34
CA GLY C 63 -11.17 -7.01 37.01
C GLY C 63 -9.75 -6.58 36.81
N LEU C 64 -8.83 -6.96 37.71
CA LEU C 64 -7.44 -6.55 37.59
C LEU C 64 -6.52 -7.69 37.16
N MET C 65 -7.08 -8.82 36.72
CA MET C 65 -6.30 -9.96 36.23
C MET C 65 -5.39 -10.53 37.32
N THR C 66 -6.02 -10.99 38.40
CA THR C 66 -5.29 -11.72 39.43
C THR C 66 -4.79 -13.03 38.84
N ILE C 67 -3.67 -13.51 39.40
CA ILE C 67 -3.11 -14.81 39.02
C ILE C 67 -3.66 -15.93 39.90
N ARG C 68 -4.50 -15.59 40.88
CA ARG C 68 -5.00 -16.56 41.83
C ARG C 68 -5.93 -17.57 41.16
N GLY C 69 -6.01 -18.75 41.78
CA GLY C 69 -7.03 -19.73 41.51
C GLY C 69 -8.10 -19.74 42.59
N CYS C 70 -8.72 -20.90 42.78
CA CYS C 70 -9.84 -21.03 43.71
C CYS C 70 -9.54 -22.10 44.77
N ALA C 71 -10.49 -22.25 45.70
CA ALA C 71 -10.32 -23.22 46.79
C ALA C 71 -10.42 -24.65 46.29
N TYR C 72 -11.15 -24.88 45.19
CA TYR C 72 -11.16 -26.21 44.58
C TYR C 72 -9.76 -26.60 44.11
N ALA C 73 -9.02 -25.63 43.56
CA ALA C 73 -7.64 -25.91 43.18
C ALA C 73 -6.79 -26.27 44.39
N GLY C 74 -6.98 -25.55 45.50
CA GLY C 74 -6.19 -25.83 46.70
C GLY C 74 -6.51 -27.15 47.34
N SER C 75 -7.74 -27.65 47.15
CA SER C 75 -8.16 -28.91 47.75
C SER C 75 -8.00 -30.07 46.77
N LYS C 76 -8.68 -30.02 45.63
CA LYS C 76 -8.58 -31.12 44.66
C LYS C 76 -7.22 -31.11 43.97
N GLY C 77 -6.80 -29.94 43.47
CA GLY C 77 -5.57 -29.90 42.69
C GLY C 77 -4.33 -30.14 43.54
N VAL C 78 -4.32 -29.64 44.77
CA VAL C 78 -3.09 -29.58 45.56
C VAL C 78 -3.03 -30.68 46.61
N VAL C 79 -4.02 -30.73 47.50
CA VAL C 79 -3.92 -31.57 48.69
C VAL C 79 -4.42 -32.99 48.44
N TRP C 80 -5.62 -33.15 47.89
CA TRP C 80 -6.22 -34.48 47.75
C TRP C 80 -5.79 -35.21 46.48
N GLY C 81 -5.76 -34.50 45.33
CA GLY C 81 -5.46 -35.14 44.08
C GLY C 81 -4.24 -36.06 44.10
N PRO C 82 -3.15 -35.67 44.75
CA PRO C 82 -1.95 -36.54 44.74
C PRO C 82 -2.14 -37.89 45.39
N ILE C 83 -3.07 -38.02 46.33
CA ILE C 83 -3.29 -39.30 47.00
C ILE C 83 -3.67 -40.34 45.96
N LYS C 84 -2.83 -41.35 45.79
CA LYS C 84 -2.82 -42.14 44.56
C LYS C 84 -3.82 -43.30 44.55
N ASP C 85 -3.98 -44.03 45.65
CA ASP C 85 -4.88 -45.17 45.66
C ASP C 85 -6.31 -44.80 46.05
N MET C 86 -6.63 -43.52 46.07
CA MET C 86 -7.99 -43.03 46.22
C MET C 86 -8.49 -42.49 44.89
N ILE C 87 -9.80 -42.45 44.74
CA ILE C 87 -10.47 -41.88 43.57
C ILE C 87 -11.14 -40.59 44.01
N HIS C 88 -10.84 -39.50 43.31
CA HIS C 88 -11.32 -38.18 43.68
C HIS C 88 -12.32 -37.70 42.64
N ILE C 89 -13.54 -37.43 43.07
CA ILE C 89 -14.62 -37.05 42.17
C ILE C 89 -14.71 -35.53 42.10
N SER C 90 -14.48 -34.98 40.92
CA SER C 90 -14.75 -33.58 40.65
C SER C 90 -16.26 -33.43 40.52
N HIS C 91 -16.91 -32.95 41.58
CA HIS C 91 -18.37 -32.99 41.69
C HIS C 91 -18.93 -31.65 41.23
N GLY C 92 -19.60 -31.66 40.09
CA GLY C 92 -20.11 -30.44 39.50
C GLY C 92 -20.02 -30.51 37.98
N PRO C 93 -20.12 -29.36 37.31
CA PRO C 93 -20.00 -29.37 35.85
C PRO C 93 -18.63 -29.81 35.39
N VAL C 94 -18.44 -29.92 34.08
CA VAL C 94 -17.28 -30.63 33.54
C VAL C 94 -15.99 -29.82 33.59
N GLY C 95 -16.09 -28.49 33.75
CA GLY C 95 -14.92 -27.64 33.60
C GLY C 95 -13.78 -27.90 34.56
N CYS C 96 -14.02 -27.76 35.86
CA CYS C 96 -12.93 -27.81 36.83
C CYS C 96 -12.08 -29.07 36.64
N GLY C 97 -12.74 -30.22 36.55
CA GLY C 97 -12.01 -31.47 36.49
C GLY C 97 -11.19 -31.64 35.22
N GLN C 98 -11.57 -30.95 34.15
CA GLN C 98 -10.84 -31.08 32.89
C GLN C 98 -9.64 -30.13 32.81
N TYR C 99 -9.80 -28.88 33.24
CA TYR C 99 -8.68 -27.96 33.22
C TYR C 99 -7.61 -28.37 34.21
N SER C 100 -7.99 -29.07 35.28
CA SER C 100 -7.06 -29.51 36.31
C SER C 100 -6.59 -30.95 36.12
N ARG C 101 -6.96 -31.59 35.01
CA ARG C 101 -6.54 -32.97 34.78
C ARG C 101 -5.06 -32.99 34.39
N ALA C 102 -4.22 -33.52 35.28
CA ALA C 102 -2.82 -33.78 34.98
C ALA C 102 -2.05 -32.50 34.63
N GLY C 103 -2.47 -31.37 35.18
CA GLY C 103 -1.73 -30.14 35.01
C GLY C 103 -0.61 -29.94 36.01
N ARG C 104 -0.72 -30.57 37.18
CA ARG C 104 0.27 -30.47 38.25
C ARG C 104 1.04 -31.77 38.32
N ARG C 105 2.37 -31.67 38.33
CA ARG C 105 3.25 -32.84 38.18
C ARG C 105 3.54 -33.53 39.50
N ASN C 106 2.46 -33.75 40.27
CA ASN C 106 2.58 -34.51 41.53
C ASN C 106 2.84 -35.95 41.10
N TYR C 107 4.09 -36.40 41.18
CA TYR C 107 4.47 -37.69 40.65
C TYR C 107 4.15 -38.82 41.62
N TYR C 108 3.94 -40.02 41.07
CA TYR C 108 3.55 -41.17 41.86
C TYR C 108 4.00 -42.44 41.16
N ILE C 109 4.04 -43.54 41.92
CA ILE C 109 4.31 -44.87 41.40
C ILE C 109 3.02 -45.68 41.50
N GLY C 110 2.52 -46.14 40.37
CA GLY C 110 1.33 -46.98 40.38
C GLY C 110 0.95 -47.43 38.99
N THR C 111 -0.07 -48.29 38.96
CA THR C 111 -0.67 -48.78 37.71
C THR C 111 -1.98 -48.02 37.52
N THR C 112 -1.94 -46.98 36.68
CA THR C 112 -3.03 -46.03 36.59
C THR C 112 -4.27 -46.66 35.96
N GLY C 113 -5.43 -46.40 36.57
CA GLY C 113 -6.68 -47.03 36.16
C GLY C 113 -6.98 -48.34 36.84
N VAL C 114 -5.99 -48.93 37.50
CA VAL C 114 -6.13 -50.22 38.20
C VAL C 114 -6.03 -50.03 39.71
N ASN C 115 -4.88 -49.58 40.20
CA ASN C 115 -4.66 -49.33 41.62
C ASN C 115 -4.31 -47.89 41.95
N ALA C 116 -4.02 -47.05 40.95
CA ALA C 116 -3.77 -45.63 41.15
C ALA C 116 -4.54 -44.83 40.12
N PHE C 117 -4.86 -43.57 40.47
CA PHE C 117 -5.85 -42.84 39.69
C PHE C 117 -5.58 -41.34 39.60
N VAL C 118 -4.34 -40.89 39.78
CA VAL C 118 -4.09 -39.46 39.94
C VAL C 118 -4.41 -38.71 38.65
N THR C 119 -3.87 -39.17 37.51
CA THR C 119 -3.98 -38.44 36.26
C THR C 119 -5.31 -38.66 35.55
N MET C 120 -6.25 -39.36 36.18
CA MET C 120 -7.59 -39.56 35.65
C MET C 120 -8.50 -38.43 36.14
N ASN C 121 -9.54 -38.15 35.37
CA ASN C 121 -10.52 -37.12 35.72
C ASN C 121 -11.88 -37.79 35.92
N PHE C 122 -12.24 -38.03 37.18
CA PHE C 122 -13.57 -38.51 37.54
C PHE C 122 -14.46 -37.29 37.80
N THR C 123 -15.66 -37.30 37.21
CA THR C 123 -16.57 -36.18 37.38
C THR C 123 -18.00 -36.68 37.28
N SER C 124 -18.91 -35.95 37.91
CA SER C 124 -20.35 -36.18 37.78
C SER C 124 -20.96 -35.40 36.63
N ASP C 125 -20.16 -34.57 35.94
CA ASP C 125 -20.57 -33.86 34.72
C ASP C 125 -22.00 -33.34 34.85
N PHE C 126 -22.19 -32.34 35.70
CA PHE C 126 -23.52 -31.81 35.95
C PHE C 126 -24.14 -31.24 34.68
N GLN C 127 -25.39 -31.59 34.42
CA GLN C 127 -26.23 -30.95 33.42
C GLN C 127 -27.28 -30.09 34.13
N GLU C 128 -28.17 -29.46 33.35
CA GLU C 128 -29.15 -28.57 33.94
C GLU C 128 -30.17 -29.34 34.78
N LYS C 129 -30.46 -30.59 34.44
CA LYS C 129 -31.35 -31.40 35.27
C LYS C 129 -30.77 -31.61 36.67
N ASP C 130 -29.45 -31.72 36.79
CA ASP C 130 -28.84 -31.91 38.10
C ASP C 130 -28.84 -30.63 38.93
N ILE C 131 -28.75 -29.46 38.28
CA ILE C 131 -28.86 -28.20 39.00
C ILE C 131 -30.27 -28.01 39.55
N VAL C 132 -31.28 -28.40 38.77
CA VAL C 132 -32.67 -28.11 39.15
C VAL C 132 -33.16 -29.10 40.21
N PHE C 133 -32.90 -30.39 40.04
CA PHE C 133 -33.36 -31.41 40.96
C PHE C 133 -32.31 -31.82 41.99
N GLY C 134 -31.09 -31.33 41.87
CA GLY C 134 -30.02 -31.72 42.77
C GLY C 134 -29.23 -32.91 42.23
N GLY C 135 -27.99 -33.02 42.71
CA GLY C 135 -27.10 -34.09 42.30
C GLY C 135 -26.88 -35.18 43.32
N ASP C 136 -27.60 -35.16 44.44
CA ASP C 136 -27.34 -36.14 45.50
C ASP C 136 -27.69 -37.55 45.05
N LYS C 137 -28.76 -37.71 44.26
CA LYS C 137 -29.07 -39.03 43.72
C LYS C 137 -28.04 -39.46 42.69
N LYS C 138 -27.58 -38.53 41.86
CA LYS C 138 -26.54 -38.85 40.89
C LYS C 138 -25.25 -39.27 41.58
N LEU C 139 -24.92 -38.60 42.69
CA LEU C 139 -23.68 -38.92 43.41
C LEU C 139 -23.71 -40.33 43.95
N ALA C 140 -24.84 -40.76 44.53
CA ALA C 140 -24.93 -42.12 45.06
C ALA C 140 -24.75 -43.16 43.96
N LYS C 141 -25.36 -42.92 42.80
CA LYS C 141 -25.21 -43.86 41.69
C LYS C 141 -23.79 -43.87 41.16
N LEU C 142 -23.15 -42.69 41.10
CA LEU C 142 -21.76 -42.61 40.63
C LEU C 142 -20.83 -43.41 41.54
N ILE C 143 -21.09 -43.40 42.85
CA ILE C 143 -20.23 -44.14 43.77
C ILE C 143 -20.33 -45.63 43.52
N ASP C 144 -21.55 -46.14 43.29
CA ASP C 144 -21.70 -47.55 42.93
C ASP C 144 -20.94 -47.88 41.67
N GLU C 145 -20.99 -47.00 40.67
CA GLU C 145 -20.31 -47.24 39.41
C GLU C 145 -18.79 -47.17 39.57
N VAL C 146 -18.30 -46.30 40.45
CA VAL C 146 -16.88 -46.29 40.78
C VAL C 146 -16.48 -47.64 41.38
N GLU C 147 -17.29 -48.13 42.32
CA GLU C 147 -16.98 -49.39 43.01
C GLU C 147 -16.96 -50.55 42.01
N THR C 148 -17.86 -50.54 41.04
CA THR C 148 -17.93 -51.64 40.08
C THR C 148 -16.70 -51.63 39.17
N LEU C 149 -16.40 -50.49 38.55
CA LEU C 149 -15.41 -50.40 37.49
C LEU C 149 -13.99 -50.14 37.98
N PHE C 150 -13.83 -49.79 39.25
CA PHE C 150 -12.50 -49.55 39.83
C PHE C 150 -12.46 -50.23 41.19
N PRO C 151 -12.35 -51.56 41.21
CA PRO C 151 -12.49 -52.28 42.48
C PRO C 151 -11.32 -52.14 43.43
N LEU C 152 -10.13 -51.77 42.96
CA LEU C 152 -8.96 -51.68 43.82
C LEU C 152 -8.76 -50.30 44.43
N ASN C 153 -9.71 -49.38 44.27
CA ASN C 153 -9.63 -48.09 44.92
C ASN C 153 -9.76 -48.29 46.43
N LYS C 154 -8.97 -47.55 47.20
CA LYS C 154 -8.93 -47.70 48.65
C LYS C 154 -9.67 -46.58 49.37
N GLY C 155 -10.50 -45.83 48.65
CA GLY C 155 -11.23 -44.73 49.22
C GLY C 155 -11.65 -43.71 48.19
N ILE C 156 -12.73 -42.99 48.44
CA ILE C 156 -13.26 -42.00 47.49
C ILE C 156 -13.32 -40.65 48.19
N SER C 157 -13.03 -39.59 47.45
CA SER C 157 -13.22 -38.24 47.92
C SER C 157 -14.15 -37.51 46.97
N VAL C 158 -14.92 -36.57 47.52
CA VAL C 158 -15.87 -35.78 46.75
C VAL C 158 -15.40 -34.33 46.84
N GLN C 159 -14.87 -33.81 45.74
CA GLN C 159 -14.33 -32.45 45.68
C GLN C 159 -15.40 -31.54 45.11
N SER C 160 -16.03 -30.74 45.96
CA SER C 160 -17.17 -29.93 45.54
C SER C 160 -16.71 -28.78 44.64
N GLU C 161 -17.38 -28.62 43.52
CA GLU C 161 -17.21 -27.44 42.68
C GLU C 161 -18.29 -26.42 43.01
N CYS C 162 -18.18 -25.23 42.42
CA CYS C 162 -19.01 -24.10 42.82
C CYS C 162 -20.48 -24.45 43.06
N PRO C 163 -21.20 -25.07 42.14
CA PRO C 163 -22.66 -25.18 42.30
C PRO C 163 -23.12 -26.04 43.48
N ILE C 164 -22.33 -27.01 43.93
CA ILE C 164 -22.82 -27.97 44.93
C ILE C 164 -23.42 -27.24 46.13
N GLY C 165 -22.67 -26.30 46.72
CA GLY C 165 -23.18 -25.59 47.88
C GLY C 165 -24.37 -24.71 47.56
N CYS C 166 -24.33 -24.03 46.42
CA CYS C 166 -25.44 -23.15 46.03
C CYS C 166 -26.71 -23.95 45.76
N ILE C 167 -26.58 -25.15 45.19
CA ILE C 167 -27.74 -25.99 44.90
C ILE C 167 -28.32 -26.62 46.16
N GLY C 168 -27.62 -26.51 47.29
CA GLY C 168 -28.10 -27.06 48.53
C GLY C 168 -27.98 -28.56 48.66
N ASP C 169 -27.11 -29.19 47.87
CA ASP C 169 -26.92 -30.62 47.97
C ASP C 169 -26.27 -30.98 49.30
N ASP C 170 -26.51 -32.21 49.75
CA ASP C 170 -26.04 -32.72 51.03
C ASP C 170 -25.11 -33.90 50.76
N ILE C 171 -23.87 -33.61 50.34
CA ILE C 171 -22.93 -34.66 50.04
C ILE C 171 -22.44 -35.36 51.30
N GLU C 172 -22.52 -34.71 52.46
CA GLU C 172 -22.07 -35.34 53.70
C GLU C 172 -22.94 -36.54 54.05
N SER C 173 -24.26 -36.39 53.88
CA SER C 173 -25.17 -37.50 54.16
C SER C 173 -24.93 -38.65 53.17
N VAL C 174 -24.66 -38.32 51.90
CA VAL C 174 -24.39 -39.36 50.92
C VAL C 174 -23.14 -40.14 51.31
N SER C 175 -22.07 -39.45 51.68
CA SER C 175 -20.82 -40.11 52.01
C SER C 175 -21.00 -41.05 53.21
N LYS C 176 -21.73 -40.60 54.23
CA LYS C 176 -21.96 -41.43 55.41
C LYS C 176 -22.75 -42.68 55.05
N VAL C 177 -23.85 -42.51 54.33
CA VAL C 177 -24.73 -43.64 54.01
C VAL C 177 -24.03 -44.62 53.08
N LYS C 178 -23.39 -44.11 52.03
CA LYS C 178 -22.71 -44.99 51.08
C LYS C 178 -21.44 -45.57 51.68
N GLY C 179 -20.75 -44.82 52.54
CA GLY C 179 -19.56 -45.35 53.21
C GLY C 179 -19.89 -46.47 54.18
N ALA C 180 -21.03 -46.36 54.87
CA ALA C 180 -21.48 -47.45 55.74
C ALA C 180 -21.94 -48.65 54.93
N GLU C 181 -22.70 -48.41 53.85
CA GLU C 181 -23.22 -49.50 53.04
C GLU C 181 -22.09 -50.34 52.45
N LEU C 182 -21.08 -49.67 51.87
CA LEU C 182 -20.01 -50.34 51.15
C LEU C 182 -18.75 -50.51 51.99
N SER C 183 -18.80 -50.19 53.27
CA SER C 183 -17.65 -50.32 54.18
C SER C 183 -16.40 -49.66 53.60
N LYS C 184 -16.58 -48.47 53.01
CA LYS C 184 -15.51 -47.78 52.31
C LYS C 184 -15.42 -46.33 52.77
N THR C 185 -14.19 -45.83 52.88
CA THR C 185 -13.94 -44.45 53.27
C THR C 185 -14.33 -43.50 52.15
N ILE C 186 -15.34 -42.66 52.40
CA ILE C 186 -15.82 -41.67 51.44
C ILE C 186 -15.77 -40.32 52.11
N VAL C 187 -14.94 -39.42 51.57
CA VAL C 187 -14.62 -38.16 52.23
C VAL C 187 -15.32 -37.03 51.48
N PRO C 188 -16.31 -36.35 52.08
CA PRO C 188 -16.89 -35.16 51.45
C PRO C 188 -16.11 -33.90 51.77
N VAL C 189 -15.73 -33.14 50.75
CA VAL C 189 -14.90 -31.95 50.89
C VAL C 189 -15.67 -30.77 50.32
N ARG C 190 -15.91 -29.76 51.17
CA ARG C 190 -16.63 -28.55 50.77
C ARG C 190 -15.62 -27.49 50.32
N CYS C 191 -15.02 -27.74 49.16
CA CYS C 191 -14.01 -26.86 48.58
C CYS C 191 -14.55 -26.03 47.41
N GLU C 192 -15.83 -25.62 47.48
CA GLU C 192 -16.41 -24.82 46.41
C GLU C 192 -15.61 -23.54 46.19
N GLY C 193 -15.47 -23.15 44.93
CA GLY C 193 -14.54 -22.10 44.55
C GLY C 193 -14.89 -20.72 45.05
N PHE C 194 -16.17 -20.48 45.38
CA PHE C 194 -16.56 -19.20 45.92
C PHE C 194 -16.14 -19.03 47.38
N ARG C 195 -15.73 -20.10 48.05
CA ARG C 195 -15.28 -19.99 49.42
C ARG C 195 -13.88 -19.39 49.45
N GLY C 196 -13.62 -18.59 50.48
CA GLY C 196 -12.31 -17.98 50.56
C GLY C 196 -12.06 -16.98 49.44
N VAL C 197 -10.78 -16.78 49.16
CA VAL C 197 -10.36 -15.77 48.20
C VAL C 197 -9.28 -16.30 47.27
N SER C 198 -8.89 -17.55 47.45
CA SER C 198 -7.73 -18.08 46.74
C SER C 198 -7.65 -19.58 46.96
N GLN C 199 -6.53 -20.17 46.54
CA GLN C 199 -6.24 -21.58 46.80
C GLN C 199 -6.06 -21.86 48.29
N SER C 200 -5.77 -20.83 49.08
CA SER C 200 -5.32 -21.04 50.45
C SER C 200 -6.39 -21.67 51.32
N LEU C 201 -7.64 -21.19 51.23
CA LEU C 201 -8.70 -21.78 52.03
C LEU C 201 -8.95 -23.23 51.63
N GLY C 202 -8.63 -23.58 50.37
CA GLY C 202 -8.72 -24.96 49.95
C GLY C 202 -7.81 -25.88 50.76
N HIS C 203 -6.59 -25.42 51.03
CA HIS C 203 -5.70 -26.18 51.91
C HIS C 203 -6.38 -26.46 53.24
N HIS C 204 -6.97 -25.43 53.85
CA HIS C 204 -7.56 -25.57 55.18
C HIS C 204 -8.76 -26.51 55.15
N ILE C 205 -9.66 -26.33 54.17
CA ILE C 205 -10.82 -27.21 54.08
C ILE C 205 -10.38 -28.66 53.91
N ALA C 206 -9.42 -28.89 53.02
CA ALA C 206 -8.94 -30.25 52.80
C ALA C 206 -8.29 -30.82 54.06
N ASN C 207 -7.51 -30.01 54.76
CA ASN C 207 -6.87 -30.46 56.00
C ASN C 207 -7.91 -30.87 57.03
N ASP C 208 -9.01 -30.12 57.13
CA ASP C 208 -10.08 -30.49 58.05
C ASP C 208 -10.80 -31.76 57.60
N ALA C 209 -10.89 -31.99 56.29
CA ALA C 209 -11.50 -33.22 55.78
C ALA C 209 -10.65 -34.44 56.10
N VAL C 210 -9.33 -34.32 55.93
CA VAL C 210 -8.42 -35.38 56.34
C VAL C 210 -8.61 -35.69 57.82
N ARG C 211 -8.58 -34.63 58.65
CA ARG C 211 -8.77 -34.79 60.08
C ARG C 211 -10.06 -35.54 60.38
N ASP C 212 -11.17 -35.11 59.79
CA ASP C 212 -12.49 -35.54 60.24
C ASP C 212 -12.91 -36.90 59.67
N TRP C 213 -12.34 -37.33 58.54
CA TRP C 213 -12.83 -38.53 57.87
C TRP C 213 -11.79 -39.63 57.66
N VAL C 214 -10.50 -39.36 57.84
CA VAL C 214 -9.49 -40.35 57.50
C VAL C 214 -8.50 -40.54 58.65
N LEU C 215 -7.98 -39.44 59.19
CA LEU C 215 -6.76 -39.50 59.99
C LEU C 215 -6.92 -40.35 61.25
N GLY C 216 -8.11 -40.37 61.84
CA GLY C 216 -8.32 -41.05 63.10
C GLY C 216 -8.72 -42.50 62.99
N LYS C 217 -8.61 -43.12 61.81
CA LYS C 217 -9.16 -44.46 61.63
C LYS C 217 -8.34 -45.52 62.36
N ARG C 218 -7.06 -45.27 62.62
CA ARG C 218 -6.20 -46.21 63.33
C ARG C 218 -5.87 -45.72 64.74
N ASP C 219 -6.83 -45.02 65.37
CA ASP C 219 -6.61 -44.50 66.72
C ASP C 219 -6.52 -45.61 67.75
N GLU C 220 -7.34 -46.65 67.60
CA GLU C 220 -7.34 -47.77 68.53
C GLU C 220 -6.61 -49.00 67.98
N ASP C 221 -5.84 -48.83 66.92
CA ASP C 221 -5.08 -49.91 66.31
C ASP C 221 -3.61 -49.72 66.69
N THR C 222 -3.07 -50.67 67.46
CA THR C 222 -1.69 -50.62 67.92
C THR C 222 -0.81 -51.68 67.27
N THR C 223 -1.24 -52.22 66.12
CA THR C 223 -0.51 -53.29 65.45
C THR C 223 0.66 -52.79 64.61
N PHE C 224 0.77 -51.48 64.39
CA PHE C 224 1.89 -50.93 63.64
C PHE C 224 3.13 -50.88 64.53
N ALA C 225 4.25 -51.39 64.00
CA ALA C 225 5.49 -51.48 64.77
C ALA C 225 6.24 -50.16 64.68
N SER C 226 6.30 -49.43 65.78
CA SER C 226 6.97 -48.14 65.82
C SER C 226 8.45 -48.30 66.11
N THR C 227 9.24 -47.33 65.65
CA THR C 227 10.65 -47.17 65.99
C THR C 227 10.86 -45.73 66.43
N PRO C 228 11.98 -45.44 67.11
CA PRO C 228 12.24 -44.05 67.53
C PRO C 228 12.53 -43.09 66.38
N TYR C 229 12.78 -43.60 65.18
CA TYR C 229 13.22 -42.78 64.06
C TYR C 229 12.13 -42.60 63.01
N ASP C 230 10.87 -42.79 63.38
CA ASP C 230 9.77 -42.66 62.44
C ASP C 230 9.42 -41.19 62.26
N VAL C 231 9.41 -40.72 61.02
CA VAL C 231 9.03 -39.35 60.68
C VAL C 231 8.00 -39.40 59.57
N ALA C 232 7.44 -38.23 59.27
CA ALA C 232 6.55 -38.04 58.13
C ALA C 232 6.95 -36.78 57.40
N ILE C 233 6.97 -36.84 56.07
CA ILE C 233 7.17 -35.66 55.24
C ILE C 233 5.80 -35.04 54.99
N ILE C 234 5.58 -33.86 55.55
CA ILE C 234 4.28 -33.20 55.51
C ILE C 234 4.38 -31.99 54.60
N GLY C 235 3.57 -31.96 53.55
CA GLY C 235 3.55 -30.82 52.65
C GLY C 235 4.61 -30.84 51.57
N ASP C 236 4.90 -32.01 51.01
CA ASP C 236 5.76 -32.12 49.84
C ASP C 236 4.99 -32.95 48.82
N TYR C 237 4.60 -32.32 47.72
CA TYR C 237 3.69 -32.92 46.76
C TYR C 237 4.42 -33.52 45.57
N ASN C 238 5.73 -33.71 45.71
CA ASN C 238 6.51 -34.55 44.80
C ASN C 238 6.44 -34.00 43.37
N ILE C 239 6.58 -32.69 43.22
CA ILE C 239 6.63 -32.08 41.90
C ILE C 239 7.91 -32.53 41.21
N GLY C 240 7.76 -33.18 40.07
CA GLY C 240 8.92 -33.71 39.37
C GLY C 240 9.77 -34.65 40.19
N GLY C 241 9.24 -35.19 41.28
CA GLY C 241 9.98 -36.07 42.15
C GLY C 241 10.61 -35.41 43.36
N ASP C 242 10.16 -34.21 43.74
CA ASP C 242 10.75 -33.50 44.86
C ASP C 242 10.79 -34.35 46.12
N ALA C 243 9.69 -35.04 46.44
CA ALA C 243 9.61 -35.76 47.72
C ALA C 243 10.52 -36.98 47.73
N TRP C 244 10.74 -37.61 46.58
CA TRP C 244 11.64 -38.76 46.53
C TRP C 244 13.08 -38.35 46.77
N SER C 245 13.52 -37.26 46.13
CA SER C 245 14.88 -36.80 46.32
C SER C 245 15.11 -36.14 47.67
N SER C 246 14.04 -35.88 48.44
CA SER C 246 14.16 -35.52 49.84
C SER C 246 14.09 -36.74 50.76
N ARG C 247 13.25 -37.71 50.40
CA ARG C 247 13.10 -38.91 51.22
C ARG C 247 14.40 -39.69 51.30
N ILE C 248 15.17 -39.74 50.21
CA ILE C 248 16.39 -40.54 50.21
C ILE C 248 17.40 -39.99 51.20
N LEU C 249 17.45 -38.66 51.35
CA LEU C 249 18.38 -38.07 52.32
C LEU C 249 17.97 -38.39 53.75
N LEU C 250 16.67 -38.25 54.06
CA LEU C 250 16.22 -38.54 55.42
C LEU C 250 16.52 -39.98 55.80
N GLU C 251 16.36 -40.91 54.86
CA GLU C 251 16.57 -42.33 55.18
C GLU C 251 18.05 -42.71 55.17
N GLU C 252 18.88 -42.02 54.39
CA GLU C 252 20.32 -42.16 54.53
C GLU C 252 20.79 -41.65 55.88
N MET C 253 20.08 -40.66 56.43
CA MET C 253 20.36 -40.14 57.76
C MET C 253 20.01 -41.13 58.86
N GLY C 254 19.34 -42.23 58.53
CA GLY C 254 18.93 -43.20 59.50
C GLY C 254 17.48 -43.11 59.94
N LEU C 255 16.69 -42.22 59.34
CA LEU C 255 15.29 -42.09 59.68
C LEU C 255 14.45 -43.00 58.80
N ARG C 256 13.23 -43.28 59.26
CA ARG C 256 12.25 -44.07 58.53
C ARG C 256 11.08 -43.16 58.19
N CYS C 257 10.90 -42.86 56.90
CA CYS C 257 9.83 -41.99 56.46
C CYS C 257 8.57 -42.83 56.31
N VAL C 258 7.66 -42.69 57.28
CA VAL C 258 6.45 -43.51 57.28
C VAL C 258 5.42 -43.00 56.28
N ALA C 259 5.42 -41.71 55.98
CA ALA C 259 4.37 -41.14 55.14
C ALA C 259 4.88 -39.90 54.41
N GLN C 260 4.26 -39.62 53.26
CA GLN C 260 4.45 -38.39 52.51
C GLN C 260 3.08 -37.76 52.25
N TRP C 261 2.92 -36.51 52.65
CA TRP C 261 1.68 -35.75 52.43
C TRP C 261 1.95 -34.66 51.39
N SER C 262 1.41 -34.83 50.17
CA SER C 262 0.62 -35.98 49.73
C SER C 262 1.19 -36.52 48.41
N GLY C 263 2.37 -36.03 48.03
CA GLY C 263 3.04 -36.50 46.84
C GLY C 263 3.42 -37.96 46.91
N ASP C 264 2.94 -38.76 45.95
CA ASP C 264 3.13 -40.20 45.95
C ASP C 264 2.57 -40.87 47.21
N GLY C 265 1.65 -40.19 47.88
CA GLY C 265 1.12 -40.70 49.14
C GLY C 265 -0.07 -41.61 48.95
N SER C 266 -0.14 -42.63 49.80
CA SER C 266 -1.24 -43.58 49.82
C SER C 266 -2.12 -43.31 51.04
N ILE C 267 -3.36 -43.80 50.97
CA ILE C 267 -4.28 -43.51 52.07
C ILE C 267 -3.84 -44.22 53.33
N SER C 268 -3.17 -45.36 53.20
CA SER C 268 -2.71 -46.07 54.39
C SER C 268 -1.60 -45.31 55.09
N GLU C 269 -0.67 -44.71 54.35
CA GLU C 269 0.41 -43.98 55.03
C GLU C 269 -0.12 -42.72 55.74
N ILE C 270 -1.22 -42.15 55.24
CA ILE C 270 -1.90 -41.08 55.98
C ILE C 270 -2.47 -41.64 57.29
N GLU C 271 -3.17 -42.78 57.21
CA GLU C 271 -3.74 -43.38 58.40
C GLU C 271 -2.68 -43.80 59.40
N LEU C 272 -1.44 -44.02 58.95
CA LEU C 272 -0.35 -44.42 59.83
C LEU C 272 0.41 -43.23 60.41
N THR C 273 0.13 -42.02 59.94
CA THR C 273 0.90 -40.86 60.39
C THR C 273 0.78 -40.56 61.87
N PRO C 274 -0.37 -40.78 62.56
CA PRO C 274 -0.40 -40.51 64.00
C PRO C 274 0.55 -41.38 64.83
N LYS C 275 1.24 -42.31 64.18
CA LYS C 275 2.19 -43.19 64.84
C LYS C 275 3.62 -42.70 64.76
N VAL C 276 3.88 -41.59 64.07
CA VAL C 276 5.25 -41.12 63.89
C VAL C 276 5.70 -40.35 65.11
N LYS C 277 7.00 -40.03 65.16
CA LYS C 277 7.59 -39.30 66.28
C LYS C 277 7.80 -37.82 65.99
N LEU C 278 7.87 -37.43 64.72
CA LEU C 278 8.16 -36.05 64.35
C LEU C 278 7.62 -35.78 62.96
N ASN C 279 6.91 -34.68 62.81
CA ASN C 279 6.35 -34.27 61.53
C ASN C 279 7.29 -33.24 60.91
N LEU C 280 7.79 -33.53 59.72
CA LEU C 280 8.67 -32.62 59.00
C LEU C 280 7.82 -31.89 57.96
N VAL C 281 7.62 -30.59 58.17
CA VAL C 281 6.74 -29.77 57.34
C VAL C 281 7.59 -28.97 56.37
N HIS C 282 7.40 -29.22 55.07
CA HIS C 282 8.01 -28.39 54.03
C HIS C 282 7.12 -27.21 53.68
N CYS C 283 5.92 -27.49 53.17
CA CYS C 283 4.95 -26.46 52.86
C CYS C 283 4.18 -26.10 54.12
N TYR C 284 4.63 -25.04 54.79
CA TYR C 284 3.90 -24.55 55.96
C TYR C 284 2.51 -24.06 55.59
N ARG C 285 2.39 -23.34 54.47
CA ARG C 285 1.11 -22.73 54.11
C ARG C 285 0.00 -23.76 54.03
N SER C 286 0.22 -24.86 53.31
CA SER C 286 -0.84 -25.79 53.00
C SER C 286 -1.08 -26.84 54.09
N MET C 287 -0.10 -27.09 54.96
CA MET C 287 -0.18 -28.23 55.85
C MET C 287 -0.02 -27.90 57.34
N ASN C 288 0.20 -26.64 57.71
CA ASN C 288 0.39 -26.34 59.12
C ASN C 288 -0.85 -26.65 59.94
N TYR C 289 -2.04 -26.64 59.32
CA TYR C 289 -3.27 -26.88 60.07
C TYR C 289 -3.30 -28.31 60.62
N ILE C 290 -3.02 -29.29 59.77
CA ILE C 290 -3.03 -30.69 60.22
C ILE C 290 -1.85 -30.94 61.14
N SER C 291 -0.76 -30.21 60.98
CA SER C 291 0.39 -30.37 61.87
C SER C 291 0.03 -29.98 63.29
N ARG C 292 -0.57 -28.79 63.47
CA ARG C 292 -0.97 -28.35 64.80
C ARG C 292 -1.96 -29.32 65.41
N HIS C 293 -2.91 -29.81 64.61
CA HIS C 293 -3.91 -30.76 65.11
C HIS C 293 -3.25 -32.04 65.61
N MET C 294 -2.18 -32.48 64.94
CA MET C 294 -1.54 -33.73 65.32
C MET C 294 -0.65 -33.56 66.55
N GLU C 295 -0.12 -32.36 66.76
CA GLU C 295 0.54 -32.05 68.03
C GLU C 295 -0.46 -32.06 69.18
N GLU C 296 -1.59 -31.39 68.98
CA GLU C 296 -2.58 -31.25 70.05
C GLU C 296 -3.19 -32.59 70.42
N LYS C 297 -3.55 -33.42 69.44
CA LYS C 297 -4.26 -34.66 69.71
C LYS C 297 -3.32 -35.82 70.04
N TYR C 298 -2.25 -36.00 69.27
CA TYR C 298 -1.37 -37.15 69.43
C TYR C 298 -0.05 -36.83 70.12
N GLY C 299 0.24 -35.55 70.36
CA GLY C 299 1.49 -35.17 70.98
C GLY C 299 2.69 -35.23 70.07
N ILE C 300 2.49 -35.15 68.76
CA ILE C 300 3.57 -35.25 67.78
C ILE C 300 4.09 -33.84 67.51
N PRO C 301 5.37 -33.56 67.75
CA PRO C 301 5.91 -32.25 67.38
C PRO C 301 6.09 -32.13 65.87
N TRP C 302 6.22 -30.89 65.40
CA TRP C 302 6.48 -30.64 64.00
C TRP C 302 7.50 -29.51 63.87
N MET C 303 8.26 -29.55 62.79
CA MET C 303 9.23 -28.50 62.49
C MET C 303 9.20 -28.19 61.01
N GLU C 304 9.48 -26.94 60.68
CA GLU C 304 9.61 -26.51 59.29
C GLU C 304 11.06 -26.69 58.85
N TYR C 305 11.24 -27.11 57.60
CA TYR C 305 12.57 -27.33 57.04
C TYR C 305 12.58 -26.89 55.59
N ASN C 306 13.78 -26.87 55.01
CA ASN C 306 13.99 -26.33 53.67
C ASN C 306 15.02 -27.18 52.96
N PHE C 307 14.63 -27.77 51.82
CA PHE C 307 15.50 -28.63 51.04
C PHE C 307 15.79 -28.02 49.67
N PHE C 308 15.77 -26.69 49.57
CA PHE C 308 16.14 -25.98 48.35
C PHE C 308 17.59 -25.49 48.49
N GLY C 309 18.49 -26.08 47.69
CA GLY C 309 19.86 -25.66 47.67
C GLY C 309 20.67 -26.32 48.77
N PRO C 310 21.98 -26.43 48.57
CA PRO C 310 22.80 -27.14 49.58
C PRO C 310 22.80 -26.45 50.93
N THR C 311 22.91 -25.13 50.94
CA THR C 311 23.03 -24.42 52.22
C THR C 311 21.84 -24.71 53.12
N LYS C 312 20.63 -24.56 52.58
CA LYS C 312 19.44 -24.82 53.40
C LYS C 312 19.28 -26.31 53.68
N THR C 313 19.63 -27.16 52.72
CA THR C 313 19.47 -28.60 52.93
C THR C 313 20.39 -29.10 54.05
N ILE C 314 21.63 -28.63 54.09
CA ILE C 314 22.53 -29.02 55.17
C ILE C 314 22.00 -28.53 56.51
N GLU C 315 21.57 -27.27 56.57
CA GLU C 315 21.05 -26.71 57.82
C GLU C 315 19.80 -27.45 58.26
N SER C 316 18.96 -27.86 57.31
CA SER C 316 17.75 -28.59 57.65
C SER C 316 18.07 -30.00 58.14
N LEU C 317 18.97 -30.71 57.43
CA LEU C 317 19.36 -32.04 57.86
C LEU C 317 19.92 -32.03 59.28
N ARG C 318 20.78 -31.06 59.59
CA ARG C 318 21.37 -31.00 60.92
C ARG C 318 20.34 -30.64 61.98
N ALA C 319 19.36 -29.81 61.63
CA ALA C 319 18.31 -29.44 62.58
C ALA C 319 17.39 -30.61 62.88
N ILE C 320 17.09 -31.43 61.85
CA ILE C 320 16.24 -32.59 62.05
C ILE C 320 16.97 -33.64 62.89
N ALA C 321 18.25 -33.87 62.59
CA ALA C 321 19.01 -34.89 63.30
C ALA C 321 19.19 -34.53 64.77
N ALA C 322 19.31 -33.24 65.09
CA ALA C 322 19.48 -32.83 66.48
C ALA C 322 18.31 -33.25 67.35
N LYS C 323 17.13 -33.49 66.75
CA LYS C 323 15.96 -33.90 67.51
C LYS C 323 16.00 -35.36 67.91
N PHE C 324 16.96 -36.13 67.39
CA PHE C 324 17.13 -37.53 67.72
C PHE C 324 18.46 -37.70 68.47
N ASP C 325 18.99 -38.93 68.47
CA ASP C 325 20.12 -39.26 69.32
C ASP C 325 21.44 -39.05 68.59
N GLU C 326 22.54 -39.46 69.23
CA GLU C 326 23.87 -39.24 68.67
C GLU C 326 24.08 -40.05 67.39
N SER C 327 23.42 -41.21 67.27
CA SER C 327 23.61 -42.04 66.09
C SER C 327 23.06 -41.39 64.84
N ILE C 328 21.87 -40.76 64.94
CA ILE C 328 21.29 -40.07 63.80
C ILE C 328 22.18 -38.91 63.40
N GLN C 329 22.63 -38.11 64.38
CA GLN C 329 23.52 -37.01 64.09
C GLN C 329 24.79 -37.47 63.39
N LYS C 330 25.27 -38.67 63.73
CA LYS C 330 26.47 -39.21 63.09
C LYS C 330 26.20 -39.51 61.62
N LYS C 331 25.08 -40.18 61.33
CA LYS C 331 24.71 -40.43 59.94
C LYS C 331 24.43 -39.13 59.21
N CYS C 332 23.99 -38.09 59.93
CA CYS C 332 23.75 -36.80 59.28
C CYS C 332 25.05 -36.24 58.71
N GLU C 333 26.11 -36.17 59.53
CA GLU C 333 27.38 -35.66 59.05
C GLU C 333 27.98 -36.56 57.99
N GLU C 334 27.65 -37.85 58.01
CA GLU C 334 28.12 -38.76 56.96
C GLU C 334 27.40 -38.49 55.64
N VAL C 335 26.11 -38.16 55.71
CA VAL C 335 25.37 -37.78 54.50
C VAL C 335 25.97 -36.51 53.91
N ILE C 336 26.21 -35.49 54.73
CA ILE C 336 26.75 -34.23 54.22
C ILE C 336 28.09 -34.47 53.54
N ALA C 337 28.93 -35.32 54.13
CA ALA C 337 30.25 -35.58 53.55
C ALA C 337 30.13 -36.28 52.20
N LYS C 338 29.19 -37.22 52.08
CA LYS C 338 29.03 -37.94 50.82
C LYS C 338 28.70 -36.98 49.68
N TYR C 339 27.75 -36.08 49.91
CA TYR C 339 27.23 -35.21 48.86
C TYR C 339 28.03 -33.93 48.70
N LYS C 340 28.92 -33.62 49.63
CA LYS C 340 29.74 -32.41 49.53
C LYS C 340 30.44 -32.27 48.18
N PRO C 341 31.18 -33.27 47.68
CA PRO C 341 31.83 -33.09 46.37
C PRO C 341 30.84 -32.89 45.25
N GLU C 342 29.60 -33.37 45.40
CA GLU C 342 28.64 -33.32 44.31
C GLU C 342 28.08 -31.91 44.12
N TRP C 343 27.61 -31.28 45.19
CA TRP C 343 27.05 -29.94 45.05
C TRP C 343 28.14 -28.90 44.88
N GLU C 344 29.34 -29.15 45.40
CA GLU C 344 30.47 -28.26 45.15
C GLU C 344 30.86 -28.27 43.68
N ALA C 345 30.71 -29.42 43.01
CA ALA C 345 30.97 -29.48 41.58
C ALA C 345 29.89 -28.72 40.80
N VAL C 346 28.65 -28.78 41.27
CA VAL C 346 27.58 -28.01 40.64
C VAL C 346 27.84 -26.53 40.79
N VAL C 347 28.23 -26.09 41.99
CA VAL C 347 28.56 -24.69 42.21
C VAL C 347 29.70 -24.26 41.31
N ALA C 348 30.77 -25.08 41.27
CA ALA C 348 31.96 -24.71 40.53
C ALA C 348 31.66 -24.52 39.05
N LYS C 349 30.74 -25.32 38.50
CA LYS C 349 30.43 -25.25 37.08
C LYS C 349 29.51 -24.08 36.76
N TYR C 350 28.46 -23.89 37.54
CA TYR C 350 27.34 -23.03 37.15
C TYR C 350 27.34 -21.66 37.82
N ARG C 351 27.86 -21.54 39.03
CA ARG C 351 27.90 -20.22 39.66
C ARG C 351 28.64 -19.20 38.82
N PRO C 352 29.79 -19.51 38.22
CA PRO C 352 30.45 -18.51 37.36
C PRO C 352 29.57 -18.06 36.18
N ARG C 353 28.69 -18.92 35.70
CA ARG C 353 27.79 -18.58 34.61
C ARG C 353 26.58 -17.76 35.08
N LEU C 354 26.35 -17.68 36.40
CA LEU C 354 25.15 -17.07 36.93
C LEU C 354 25.45 -15.99 37.96
N GLU C 355 26.70 -15.82 38.38
CA GLU C 355 27.05 -14.89 39.44
C GLU C 355 26.55 -13.48 39.12
N GLY C 356 25.89 -12.87 40.10
CA GLY C 356 25.44 -11.51 39.97
C GLY C 356 24.12 -11.31 39.24
N LYS C 357 23.60 -12.34 38.59
CA LYS C 357 22.34 -12.21 37.89
C LYS C 357 21.20 -12.02 38.87
N ARG C 358 20.21 -11.22 38.46
CA ARG C 358 19.13 -10.79 39.33
C ARG C 358 17.83 -11.46 38.91
N VAL C 359 17.05 -11.91 39.90
CA VAL C 359 15.87 -12.73 39.68
C VAL C 359 14.69 -12.06 40.34
N MET C 360 13.54 -12.09 39.66
CA MET C 360 12.26 -11.71 40.25
C MET C 360 11.36 -12.94 40.27
N LEU C 361 10.73 -13.19 41.42
CA LEU C 361 9.89 -14.35 41.62
C LEU C 361 8.46 -13.91 41.88
N TYR C 362 7.50 -14.75 41.47
CA TYR C 362 6.11 -14.61 41.88
C TYR C 362 5.47 -15.99 41.81
N ILE C 363 5.15 -16.56 42.97
CA ILE C 363 4.58 -17.91 43.01
C ILE C 363 3.43 -17.90 44.02
N GLY C 364 3.30 -18.96 44.80
CA GLY C 364 2.07 -19.19 45.56
C GLY C 364 2.08 -18.86 47.03
N GLY C 365 2.70 -19.70 47.86
CA GLY C 365 2.61 -19.52 49.30
C GLY C 365 3.80 -20.05 50.09
N LEU C 366 4.80 -20.58 49.39
CA LEU C 366 5.99 -21.10 50.05
C LEU C 366 7.25 -20.77 49.26
N ARG C 367 7.29 -21.20 48.00
CA ARG C 367 8.51 -21.06 47.22
C ARG C 367 9.01 -19.63 47.06
N PRO C 368 8.17 -18.59 47.09
CA PRO C 368 8.72 -17.23 46.93
C PRO C 368 9.76 -16.84 47.98
N ARG C 369 9.79 -17.51 49.13
CA ARG C 369 10.87 -17.35 50.10
C ARG C 369 11.76 -18.57 50.21
N HIS C 370 11.26 -19.75 49.84
CA HIS C 370 11.93 -21.00 50.16
C HIS C 370 13.11 -21.25 49.24
N VAL C 371 13.08 -20.74 48.01
CA VAL C 371 14.12 -21.00 47.03
C VAL C 371 15.21 -19.93 47.00
N ILE C 372 15.11 -18.89 47.83
CA ILE C 372 16.08 -17.80 47.77
C ILE C 372 17.48 -18.32 48.10
N GLY C 373 17.56 -19.22 49.07
CA GLY C 373 18.87 -19.77 49.43
C GLY C 373 19.50 -20.54 48.29
N ALA C 374 18.68 -21.24 47.50
CA ALA C 374 19.21 -21.95 46.34
C ALA C 374 19.80 -20.99 45.32
N TYR C 375 19.07 -19.91 45.01
CA TYR C 375 19.61 -18.92 44.09
C TYR C 375 20.89 -18.30 44.64
N GLU C 376 20.92 -18.03 45.94
CA GLU C 376 22.09 -17.40 46.55
C GLU C 376 23.30 -18.33 46.56
N ASP C 377 23.06 -19.64 46.62
CA ASP C 377 24.17 -20.58 46.48
C ASP C 377 24.78 -20.55 45.08
N LEU C 378 24.08 -19.98 44.10
CA LEU C 378 24.61 -19.81 42.76
C LEU C 378 25.02 -18.37 42.48
N GLY C 379 25.08 -17.53 43.51
CA GLY C 379 25.53 -16.16 43.34
C GLY C 379 24.51 -15.23 42.73
N MET C 380 23.24 -15.63 42.69
CA MET C 380 22.17 -14.79 42.15
C MET C 380 21.53 -14.00 43.28
N GLU C 381 20.85 -12.92 42.91
CA GLU C 381 20.22 -12.01 43.86
C GLU C 381 18.74 -11.92 43.53
N VAL C 382 17.90 -12.27 44.50
CA VAL C 382 16.46 -12.12 44.34
C VAL C 382 16.12 -10.67 44.65
N VAL C 383 15.84 -9.89 43.59
CA VAL C 383 15.54 -8.46 43.76
C VAL C 383 14.05 -8.20 43.95
N GLY C 384 13.21 -9.20 43.72
CA GLY C 384 11.78 -9.07 43.97
C GLY C 384 11.10 -10.41 44.12
N THR C 385 10.12 -10.50 45.02
CA THR C 385 9.36 -11.72 45.21
C THR C 385 7.94 -11.37 45.64
N GLY C 386 7.06 -12.37 45.59
CA GLY C 386 5.69 -12.17 46.02
C GLY C 386 4.93 -13.47 45.97
N TYR C 387 3.74 -13.44 46.57
CA TYR C 387 2.88 -14.60 46.69
C TYR C 387 1.50 -14.31 46.08
N GLU C 388 0.88 -15.37 45.54
CA GLU C 388 -0.51 -15.28 45.12
C GLU C 388 -1.45 -15.18 46.33
N PHE C 389 -1.23 -16.01 47.35
CA PHE C 389 -2.26 -16.24 48.37
C PHE C 389 -1.70 -16.43 49.78
N ALA C 390 -0.45 -16.08 50.01
CA ALA C 390 0.14 -16.29 51.33
C ALA C 390 -0.57 -15.44 52.37
N HIS C 391 -0.40 -15.83 53.64
CA HIS C 391 -0.86 -15.05 54.77
C HIS C 391 0.30 -14.25 55.33
N ASN C 392 0.04 -13.49 56.40
CA ASN C 392 1.08 -12.62 56.93
C ASN C 392 2.16 -13.39 57.69
N ASP C 393 1.85 -14.57 58.21
CA ASP C 393 2.91 -15.39 58.82
C ASP C 393 3.84 -15.99 57.77
N ASP C 394 3.41 -16.08 56.51
CA ASP C 394 4.36 -16.37 55.44
C ASP C 394 5.27 -15.18 55.18
N TYR C 395 4.71 -13.96 55.21
CA TYR C 395 5.50 -12.76 55.00
C TYR C 395 6.38 -12.45 56.20
N ASP C 396 5.94 -12.83 57.41
CA ASP C 396 6.84 -12.79 58.57
C ASP C 396 8.12 -13.55 58.27
N ARG C 397 8.00 -14.75 57.70
CA ARG C 397 9.16 -15.59 57.42
C ARG C 397 9.94 -15.15 56.19
N THR C 398 9.40 -14.22 55.39
CA THR C 398 10.02 -13.86 54.12
C THR C 398 11.02 -12.71 54.25
N MET C 399 10.67 -11.69 55.04
CA MET C 399 11.41 -10.43 54.97
C MET C 399 12.82 -10.59 55.52
N LYS C 400 13.04 -11.52 56.45
CA LYS C 400 14.40 -11.78 56.93
C LYS C 400 15.22 -12.53 55.88
N GLU C 401 14.57 -13.11 54.87
CA GLU C 401 15.23 -13.85 53.80
C GLU C 401 15.50 -13.01 52.56
N MET C 402 14.94 -11.81 52.47
CA MET C 402 15.10 -10.94 51.31
C MET C 402 16.02 -9.79 51.61
N GLY C 403 16.72 -9.32 50.58
CA GLY C 403 17.62 -8.19 50.73
C GLY C 403 16.90 -6.90 51.01
N ASP C 404 17.66 -5.92 51.52
CA ASP C 404 17.07 -4.64 51.88
C ASP C 404 16.69 -3.86 50.63
N SER C 405 15.53 -3.18 50.71
CA SER C 405 15.00 -2.34 49.63
C SER C 405 14.63 -3.14 48.39
N THR C 406 14.41 -4.46 48.53
CA THR C 406 13.85 -5.24 47.43
C THR C 406 12.33 -5.07 47.41
N LEU C 407 11.71 -5.51 46.32
CA LEU C 407 10.30 -5.26 46.06
C LEU C 407 9.45 -6.48 46.41
N LEU C 408 8.40 -6.24 47.20
CA LEU C 408 7.47 -7.27 47.62
C LEU C 408 6.09 -6.96 47.07
N TYR C 409 5.38 -8.00 46.61
CA TYR C 409 4.04 -7.83 46.05
C TYR C 409 3.16 -9.02 46.39
N ASP C 410 2.01 -8.73 47.03
CA ASP C 410 1.01 -9.75 47.36
C ASP C 410 -0.14 -9.68 46.37
N ASP C 411 -0.56 -10.85 45.88
CA ASP C 411 -1.63 -10.95 44.88
C ASP C 411 -1.42 -9.92 43.76
N VAL C 412 -0.22 -9.93 43.19
CA VAL C 412 0.12 -8.92 42.20
C VAL C 412 -0.80 -9.03 40.99
N THR C 413 -1.09 -7.89 40.38
CA THR C 413 -1.91 -7.83 39.18
C THR C 413 -1.02 -7.93 37.95
N GLY C 414 -1.64 -8.34 36.83
CA GLY C 414 -0.89 -8.45 35.59
C GLY C 414 -0.25 -7.13 35.18
N TYR C 415 -0.99 -6.02 35.34
CA TYR C 415 -0.43 -4.72 35.01
C TYR C 415 0.75 -4.38 35.91
N GLU C 416 0.60 -4.59 37.22
CA GLU C 416 1.69 -4.30 38.14
C GLU C 416 2.94 -5.08 37.77
N PHE C 417 2.78 -6.39 37.57
CA PHE C 417 3.96 -7.23 37.40
C PHE C 417 4.77 -6.81 36.18
N GLU C 418 4.09 -6.54 35.07
CA GLU C 418 4.78 -6.11 33.86
C GLU C 418 5.51 -4.79 34.09
N GLU C 419 4.85 -3.83 34.75
CA GLU C 419 5.44 -2.51 34.94
C GLU C 419 6.66 -2.58 35.86
N PHE C 420 6.57 -3.37 36.93
CA PHE C 420 7.73 -3.56 37.81
C PHE C 420 8.91 -4.12 37.03
N VAL C 421 8.65 -5.15 36.21
CA VAL C 421 9.72 -5.80 35.46
C VAL C 421 10.33 -4.84 34.44
N LYS C 422 9.50 -4.04 33.77
CA LYS C 422 10.03 -3.06 32.82
C LYS C 422 11.02 -2.12 33.49
N ARG C 423 10.73 -1.71 34.73
CA ARG C 423 11.58 -0.78 35.44
C ARG C 423 12.78 -1.48 36.04
N ILE C 424 12.56 -2.63 36.69
CA ILE C 424 13.63 -3.31 37.40
C ILE C 424 14.58 -4.03 36.44
N LYS C 425 14.08 -4.49 35.31
CA LYS C 425 14.89 -5.16 34.29
C LYS C 425 15.68 -6.33 34.87
N PRO C 426 15.01 -7.33 35.42
CA PRO C 426 15.72 -8.49 35.95
C PRO C 426 16.32 -9.32 34.81
N ASP C 427 17.34 -10.09 35.16
CA ASP C 427 17.95 -11.01 34.21
C ASP C 427 17.13 -12.28 34.02
N LEU C 428 16.29 -12.63 35.00
CA LEU C 428 15.51 -13.86 34.95
C LEU C 428 14.27 -13.69 35.83
N ILE C 429 13.14 -14.22 35.36
CA ILE C 429 11.90 -14.22 36.12
C ILE C 429 11.47 -15.66 36.34
N GLY C 430 10.95 -15.94 37.54
CA GLY C 430 10.40 -17.25 37.83
C GLY C 430 8.96 -17.19 38.30
N SER C 431 8.03 -17.74 37.51
CA SER C 431 6.62 -17.69 37.87
C SER C 431 5.83 -18.84 37.25
N GLY C 432 4.56 -18.60 36.92
CA GLY C 432 3.67 -19.63 36.45
C GLY C 432 3.43 -19.61 34.94
N ILE C 433 2.52 -20.49 34.51
CA ILE C 433 2.28 -20.67 33.08
C ILE C 433 1.57 -19.45 32.49
N LYS C 434 0.73 -18.79 33.27
CA LYS C 434 0.03 -17.60 32.78
C LYS C 434 0.95 -16.41 32.61
N GLU C 435 2.16 -16.47 33.19
CA GLU C 435 3.14 -15.41 33.11
C GLU C 435 4.23 -15.69 32.08
N LYS C 436 4.55 -16.96 31.86
CA LYS C 436 5.75 -17.33 31.12
C LYS C 436 5.84 -16.58 29.79
N PHE C 437 4.82 -16.70 28.97
CA PHE C 437 4.93 -16.25 27.59
C PHE C 437 4.84 -14.73 27.45
N ILE C 438 4.31 -14.03 28.46
CA ILE C 438 4.36 -12.56 28.44
C ILE C 438 5.80 -12.09 28.40
N PHE C 439 6.63 -12.58 29.32
CA PHE C 439 7.98 -12.07 29.50
C PHE C 439 8.98 -12.62 28.50
N GLN C 440 8.70 -13.77 27.89
CA GLN C 440 9.53 -14.23 26.79
C GLN C 440 9.36 -13.34 25.57
N LYS C 441 8.16 -12.81 25.33
CA LYS C 441 7.99 -11.81 24.28
C LYS C 441 8.87 -10.59 24.58
N MET C 442 8.97 -10.22 25.86
CA MET C 442 9.81 -9.10 26.29
C MET C 442 11.29 -9.41 26.21
N GLY C 443 11.66 -10.65 25.90
CA GLY C 443 13.07 -11.00 25.84
C GLY C 443 13.70 -11.21 27.20
N ILE C 444 12.92 -11.60 28.18
CA ILE C 444 13.42 -11.83 29.53
C ILE C 444 13.39 -13.32 29.81
N PRO C 445 14.53 -13.97 30.03
CA PRO C 445 14.52 -15.40 30.37
C PRO C 445 13.52 -15.69 31.48
N PHE C 446 12.81 -16.81 31.34
CA PHE C 446 11.74 -17.18 32.26
C PHE C 446 11.87 -18.65 32.59
N ARG C 447 11.69 -18.99 33.87
CA ARG C 447 11.59 -20.37 34.33
C ARG C 447 10.29 -20.55 35.09
N GLN C 448 9.56 -21.59 34.73
CA GLN C 448 8.33 -21.90 35.47
C GLN C 448 8.77 -22.44 36.83
N MET C 449 8.31 -21.79 37.89
CA MET C 449 8.64 -22.20 39.25
C MET C 449 7.50 -22.95 39.93
N HIS C 450 6.44 -23.30 39.20
CA HIS C 450 5.45 -24.26 39.68
C HIS C 450 5.71 -25.65 39.11
N SER C 451 5.71 -25.77 37.78
CA SER C 451 5.88 -27.04 37.08
C SER C 451 7.35 -27.42 36.89
N TRP C 452 8.29 -26.58 37.33
CA TRP C 452 9.71 -26.73 37.02
C TRP C 452 9.99 -26.75 35.51
N ASP C 453 9.06 -26.22 34.71
CA ASP C 453 9.17 -26.28 33.26
C ASP C 453 9.39 -27.72 32.80
N TYR C 454 8.65 -28.64 33.42
CA TYR C 454 8.63 -30.06 33.05
C TYR C 454 9.99 -30.71 33.25
N SER C 455 10.78 -30.14 34.16
CA SER C 455 12.06 -30.69 34.58
C SER C 455 11.98 -31.01 36.07
N GLY C 456 13.11 -30.98 36.77
CA GLY C 456 13.14 -31.29 38.18
C GLY C 456 13.54 -32.73 38.42
N PRO C 457 13.62 -33.15 39.69
CA PRO C 457 13.32 -32.43 40.93
C PRO C 457 14.29 -31.30 41.25
N TYR C 458 13.88 -30.37 42.12
CA TYR C 458 14.77 -29.34 42.63
C TYR C 458 15.07 -29.51 44.12
N HIS C 459 14.33 -30.36 44.83
CA HIS C 459 14.59 -30.59 46.24
C HIS C 459 15.83 -31.45 46.41
N GLY C 460 16.53 -31.24 47.52
CA GLY C 460 17.65 -32.08 47.87
C GLY C 460 18.91 -31.76 47.08
N PHE C 461 19.92 -32.62 47.29
CA PHE C 461 21.19 -32.46 46.61
C PHE C 461 21.08 -32.82 45.13
N ASP C 462 20.38 -33.92 44.83
CA ASP C 462 20.18 -34.29 43.43
C ASP C 462 19.29 -33.27 42.72
N GLY C 463 18.43 -32.58 43.45
CA GLY C 463 17.62 -31.53 42.83
C GLY C 463 18.38 -30.26 42.56
N PHE C 464 19.42 -29.97 43.35
CA PHE C 464 20.19 -28.75 43.13
C PHE C 464 20.95 -28.80 41.80
N ALA C 465 21.47 -29.97 41.45
CA ALA C 465 22.19 -30.11 40.18
C ALA C 465 21.27 -29.79 39.00
N ILE C 466 20.02 -30.22 39.08
CA ILE C 466 19.06 -29.96 38.00
C ILE C 466 18.65 -28.50 38.02
N PHE C 467 18.38 -27.96 39.20
CA PHE C 467 18.03 -26.55 39.36
C PHE C 467 19.05 -25.64 38.70
N ALA C 468 20.34 -25.85 39.02
CA ALA C 468 21.36 -24.99 38.43
C ALA C 468 21.41 -25.15 36.92
N ARG C 469 21.39 -26.40 36.43
CA ARG C 469 21.45 -26.62 34.98
C ARG C 469 20.33 -25.89 34.26
N ASP C 470 19.12 -25.91 34.84
CA ASP C 470 17.97 -25.27 34.21
C ASP C 470 18.12 -23.76 34.18
N MET C 471 18.54 -23.16 35.30
CA MET C 471 18.72 -21.72 35.33
C MET C 471 19.78 -21.28 34.33
N ASP C 472 20.86 -22.04 34.22
CA ASP C 472 21.92 -21.69 33.26
C ASP C 472 21.41 -21.82 31.83
N MET C 473 20.75 -22.94 31.51
CA MET C 473 20.34 -23.16 30.13
C MET C 473 19.37 -22.08 29.65
N THR C 474 18.54 -21.56 30.54
CA THR C 474 17.54 -20.57 30.13
C THR C 474 18.14 -19.16 30.13
N LEU C 475 18.76 -18.76 31.25
CA LEU C 475 19.29 -17.41 31.35
C LEU C 475 20.32 -17.12 30.26
N ASN C 476 21.21 -18.08 29.98
CA ASN C 476 22.31 -17.87 29.06
C ASN C 476 22.04 -18.44 27.67
N ASN C 477 20.78 -18.68 27.33
CA ASN C 477 20.48 -19.32 26.04
C ASN C 477 20.72 -18.34 24.88
N PRO C 478 21.19 -18.84 23.74
CA PRO C 478 21.46 -17.95 22.60
C PRO C 478 20.24 -17.26 22.02
N CYS C 479 19.03 -17.78 22.26
CA CYS C 479 17.85 -17.19 21.64
C CYS C 479 17.65 -15.74 22.08
N TRP C 480 18.04 -15.42 23.31
CA TRP C 480 17.74 -14.09 23.88
C TRP C 480 18.58 -12.98 23.28
N LYS C 481 19.60 -13.29 22.49
CA LYS C 481 20.42 -12.28 21.87
C LYS C 481 19.90 -11.87 20.49
N LYS C 482 18.72 -12.36 20.09
CA LYS C 482 18.29 -12.30 18.70
C LYS C 482 16.94 -11.62 18.49
N LEU C 483 16.38 -10.97 19.52
CA LEU C 483 15.02 -10.48 19.39
C LEU C 483 14.92 -9.26 18.47
N GLN C 484 15.96 -8.43 18.42
CA GLN C 484 15.95 -7.23 17.58
C GLN C 484 16.42 -7.59 16.18
N ALA C 485 15.62 -7.26 15.18
CA ALA C 485 16.04 -7.45 13.81
C ALA C 485 17.29 -6.63 13.54
N PRO C 486 18.30 -7.19 12.87
CA PRO C 486 19.54 -6.43 12.65
C PRO C 486 19.35 -5.17 11.81
N TRP C 487 18.26 -5.07 11.04
CA TRP C 487 17.99 -3.85 10.28
C TRP C 487 17.13 -2.86 11.05
N GLU C 488 16.93 -3.07 12.35
CA GLU C 488 16.10 -2.19 13.18
C GLU C 488 16.89 -1.56 14.32
N SER D 2 22.40 -39.58 44.00
CA SER D 2 23.66 -38.94 43.65
C SER D 2 23.65 -38.47 42.19
N GLN D 3 24.53 -37.51 41.87
CA GLN D 3 24.58 -36.91 40.54
C GLN D 3 26.02 -36.80 40.06
N GLN D 4 26.21 -37.03 38.76
CA GLN D 4 27.46 -36.73 38.07
C GLN D 4 27.30 -35.37 37.41
N VAL D 5 28.20 -34.43 37.73
CA VAL D 5 27.97 -33.03 37.35
C VAL D 5 27.94 -32.84 35.83
N ASP D 6 28.67 -33.66 35.08
CA ASP D 6 28.72 -33.52 33.63
C ASP D 6 27.65 -34.32 32.91
N LYS D 7 26.83 -35.08 33.65
CA LYS D 7 25.73 -35.85 33.06
C LYS D 7 24.58 -35.84 34.06
N ILE D 8 24.02 -34.66 34.30
CA ILE D 8 22.96 -34.50 35.30
C ILE D 8 21.68 -35.16 34.80
N LYS D 9 21.05 -35.94 35.69
CA LYS D 9 19.83 -36.69 35.37
C LYS D 9 18.62 -35.99 35.97
N ALA D 10 17.57 -35.81 35.17
CA ALA D 10 16.29 -35.37 35.69
C ALA D 10 15.51 -36.58 36.21
N SER D 11 14.27 -36.33 36.66
CA SER D 11 13.48 -37.36 37.32
C SER D 11 13.56 -38.68 36.54
N TYR D 12 13.41 -38.62 35.23
CA TYR D 12 13.83 -39.74 34.40
C TYR D 12 15.18 -39.42 33.78
N PRO D 13 16.20 -40.29 33.93
CA PRO D 13 16.20 -41.60 34.59
C PRO D 13 16.81 -41.61 36.00
N LEU D 14 16.83 -40.47 36.68
CA LEU D 14 17.41 -40.42 38.02
C LEU D 14 16.84 -41.52 38.90
N PHE D 15 15.50 -41.58 39.01
CA PHE D 15 14.85 -42.47 39.97
C PHE D 15 14.89 -43.93 39.55
N LEU D 16 15.59 -44.26 38.47
CA LEU D 16 15.95 -45.64 38.15
C LEU D 16 17.30 -46.03 38.76
N ASP D 17 18.01 -45.09 39.39
CA ASP D 17 19.19 -45.45 40.13
C ASP D 17 18.82 -46.45 41.24
N GLN D 18 19.79 -47.28 41.60
CA GLN D 18 19.48 -48.40 42.50
C GLN D 18 19.05 -47.92 43.87
N ASP D 19 19.70 -46.87 44.39
CA ASP D 19 19.34 -46.42 45.74
C ASP D 19 17.93 -45.83 45.78
N TYR D 20 17.47 -45.23 44.68
CA TYR D 20 16.09 -44.76 44.61
C TYR D 20 15.11 -45.91 44.46
N LYS D 21 15.45 -46.91 43.64
CA LYS D 21 14.60 -48.09 43.52
C LYS D 21 14.44 -48.79 44.87
N ASP D 22 15.55 -49.00 45.59
CA ASP D 22 15.49 -49.66 46.88
C ASP D 22 14.63 -48.87 47.86
N MET D 23 14.79 -47.55 47.85
CA MET D 23 13.99 -46.69 48.72
C MET D 23 12.49 -46.83 48.43
N LEU D 24 12.12 -46.71 47.15
CA LEU D 24 10.70 -46.78 46.80
C LEU D 24 10.12 -48.17 47.06
N ALA D 25 10.95 -49.20 47.00
CA ALA D 25 10.51 -50.54 47.41
C ALA D 25 10.17 -50.57 48.89
N LYS D 26 11.07 -50.02 49.72
CA LYS D 26 10.80 -49.99 51.16
C LYS D 26 9.60 -49.11 51.48
N LYS D 27 9.39 -48.04 50.70
CA LYS D 27 8.22 -47.20 50.91
C LYS D 27 6.94 -47.99 50.66
N ARG D 28 6.90 -48.73 49.56
CA ARG D 28 5.71 -49.51 49.24
C ARG D 28 5.44 -50.57 50.29
N ASP D 29 6.44 -51.42 50.58
CA ASP D 29 6.21 -52.54 51.46
C ASP D 29 5.96 -52.11 52.90
N GLY D 30 6.55 -50.99 53.32
CA GLY D 30 6.41 -50.55 54.69
C GLY D 30 5.08 -49.91 55.02
N PHE D 31 4.57 -49.06 54.14
CA PHE D 31 3.51 -48.13 54.53
C PHE D 31 2.40 -47.92 53.52
N GLU D 32 2.50 -48.46 52.31
CA GLU D 32 1.47 -48.21 51.29
C GLU D 32 0.36 -49.25 51.30
N GLU D 33 0.56 -50.38 51.98
CA GLU D 33 -0.45 -51.43 52.05
C GLU D 33 -1.03 -51.70 50.67
N LYS D 34 -0.11 -51.82 49.71
CA LYS D 34 -0.44 -51.94 48.30
C LYS D 34 -0.99 -53.32 47.98
N TYR D 35 -1.88 -53.37 47.00
CA TYR D 35 -2.42 -54.66 46.57
C TYR D 35 -1.29 -55.50 45.96
N PRO D 36 -1.32 -56.82 46.16
CA PRO D 36 -0.26 -57.65 45.58
C PRO D 36 -0.23 -57.53 44.07
N GLN D 37 0.97 -57.62 43.50
CA GLN D 37 1.11 -57.37 42.07
C GLN D 37 0.27 -58.34 41.25
N ASP D 38 0.10 -59.58 41.74
CA ASP D 38 -0.72 -60.55 41.02
C ASP D 38 -2.16 -60.04 40.89
N LYS D 39 -2.70 -59.47 41.97
CA LYS D 39 -4.06 -58.92 41.92
C LYS D 39 -4.13 -57.73 40.98
N ILE D 40 -3.11 -56.86 41.00
CA ILE D 40 -3.10 -55.70 40.13
C ILE D 40 -3.13 -56.14 38.67
N ASP D 41 -2.29 -57.12 38.32
CA ASP D 41 -2.25 -57.65 36.96
C ASP D 41 -3.57 -58.34 36.60
N GLU D 42 -4.17 -59.05 37.56
CA GLU D 42 -5.43 -59.73 37.31
C GLU D 42 -6.55 -58.71 37.05
N VAL D 43 -6.56 -57.60 37.80
CA VAL D 43 -7.61 -56.61 37.63
C VAL D 43 -7.43 -55.84 36.33
N PHE D 44 -6.19 -55.47 36.00
CA PHE D 44 -5.94 -54.79 34.74
C PHE D 44 -6.43 -55.62 33.57
N GLN D 45 -6.02 -56.89 33.52
CA GLN D 45 -6.49 -57.79 32.46
C GLN D 45 -8.01 -57.80 32.39
N TRP D 46 -8.68 -57.72 33.55
CA TRP D 46 -10.13 -57.68 33.56
C TRP D 46 -10.67 -56.42 32.90
N THR D 47 -9.99 -55.28 33.09
CA THR D 47 -10.45 -54.03 32.48
C THR D 47 -10.27 -54.01 30.97
N THR D 48 -9.63 -55.01 30.39
CA THR D 48 -9.46 -55.10 28.94
C THR D 48 -10.47 -56.03 28.29
N THR D 49 -11.35 -56.64 29.07
CA THR D 49 -12.24 -57.67 28.55
C THR D 49 -13.58 -57.09 28.12
N LYS D 50 -14.31 -57.86 27.33
CA LYS D 50 -15.65 -57.47 26.91
C LYS D 50 -16.60 -57.45 28.09
N GLU D 51 -16.41 -58.34 29.07
CA GLU D 51 -17.22 -58.32 30.28
C GLU D 51 -17.12 -56.96 30.96
N TYR D 52 -15.90 -56.44 31.11
CA TYR D 52 -15.72 -55.13 31.71
C TYR D 52 -16.34 -54.04 30.84
N GLN D 53 -16.21 -54.18 29.52
CA GLN D 53 -16.76 -53.16 28.63
C GLN D 53 -18.27 -53.05 28.79
N GLU D 54 -18.95 -54.18 28.99
CA GLU D 54 -20.40 -54.16 29.17
C GLU D 54 -20.78 -53.40 30.44
N LEU D 55 -20.10 -53.68 31.54
CA LEU D 55 -20.30 -52.89 32.76
C LEU D 55 -19.92 -51.44 32.52
N ASN D 56 -18.85 -51.21 31.76
CA ASN D 56 -18.38 -49.85 31.49
C ASN D 56 -19.46 -49.02 30.80
N PHE D 57 -20.10 -49.60 29.78
CA PHE D 57 -21.07 -48.86 29.00
C PHE D 57 -22.45 -48.78 29.66
N GLN D 58 -22.65 -49.45 30.78
CA GLN D 58 -23.88 -49.28 31.53
C GLN D 58 -23.84 -48.08 32.47
N ARG D 59 -22.76 -47.30 32.45
CA ARG D 59 -22.65 -46.16 33.35
C ARG D 59 -23.76 -45.15 33.07
N GLU D 60 -24.35 -44.64 34.16
CA GLU D 60 -25.40 -43.63 34.10
C GLU D 60 -25.04 -42.35 34.85
N ALA D 61 -24.13 -42.41 35.81
CA ALA D 61 -23.80 -41.27 36.66
C ALA D 61 -22.34 -40.89 36.65
N LEU D 62 -21.43 -41.85 36.48
CA LEU D 62 -20.00 -41.59 36.52
C LEU D 62 -19.49 -41.25 35.13
N THR D 63 -18.71 -40.18 35.04
CA THR D 63 -17.93 -39.84 33.86
C THR D 63 -16.45 -39.94 34.22
N VAL D 64 -15.67 -40.55 33.34
CA VAL D 64 -14.24 -40.73 33.55
C VAL D 64 -13.50 -40.30 32.29
N ASN D 65 -12.53 -39.41 32.46
CA ASN D 65 -11.72 -38.91 31.34
C ASN D 65 -12.63 -38.37 30.23
N PRO D 66 -13.30 -37.25 30.47
CA PRO D 66 -14.15 -36.68 29.42
C PRO D 66 -13.34 -36.12 28.26
N ALA D 67 -14.04 -35.91 27.14
CA ALA D 67 -13.45 -35.31 25.94
C ALA D 67 -14.17 -34.02 25.59
N LYS D 68 -14.32 -33.13 26.58
CA LYS D 68 -15.00 -31.86 26.37
C LYS D 68 -14.61 -30.92 27.50
N ALA D 69 -14.91 -29.64 27.31
CA ALA D 69 -14.76 -28.63 28.35
C ALA D 69 -16.06 -27.85 28.51
N CYS D 70 -16.06 -26.81 29.33
CA CYS D 70 -17.27 -26.08 29.68
C CYS D 70 -17.42 -24.81 28.85
N GLN D 71 -18.65 -24.30 28.82
CA GLN D 71 -19.02 -23.21 27.93
C GLN D 71 -18.06 -22.02 27.96
N PRO D 72 -17.79 -21.40 29.11
CA PRO D 72 -17.05 -20.12 29.08
C PRO D 72 -15.67 -20.21 28.42
N LEU D 73 -15.05 -21.39 28.39
CA LEU D 73 -13.75 -21.51 27.70
C LEU D 73 -13.89 -21.15 26.23
N GLY D 74 -14.98 -21.55 25.59
CA GLY D 74 -15.23 -21.17 24.21
C GLY D 74 -15.63 -19.72 24.07
N ALA D 75 -16.36 -19.19 25.06
CA ALA D 75 -16.71 -17.77 25.02
C ALA D 75 -15.46 -16.89 25.07
N VAL D 76 -14.47 -17.29 25.87
CA VAL D 76 -13.22 -16.53 25.94
C VAL D 76 -12.53 -16.54 24.58
N LEU D 77 -12.32 -17.73 24.02
CA LEU D 77 -11.66 -17.83 22.73
C LEU D 77 -12.39 -17.01 21.66
N CYS D 78 -13.73 -17.03 21.69
CA CYS D 78 -14.52 -16.21 20.78
C CYS D 78 -14.19 -14.73 20.97
N ALA D 79 -14.22 -14.27 22.23
CA ALA D 79 -13.98 -12.86 22.51
C ALA D 79 -12.58 -12.44 22.06
N LEU D 80 -11.59 -13.33 22.20
CA LEU D 80 -10.22 -12.98 21.86
C LEU D 80 -10.06 -12.61 20.39
N GLY D 81 -11.00 -13.03 19.53
CA GLY D 81 -10.93 -12.78 18.12
C GLY D 81 -11.42 -11.43 17.65
N PHE D 82 -11.64 -10.49 18.56
CA PHE D 82 -12.12 -9.15 18.21
C PHE D 82 -11.07 -8.11 18.59
N GLU D 83 -11.06 -7.01 17.83
CA GLU D 83 -10.01 -6.01 17.98
C GLU D 83 -10.04 -5.37 19.36
N LYS D 84 -8.87 -5.34 20.01
CA LYS D 84 -8.71 -4.71 21.31
C LYS D 84 -9.85 -5.05 22.25
N THR D 85 -10.22 -6.32 22.29
CA THR D 85 -11.30 -6.79 23.16
C THR D 85 -10.71 -7.59 24.31
N MET D 86 -11.19 -7.30 25.52
CA MET D 86 -10.79 -8.03 26.72
C MET D 86 -11.86 -9.04 27.07
N PRO D 87 -11.59 -10.34 27.05
CA PRO D 87 -12.55 -11.30 27.61
C PRO D 87 -12.73 -11.06 29.10
N TYR D 88 -13.96 -11.17 29.56
CA TYR D 88 -14.33 -10.83 30.93
C TYR D 88 -15.37 -11.84 31.39
N VAL D 89 -15.03 -12.66 32.38
CA VAL D 89 -15.91 -13.72 32.84
C VAL D 89 -16.49 -13.33 34.18
N HIS D 90 -17.76 -12.95 34.18
CA HIS D 90 -18.49 -12.63 35.40
C HIS D 90 -18.67 -13.89 36.23
N GLY D 91 -18.05 -13.92 37.39
CA GLY D 91 -18.14 -15.08 38.26
C GLY D 91 -16.89 -15.22 39.10
N SER D 92 -16.51 -16.47 39.36
CA SER D 92 -15.41 -16.77 40.25
C SER D 92 -14.09 -16.87 39.49
N GLN D 93 -13.02 -16.42 40.15
CA GLN D 93 -11.73 -16.22 39.49
C GLN D 93 -10.98 -17.52 39.20
N GLY D 94 -11.27 -18.59 39.92
CA GLY D 94 -10.62 -19.86 39.63
C GLY D 94 -10.87 -20.33 38.21
N CYS D 95 -12.08 -20.07 37.70
CA CYS D 95 -12.40 -20.45 36.32
C CYS D 95 -11.46 -19.76 35.34
N VAL D 96 -11.21 -18.46 35.55
CA VAL D 96 -10.37 -17.72 34.60
C VAL D 96 -8.92 -18.18 34.68
N ALA D 97 -8.44 -18.49 35.88
CA ALA D 97 -7.10 -19.04 36.00
C ALA D 97 -6.95 -20.34 35.22
N TYR D 98 -8.02 -21.14 35.15
CA TYR D 98 -7.98 -22.40 34.41
C TYR D 98 -8.14 -22.17 32.91
N PHE D 99 -9.03 -21.27 32.49
CA PHE D 99 -9.17 -20.97 31.06
C PHE D 99 -7.84 -20.53 30.48
N ARG D 100 -7.12 -19.67 31.20
CA ARG D 100 -5.87 -19.12 30.68
C ARG D 100 -4.79 -20.20 30.62
N SER D 101 -4.63 -20.96 31.70
CA SER D 101 -3.62 -22.02 31.68
C SER D 101 -3.91 -23.05 30.59
N TYR D 102 -5.19 -23.40 30.41
CA TYR D 102 -5.54 -24.38 29.39
C TYR D 102 -5.10 -23.93 28.00
N PHE D 103 -5.38 -22.67 27.66
CA PHE D 103 -4.99 -22.15 26.35
C PHE D 103 -3.50 -21.88 26.29
N ASN D 104 -2.90 -21.44 27.40
CA ASN D 104 -1.46 -21.20 27.43
C ASN D 104 -0.68 -22.43 27.00
N ARG D 105 -1.07 -23.61 27.47
CA ARG D 105 -0.34 -24.85 27.20
C ARG D 105 -0.57 -25.38 25.79
N HIS D 106 -1.67 -25.00 25.15
CA HIS D 106 -1.94 -25.43 23.78
C HIS D 106 -1.28 -24.51 22.75
N PHE D 107 -1.41 -23.20 22.95
CA PHE D 107 -0.86 -22.24 22.00
C PHE D 107 0.56 -21.83 22.33
N ARG D 108 1.00 -22.03 23.57
CA ARG D 108 2.31 -21.54 24.01
C ARG D 108 2.41 -20.05 23.69
N GLU D 109 1.38 -19.32 24.11
CA GLU D 109 1.25 -17.89 23.88
C GLU D 109 0.58 -17.28 25.10
N PRO D 110 0.76 -15.98 25.32
CA PRO D 110 0.00 -15.31 26.39
C PRO D 110 -1.49 -15.34 26.08
N VAL D 111 -2.29 -15.49 27.12
CA VAL D 111 -3.74 -15.49 26.99
C VAL D 111 -4.30 -14.57 28.07
N SER D 112 -4.96 -13.50 27.64
CA SER D 112 -5.47 -12.50 28.56
C SER D 112 -6.97 -12.68 28.75
N CYS D 113 -7.41 -12.53 29.99
CA CYS D 113 -8.81 -12.71 30.39
C CYS D 113 -8.91 -12.30 31.85
N VAL D 114 -10.01 -11.64 32.20
CA VAL D 114 -10.19 -11.13 33.56
C VAL D 114 -11.45 -11.74 34.17
N SER D 115 -11.47 -11.73 35.49
CA SER D 115 -12.64 -12.06 36.29
C SER D 115 -12.96 -10.86 37.17
N ASP D 116 -14.18 -10.81 37.70
CA ASP D 116 -14.51 -9.83 38.73
C ASP D 116 -14.57 -10.47 40.11
N SER D 117 -14.09 -11.70 40.25
CA SER D 117 -13.72 -12.28 41.54
C SER D 117 -14.88 -12.24 42.53
N MET D 118 -15.97 -12.89 42.15
CA MET D 118 -17.11 -13.02 43.05
C MET D 118 -16.80 -14.03 44.15
N THR D 119 -17.15 -13.68 45.38
CA THR D 119 -16.85 -14.49 46.55
C THR D 119 -18.16 -14.93 47.21
N GLU D 120 -18.04 -15.54 48.41
CA GLU D 120 -19.19 -16.18 49.03
C GLU D 120 -20.31 -15.20 49.33
N ASP D 121 -19.98 -13.93 49.60
CA ASP D 121 -21.03 -12.96 49.86
C ASP D 121 -21.96 -12.78 48.67
N ALA D 122 -21.45 -12.98 47.44
CA ALA D 122 -22.28 -12.86 46.25
C ALA D 122 -23.32 -13.98 46.16
N ALA D 123 -23.11 -15.10 46.86
CA ALA D 123 -24.12 -16.16 46.87
C ALA D 123 -25.41 -15.69 47.51
N VAL D 124 -25.33 -14.77 48.46
CA VAL D 124 -26.51 -14.23 49.13
C VAL D 124 -26.95 -12.91 48.52
N PHE D 125 -26.01 -12.02 48.22
CA PHE D 125 -26.33 -10.65 47.82
C PHE D 125 -26.24 -10.40 46.32
N GLY D 126 -25.71 -11.35 45.55
CA GLY D 126 -25.48 -11.11 44.15
C GLY D 126 -24.20 -10.34 43.90
N GLY D 127 -23.77 -10.36 42.65
CA GLY D 127 -22.47 -9.81 42.29
C GLY D 127 -22.49 -8.52 41.48
N GLN D 128 -23.47 -7.65 41.73
CA GLN D 128 -23.54 -6.41 40.95
C GLN D 128 -22.32 -5.55 41.23
N GLN D 129 -21.94 -5.40 42.50
CA GLN D 129 -20.80 -4.57 42.83
C GLN D 129 -19.53 -5.08 42.18
N ASN D 130 -19.41 -6.41 42.05
CA ASN D 130 -18.27 -6.99 41.34
C ASN D 130 -18.26 -6.57 39.88
N MET D 131 -19.43 -6.54 39.24
CA MET D 131 -19.49 -6.10 37.84
C MET D 131 -19.17 -4.61 37.73
N LYS D 132 -19.75 -3.79 38.60
CA LYS D 132 -19.49 -2.36 38.54
C LYS D 132 -18.00 -2.07 38.64
N ASP D 133 -17.36 -2.45 39.75
CA ASP D 133 -15.96 -2.15 39.93
C ASP D 133 -15.08 -2.89 38.93
N GLY D 134 -15.48 -4.11 38.54
CA GLY D 134 -14.68 -4.86 37.59
C GLY D 134 -14.61 -4.20 36.22
N LEU D 135 -15.75 -3.71 35.73
CA LEU D 135 -15.76 -3.06 34.42
C LEU D 135 -14.93 -1.79 34.42
N GLN D 136 -15.07 -0.98 35.48
CA GLN D 136 -14.26 0.23 35.60
C GLN D 136 -12.78 -0.12 35.72
N ASN D 137 -12.46 -1.07 36.58
CA ASN D 137 -11.07 -1.45 36.80
C ASN D 137 -10.46 -2.02 35.52
N CYS D 138 -11.20 -2.90 34.83
CA CYS D 138 -10.65 -3.53 33.63
C CYS D 138 -10.42 -2.51 32.52
N LYS D 139 -11.38 -1.60 32.32
CA LYS D 139 -11.21 -0.62 31.25
C LYS D 139 -10.03 0.32 31.54
N ALA D 140 -9.91 0.77 32.78
CA ALA D 140 -8.86 1.72 33.12
C ALA D 140 -7.48 1.09 33.06
N THR D 141 -7.36 -0.17 33.50
CA THR D 141 -6.04 -0.78 33.67
C THR D 141 -5.52 -1.36 32.35
N TYR D 142 -6.35 -2.06 31.60
CA TYR D 142 -5.94 -2.74 30.38
C TYR D 142 -6.46 -2.08 29.11
N LYS D 143 -7.23 -1.00 29.25
CA LYS D 143 -7.61 -0.13 28.15
C LYS D 143 -8.05 -0.89 26.92
N PRO D 144 -9.01 -1.80 27.04
CA PRO D 144 -9.60 -2.41 25.85
C PRO D 144 -10.56 -1.46 25.16
N ASP D 145 -10.77 -1.70 23.87
CA ASP D 145 -11.81 -0.99 23.14
C ASP D 145 -13.17 -1.63 23.37
N MET D 146 -13.21 -2.90 23.78
CA MET D 146 -14.44 -3.64 24.03
C MET D 146 -14.19 -4.62 25.17
N ILE D 147 -15.24 -4.88 25.94
CA ILE D 147 -15.24 -5.88 27.00
C ILE D 147 -16.39 -6.84 26.73
N ALA D 148 -16.06 -8.12 26.54
CA ALA D 148 -17.05 -9.14 26.21
C ALA D 148 -17.26 -10.02 27.44
N VAL D 149 -18.49 -10.07 27.93
CA VAL D 149 -18.80 -10.67 29.22
C VAL D 149 -19.40 -12.05 29.01
N SER D 150 -18.87 -13.04 29.74
CA SER D 150 -19.46 -14.36 29.87
C SER D 150 -19.59 -14.67 31.35
N THR D 151 -20.07 -15.86 31.68
CA THR D 151 -20.38 -16.21 33.07
C THR D 151 -19.81 -17.57 33.46
N THR D 152 -19.50 -17.70 34.73
CA THR D 152 -19.19 -19.00 35.34
C THR D 152 -20.47 -19.58 35.92
N CYS D 153 -20.42 -20.87 36.30
CA CYS D 153 -21.61 -21.52 36.81
C CYS D 153 -22.10 -20.86 38.10
N MET D 154 -21.18 -20.29 38.87
CA MET D 154 -21.57 -19.56 40.06
C MET D 154 -22.59 -18.48 39.74
N ALA D 155 -22.26 -17.60 38.78
CA ALA D 155 -23.16 -16.51 38.42
C ALA D 155 -24.46 -17.02 37.81
N GLU D 156 -24.43 -18.18 37.18
CA GLU D 156 -25.63 -18.71 36.55
C GLU D 156 -26.60 -19.30 37.56
N VAL D 157 -26.09 -20.02 38.57
CA VAL D 157 -26.97 -20.60 39.58
C VAL D 157 -27.61 -19.50 40.41
N ILE D 158 -26.84 -18.49 40.81
CA ILE D 158 -27.40 -17.41 41.62
C ILE D 158 -28.27 -16.48 40.79
N GLY D 159 -28.12 -16.49 39.46
CA GLY D 159 -29.03 -15.78 38.60
C GLY D 159 -28.76 -14.31 38.42
N ASP D 160 -27.49 -13.91 38.34
CA ASP D 160 -27.14 -12.51 38.13
C ASP D 160 -27.71 -12.01 36.81
N ASP D 161 -28.33 -10.83 36.84
CA ASP D 161 -28.88 -10.20 35.64
C ASP D 161 -27.78 -9.37 34.99
N LEU D 162 -27.14 -9.94 33.97
CA LEU D 162 -26.01 -9.27 33.32
C LEU D 162 -26.43 -7.95 32.70
N ASN D 163 -27.56 -7.95 32.00
CA ASN D 163 -28.02 -6.71 31.35
C ASN D 163 -28.25 -5.61 32.37
N ALA D 164 -28.95 -5.93 33.46
CA ALA D 164 -29.21 -4.92 34.50
C ALA D 164 -27.91 -4.43 35.13
N PHE D 165 -26.99 -5.36 35.43
CA PHE D 165 -25.72 -4.98 36.04
C PHE D 165 -24.93 -4.05 35.12
N ILE D 166 -24.88 -4.37 33.82
CA ILE D 166 -24.15 -3.53 32.88
C ILE D 166 -24.85 -2.20 32.70
N ASN D 167 -26.19 -2.22 32.61
CA ASN D 167 -26.93 -0.98 32.43
C ASN D 167 -26.77 -0.07 33.65
N ASN D 168 -26.76 -0.64 34.85
CA ASN D 168 -26.56 0.15 36.05
C ASN D 168 -25.13 0.67 36.13
N SER D 169 -24.16 -0.11 35.64
CA SER D 169 -22.78 0.35 35.61
C SER D 169 -22.62 1.55 34.70
N LYS D 170 -23.31 1.54 33.55
CA LYS D 170 -23.25 2.68 32.65
C LYS D 170 -24.04 3.86 33.19
N LYS D 171 -25.19 3.61 33.80
CA LYS D 171 -25.99 4.68 34.37
C LYS D 171 -25.23 5.45 35.43
N GLU D 172 -24.47 4.76 36.27
CA GLU D 172 -23.81 5.36 37.42
C GLU D 172 -22.37 5.80 37.12
N GLY D 173 -21.90 5.65 35.89
CA GLY D 173 -20.63 6.20 35.50
C GLY D 173 -19.41 5.34 35.75
N PHE D 174 -19.58 4.04 35.97
CA PHE D 174 -18.42 3.16 36.08
C PHE D 174 -17.75 2.98 34.72
N ILE D 175 -18.55 3.00 33.65
CA ILE D 175 -18.03 3.01 32.28
C ILE D 175 -18.87 3.95 31.44
N PRO D 176 -18.29 4.48 30.37
CA PRO D 176 -19.08 5.34 29.48
C PRO D 176 -20.26 4.60 28.87
N ASP D 177 -21.38 5.32 28.72
CA ASP D 177 -22.60 4.71 28.19
C ASP D 177 -22.38 4.12 26.80
N GLU D 178 -21.47 4.71 26.01
CA GLU D 178 -21.21 4.25 24.65
C GLU D 178 -20.15 3.16 24.58
N PHE D 179 -19.46 2.86 25.68
CA PHE D 179 -18.45 1.80 25.65
C PHE D 179 -19.11 0.46 25.37
N PRO D 180 -18.61 -0.32 24.41
CA PRO D 180 -19.30 -1.57 24.03
C PRO D 180 -19.05 -2.69 25.04
N VAL D 181 -20.12 -3.20 25.63
CA VAL D 181 -20.04 -4.31 26.58
C VAL D 181 -21.05 -5.39 26.20
N PRO D 182 -20.85 -6.11 25.11
CA PRO D 182 -21.74 -7.25 24.82
C PRO D 182 -21.55 -8.35 25.85
N PHE D 183 -22.56 -9.19 25.96
CA PHE D 183 -22.56 -10.22 26.98
C PHE D 183 -23.35 -11.43 26.50
N ALA D 184 -23.13 -12.55 27.19
CA ALA D 184 -23.87 -13.77 26.91
C ALA D 184 -23.83 -14.64 28.15
N HIS D 185 -24.98 -15.25 28.47
CA HIS D 185 -25.02 -16.22 29.56
C HIS D 185 -24.47 -17.54 29.05
N THR D 186 -23.50 -18.08 29.79
CA THR D 186 -22.71 -19.24 29.38
C THR D 186 -22.68 -20.24 30.53
N PRO D 187 -23.78 -20.96 30.76
CA PRO D 187 -23.81 -21.92 31.88
C PRO D 187 -23.00 -23.17 31.52
N SER D 188 -22.03 -23.50 32.37
CA SER D 188 -21.15 -24.62 32.10
C SER D 188 -21.87 -25.96 32.23
N PHE D 189 -23.03 -26.01 32.87
CA PHE D 189 -23.82 -27.22 32.97
C PHE D 189 -24.78 -27.38 31.78
N VAL D 190 -24.54 -26.64 30.70
CA VAL D 190 -25.27 -26.81 29.45
C VAL D 190 -24.25 -26.94 28.33
N GLY D 191 -24.41 -27.98 27.52
CA GLY D 191 -23.57 -28.13 26.34
C GLY D 191 -22.11 -28.31 26.72
N SER D 192 -21.24 -27.59 26.02
CA SER D 192 -19.81 -27.70 26.22
C SER D 192 -19.16 -26.40 25.74
N HIS D 193 -17.83 -26.40 25.65
CA HIS D 193 -17.11 -25.20 25.26
C HIS D 193 -17.58 -24.66 23.91
N VAL D 194 -17.99 -25.54 22.99
CA VAL D 194 -18.45 -25.06 21.70
C VAL D 194 -19.78 -24.33 21.83
N THR D 195 -20.58 -24.69 22.82
CA THR D 195 -21.81 -23.96 23.07
C THR D 195 -21.52 -22.54 23.55
N GLY D 196 -20.49 -22.37 24.38
CA GLY D 196 -20.12 -21.06 24.86
C GLY D 196 -19.60 -20.14 23.77
N TRP D 197 -18.88 -20.71 22.79
CA TRP D 197 -18.46 -19.92 21.64
C TRP D 197 -19.68 -19.38 20.89
N ASP D 198 -20.65 -20.26 20.62
CA ASP D 198 -21.87 -19.84 19.94
C ASP D 198 -22.58 -18.74 20.71
N ASN D 199 -22.78 -18.92 22.02
CA ASN D 199 -23.53 -17.94 22.80
C ASN D 199 -22.84 -16.58 22.77
N MET D 200 -21.52 -16.56 22.90
CA MET D 200 -20.80 -15.28 22.96
C MET D 200 -20.86 -14.57 21.61
N PHE D 201 -20.75 -15.32 20.51
CA PHE D 201 -20.76 -14.71 19.19
C PHE D 201 -22.12 -14.10 18.87
N GLU D 202 -23.19 -14.85 19.12
CA GLU D 202 -24.54 -14.31 18.93
C GLU D 202 -24.77 -13.08 19.80
N GLY D 203 -24.23 -13.10 21.02
CA GLY D 203 -24.37 -11.94 21.89
C GLY D 203 -23.61 -10.73 21.38
N ILE D 204 -22.42 -10.94 20.81
CA ILE D 204 -21.68 -9.84 20.22
C ILE D 204 -22.38 -9.34 18.96
N ALA D 205 -22.82 -10.26 18.11
CA ALA D 205 -23.49 -9.87 16.87
C ALA D 205 -24.78 -9.08 17.17
N ARG D 206 -25.54 -9.53 18.17
CA ARG D 206 -26.75 -8.81 18.54
C ARG D 206 -26.42 -7.39 19.00
N TYR D 207 -25.38 -7.26 19.81
CA TYR D 207 -25.05 -5.95 20.39
C TYR D 207 -24.86 -4.89 19.32
N PHE D 208 -24.27 -5.25 18.19
CA PHE D 208 -23.86 -4.28 17.18
C PHE D 208 -24.83 -4.14 16.02
N THR D 209 -25.87 -4.98 15.95
CA THR D 209 -26.75 -5.00 14.78
C THR D 209 -28.23 -5.01 15.10
N LEU D 210 -28.64 -5.49 16.27
CA LEU D 210 -30.07 -5.70 16.51
C LEU D 210 -30.86 -4.40 16.43
N LYS D 211 -30.35 -3.33 17.01
CA LYS D 211 -31.07 -2.06 17.09
C LYS D 211 -30.71 -1.10 15.96
N SER D 212 -30.03 -1.57 14.92
CA SER D 212 -29.66 -0.71 13.81
C SER D 212 -30.00 -1.28 12.44
N MET D 213 -30.86 -2.29 12.41
CA MET D 213 -31.24 -2.95 11.17
C MET D 213 -31.94 -2.13 10.10
N ASP D 214 -32.41 -0.92 10.44
CA ASP D 214 -33.29 -0.19 9.54
C ASP D 214 -32.59 0.20 8.23
N ASP D 215 -31.31 0.57 8.32
CA ASP D 215 -30.59 1.08 7.12
C ASP D 215 -29.76 -0.02 6.46
N LYS D 216 -30.04 -1.28 6.76
CA LYS D 216 -29.24 -2.37 6.23
C LYS D 216 -29.87 -2.92 4.96
N VAL D 217 -29.01 -3.28 4.01
CA VAL D 217 -29.41 -3.83 2.72
C VAL D 217 -28.53 -5.04 2.45
N VAL D 218 -29.14 -6.22 2.35
CA VAL D 218 -28.37 -7.42 2.07
C VAL D 218 -27.64 -7.25 0.75
N GLY D 219 -26.36 -7.61 0.74
CA GLY D 219 -25.56 -7.57 -0.47
C GLY D 219 -24.99 -6.22 -0.84
N SER D 220 -25.22 -5.19 -0.03
CA SER D 220 -24.79 -3.85 -0.42
C SER D 220 -23.29 -3.64 -0.29
N ASN D 221 -22.59 -4.40 0.55
CA ASN D 221 -21.16 -4.27 0.70
C ASN D 221 -20.37 -5.31 -0.09
N LYS D 222 -21.05 -6.22 -0.79
CA LYS D 222 -20.43 -7.16 -1.72
C LYS D 222 -19.42 -8.08 -1.02
N LYS D 223 -19.63 -8.36 0.25
CA LYS D 223 -18.77 -9.27 1.00
C LYS D 223 -19.53 -10.53 1.41
N ILE D 224 -18.79 -11.51 1.88
CA ILE D 224 -19.32 -12.71 2.51
C ILE D 224 -18.78 -12.78 3.93
N ASN D 225 -19.68 -12.91 4.91
CA ASN D 225 -19.24 -13.08 6.28
C ASN D 225 -18.88 -14.53 6.56
N ILE D 226 -17.79 -14.73 7.28
CA ILE D 226 -17.28 -16.07 7.60
C ILE D 226 -17.17 -16.18 9.11
N VAL D 227 -17.86 -17.17 9.67
CA VAL D 227 -17.87 -17.44 11.10
C VAL D 227 -17.09 -18.74 11.33
N PRO D 228 -15.92 -18.70 11.97
CA PRO D 228 -15.09 -19.91 12.06
C PRO D 228 -15.53 -20.86 13.18
N GLY D 229 -16.12 -20.33 14.23
CA GLY D 229 -16.43 -21.15 15.38
C GLY D 229 -15.20 -21.44 16.23
N PHE D 230 -15.41 -22.35 17.19
CA PHE D 230 -14.34 -22.76 18.10
C PHE D 230 -13.21 -23.41 17.31
N GLU D 231 -12.07 -22.72 17.20
CA GLU D 231 -11.00 -23.12 16.31
C GLU D 231 -9.67 -22.90 17.01
N THR D 232 -8.81 -23.92 17.04
CA THR D 232 -7.54 -23.86 17.77
C THR D 232 -6.32 -24.20 16.90
N TYR D 233 -6.48 -24.29 15.59
CA TYR D 233 -5.34 -24.39 14.66
C TYR D 233 -5.21 -23.07 13.93
N LEU D 234 -4.11 -22.35 14.17
CA LEU D 234 -3.93 -21.05 13.52
C LEU D 234 -4.03 -21.17 12.01
N GLY D 235 -3.43 -22.20 11.42
CA GLY D 235 -3.47 -22.37 9.99
C GLY D 235 -4.88 -22.38 9.40
N ASN D 236 -5.88 -22.70 10.22
CA ASN D 236 -7.26 -22.80 9.73
C ASN D 236 -7.87 -21.43 9.49
N PHE D 237 -7.58 -20.46 10.36
CA PHE D 237 -7.93 -19.08 10.05
C PHE D 237 -7.20 -18.61 8.81
N ARG D 238 -5.91 -18.95 8.69
CA ARG D 238 -5.10 -18.41 7.61
C ARG D 238 -5.45 -19.04 6.27
N VAL D 239 -5.79 -20.33 6.27
CA VAL D 239 -6.08 -21.01 5.01
C VAL D 239 -7.39 -20.51 4.41
N ILE D 240 -8.38 -20.20 5.25
CA ILE D 240 -9.63 -19.64 4.75
C ILE D 240 -9.39 -18.26 4.16
N LYS D 241 -8.69 -17.39 4.89
CA LYS D 241 -8.37 -16.07 4.35
C LYS D 241 -7.56 -16.19 3.07
N ARG D 242 -6.68 -17.18 3.00
CA ARG D 242 -5.81 -17.32 1.85
C ARG D 242 -6.60 -17.68 0.59
N MET D 243 -7.50 -18.66 0.68
CA MET D 243 -8.25 -19.08 -0.50
C MET D 243 -9.22 -18.01 -0.95
N LEU D 244 -9.85 -17.30 -0.01
CA LEU D 244 -10.80 -16.25 -0.39
C LEU D 244 -10.09 -15.08 -1.06
N SER D 245 -8.92 -14.68 -0.54
CA SER D 245 -8.14 -13.64 -1.23
C SER D 245 -7.69 -14.14 -2.59
N GLU D 246 -7.38 -15.43 -2.70
CA GLU D 246 -6.93 -16.00 -3.97
C GLU D 246 -8.00 -15.83 -5.04
N MET D 247 -9.27 -16.07 -4.68
CA MET D 247 -10.38 -15.89 -5.62
C MET D 247 -10.82 -14.43 -5.74
N GLY D 248 -10.16 -13.51 -5.04
CA GLY D 248 -10.58 -12.12 -5.06
C GLY D 248 -11.96 -11.90 -4.47
N VAL D 249 -12.36 -12.72 -3.51
CA VAL D 249 -13.68 -12.60 -2.89
C VAL D 249 -13.57 -11.67 -1.68
N GLY D 250 -14.40 -10.64 -1.67
CA GLY D 250 -14.47 -9.78 -0.50
C GLY D 250 -15.16 -10.49 0.65
N TYR D 251 -14.56 -10.43 1.83
CA TYR D 251 -15.01 -11.22 2.96
C TYR D 251 -14.78 -10.44 4.25
N SER D 252 -15.38 -10.95 5.32
CA SER D 252 -15.13 -10.46 6.67
C SER D 252 -15.12 -11.67 7.59
N LEU D 253 -13.96 -11.99 8.14
CA LEU D 253 -13.86 -13.07 9.12
C LEU D 253 -14.26 -12.53 10.49
N LEU D 254 -15.35 -13.05 11.03
CA LEU D 254 -15.94 -12.53 12.27
C LEU D 254 -15.43 -13.38 13.43
N SER D 255 -14.65 -12.75 14.32
CA SER D 255 -13.85 -13.40 15.35
C SER D 255 -12.58 -13.97 14.73
N ASP D 256 -11.47 -13.23 14.83
CA ASP D 256 -10.22 -13.58 14.16
C ASP D 256 -9.05 -13.41 15.12
N PRO D 257 -8.70 -14.45 15.86
CA PRO D 257 -7.61 -14.35 16.85
C PRO D 257 -6.23 -14.75 16.34
N GLU D 258 -6.04 -14.91 15.02
CA GLU D 258 -4.79 -15.50 14.56
C GLU D 258 -3.61 -14.56 14.76
N GLU D 259 -3.85 -13.24 14.73
CA GLU D 259 -2.75 -12.30 14.99
C GLU D 259 -2.38 -12.28 16.46
N VAL D 260 -3.36 -12.27 17.36
CA VAL D 260 -3.07 -12.15 18.78
C VAL D 260 -2.51 -13.45 19.36
N LEU D 261 -2.75 -14.59 18.71
CA LEU D 261 -2.23 -15.87 19.16
C LEU D 261 -0.92 -16.24 18.45
N ASP D 262 -0.23 -15.26 17.87
CA ASP D 262 0.97 -15.53 17.11
C ASP D 262 1.77 -14.24 16.98
N THR D 263 1.82 -13.46 18.04
CA THR D 263 2.56 -12.21 18.01
C THR D 263 4.06 -12.48 18.07
N PRO D 264 4.87 -11.67 17.38
CA PRO D 264 6.31 -11.92 17.36
C PRO D 264 6.96 -11.58 18.68
N ALA D 265 8.04 -12.30 18.99
CA ALA D 265 8.87 -12.03 20.17
C ALA D 265 9.97 -11.08 19.73
N ASP D 266 9.67 -9.79 19.75
CA ASP D 266 10.59 -8.75 19.29
C ASP D 266 10.92 -7.74 20.38
N GLY D 267 10.71 -8.11 21.65
CA GLY D 267 11.05 -7.26 22.79
C GLY D 267 9.87 -6.62 23.48
N GLN D 268 8.67 -6.72 22.92
CA GLN D 268 7.49 -6.07 23.47
C GLN D 268 6.32 -7.05 23.51
N PHE D 269 5.55 -6.94 24.60
CA PHE D 269 4.38 -7.81 24.79
C PHE D 269 3.12 -7.08 24.30
N ARG D 270 2.41 -7.67 23.35
CA ARG D 270 1.21 -7.09 22.78
C ARG D 270 0.00 -7.76 23.41
N MET D 271 -0.73 -7.02 24.24
CA MET D 271 -1.96 -7.55 24.83
C MET D 271 -3.00 -7.83 23.76
N TYR D 272 -3.11 -6.94 22.77
CA TYR D 272 -4.07 -7.07 21.69
C TYR D 272 -3.35 -6.96 20.35
N ALA D 273 -3.87 -7.66 19.35
CA ALA D 273 -3.30 -7.61 18.01
C ALA D 273 -4.34 -8.06 16.99
N GLY D 274 -4.52 -7.26 15.94
CA GLY D 274 -5.43 -7.63 14.87
C GLY D 274 -6.86 -7.78 15.38
N GLY D 275 -7.57 -8.73 14.77
CA GLY D 275 -8.91 -9.04 15.19
C GLY D 275 -9.97 -8.36 14.34
N THR D 276 -11.20 -8.89 14.43
CA THR D 276 -12.34 -8.30 13.74
C THR D 276 -12.68 -6.94 14.33
N THR D 277 -12.89 -5.95 13.48
CA THR D 277 -13.20 -4.63 13.97
C THR D 277 -14.67 -4.52 14.32
N GLN D 278 -14.99 -3.58 15.21
CA GLN D 278 -16.39 -3.32 15.52
C GLN D 278 -17.14 -2.87 14.29
N GLU D 279 -16.49 -2.08 13.43
CA GLU D 279 -17.13 -1.66 12.19
C GLU D 279 -17.47 -2.86 11.31
N GLU D 280 -16.67 -3.92 11.39
CA GLU D 280 -17.00 -5.13 10.62
C GLU D 280 -18.24 -5.81 11.17
N MET D 281 -18.46 -5.76 12.49
CA MET D 281 -19.69 -6.29 13.07
C MET D 281 -20.88 -5.42 12.68
N LYS D 282 -20.76 -4.11 12.84
CA LYS D 282 -21.88 -3.22 12.53
C LYS D 282 -22.28 -3.33 11.07
N ASP D 283 -21.31 -3.50 10.17
CA ASP D 283 -21.56 -3.58 8.74
C ASP D 283 -21.92 -4.99 8.28
N ALA D 284 -21.82 -5.98 9.16
CA ALA D 284 -22.02 -7.36 8.74
C ALA D 284 -23.35 -7.62 8.08
N PRO D 285 -24.47 -7.04 8.54
CA PRO D 285 -25.76 -7.31 7.86
C PRO D 285 -25.77 -6.91 6.40
N ASN D 286 -24.89 -6.01 5.98
CA ASN D 286 -24.83 -5.58 4.58
C ASN D 286 -24.09 -6.58 3.68
N ALA D 287 -23.73 -7.75 4.20
CA ALA D 287 -23.01 -8.73 3.41
C ALA D 287 -23.96 -9.42 2.44
N LEU D 288 -23.35 -10.04 1.41
CA LEU D 288 -24.13 -10.86 0.48
C LEU D 288 -24.77 -12.04 1.21
N ASN D 289 -24.03 -12.67 2.12
CA ASN D 289 -24.50 -13.85 2.83
C ASN D 289 -23.54 -14.11 3.99
N THR D 290 -23.85 -15.12 4.80
CA THR D 290 -23.00 -15.52 5.91
C THR D 290 -22.80 -17.03 5.85
N VAL D 291 -21.55 -17.46 5.95
CA VAL D 291 -21.19 -18.86 5.90
C VAL D 291 -20.66 -19.27 7.27
N LEU D 292 -21.09 -20.43 7.74
CA LEU D 292 -20.71 -20.96 9.04
C LEU D 292 -19.77 -22.14 8.82
N LEU D 293 -18.52 -21.99 9.28
CA LEU D 293 -17.51 -23.01 9.01
C LEU D 293 -17.72 -24.25 9.87
N GLN D 294 -18.34 -24.12 11.04
CA GLN D 294 -18.61 -25.25 11.93
C GLN D 294 -20.06 -25.17 12.36
N PRO D 295 -20.98 -25.53 11.46
CA PRO D 295 -22.41 -25.25 11.72
C PRO D 295 -22.99 -26.01 12.90
N TRP D 296 -22.41 -27.16 13.27
CA TRP D 296 -23.02 -27.98 14.32
C TRP D 296 -22.79 -27.43 15.73
N HIS D 297 -22.04 -26.34 15.89
CA HIS D 297 -22.06 -25.60 17.15
C HIS D 297 -22.23 -24.10 16.91
N LEU D 298 -22.94 -23.74 15.85
CA LEU D 298 -23.30 -22.35 15.57
C LEU D 298 -24.79 -22.22 15.33
N GLU D 299 -25.59 -23.00 16.06
CA GLU D 299 -27.03 -23.03 15.80
C GLU D 299 -27.72 -21.76 16.26
N LYS D 300 -27.31 -21.21 17.40
CA LYS D 300 -27.88 -19.95 17.85
C LYS D 300 -27.47 -18.79 16.94
N THR D 301 -26.21 -18.79 16.50
CA THR D 301 -25.76 -17.77 15.56
C THR D 301 -26.56 -17.84 14.26
N LYS D 302 -26.78 -19.04 13.74
CA LYS D 302 -27.53 -19.19 12.50
C LYS D 302 -28.94 -18.61 12.64
N LYS D 303 -29.61 -18.90 13.75
CA LYS D 303 -30.97 -18.39 13.94
C LYS D 303 -31.00 -16.88 13.89
N PHE D 304 -30.04 -16.22 14.54
CA PHE D 304 -30.00 -14.76 14.53
C PHE D 304 -29.66 -14.24 13.14
N VAL D 305 -28.64 -14.81 12.49
CA VAL D 305 -28.23 -14.32 11.18
C VAL D 305 -29.37 -14.47 10.18
N GLU D 306 -30.05 -15.63 10.21
CA GLU D 306 -31.17 -15.84 9.29
C GLU D 306 -32.39 -15.03 9.72
N GLY D 307 -32.64 -14.93 11.03
CA GLY D 307 -33.84 -14.27 11.51
C GLY D 307 -33.78 -12.76 11.50
N THR D 308 -32.61 -12.18 11.75
CA THR D 308 -32.47 -10.73 11.85
C THR D 308 -31.78 -10.12 10.64
N TRP D 309 -30.62 -10.66 10.22
CA TRP D 309 -29.92 -10.16 9.06
C TRP D 309 -30.56 -10.56 7.74
N LYS D 310 -31.41 -11.60 7.77
CA LYS D 310 -32.09 -12.11 6.57
C LYS D 310 -31.09 -12.65 5.55
N HIS D 311 -30.02 -13.25 6.04
CA HIS D 311 -29.05 -13.92 5.18
C HIS D 311 -29.47 -15.38 5.00
N GLU D 312 -29.44 -15.84 3.74
CA GLU D 312 -29.79 -17.25 3.39
C GLU D 312 -28.53 -18.10 3.58
N VAL D 313 -28.21 -18.41 4.84
CA VAL D 313 -27.02 -19.16 5.20
C VAL D 313 -27.03 -20.50 4.48
N PRO D 314 -26.02 -20.79 3.64
CA PRO D 314 -26.04 -22.04 2.89
C PRO D 314 -25.75 -23.23 3.78
N LYS D 315 -26.25 -24.39 3.35
CA LYS D 315 -26.10 -25.64 4.09
C LYS D 315 -24.78 -26.28 3.69
N LEU D 316 -23.70 -25.83 4.31
CA LEU D 316 -22.37 -26.36 4.06
C LEU D 316 -21.85 -27.11 5.26
N ASN D 317 -21.21 -28.25 5.00
CA ASN D 317 -20.42 -28.90 6.03
C ASN D 317 -19.11 -28.14 6.23
N ILE D 318 -18.43 -28.48 7.32
CA ILE D 318 -17.09 -27.96 7.61
C ILE D 318 -16.21 -28.26 6.40
N PRO D 319 -15.46 -27.29 5.88
CA PRO D 319 -14.61 -27.56 4.71
C PRO D 319 -13.39 -28.41 5.04
N MET D 320 -13.63 -29.69 5.27
CA MET D 320 -12.57 -30.66 5.52
C MET D 320 -12.63 -31.74 4.45
N GLY D 321 -11.46 -32.16 3.98
CA GLY D 321 -11.41 -33.16 2.95
C GLY D 321 -11.58 -32.57 1.57
N LEU D 322 -11.71 -33.48 0.60
CA LEU D 322 -11.77 -33.08 -0.81
C LEU D 322 -13.18 -32.60 -1.18
N ASP D 323 -14.19 -33.44 -0.93
CA ASP D 323 -15.55 -33.11 -1.35
C ASP D 323 -16.02 -31.82 -0.70
N TRP D 324 -15.83 -31.68 0.61
CA TRP D 324 -16.39 -30.54 1.32
C TRP D 324 -15.61 -29.26 1.12
N THR D 325 -14.33 -29.35 0.75
CA THR D 325 -13.62 -28.15 0.28
C THR D 325 -14.08 -27.77 -1.11
N ASP D 326 -14.31 -28.77 -1.98
CA ASP D 326 -14.92 -28.50 -3.28
C ASP D 326 -16.23 -27.74 -3.13
N GLU D 327 -17.13 -28.27 -2.30
CA GLU D 327 -18.45 -27.66 -2.15
C GLU D 327 -18.34 -26.24 -1.60
N PHE D 328 -17.46 -26.03 -0.62
CA PHE D 328 -17.28 -24.70 -0.04
C PHE D 328 -16.89 -23.69 -1.12
N LEU D 329 -15.87 -24.03 -1.91
CA LEU D 329 -15.40 -23.10 -2.94
C LEU D 329 -16.44 -22.88 -4.02
N MET D 330 -17.21 -23.92 -4.37
CA MET D 330 -18.27 -23.74 -5.34
C MET D 330 -19.36 -22.82 -4.80
N LYS D 331 -19.69 -22.96 -3.53
CA LYS D 331 -20.74 -22.10 -2.96
C LYS D 331 -20.25 -20.66 -2.86
N VAL D 332 -19.02 -20.45 -2.42
CA VAL D 332 -18.49 -19.09 -2.38
C VAL D 332 -18.47 -18.50 -3.78
N SER D 333 -18.04 -19.28 -4.77
CA SER D 333 -18.06 -18.80 -6.15
C SER D 333 -19.47 -18.39 -6.58
N GLU D 334 -20.47 -19.18 -6.18
CA GLU D 334 -21.84 -18.87 -6.56
C GLU D 334 -22.32 -17.57 -5.90
N ILE D 335 -22.04 -17.39 -4.61
CA ILE D 335 -22.54 -16.21 -3.92
C ILE D 335 -21.77 -14.97 -4.35
N SER D 336 -20.45 -15.09 -4.53
CA SER D 336 -19.63 -13.92 -4.83
C SER D 336 -19.63 -13.56 -6.31
N GLY D 337 -19.92 -14.53 -7.18
CA GLY D 337 -19.75 -14.31 -8.60
C GLY D 337 -18.33 -14.43 -9.09
N GLN D 338 -17.40 -14.83 -8.21
CA GLN D 338 -15.99 -15.00 -8.58
C GLN D 338 -15.73 -16.43 -9.04
N PRO D 339 -15.01 -16.64 -10.13
CA PRO D 339 -14.65 -18.00 -10.53
C PRO D 339 -13.58 -18.57 -9.62
N ILE D 340 -13.54 -19.90 -9.53
CA ILE D 340 -12.44 -20.57 -8.83
C ILE D 340 -11.20 -20.45 -9.71
N PRO D 341 -10.17 -19.74 -9.27
CA PRO D 341 -9.02 -19.48 -10.15
C PRO D 341 -8.25 -20.76 -10.47
N ALA D 342 -7.32 -20.62 -11.40
CA ALA D 342 -6.52 -21.76 -11.82
C ALA D 342 -5.63 -22.26 -10.70
N SER D 343 -5.17 -21.37 -9.82
CA SER D 343 -4.25 -21.78 -8.77
C SER D 343 -4.90 -22.76 -7.79
N LEU D 344 -6.18 -22.57 -7.48
CA LEU D 344 -6.87 -23.48 -6.56
C LEU D 344 -7.27 -24.78 -7.24
N THR D 345 -7.53 -24.76 -8.54
CA THR D 345 -7.77 -26.01 -9.27
C THR D 345 -6.51 -26.87 -9.29
N LYS D 346 -5.34 -26.24 -9.40
CA LYS D 346 -4.07 -26.98 -9.34
C LYS D 346 -3.83 -27.56 -7.96
N GLU D 347 -4.03 -26.74 -6.92
CA GLU D 347 -3.85 -27.23 -5.55
C GLU D 347 -4.72 -28.46 -5.30
N ARG D 348 -5.97 -28.43 -5.74
CA ARG D 348 -6.83 -29.60 -5.62
C ARG D 348 -6.22 -30.81 -6.30
N GLY D 349 -5.74 -30.63 -7.54
CA GLY D 349 -5.15 -31.74 -8.27
C GLY D 349 -3.88 -32.27 -7.64
N ARG D 350 -3.17 -31.42 -6.89
CA ARG D 350 -2.00 -31.91 -6.16
C ARG D 350 -2.41 -32.70 -4.91
N LEU D 351 -3.54 -32.35 -4.30
CA LEU D 351 -4.06 -33.17 -3.21
C LEU D 351 -4.51 -34.53 -3.72
N VAL D 352 -5.22 -34.56 -4.86
CA VAL D 352 -5.61 -35.83 -5.47
C VAL D 352 -4.38 -36.68 -5.75
N ASP D 353 -3.33 -36.07 -6.31
CA ASP D 353 -2.11 -36.84 -6.56
C ASP D 353 -1.57 -37.44 -5.27
N MET D 354 -1.55 -36.67 -4.19
CA MET D 354 -1.04 -37.22 -2.93
C MET D 354 -1.90 -38.39 -2.46
N MET D 355 -3.19 -38.36 -2.73
CA MET D 355 -4.04 -39.49 -2.37
C MET D 355 -3.72 -40.71 -3.22
N THR D 356 -3.46 -40.50 -4.53
CA THR D 356 -3.09 -41.63 -5.37
C THR D 356 -1.70 -42.17 -5.02
N ASP D 357 -0.79 -41.31 -4.54
CA ASP D 357 0.56 -41.76 -4.22
C ASP D 357 0.58 -42.63 -2.95
N SER D 358 -0.34 -42.39 -2.00
CA SER D 358 -0.29 -43.04 -0.70
C SER D 358 -1.47 -43.98 -0.45
N HIS D 359 -2.30 -44.24 -1.45
CA HIS D 359 -3.52 -44.99 -1.18
C HIS D 359 -3.25 -46.41 -0.70
N THR D 360 -2.15 -47.02 -1.16
CA THR D 360 -1.90 -48.42 -0.83
C THR D 360 -1.62 -48.61 0.65
N TRP D 361 -0.87 -47.68 1.25
CA TRP D 361 -0.60 -47.77 2.69
C TRP D 361 -1.81 -47.34 3.52
N LEU D 362 -2.67 -46.50 2.98
CA LEU D 362 -3.82 -46.04 3.74
C LEU D 362 -5.00 -47.00 3.68
N HIS D 363 -5.07 -47.85 2.65
CA HIS D 363 -6.25 -48.69 2.47
C HIS D 363 -6.51 -49.58 3.68
N GLY D 364 -7.75 -49.61 4.11
CA GLY D 364 -8.18 -50.52 5.16
C GLY D 364 -7.72 -50.18 6.56
N LYS D 365 -6.90 -49.16 6.73
CA LYS D 365 -6.40 -48.83 8.06
C LYS D 365 -7.54 -48.39 8.97
N ARG D 366 -7.52 -48.89 10.20
CA ARG D 366 -8.64 -48.76 11.12
C ARG D 366 -8.32 -47.72 12.17
N PHE D 367 -9.25 -46.80 12.42
CA PHE D 367 -9.03 -45.68 13.30
C PHE D 367 -10.12 -45.59 14.35
N ALA D 368 -9.74 -45.19 15.56
CA ALA D 368 -10.64 -44.64 16.55
C ALA D 368 -10.32 -43.16 16.71
N LEU D 369 -11.34 -42.32 16.82
CA LEU D 369 -11.10 -40.88 16.82
C LEU D 369 -12.15 -40.16 17.64
N TRP D 370 -11.77 -39.00 18.16
CA TRP D 370 -12.70 -38.19 18.94
C TRP D 370 -12.37 -36.70 18.77
N GLY D 371 -13.27 -35.87 19.28
CA GLY D 371 -13.14 -34.43 19.18
C GLY D 371 -14.52 -33.79 19.12
N ASP D 372 -14.54 -32.54 18.66
CA ASP D 372 -15.77 -31.79 18.56
C ASP D 372 -16.55 -32.19 17.33
N PRO D 373 -17.85 -31.90 17.29
CA PRO D 373 -18.70 -32.47 16.22
C PRO D 373 -18.23 -32.14 14.82
N ASP D 374 -18.04 -30.86 14.50
CA ASP D 374 -17.70 -30.52 13.12
C ASP D 374 -16.33 -31.07 12.73
N PHE D 375 -15.35 -31.00 13.64
CA PHE D 375 -14.05 -31.59 13.36
C PHE D 375 -14.16 -33.09 13.16
N VAL D 376 -14.91 -33.78 14.01
CA VAL D 376 -14.97 -35.24 13.97
C VAL D 376 -15.61 -35.71 12.67
N MET D 377 -16.75 -35.11 12.29
CA MET D 377 -17.42 -35.55 11.08
C MET D 377 -16.59 -35.24 9.83
N GLY D 378 -15.87 -34.11 9.83
CA GLY D 378 -14.99 -33.82 8.71
C GLY D 378 -13.85 -34.80 8.60
N LEU D 379 -13.29 -35.20 9.75
CA LEU D 379 -12.23 -36.20 9.75
C LEU D 379 -12.76 -37.54 9.29
N VAL D 380 -13.98 -37.92 9.71
CA VAL D 380 -14.57 -39.17 9.26
C VAL D 380 -14.77 -39.14 7.76
N LYS D 381 -15.18 -38.01 7.22
CA LYS D 381 -15.40 -37.90 5.78
C LYS D 381 -14.10 -38.08 5.01
N PHE D 382 -13.02 -37.44 5.48
CA PHE D 382 -11.75 -37.54 4.76
C PHE D 382 -11.16 -38.94 4.85
N LEU D 383 -11.26 -39.58 6.03
CA LEU D 383 -10.79 -40.96 6.14
C LEU D 383 -11.49 -41.85 5.14
N LEU D 384 -12.79 -41.65 4.93
CA LEU D 384 -13.51 -42.40 3.92
C LEU D 384 -12.98 -42.09 2.53
N GLU D 385 -12.67 -40.82 2.26
CA GLU D 385 -12.15 -40.43 0.95
C GLU D 385 -10.79 -41.08 0.68
N LEU D 386 -10.01 -41.35 1.73
CA LEU D 386 -8.73 -42.01 1.57
C LEU D 386 -8.85 -43.52 1.46
N GLY D 387 -10.01 -44.08 1.78
CA GLY D 387 -10.13 -45.52 1.86
C GLY D 387 -9.72 -46.09 3.20
N CYS D 388 -9.85 -45.32 4.26
CA CYS D 388 -9.64 -45.80 5.62
C CYS D 388 -10.99 -46.16 6.24
N GLU D 389 -10.92 -46.98 7.29
CA GLU D 389 -12.10 -47.42 8.02
C GLU D 389 -12.16 -46.72 9.36
N PRO D 390 -12.94 -45.66 9.52
CA PRO D 390 -13.25 -45.18 10.88
C PRO D 390 -14.06 -46.25 11.59
N VAL D 391 -13.54 -46.75 12.70
CA VAL D 391 -14.17 -47.88 13.40
C VAL D 391 -14.93 -47.38 14.62
N HIS D 392 -14.27 -46.66 15.50
CA HIS D 392 -14.87 -46.09 16.70
C HIS D 392 -14.85 -44.58 16.56
N ILE D 393 -16.03 -43.97 16.45
CA ILE D 393 -16.18 -42.52 16.30
C ILE D 393 -16.85 -42.00 17.56
N LEU D 394 -16.13 -41.17 18.33
CA LEU D 394 -16.57 -40.68 19.63
C LEU D 394 -16.67 -39.17 19.58
N CYS D 395 -17.82 -38.64 20.02
CA CYS D 395 -18.00 -37.20 20.19
C CYS D 395 -18.75 -37.01 21.50
N HIS D 396 -18.00 -36.72 22.56
CA HIS D 396 -18.63 -36.62 23.88
C HIS D 396 -19.72 -35.55 23.90
N ASN D 397 -19.52 -34.46 23.16
CA ASN D 397 -20.46 -33.35 23.13
C ASN D 397 -21.32 -33.33 21.87
N GLY D 398 -21.50 -34.49 21.22
CA GLY D 398 -22.39 -34.58 20.07
C GLY D 398 -23.82 -34.95 20.47
N ASN D 399 -24.76 -34.73 19.56
CA ASN D 399 -26.17 -34.97 19.81
C ASN D 399 -26.74 -35.96 18.82
N LYS D 400 -28.01 -36.32 19.07
CA LYS D 400 -28.70 -37.33 18.26
C LYS D 400 -28.71 -36.93 16.79
N ARG D 401 -29.10 -35.68 16.50
CA ARG D 401 -29.19 -35.24 15.11
C ARG D 401 -27.85 -35.35 14.42
N TRP D 402 -26.78 -34.94 15.10
CA TRP D 402 -25.43 -35.04 14.54
C TRP D 402 -25.08 -36.50 14.28
N LYS D 403 -25.34 -37.37 15.25
CA LYS D 403 -25.10 -38.80 15.05
C LYS D 403 -25.83 -39.32 13.81
N LYS D 404 -27.09 -38.92 13.65
CA LYS D 404 -27.86 -39.34 12.48
C LYS D 404 -27.16 -38.90 11.20
N ALA D 405 -26.54 -37.72 11.21
CA ALA D 405 -25.90 -37.20 10.00
C ALA D 405 -24.62 -37.95 9.69
N VAL D 406 -23.87 -38.35 10.72
CA VAL D 406 -22.61 -39.06 10.49
C VAL D 406 -22.89 -40.50 10.07
N ASP D 407 -23.90 -41.13 10.66
CA ASP D 407 -24.26 -42.49 10.28
C ASP D 407 -24.62 -42.55 8.80
N ALA D 408 -25.29 -41.52 8.30
CA ALA D 408 -25.65 -41.47 6.89
C ALA D 408 -24.41 -41.37 6.01
N ILE D 409 -23.44 -40.53 6.42
CA ILE D 409 -22.18 -40.43 5.67
C ILE D 409 -21.48 -41.78 5.64
N LEU D 410 -21.45 -42.48 6.78
CA LEU D 410 -20.85 -43.82 6.81
C LEU D 410 -21.63 -44.80 5.95
N ALA D 411 -22.96 -44.64 5.91
CA ALA D 411 -23.80 -45.52 5.09
C ALA D 411 -23.58 -45.33 3.61
N ALA D 412 -23.06 -44.18 3.18
CA ALA D 412 -22.86 -43.92 1.77
C ALA D 412 -21.55 -44.47 1.23
N SER D 413 -20.71 -45.08 2.07
CA SER D 413 -19.40 -45.57 1.66
C SER D 413 -19.14 -46.97 2.18
N PRO D 414 -18.51 -47.84 1.38
CA PRO D 414 -18.21 -49.20 1.86
C PRO D 414 -17.25 -49.21 3.03
N TYR D 415 -16.43 -48.18 3.19
CA TYR D 415 -15.42 -48.15 4.26
C TYR D 415 -16.02 -47.73 5.58
N GLY D 416 -17.32 -47.44 5.63
CA GLY D 416 -18.03 -47.17 6.86
C GLY D 416 -18.81 -48.35 7.39
N LYS D 417 -18.63 -49.55 6.82
CA LYS D 417 -19.40 -50.71 7.23
C LYS D 417 -19.07 -51.17 8.64
N ASN D 418 -17.88 -50.84 9.16
CA ASN D 418 -17.44 -51.28 10.48
C ASN D 418 -17.44 -50.16 11.51
N ALA D 419 -18.06 -49.03 11.19
CA ALA D 419 -18.03 -47.85 12.04
C ALA D 419 -19.19 -47.86 13.03
N THR D 420 -18.93 -47.29 14.21
CA THR D 420 -19.96 -47.02 15.19
C THR D 420 -19.74 -45.61 15.73
N VAL D 421 -20.81 -44.83 15.77
CA VAL D 421 -20.76 -43.45 16.27
C VAL D 421 -21.28 -43.44 17.70
N TYR D 422 -20.49 -42.84 18.60
CA TYR D 422 -20.82 -42.76 20.01
C TYR D 422 -20.94 -41.29 20.41
N ILE D 423 -22.02 -40.97 21.13
CA ILE D 423 -22.21 -39.64 21.70
C ILE D 423 -22.40 -39.79 23.21
N GLY D 424 -21.98 -38.76 23.94
CA GLY D 424 -22.08 -38.79 25.38
C GLY D 424 -21.16 -39.76 26.07
N LYS D 425 -20.28 -40.42 25.33
CA LYS D 425 -19.30 -41.34 25.91
C LYS D 425 -17.95 -40.65 26.04
N ASP D 426 -17.16 -41.15 26.98
CA ASP D 426 -15.91 -40.53 27.38
C ASP D 426 -14.74 -41.43 27.01
N LEU D 427 -13.53 -40.96 27.33
CA LEU D 427 -12.33 -41.67 26.92
C LEU D 427 -12.10 -42.95 27.70
N TRP D 428 -12.81 -43.17 28.81
CA TRP D 428 -12.77 -44.46 29.47
C TRP D 428 -13.65 -45.48 28.74
N HIS D 429 -14.75 -45.03 28.12
CA HIS D 429 -15.49 -45.89 27.20
C HIS D 429 -14.61 -46.29 26.02
N LEU D 430 -13.94 -45.31 25.40
CA LEU D 430 -13.13 -45.59 24.22
C LEU D 430 -11.96 -46.52 24.54
N ARG D 431 -11.43 -46.43 25.76
CA ARG D 431 -10.35 -47.35 26.16
C ARG D 431 -10.81 -48.80 26.04
N SER D 432 -12.04 -49.10 26.44
CA SER D 432 -12.55 -50.46 26.34
C SER D 432 -12.72 -50.87 24.88
N LEU D 433 -13.17 -49.95 24.02
CA LEU D 433 -13.38 -50.28 22.62
C LEU D 433 -12.08 -50.66 21.94
N VAL D 434 -11.00 -49.91 22.22
CA VAL D 434 -9.71 -50.17 21.57
C VAL D 434 -9.01 -51.39 22.14
N PHE D 435 -9.55 -51.96 23.22
CA PHE D 435 -9.10 -53.27 23.72
C PHE D 435 -9.90 -54.41 23.11
N THR D 436 -11.22 -54.25 23.01
CA THR D 436 -12.08 -55.31 22.53
C THR D 436 -12.18 -55.36 21.01
N ASP D 437 -12.05 -54.22 20.34
CA ASP D 437 -12.13 -54.14 18.89
C ASP D 437 -10.97 -53.27 18.39
N LYS D 438 -9.77 -53.85 18.44
CA LYS D 438 -8.55 -53.05 18.37
C LYS D 438 -8.40 -52.38 17.01
N PRO D 439 -8.18 -51.06 16.96
CA PRO D 439 -7.85 -50.41 15.69
C PRO D 439 -6.35 -50.28 15.50
N ASP D 440 -5.92 -49.76 14.36
CA ASP D 440 -4.49 -49.59 14.12
C ASP D 440 -3.97 -48.31 14.77
N PHE D 441 -4.76 -47.24 14.78
CA PHE D 441 -4.35 -45.99 15.40
C PHE D 441 -5.55 -45.29 16.02
N MET D 442 -5.25 -44.32 16.88
CA MET D 442 -6.21 -43.34 17.36
C MET D 442 -5.84 -41.98 16.77
N ILE D 443 -6.85 -41.17 16.48
CA ILE D 443 -6.67 -39.78 16.11
C ILE D 443 -7.41 -38.93 17.15
N GLY D 444 -6.67 -38.24 17.99
CA GLY D 444 -7.29 -37.49 19.06
C GLY D 444 -6.32 -36.52 19.70
N ASN D 445 -6.68 -36.05 20.90
CA ASN D 445 -5.89 -35.04 21.60
C ASN D 445 -4.94 -35.70 22.60
N SER D 446 -4.23 -34.87 23.36
CA SER D 446 -3.14 -35.37 24.20
C SER D 446 -3.65 -36.38 25.24
N TYR D 447 -4.91 -36.28 25.64
CA TYR D 447 -5.45 -37.21 26.64
C TYR D 447 -5.46 -38.64 26.15
N GLY D 448 -5.38 -38.86 24.84
CA GLY D 448 -5.29 -40.21 24.31
C GLY D 448 -3.98 -40.91 24.62
N LYS D 449 -2.96 -40.16 25.06
CA LYS D 449 -1.66 -40.78 25.33
C LYS D 449 -1.75 -41.79 26.47
N PHE D 450 -2.69 -41.61 27.39
CA PHE D 450 -2.88 -42.57 28.48
C PHE D 450 -3.62 -43.81 28.04
N ILE D 451 -4.37 -43.74 26.93
CA ILE D 451 -4.95 -44.96 26.36
C ILE D 451 -3.85 -45.79 25.71
N GLN D 452 -2.94 -45.14 24.98
CA GLN D 452 -1.82 -45.87 24.38
C GLN D 452 -0.97 -46.55 25.46
N ARG D 453 -0.73 -45.84 26.57
CA ARG D 453 0.01 -46.45 27.68
C ARG D 453 -0.68 -47.72 28.15
N ASP D 454 -2.00 -47.65 28.37
CA ASP D 454 -2.74 -48.80 28.87
C ASP D 454 -2.63 -49.99 27.92
N THR D 455 -2.82 -49.75 26.62
CA THR D 455 -2.79 -50.84 25.65
C THR D 455 -1.41 -51.47 25.59
N LEU D 456 -0.36 -50.66 25.53
CA LEU D 456 0.99 -51.22 25.52
C LEU D 456 1.21 -52.12 26.72
N HIS D 457 0.65 -51.76 27.88
CA HIS D 457 0.84 -52.55 29.08
C HIS D 457 0.26 -53.96 28.88
N LYS D 458 -0.81 -54.08 28.10
CA LYS D 458 -1.30 -55.42 27.80
C LYS D 458 -0.32 -56.20 26.94
N GLY D 459 0.43 -55.50 26.09
CA GLY D 459 1.41 -56.14 25.25
C GLY D 459 1.72 -55.29 24.03
N LYS D 460 2.93 -55.42 23.50
CA LYS D 460 3.30 -54.61 22.34
C LYS D 460 2.36 -54.85 21.17
N GLU D 461 1.87 -56.08 21.01
CA GLU D 461 0.96 -56.39 19.92
C GLU D 461 -0.42 -55.78 20.12
N PHE D 462 -0.73 -55.30 21.32
CA PHE D 462 -2.02 -54.68 21.61
C PHE D 462 -1.96 -53.16 21.61
N GLU D 463 -0.77 -52.58 21.42
CA GLU D 463 -0.62 -51.13 21.53
C GLU D 463 -1.31 -50.42 20.37
N VAL D 464 -2.03 -49.36 20.70
CA VAL D 464 -2.68 -48.51 19.70
C VAL D 464 -2.03 -47.14 19.74
N PRO D 465 -1.17 -46.80 18.78
CA PRO D 465 -0.50 -45.50 18.83
C PRO D 465 -1.47 -44.33 18.60
N LEU D 466 -1.14 -43.21 19.21
CA LEU D 466 -1.95 -42.00 19.10
C LEU D 466 -1.38 -41.08 18.03
N ILE D 467 -2.26 -40.61 17.14
CA ILE D 467 -1.94 -39.53 16.22
C ILE D 467 -2.62 -38.28 16.75
N ARG D 468 -1.84 -37.21 16.95
CA ARG D 468 -2.31 -36.04 17.68
C ARG D 468 -2.89 -35.02 16.72
N ILE D 469 -4.21 -35.08 16.54
CA ILE D 469 -4.98 -34.09 15.79
C ILE D 469 -6.18 -33.73 16.65
N GLY D 470 -6.30 -32.45 17.01
CA GLY D 470 -7.44 -32.00 17.79
C GLY D 470 -7.09 -30.92 18.80
N PHE D 471 -7.79 -30.92 19.93
CA PHE D 471 -7.55 -29.93 20.96
C PHE D 471 -7.91 -30.54 22.31
N PRO D 472 -7.08 -30.37 23.35
CA PRO D 472 -5.80 -29.67 23.33
C PRO D 472 -4.63 -30.58 23.02
N ILE D 473 -3.52 -30.01 22.56
CA ILE D 473 -2.27 -30.74 22.33
C ILE D 473 -1.23 -30.10 23.24
N PHE D 474 -0.91 -30.78 24.34
CA PHE D 474 -0.05 -30.22 25.38
C PHE D 474 1.37 -30.78 25.36
N ASP D 475 1.58 -31.98 24.82
CA ASP D 475 2.85 -32.68 24.95
C ASP D 475 3.66 -32.70 23.66
N ARG D 476 3.27 -31.92 22.67
CA ARG D 476 4.11 -31.62 21.52
C ARG D 476 4.08 -30.10 21.31
N HIS D 477 5.10 -29.60 20.63
CA HIS D 477 5.24 -28.17 20.44
C HIS D 477 4.79 -27.75 19.06
N HIS D 478 4.06 -26.64 18.98
CA HIS D 478 3.79 -25.91 17.75
C HIS D 478 2.94 -26.67 16.75
N LEU D 479 2.19 -27.68 17.17
CA LEU D 479 1.21 -28.27 16.27
C LEU D 479 -0.02 -27.39 16.09
N HIS D 480 -0.22 -26.41 16.98
CA HIS D 480 -1.33 -25.47 16.82
C HIS D 480 -1.17 -24.60 15.57
N ARG D 481 0.04 -24.52 15.01
CA ARG D 481 0.27 -23.71 13.82
C ARG D 481 -0.20 -24.39 12.54
N SER D 482 -0.55 -25.67 12.60
CA SER D 482 -0.82 -26.46 11.41
C SER D 482 -2.24 -26.17 10.90
N THR D 483 -2.67 -26.96 9.90
CA THR D 483 -3.93 -26.75 9.23
C THR D 483 -4.67 -28.09 9.12
N THR D 484 -6.01 -28.03 9.22
CA THR D 484 -6.86 -29.18 8.95
C THR D 484 -7.92 -28.90 7.89
N LEU D 485 -8.24 -27.64 7.63
CA LEU D 485 -9.27 -27.28 6.66
C LEU D 485 -8.69 -27.17 5.25
N GLY D 486 -9.57 -27.29 4.27
CA GLY D 486 -9.20 -27.07 2.88
C GLY D 486 -8.25 -28.12 2.35
N TYR D 487 -7.82 -27.91 1.11
CA TYR D 487 -6.88 -28.82 0.48
C TYR D 487 -5.57 -28.84 1.27
N GLU D 488 -5.08 -27.66 1.67
CA GLU D 488 -3.86 -27.56 2.46
C GLU D 488 -3.95 -28.44 3.71
N GLY D 489 -5.07 -28.36 4.42
CA GLY D 489 -5.24 -29.21 5.59
C GLY D 489 -5.36 -30.67 5.23
N ALA D 490 -6.06 -30.97 4.13
CA ALA D 490 -6.20 -32.35 3.71
C ALA D 490 -4.83 -32.98 3.41
N MET D 491 -3.96 -32.23 2.74
CA MET D 491 -2.61 -32.73 2.48
C MET D 491 -1.85 -32.96 3.77
N GLN D 492 -2.04 -32.11 4.77
CA GLN D 492 -1.30 -32.27 6.02
C GLN D 492 -1.82 -33.48 6.80
N ILE D 493 -3.14 -33.65 6.88
CA ILE D 493 -3.68 -34.84 7.56
C ILE D 493 -3.18 -36.10 6.86
N LEU D 494 -3.29 -36.14 5.53
CA LEU D 494 -2.88 -37.32 4.77
C LEU D 494 -1.42 -37.64 4.99
N THR D 495 -0.54 -36.63 4.94
CA THR D 495 0.87 -36.86 5.18
C THR D 495 1.11 -37.41 6.57
N THR D 496 0.41 -36.86 7.57
CA THR D 496 0.58 -37.32 8.94
C THR D 496 0.13 -38.77 9.10
N LEU D 497 -1.02 -39.11 8.52
CA LEU D 497 -1.53 -40.47 8.64
C LEU D 497 -0.57 -41.48 8.01
N VAL D 498 -0.27 -41.28 6.72
CA VAL D 498 0.50 -42.28 6.00
C VAL D 498 1.89 -42.45 6.63
N ASN D 499 2.46 -41.36 7.13
CA ASN D 499 3.80 -41.47 7.72
C ASN D 499 3.74 -42.04 9.13
N SER D 500 2.63 -41.85 9.83
CA SER D 500 2.45 -42.55 11.10
C SER D 500 2.34 -44.04 10.89
N ILE D 501 1.66 -44.45 9.81
CA ILE D 501 1.60 -45.86 9.45
C ILE D 501 2.99 -46.41 9.20
N LEU D 502 3.80 -45.67 8.44
CA LEU D 502 5.12 -46.17 8.09
C LEU D 502 6.08 -46.14 9.29
N GLU D 503 5.97 -45.14 10.16
CA GLU D 503 6.82 -45.13 11.36
C GLU D 503 6.59 -46.36 12.22
N ARG D 504 5.32 -46.73 12.42
CA ARG D 504 5.01 -47.92 13.20
C ARG D 504 5.48 -49.19 12.50
N LEU D 505 5.35 -49.26 11.18
CA LEU D 505 5.87 -50.41 10.47
C LEU D 505 7.38 -50.53 10.68
N ASP D 506 8.10 -49.41 10.56
CA ASP D 506 9.55 -49.45 10.73
C ASP D 506 9.93 -49.94 12.11
N GLU D 507 9.17 -49.56 13.14
CA GLU D 507 9.43 -50.06 14.48
C GLU D 507 9.11 -51.55 14.58
N GLU D 508 8.01 -52.00 13.96
CA GLU D 508 7.65 -53.41 14.04
C GLU D 508 8.59 -54.30 13.23
N THR D 509 9.34 -53.73 12.29
CA THR D 509 10.26 -54.50 11.46
C THR D 509 11.72 -54.14 11.73
N ARG D 510 12.02 -53.58 12.89
CA ARG D 510 13.39 -53.16 13.20
C ARG D 510 14.21 -54.26 13.85
N GLY D 511 13.59 -55.37 14.26
CA GLY D 511 14.31 -56.43 14.93
C GLY D 511 15.15 -57.25 13.96
N MET D 512 16.48 -57.22 14.14
CA MET D 512 17.38 -57.85 13.19
C MET D 512 17.21 -59.36 13.17
N GLN D 513 17.23 -59.94 11.97
CA GLN D 513 17.15 -61.38 11.76
C GLN D 513 15.82 -61.96 12.26
N ALA D 514 14.93 -61.10 12.75
CA ALA D 514 13.61 -61.52 13.17
C ALA D 514 12.53 -60.93 12.28
N THR D 515 12.43 -59.61 12.22
CA THR D 515 11.42 -58.94 11.42
C THR D 515 11.99 -57.96 10.41
N ASP D 516 13.31 -57.75 10.38
CA ASP D 516 13.87 -56.75 9.49
C ASP D 516 13.97 -57.22 8.04
N TYR D 517 13.50 -58.44 7.74
CA TYR D 517 13.38 -58.81 6.33
C TYR D 517 12.43 -57.88 5.60
N ASN D 518 11.48 -57.27 6.33
CA ASN D 518 10.52 -56.33 5.78
C ASN D 518 10.87 -54.89 6.16
N HIS D 519 12.13 -54.62 6.49
CA HIS D 519 12.61 -53.28 6.80
C HIS D 519 13.07 -52.57 5.52
N ASP D 520 12.12 -52.39 4.60
CA ASP D 520 12.45 -51.93 3.26
C ASP D 520 13.01 -50.50 3.29
N LEU D 521 13.93 -50.24 2.36
CA LEU D 521 14.42 -48.87 2.21
C LEU D 521 13.39 -47.99 1.53
N VAL D 522 12.64 -48.54 0.58
CA VAL D 522 11.70 -47.78 -0.24
C VAL D 522 10.28 -48.22 0.12
N ARG D 523 9.43 -47.25 0.42
CA ARG D 523 8.02 -47.53 0.69
C ARG D 523 7.14 -46.66 -0.19
N MET E 12 9.69 72.69 16.05
CA MET E 12 8.75 73.70 16.53
C MET E 12 8.87 73.89 18.05
N SER E 13 8.79 75.14 18.48
CA SER E 13 8.91 75.48 19.89
C SER E 13 7.55 75.36 20.58
N ARG E 14 7.59 75.44 21.92
CA ARG E 14 6.33 75.33 22.71
C ARG E 14 5.33 76.38 22.23
N GLU E 15 5.79 77.62 22.04
CA GLU E 15 4.86 78.69 21.67
C GLU E 15 4.31 78.49 20.26
N GLU E 16 5.14 77.96 19.34
CA GLU E 16 4.67 77.77 17.96
C GLU E 16 3.62 76.67 17.88
N VAL E 17 3.77 75.60 18.66
CA VAL E 17 2.77 74.55 18.69
C VAL E 17 1.47 75.10 19.27
N GLU E 18 1.56 75.93 20.31
CA GLU E 18 0.38 76.59 20.87
C GLU E 18 -0.29 77.48 19.82
N SER E 19 0.53 78.22 19.05
CA SER E 19 -0.03 79.02 17.95
C SER E 19 -0.75 78.13 16.95
N LEU E 20 -0.10 77.04 16.54
CA LEU E 20 -0.72 76.13 15.58
C LEU E 20 -2.09 75.67 16.06
N ILE E 21 -2.19 75.29 17.33
CA ILE E 21 -3.47 74.85 17.89
C ILE E 21 -4.51 75.96 17.72
N GLN E 22 -4.14 77.19 18.10
CA GLN E 22 -5.09 78.29 18.08
C GLN E 22 -5.50 78.65 16.66
N GLU E 23 -4.55 78.60 15.72
CA GLU E 23 -4.89 78.88 14.33
C GLU E 23 -5.89 77.87 13.78
N VAL E 24 -5.71 76.59 14.12
CA VAL E 24 -6.61 75.54 13.62
C VAL E 24 -8.01 75.73 14.18
N LEU E 25 -8.12 76.11 15.46
CA LEU E 25 -9.41 76.23 16.11
C LEU E 25 -10.27 77.36 15.57
N GLU E 26 -9.69 78.25 14.77
CA GLU E 26 -10.42 79.43 14.28
C GLU E 26 -11.57 79.08 13.37
N VAL E 27 -11.55 77.90 12.75
CA VAL E 27 -12.59 77.54 11.78
C VAL E 27 -13.89 77.15 12.47
N TYR E 28 -13.85 76.85 13.76
CA TYR E 28 -15.00 76.23 14.42
C TYR E 28 -16.03 77.28 14.85
N PRO E 29 -17.31 76.91 14.90
CA PRO E 29 -18.28 77.71 15.64
C PRO E 29 -17.88 77.81 17.11
N GLU E 30 -18.39 78.85 17.77
CA GLU E 30 -17.93 79.16 19.13
C GLU E 30 -18.10 77.97 20.06
N LYS E 31 -19.23 77.27 19.98
CA LYS E 31 -19.46 76.14 20.87
C LYS E 31 -18.42 75.05 20.65
N ALA E 32 -18.15 74.70 19.39
CA ALA E 32 -17.15 73.67 19.11
C ALA E 32 -15.75 74.15 19.44
N ARG E 33 -15.45 75.42 19.17
CA ARG E 33 -14.11 75.95 19.42
C ARG E 33 -13.75 75.88 20.91
N LYS E 34 -14.71 76.16 21.78
CA LYS E 34 -14.46 76.11 23.22
C LYS E 34 -14.17 74.70 23.70
N ASP E 35 -14.87 73.70 23.15
CA ASP E 35 -14.67 72.31 23.59
C ASP E 35 -13.38 71.74 23.06
N ARG E 36 -13.17 71.81 21.74
CA ARG E 36 -11.98 71.21 21.14
C ARG E 36 -10.70 71.77 21.73
N ASN E 37 -10.71 73.07 22.08
CA ASN E 37 -9.54 73.69 22.70
C ASN E 37 -9.05 72.88 23.89
N LYS E 38 -9.98 72.30 24.65
CA LYS E 38 -9.64 71.53 25.85
C LYS E 38 -9.02 70.18 25.54
N HIS E 39 -9.09 69.72 24.28
CA HIS E 39 -8.62 68.40 23.90
C HIS E 39 -7.35 68.46 23.06
N LEU E 40 -6.67 69.60 23.06
CA LEU E 40 -5.43 69.80 22.33
C LEU E 40 -4.41 70.44 23.26
N ALA E 41 -3.18 69.94 23.25
CA ALA E 41 -2.20 70.42 24.22
C ALA E 41 -0.78 70.25 23.68
N VAL E 42 0.13 71.03 24.26
CA VAL E 42 1.56 70.90 24.03
C VAL E 42 2.14 70.13 25.21
N ASN E 43 2.84 69.04 24.91
CA ASN E 43 3.26 68.12 25.96
C ASN E 43 4.29 68.75 26.89
N ASP E 44 4.17 68.45 28.18
CA ASP E 44 5.18 68.79 29.18
C ASP E 44 5.45 67.51 29.98
N PRO E 45 6.62 66.87 29.81
CA PRO E 45 6.86 65.59 30.50
C PRO E 45 6.88 65.69 32.02
N ALA E 46 6.93 66.90 32.59
CA ALA E 46 7.03 67.07 34.03
C ALA E 46 5.69 66.95 34.75
N VAL E 47 4.58 67.15 34.05
CA VAL E 47 3.27 67.12 34.70
C VAL E 47 2.89 65.67 34.97
N THR E 48 2.28 65.42 36.12
CA THR E 48 1.84 64.09 36.52
C THR E 48 0.34 63.90 36.45
N GLN E 49 -0.44 64.98 36.64
CA GLN E 49 -1.88 64.96 36.46
C GLN E 49 -2.17 65.57 35.09
N SER E 50 -2.44 64.70 34.11
CA SER E 50 -2.67 65.17 32.75
C SER E 50 -3.95 65.99 32.62
N LYS E 51 -4.89 65.86 33.55
CA LYS E 51 -6.12 66.64 33.48
C LYS E 51 -5.86 68.13 33.62
N LYS E 52 -4.65 68.53 34.02
CA LYS E 52 -4.27 69.94 34.04
C LYS E 52 -3.82 70.45 32.68
N ALA E 53 -3.67 69.57 31.69
CA ALA E 53 -3.25 69.96 30.36
C ALA E 53 -4.23 69.56 29.26
N ILE E 54 -5.02 68.51 29.46
CA ILE E 54 -5.85 67.97 28.38
C ILE E 54 -7.02 67.22 29.00
N ILE E 55 -8.19 67.35 28.35
CA ILE E 55 -9.42 66.67 28.74
C ILE E 55 -9.68 65.54 27.76
N SER E 56 -10.29 64.47 28.26
CA SER E 56 -10.50 63.28 27.45
C SER E 56 -11.74 62.54 27.90
N ASN E 57 -12.11 61.51 27.11
CA ASN E 57 -13.26 60.66 27.40
C ASN E 57 -14.54 61.50 27.51
N LYS E 58 -14.71 62.43 26.60
CA LYS E 58 -15.90 63.27 26.50
C LYS E 58 -16.60 63.00 25.17
N LYS E 59 -17.86 63.43 25.10
CA LYS E 59 -18.64 63.23 23.89
C LYS E 59 -17.99 63.94 22.70
N SER E 60 -18.14 63.35 21.52
CA SER E 60 -17.65 63.98 20.30
C SER E 60 -18.59 65.08 19.87
N GLN E 61 -18.01 66.18 19.39
CA GLN E 61 -18.84 67.27 18.87
C GLN E 61 -19.51 66.83 17.57
N PRO E 62 -20.79 67.13 17.39
CA PRO E 62 -21.50 66.61 16.21
C PRO E 62 -20.94 67.20 14.92
N GLY E 63 -20.76 66.34 13.93
CA GLY E 63 -20.48 66.79 12.58
C GLY E 63 -19.05 67.18 12.29
N LEU E 64 -18.09 66.81 13.13
CA LEU E 64 -16.70 67.15 12.92
C LEU E 64 -15.88 65.99 12.36
N MET E 65 -16.53 64.88 12.03
CA MET E 65 -15.89 63.69 11.46
C MET E 65 -14.85 63.10 12.41
N THR E 66 -15.31 62.78 13.62
CA THR E 66 -14.48 62.03 14.54
C THR E 66 -14.17 60.66 13.96
N ILE E 67 -13.06 60.08 14.43
CA ILE E 67 -12.63 58.75 13.99
C ILE E 67 -13.16 57.65 14.90
N ARG E 68 -13.90 58.01 15.95
CA ARG E 68 -14.36 57.05 16.94
C ARG E 68 -15.42 56.11 16.37
N GLY E 69 -15.50 54.92 16.96
CA GLY E 69 -16.60 54.00 16.80
C GLY E 69 -17.54 54.02 17.98
N CYS E 70 -18.23 52.91 18.22
CA CYS E 70 -19.27 52.83 19.23
C CYS E 70 -18.93 51.77 20.28
N ALA E 71 -19.85 51.60 21.24
CA ALA E 71 -19.65 50.64 22.32
C ALA E 71 -19.80 49.20 21.83
N TYR E 72 -20.62 48.97 20.82
CA TYR E 72 -20.68 47.65 20.21
C TYR E 72 -19.34 47.27 19.60
N ALA E 73 -18.68 48.23 18.96
CA ALA E 73 -17.33 47.97 18.44
C ALA E 73 -16.38 47.60 19.57
N GLY E 74 -16.47 48.30 20.70
CA GLY E 74 -15.58 48.01 21.82
C GLY E 74 -15.88 46.71 22.52
N SER E 75 -17.12 46.23 22.43
CA SER E 75 -17.52 44.99 23.07
C SER E 75 -17.48 43.81 22.09
N LYS E 76 -18.23 43.87 21.00
CA LYS E 76 -18.26 42.78 20.03
C LYS E 76 -16.95 42.73 19.24
N GLY E 77 -16.52 43.87 18.70
CA GLY E 77 -15.36 43.87 17.84
C GLY E 77 -14.07 43.58 18.58
N VAL E 78 -13.95 44.04 19.82
CA VAL E 78 -12.65 44.07 20.50
C VAL E 78 -12.53 42.95 21.53
N VAL E 79 -13.42 42.93 22.52
CA VAL E 79 -13.24 42.06 23.69
C VAL E 79 -13.81 40.67 23.43
N TRP E 80 -15.06 40.57 23.00
CA TRP E 80 -15.74 39.28 22.91
C TRP E 80 -15.47 38.54 21.61
N GLY E 81 -15.47 39.23 20.47
CA GLY E 81 -15.27 38.61 19.20
C GLY E 81 -14.10 37.63 19.15
N PRO E 82 -12.93 38.01 19.69
CA PRO E 82 -11.76 37.12 19.58
C PRO E 82 -11.91 35.79 20.28
N ILE E 83 -12.76 35.69 21.30
CA ILE E 83 -12.94 34.42 22.00
C ILE E 83 -13.42 33.40 20.99
N LYS E 84 -12.60 32.37 20.75
CA LYS E 84 -12.72 31.59 19.53
C LYS E 84 -13.74 30.46 19.60
N ASP E 85 -13.96 29.84 20.75
CA ASP E 85 -14.86 28.69 20.82
C ASP E 85 -16.27 29.06 21.26
N MET E 86 -16.61 30.34 21.32
CA MET E 86 -18.00 30.75 21.48
C MET E 86 -18.52 31.39 20.20
N ILE E 87 -19.85 31.47 20.12
CA ILE E 87 -20.56 32.09 19.01
C ILE E 87 -21.13 33.41 19.52
N HIS E 88 -20.85 34.49 18.81
CA HIS E 88 -21.24 35.83 19.21
C HIS E 88 -22.30 36.35 18.24
N ILE E 89 -23.49 36.65 18.77
CA ILE E 89 -24.65 37.05 17.98
C ILE E 89 -24.70 38.56 17.92
N SER E 90 -24.53 39.12 16.72
CA SER E 90 -24.79 40.55 16.49
C SER E 90 -26.30 40.74 16.46
N HIS E 91 -26.86 41.22 17.58
CA HIS E 91 -28.31 41.19 17.81
C HIS E 91 -28.91 42.52 17.37
N GLY E 92 -29.65 42.48 16.26
CA GLY E 92 -30.23 43.67 15.69
C GLY E 92 -30.24 43.60 14.17
N PRO E 93 -30.26 44.75 13.51
CA PRO E 93 -30.22 44.75 12.03
C PRO E 93 -28.83 44.38 11.51
N VAL E 94 -28.76 44.24 10.19
CA VAL E 94 -27.68 43.50 9.55
C VAL E 94 -26.35 44.24 9.54
N GLY E 95 -26.37 45.58 9.63
CA GLY E 95 -25.17 46.34 9.33
C GLY E 95 -23.98 45.99 10.21
N CYS E 96 -24.18 46.05 11.53
CA CYS E 96 -23.03 46.04 12.43
C CYS E 96 -22.17 44.80 12.21
N GLY E 97 -22.78 43.61 12.31
CA GLY E 97 -22.02 42.38 12.16
C GLY E 97 -21.35 42.24 10.82
N GLN E 98 -21.87 42.90 9.79
CA GLN E 98 -21.27 42.78 8.45
C GLN E 98 -20.06 43.69 8.31
N TYR E 99 -20.17 44.95 8.77
CA TYR E 99 -19.01 45.85 8.68
C TYR E 99 -17.88 45.39 9.58
N SER E 100 -18.19 44.67 10.65
CA SER E 100 -17.19 44.22 11.61
C SER E 100 -16.80 42.75 11.40
N ARG E 101 -17.28 42.12 10.32
CA ARG E 101 -16.91 40.73 10.07
C ARG E 101 -15.47 40.67 9.57
N ALA E 102 -14.58 40.11 10.40
CA ALA E 102 -13.20 39.80 10.01
C ALA E 102 -12.43 41.06 9.59
N GLY E 103 -12.81 42.22 10.14
CA GLY E 103 -12.03 43.42 9.91
C GLY E 103 -10.87 43.60 10.85
N ARG E 104 -10.89 42.90 11.98
CA ARG E 104 -9.84 42.99 12.99
C ARG E 104 -9.09 41.66 13.03
N ARG E 105 -7.76 41.75 12.97
CA ARG E 105 -6.93 40.56 12.76
C ARG E 105 -6.52 39.91 14.08
N ASN E 106 -7.50 39.61 14.92
CA ASN E 106 -7.25 38.92 16.19
C ASN E 106 -7.13 37.43 15.90
N TYR E 107 -5.89 36.98 15.71
CA TYR E 107 -5.63 35.67 15.14
C TYR E 107 -5.92 34.54 16.13
N TYR E 108 -6.22 33.36 15.58
CA TYR E 108 -6.57 32.21 16.40
C TYR E 108 -6.28 30.94 15.63
N ILE E 109 -6.17 29.84 16.37
CA ILE E 109 -6.04 28.49 15.82
C ILE E 109 -7.36 27.77 16.06
N GLY E 110 -8.01 27.36 14.98
CA GLY E 110 -9.23 26.58 15.12
C GLY E 110 -9.75 26.17 13.76
N THR E 111 -10.78 25.34 13.79
CA THR E 111 -11.47 24.88 12.60
C THR E 111 -12.72 25.73 12.48
N THR E 112 -12.65 26.76 11.62
CA THR E 112 -13.69 27.78 11.60
C THR E 112 -15.00 27.21 11.07
N GLY E 113 -16.08 27.45 11.80
CA GLY E 113 -17.39 26.90 11.48
C GLY E 113 -17.72 25.61 12.19
N VAL E 114 -16.73 24.94 12.76
CA VAL E 114 -16.92 23.66 13.46
C VAL E 114 -16.70 23.83 14.97
N ASN E 115 -15.47 24.16 15.37
CA ASN E 115 -15.14 24.39 16.77
C ASN E 115 -14.69 25.82 17.07
N ALA E 116 -14.48 26.65 16.06
CA ALA E 116 -14.18 28.06 16.24
C ALA E 116 -14.97 28.85 15.20
N PHE E 117 -15.25 30.13 15.52
CA PHE E 117 -16.24 30.87 14.74
C PHE E 117 -15.92 32.34 14.57
N VAL E 118 -14.67 32.76 14.76
CA VAL E 118 -14.37 34.18 14.95
C VAL E 118 -14.76 34.98 13.70
N THR E 119 -14.32 34.53 12.53
CA THR E 119 -14.50 35.30 11.31
C THR E 119 -15.87 35.12 10.67
N MET E 120 -16.78 34.40 11.34
CA MET E 120 -18.16 34.28 10.89
C MET E 120 -18.98 35.41 11.50
N ASN E 121 -20.07 35.75 10.81
CA ASN E 121 -20.98 36.81 11.28
C ASN E 121 -22.33 36.19 11.59
N PHE E 122 -22.60 35.95 12.87
CA PHE E 122 -23.93 35.55 13.32
C PHE E 122 -24.74 36.81 13.62
N THR E 123 -25.96 36.86 13.09
CA THR E 123 -26.81 38.02 13.29
C THR E 123 -28.27 37.59 13.30
N SER E 124 -29.09 38.38 13.98
CA SER E 124 -30.53 38.20 13.97
C SER E 124 -31.22 38.99 12.86
N ASP E 125 -30.47 39.82 12.15
CA ASP E 125 -30.96 40.53 10.96
C ASP E 125 -32.36 41.09 11.19
N PHE E 126 -32.48 42.08 12.06
CA PHE E 126 -33.79 42.63 12.39
C PHE E 126 -34.48 43.20 11.16
N GLN E 127 -35.77 42.88 11.03
CA GLN E 127 -36.68 43.54 10.10
C GLN E 127 -37.62 44.45 10.89
N GLU E 128 -38.50 45.15 10.17
CA GLU E 128 -39.40 46.06 10.85
C GLU E 128 -40.31 45.32 11.81
N LYS E 129 -40.69 44.09 11.48
CA LYS E 129 -41.51 43.28 12.37
C LYS E 129 -40.85 43.12 13.73
N ASP E 130 -39.53 42.96 13.74
CA ASP E 130 -38.82 42.76 15.00
C ASP E 130 -38.72 44.06 15.79
N ILE E 131 -38.62 45.19 15.12
CA ILE E 131 -38.60 46.47 15.82
C ILE E 131 -39.94 46.74 16.50
N VAL E 132 -41.04 46.44 15.81
CA VAL E 132 -42.35 46.81 16.32
C VAL E 132 -42.76 45.89 17.47
N PHE E 133 -42.58 44.57 17.31
CA PHE E 133 -43.04 43.61 18.29
C PHE E 133 -41.95 43.11 19.23
N GLY E 134 -40.70 43.49 19.00
CA GLY E 134 -39.60 43.03 19.83
C GLY E 134 -38.96 41.76 19.27
N GLY E 135 -37.70 41.56 19.67
CA GLY E 135 -36.91 40.45 19.17
C GLY E 135 -36.65 39.33 20.14
N ASP E 136 -37.29 39.33 21.32
CA ASP E 136 -36.95 38.34 22.34
C ASP E 136 -37.38 36.94 21.92
N LYS E 137 -38.50 36.81 21.23
CA LYS E 137 -38.89 35.48 20.73
C LYS E 137 -37.94 35.01 19.63
N LYS E 138 -37.50 35.93 18.77
CA LYS E 138 -36.56 35.57 17.72
C LYS E 138 -35.23 35.09 18.30
N LEU E 139 -34.75 35.76 19.35
CA LEU E 139 -33.46 35.39 19.93
C LEU E 139 -33.50 33.98 20.53
N ALA E 140 -34.61 33.63 21.17
CA ALA E 140 -34.73 32.27 21.73
C ALA E 140 -34.74 31.22 20.63
N LYS E 141 -35.45 31.49 19.54
CA LYS E 141 -35.44 30.58 18.39
C LYS E 141 -34.06 30.56 17.74
N LEU E 142 -33.41 31.73 17.63
CA LEU E 142 -32.06 31.77 17.07
C LEU E 142 -31.10 30.92 17.90
N ILE E 143 -31.24 30.96 19.22
CA ILE E 143 -30.35 30.18 20.08
C ILE E 143 -30.52 28.70 19.82
N ASP E 144 -31.76 28.24 19.69
CA ASP E 144 -32.02 26.84 19.38
C ASP E 144 -31.35 26.44 18.07
N GLU E 145 -31.49 27.28 17.04
CA GLU E 145 -30.91 26.97 15.74
C GLU E 145 -29.39 26.97 15.80
N VAL E 146 -28.79 27.84 16.61
CA VAL E 146 -27.35 27.81 16.81
C VAL E 146 -26.93 26.46 17.40
N GLU E 147 -27.66 26.00 18.41
CA GLU E 147 -27.31 24.74 19.06
C GLU E 147 -27.42 23.58 18.08
N THR E 148 -28.38 23.64 17.17
CA THR E 148 -28.57 22.54 16.22
C THR E 148 -27.45 22.49 15.20
N LEU E 149 -27.13 23.64 14.57
CA LEU E 149 -26.23 23.69 13.43
C LEU E 149 -24.76 23.83 13.82
N PHE E 150 -24.46 24.16 15.07
CA PHE E 150 -23.09 24.34 15.54
C PHE E 150 -22.95 23.66 16.89
N PRO E 151 -22.98 22.32 16.92
CA PRO E 151 -23.07 21.62 18.22
C PRO E 151 -21.81 21.72 19.07
N LEU E 152 -20.65 22.01 18.49
CA LEU E 152 -19.41 22.06 19.25
C LEU E 152 -19.09 23.45 19.81
N ASN E 153 -19.96 24.43 19.64
CA ASN E 153 -19.76 25.71 20.30
C ASN E 153 -19.88 25.52 21.81
N LYS E 154 -19.08 26.27 22.57
CA LYS E 154 -18.97 26.12 24.00
C LYS E 154 -19.58 27.28 24.76
N GLY E 155 -20.42 28.08 24.10
CA GLY E 155 -21.05 29.21 24.73
C GLY E 155 -21.49 30.22 23.71
N ILE E 156 -22.45 31.05 24.10
CA ILE E 156 -23.03 32.06 23.23
C ILE E 156 -22.99 33.40 23.96
N SER E 157 -22.72 34.47 23.22
CA SER E 157 -22.91 35.82 23.74
C SER E 157 -23.83 36.56 22.80
N VAL E 158 -24.60 37.49 23.36
CA VAL E 158 -25.57 38.28 22.61
C VAL E 158 -25.11 39.73 22.65
N GLN E 159 -24.59 40.22 21.53
CA GLN E 159 -24.05 41.58 21.46
C GLN E 159 -25.15 42.51 20.99
N SER E 160 -25.66 43.34 21.90
CA SER E 160 -26.78 44.21 21.59
C SER E 160 -26.33 45.32 20.63
N GLU E 161 -27.10 45.51 19.57
CA GLU E 161 -26.95 46.66 18.68
C GLU E 161 -27.95 47.74 19.11
N CYS E 162 -27.83 48.91 18.49
CA CYS E 162 -28.54 50.10 18.94
C CYS E 162 -30.02 49.88 19.25
N PRO E 163 -30.81 49.21 18.40
CA PRO E 163 -32.26 49.15 18.66
C PRO E 163 -32.65 48.33 19.88
N ILE E 164 -31.79 47.42 20.35
CA ILE E 164 -32.22 46.46 21.37
C ILE E 164 -32.70 47.17 22.62
N GLY E 165 -31.89 48.08 23.16
CA GLY E 165 -32.30 48.79 24.37
C GLY E 165 -33.41 49.79 24.13
N CYS E 166 -33.48 50.35 22.91
CA CYS E 166 -34.51 51.35 22.62
C CYS E 166 -35.90 50.73 22.58
N ILE E 167 -36.04 49.54 22.00
CA ILE E 167 -37.37 48.92 21.90
C ILE E 167 -37.78 48.21 23.17
N GLY E 168 -36.89 48.11 24.16
CA GLY E 168 -37.23 47.54 25.44
C GLY E 168 -37.05 46.04 25.55
N ASP E 169 -36.29 45.42 24.64
CA ASP E 169 -36.09 43.99 24.71
C ASP E 169 -35.38 43.62 26.01
N ASP E 170 -35.61 42.39 26.47
CA ASP E 170 -35.03 41.87 27.70
C ASP E 170 -34.20 40.65 27.35
N ILE E 171 -32.99 40.89 26.83
CA ILE E 171 -32.11 39.79 26.46
C ILE E 171 -31.61 39.04 27.69
N GLU E 172 -31.61 39.67 28.87
CA GLU E 172 -31.10 39.00 30.07
C GLU E 172 -32.00 37.84 30.47
N SER E 173 -33.31 38.00 30.35
CA SER E 173 -34.23 36.90 30.64
C SER E 173 -34.05 35.76 29.65
N VAL E 174 -33.89 36.09 28.36
CA VAL E 174 -33.70 35.06 27.35
C VAL E 174 -32.46 34.23 27.66
N SER E 175 -31.34 34.91 27.95
CA SER E 175 -30.10 34.20 28.26
C SER E 175 -30.26 33.31 29.49
N LYS E 176 -30.97 33.80 30.50
CA LYS E 176 -31.17 33.00 31.71
C LYS E 176 -32.03 31.77 31.40
N VAL E 177 -33.16 31.97 30.72
CA VAL E 177 -34.08 30.87 30.47
C VAL E 177 -33.45 29.87 29.50
N LYS E 178 -32.91 30.37 28.39
CA LYS E 178 -32.32 29.48 27.39
C LYS E 178 -31.02 28.85 27.91
N GLY E 179 -30.24 29.61 28.68
CA GLY E 179 -29.03 29.05 29.27
C GLY E 179 -29.32 27.96 30.28
N ALA E 180 -30.39 28.13 31.07
CA ALA E 180 -30.81 27.07 31.98
C ALA E 180 -31.35 25.87 31.21
N GLU E 181 -32.18 26.13 30.18
CA GLU E 181 -32.82 25.04 29.46
C GLU E 181 -31.79 24.15 28.77
N LEU E 182 -30.80 24.74 28.13
CA LEU E 182 -29.84 24.00 27.31
C LEU E 182 -28.53 23.72 28.05
N SER E 183 -28.45 24.03 29.34
CA SER E 183 -27.24 23.82 30.14
C SER E 183 -26.02 24.41 29.43
N LYS E 184 -26.17 25.66 28.98
CA LYS E 184 -25.16 26.34 28.19
C LYS E 184 -24.97 27.75 28.69
N THR E 185 -23.72 28.22 28.60
CA THR E 185 -23.37 29.58 28.99
C THR E 185 -23.83 30.54 27.90
N ILE E 186 -24.76 31.44 28.23
CA ILE E 186 -25.26 32.45 27.31
C ILE E 186 -25.11 33.80 28.00
N VAL E 187 -24.30 34.68 27.41
CA VAL E 187 -23.90 35.94 28.05
C VAL E 187 -24.64 37.08 27.36
N PRO E 188 -25.55 37.79 28.05
CA PRO E 188 -26.14 39.00 27.46
C PRO E 188 -25.28 40.23 27.68
N VAL E 189 -25.00 40.98 26.62
CA VAL E 189 -24.12 42.15 26.68
C VAL E 189 -24.91 43.35 26.18
N ARG E 190 -25.07 44.35 27.05
CA ARG E 190 -25.77 45.58 26.68
C ARG E 190 -24.75 46.61 26.18
N CYS E 191 -24.24 46.32 24.98
CA CYS E 191 -23.24 47.15 24.32
C CYS E 191 -23.82 47.97 23.18
N GLU E 192 -25.09 48.38 23.29
CA GLU E 192 -25.71 49.18 22.26
C GLU E 192 -24.86 50.41 21.96
N GLY E 193 -24.82 50.79 20.67
CA GLY E 193 -23.88 51.80 20.23
C GLY E 193 -24.16 53.20 20.76
N PHE E 194 -25.37 53.45 21.24
CA PHE E 194 -25.67 54.76 21.81
C PHE E 194 -25.16 54.92 23.23
N ARG E 195 -24.68 53.84 23.85
CA ARG E 195 -24.10 53.94 25.18
C ARG E 195 -22.68 54.48 25.13
N GLY E 196 -22.32 55.26 26.14
CA GLY E 196 -20.99 55.83 26.16
C GLY E 196 -20.80 56.86 25.07
N VAL E 197 -19.54 57.04 24.70
CA VAL E 197 -19.18 58.08 23.74
C VAL E 197 -18.19 57.54 22.70
N SER E 198 -17.82 56.28 22.85
CA SER E 198 -16.72 55.71 22.06
C SER E 198 -16.67 54.21 22.31
N GLN E 199 -15.61 53.57 21.78
CA GLN E 199 -15.40 52.16 22.04
C GLN E 199 -15.17 51.88 23.51
N SER E 200 -14.80 52.90 24.30
CA SER E 200 -14.26 52.67 25.63
C SER E 200 -15.30 52.04 26.56
N LEU E 201 -16.53 52.56 26.55
CA LEU E 201 -17.54 51.97 27.43
C LEU E 201 -17.87 50.54 27.01
N GLY E 202 -17.69 50.22 25.73
CA GLY E 202 -17.82 48.83 25.31
C GLY E 202 -16.87 47.92 26.06
N HIS E 203 -15.62 48.35 26.21
CA HIS E 203 -14.66 47.61 27.03
C HIS E 203 -15.25 47.35 28.42
N HIS E 204 -15.67 48.42 29.09
CA HIS E 204 -16.18 48.31 30.45
C HIS E 204 -17.41 47.40 30.49
N ILE E 205 -18.34 47.62 29.55
CA ILE E 205 -19.53 46.78 29.49
C ILE E 205 -19.14 45.33 29.28
N ALA E 206 -18.19 45.07 28.38
CA ALA E 206 -17.77 43.70 28.13
C ALA E 206 -17.11 43.08 29.35
N ASN E 207 -16.24 43.84 30.03
CA ASN E 207 -15.56 43.31 31.21
C ASN E 207 -16.55 42.87 32.27
N ASP E 208 -17.58 43.70 32.54
CA ASP E 208 -18.56 43.33 33.54
C ASP E 208 -19.37 42.10 33.11
N ALA E 209 -19.58 41.92 31.81
CA ALA E 209 -20.32 40.75 31.34
C ALA E 209 -19.53 39.47 31.59
N VAL E 210 -18.21 39.49 31.32
CA VAL E 210 -17.35 38.36 31.70
C VAL E 210 -17.42 38.14 33.20
N ARG E 211 -17.34 39.23 33.98
CA ARG E 211 -17.41 39.12 35.43
C ARG E 211 -18.68 38.43 35.87
N ASP E 212 -19.83 38.83 35.31
CA ASP E 212 -21.11 38.39 35.83
C ASP E 212 -21.56 37.03 35.31
N TRP E 213 -21.07 36.60 34.14
CA TRP E 213 -21.64 35.43 33.49
C TRP E 213 -20.66 34.29 33.20
N VAL E 214 -19.34 34.52 33.26
CA VAL E 214 -18.39 33.47 32.88
C VAL E 214 -17.26 33.30 33.90
N LEU E 215 -16.72 34.42 34.40
CA LEU E 215 -15.46 34.34 35.14
C LEU E 215 -15.57 33.48 36.39
N GLY E 216 -16.72 33.48 37.04
CA GLY E 216 -16.89 32.83 38.33
C GLY E 216 -17.39 31.40 38.29
N LYS E 217 -17.41 30.76 37.12
CA LYS E 217 -18.03 29.44 37.02
C LYS E 217 -17.22 28.35 37.71
N ARG E 218 -15.92 28.54 37.91
CA ARG E 218 -15.09 27.55 38.57
C ARG E 218 -14.64 28.01 39.96
N ASP E 219 -15.47 28.83 40.62
CA ASP E 219 -15.09 29.36 41.93
C ASP E 219 -14.99 28.25 42.96
N GLU E 220 -15.87 27.24 42.88
CA GLU E 220 -15.89 26.15 43.85
C GLU E 220 -15.31 24.86 43.27
N ASP E 221 -14.55 24.97 42.19
CA ASP E 221 -13.85 23.84 41.58
C ASP E 221 -12.38 23.97 41.92
N THR E 222 -11.87 23.00 42.70
CA THR E 222 -10.49 23.02 43.16
C THR E 222 -9.62 21.98 42.45
N THR E 223 -10.03 21.53 41.26
CA THR E 223 -9.32 20.46 40.57
C THR E 223 -8.12 20.95 39.76
N PHE E 224 -8.04 22.25 39.45
CA PHE E 224 -6.90 22.73 38.68
C PHE E 224 -5.69 22.83 39.60
N ALA E 225 -4.59 22.18 39.20
CA ALA E 225 -3.35 22.22 39.96
C ALA E 225 -2.54 23.43 39.50
N SER E 226 -2.43 24.42 40.38
CA SER E 226 -1.68 25.63 40.08
C SER E 226 -0.22 25.49 40.49
N THR E 227 0.62 26.31 39.87
CA THR E 227 2.03 26.44 40.18
C THR E 227 2.32 27.90 40.46
N PRO E 228 3.41 28.21 41.15
CA PRO E 228 3.72 29.61 41.47
C PRO E 228 4.02 30.46 40.24
N TYR E 229 4.20 29.86 39.08
CA TYR E 229 4.58 30.58 37.87
C TYR E 229 3.40 30.74 36.91
N ASP E 230 2.19 30.53 37.39
CA ASP E 230 1.01 30.63 36.54
C ASP E 230 0.67 32.10 36.33
N VAL E 231 0.59 32.52 35.07
CA VAL E 231 0.25 33.88 34.71
C VAL E 231 -0.87 33.84 33.67
N ALA E 232 -1.44 35.01 33.42
CA ALA E 232 -2.40 35.20 32.33
C ALA E 232 -2.03 36.45 31.56
N ILE E 233 -2.03 36.36 30.24
CA ILE E 233 -1.85 37.54 29.40
C ILE E 233 -3.22 38.20 29.27
N ILE E 234 -3.36 39.40 29.85
CA ILE E 234 -4.63 40.12 29.92
C ILE E 234 -4.51 41.34 29.01
N GLY E 235 -5.41 41.45 28.04
CA GLY E 235 -5.40 42.60 27.16
C GLY E 235 -4.41 42.52 26.04
N ASP E 236 -4.26 41.36 25.42
CA ASP E 236 -3.52 41.21 24.18
C ASP E 236 -4.38 40.39 23.23
N TYR E 237 -4.78 41.02 22.11
CA TYR E 237 -5.78 40.45 21.22
C TYR E 237 -5.15 39.82 19.99
N ASN E 238 -3.85 39.55 20.03
CA ASN E 238 -3.18 38.66 19.07
C ASN E 238 -3.29 39.20 17.64
N ILE E 239 -3.15 40.51 17.48
CA ILE E 239 -3.20 41.11 16.16
C ILE E 239 -1.98 40.62 15.36
N GLY E 240 -2.25 39.90 14.28
CA GLY E 240 -1.17 39.33 13.50
C GLY E 240 -0.29 38.35 14.26
N GLY E 241 -0.78 37.82 15.38
CA GLY E 241 0.00 36.92 16.20
C GLY E 241 0.72 37.56 17.37
N ASP E 242 0.39 38.81 17.71
CA ASP E 242 1.10 39.53 18.76
C ASP E 242 1.22 38.69 20.03
N ALA E 243 0.12 38.06 20.45
CA ALA E 243 0.13 37.34 21.72
C ALA E 243 0.99 36.10 21.67
N TRP E 244 1.12 35.48 20.49
CA TRP E 244 1.93 34.28 20.37
C TRP E 244 3.42 34.61 20.50
N SER E 245 3.86 35.71 19.88
CA SER E 245 5.25 36.14 20.04
C SER E 245 5.51 36.78 21.41
N SER E 246 4.46 37.05 22.18
CA SER E 246 4.61 37.45 23.58
C SER E 246 4.65 36.22 24.49
N ARG E 247 3.76 35.26 24.25
CA ARG E 247 3.65 34.08 25.11
C ARG E 247 4.95 33.28 25.10
N ILE E 248 5.58 33.14 23.93
CA ILE E 248 6.77 32.29 23.83
C ILE E 248 7.87 32.82 24.72
N LEU E 249 8.00 34.15 24.82
CA LEU E 249 9.01 34.73 25.70
C LEU E 249 8.70 34.43 27.16
N LEU E 250 7.44 34.60 27.57
CA LEU E 250 7.07 34.38 28.96
C LEU E 250 7.30 32.94 29.37
N GLU E 251 7.02 31.99 28.48
CA GLU E 251 7.23 30.58 28.82
C GLU E 251 8.70 30.18 28.68
N GLU E 252 9.42 30.78 27.73
CA GLU E 252 10.88 30.60 27.72
C GLU E 252 11.51 31.10 29.01
N MET E 253 10.89 32.11 29.63
CA MET E 253 11.31 32.58 30.95
C MET E 253 10.98 31.58 32.05
N GLY E 254 10.17 30.57 31.77
CA GLY E 254 9.80 29.59 32.76
C GLY E 254 8.43 29.78 33.37
N LEU E 255 7.65 30.75 32.90
CA LEU E 255 6.29 30.94 33.38
C LEU E 255 5.34 30.06 32.56
N ARG E 256 4.18 29.80 33.14
CA ARG E 256 3.13 29.03 32.48
C ARG E 256 1.96 29.96 32.21
N CYS E 257 1.69 30.21 30.93
CA CYS E 257 0.59 31.10 30.52
C CYS E 257 -0.69 30.27 30.48
N VAL E 258 -1.53 30.45 31.49
CA VAL E 258 -2.77 29.69 31.58
C VAL E 258 -3.83 30.26 30.65
N ALA E 259 -3.79 31.56 30.36
CA ALA E 259 -4.88 32.18 29.60
C ALA E 259 -4.37 33.38 28.81
N GLN E 260 -5.09 33.69 27.73
CA GLN E 260 -4.89 34.89 26.93
C GLN E 260 -6.24 35.57 26.77
N TRP E 261 -6.33 36.84 27.16
CA TRP E 261 -7.54 37.65 27.03
C TRP E 261 -7.33 38.71 25.96
N SER E 262 -7.94 38.52 24.78
CA SER E 262 -8.76 37.36 24.42
C SER E 262 -8.37 36.83 23.03
N GLY E 263 -7.29 37.36 22.47
CA GLY E 263 -6.77 36.87 21.22
C GLY E 263 -6.39 35.41 21.33
N ASP E 264 -6.92 34.58 20.44
CA ASP E 264 -6.77 33.13 20.51
C ASP E 264 -7.22 32.59 21.86
N GLY E 265 -8.16 33.28 22.49
CA GLY E 265 -8.65 32.89 23.80
C GLY E 265 -9.84 31.96 23.72
N SER E 266 -9.89 31.02 24.67
CA SER E 266 -10.99 30.09 24.80
C SER E 266 -11.80 30.44 26.04
N ILE E 267 -13.06 29.98 26.06
CA ILE E 267 -13.88 30.21 27.23
C ILE E 267 -13.32 29.44 28.42
N SER E 268 -12.71 28.28 28.17
CA SER E 268 -12.16 27.48 29.27
C SER E 268 -10.98 28.18 29.94
N GLU E 269 -10.11 28.83 29.17
CA GLU E 269 -8.98 29.52 29.80
C GLU E 269 -9.37 30.86 30.41
N ILE E 270 -10.52 31.43 30.01
CA ILE E 270 -11.11 32.51 30.80
C ILE E 270 -11.52 32.00 32.16
N GLU E 271 -12.23 30.86 32.19
CA GLU E 271 -12.71 30.28 33.44
C GLU E 271 -11.56 29.88 34.36
N LEU E 272 -10.39 29.57 33.80
CA LEU E 272 -9.24 29.18 34.59
C LEU E 272 -8.42 30.37 35.09
N THR E 273 -8.73 31.58 34.61
CA THR E 273 -7.92 32.73 34.96
C THR E 273 -7.91 33.08 36.44
N PRO E 274 -8.98 32.88 37.22
CA PRO E 274 -8.89 33.13 38.68
C PRO E 274 -7.95 32.19 39.42
N LYS E 275 -7.32 31.23 38.74
CA LYS E 275 -6.40 30.28 39.36
C LYS E 275 -4.93 30.65 39.17
N VAL E 276 -4.63 31.72 38.44
CA VAL E 276 -3.24 32.10 38.16
C VAL E 276 -2.70 32.87 39.36
N LYS E 277 -1.40 33.16 39.33
CA LYS E 277 -0.73 33.91 40.39
C LYS E 277 -0.47 35.37 40.03
N LEU E 278 -0.54 35.73 38.75
CA LEU E 278 -0.22 37.08 38.32
C LEU E 278 -0.89 37.36 36.99
N ASN E 279 -1.59 38.48 36.91
CA ASN E 279 -2.23 38.93 35.68
C ASN E 279 -1.32 39.96 35.01
N LEU E 280 -0.84 39.64 33.82
CA LEU E 280 0.04 40.52 33.05
C LEU E 280 -0.83 41.28 32.06
N VAL E 281 -0.97 42.59 32.28
CA VAL E 281 -1.88 43.43 31.50
C VAL E 281 -1.05 44.19 30.47
N HIS E 282 -1.36 43.99 29.18
CA HIS E 282 -0.79 44.80 28.12
C HIS E 282 -1.65 46.03 27.87
N CYS E 283 -2.90 45.83 27.45
CA CYS E 283 -3.84 46.93 27.28
C CYS E 283 -4.49 47.26 28.62
N TYR E 284 -3.97 48.30 29.26
CA TYR E 284 -4.60 48.81 30.48
C TYR E 284 -6.00 49.35 30.19
N ARG E 285 -6.16 50.06 29.06
CA ARG E 285 -7.43 50.73 28.78
C ARG E 285 -8.60 49.75 28.79
N SER E 286 -8.49 48.64 28.05
CA SER E 286 -9.63 47.77 27.81
C SER E 286 -9.85 46.71 28.89
N MET E 287 -8.81 46.38 29.67
CA MET E 287 -8.89 45.26 30.58
C MET E 287 -8.58 45.59 32.04
N ASN E 288 -8.28 46.84 32.37
CA ASN E 288 -8.02 47.16 33.78
C ASN E 288 -9.24 46.90 34.65
N TYR E 289 -10.45 46.93 34.08
CA TYR E 289 -11.65 46.72 34.88
C TYR E 289 -11.69 45.30 35.46
N ILE E 290 -11.55 44.28 34.60
CA ILE E 290 -11.59 42.92 35.11
C ILE E 290 -10.35 42.62 35.94
N SER E 291 -9.21 43.23 35.63
CA SER E 291 -8.02 43.04 36.44
C SER E 291 -8.26 43.51 37.87
N ARG E 292 -8.82 44.71 38.02
CA ARG E 292 -9.13 45.21 39.35
C ARG E 292 -10.14 44.30 40.05
N HIS E 293 -11.10 43.76 39.30
CA HIS E 293 -12.08 42.87 39.92
C HIS E 293 -11.44 41.59 40.45
N MET E 294 -10.49 41.02 39.70
CA MET E 294 -9.85 39.79 40.14
C MET E 294 -8.93 40.05 41.32
N GLU E 295 -8.39 41.28 41.42
CA GLU E 295 -7.65 41.68 42.60
C GLU E 295 -8.56 41.80 43.82
N GLU E 296 -9.76 42.33 43.62
CA GLU E 296 -10.69 42.56 44.72
C GLU E 296 -11.38 41.27 45.17
N LYS E 297 -11.62 40.32 44.26
CA LYS E 297 -12.33 39.09 44.59
C LYS E 297 -11.39 37.95 44.92
N TYR E 298 -10.38 37.70 44.07
CA TYR E 298 -9.50 36.55 44.22
C TYR E 298 -8.14 36.91 44.81
N GLY E 299 -7.84 38.20 44.96
CA GLY E 299 -6.57 38.61 45.50
C GLY E 299 -5.42 38.53 44.53
N ILE E 300 -5.69 38.39 43.23
CA ILE E 300 -4.64 38.20 42.24
C ILE E 300 -4.05 39.55 41.87
N PRO E 301 -2.73 39.75 42.00
CA PRO E 301 -2.13 41.02 41.58
C PRO E 301 -2.10 41.13 40.07
N TRP E 302 -2.00 42.38 39.59
CA TRP E 302 -1.87 42.63 38.17
C TRP E 302 -0.83 43.73 37.95
N MET E 303 -0.12 43.63 36.83
CA MET E 303 0.86 44.65 36.46
C MET E 303 0.79 44.91 34.97
N GLU E 304 1.10 46.15 34.60
CA GLU E 304 1.18 46.56 33.21
C GLU E 304 2.57 46.22 32.68
N TYR E 305 2.64 45.82 31.42
CA TYR E 305 3.92 45.57 30.77
C TYR E 305 3.85 46.04 29.32
N ASN E 306 5.01 46.03 28.67
CA ASN E 306 5.14 46.63 27.34
C ASN E 306 6.13 45.81 26.53
N PHE E 307 5.65 45.17 25.47
CA PHE E 307 6.48 44.29 24.63
C PHE E 307 6.71 44.89 23.24
N PHE E 308 6.72 46.22 23.15
CA PHE E 308 7.03 46.93 21.92
C PHE E 308 8.49 47.36 21.92
N GLY E 309 9.30 46.72 21.08
CA GLY E 309 10.69 47.07 20.95
C GLY E 309 11.55 46.35 21.98
N PRO E 310 12.85 46.21 21.69
CA PRO E 310 13.71 45.47 22.62
C PRO E 310 13.85 46.14 23.97
N THR E 311 13.93 47.47 23.99
CA THR E 311 14.11 48.18 25.25
C THR E 311 12.95 47.90 26.19
N LYS E 312 11.72 48.10 25.72
CA LYS E 312 10.56 47.85 26.58
C LYS E 312 10.41 46.38 26.90
N THR E 313 10.66 45.48 25.92
CA THR E 313 10.54 44.05 26.17
C THR E 313 11.55 43.60 27.21
N ILE E 314 12.79 44.06 27.10
CA ILE E 314 13.80 43.73 28.11
C ILE E 314 13.38 44.28 29.46
N GLU E 315 12.89 45.53 29.48
CA GLU E 315 12.47 46.15 30.73
C GLU E 315 11.33 45.37 31.37
N SER E 316 10.38 44.88 30.58
CA SER E 316 9.23 44.18 31.14
C SER E 316 9.63 42.79 31.64
N LEU E 317 10.35 42.01 30.82
CA LEU E 317 10.77 40.69 31.26
C LEU E 317 11.44 40.76 32.63
N ARG E 318 12.33 41.74 32.82
CA ARG E 318 13.04 41.86 34.08
C ARG E 318 12.13 42.32 35.22
N ALA E 319 11.11 43.13 34.89
CA ALA E 319 10.15 43.56 35.91
C ALA E 319 9.23 42.41 36.32
N ILE E 320 8.82 41.59 35.35
CA ILE E 320 7.97 40.44 35.67
C ILE E 320 8.77 39.40 36.45
N ALA E 321 9.99 39.11 35.99
CA ALA E 321 10.78 38.05 36.62
C ALA E 321 11.06 38.37 38.08
N ALA E 322 11.25 39.65 38.41
CA ALA E 322 11.52 40.03 39.79
C ALA E 322 10.37 39.66 40.72
N LYS E 323 9.16 39.48 40.18
CA LYS E 323 8.00 39.12 40.99
C LYS E 323 8.01 37.65 41.39
N PHE E 324 8.90 36.83 40.83
CA PHE E 324 8.94 35.40 41.13
C PHE E 324 10.20 35.07 41.93
N ASP E 325 11.08 34.19 41.44
CA ASP E 325 12.22 33.77 42.26
C ASP E 325 13.49 33.80 41.42
N GLU E 326 14.59 33.29 42.00
CA GLU E 326 15.89 33.33 41.36
C GLU E 326 15.95 32.48 40.11
N SER E 327 15.21 31.37 40.08
CA SER E 327 15.20 30.52 38.89
C SER E 327 14.53 31.21 37.71
N ILE E 328 13.43 31.93 37.96
CA ILE E 328 12.79 32.70 36.89
C ILE E 328 13.73 33.79 36.40
N GLN E 329 14.37 34.51 37.34
CA GLN E 329 15.29 35.58 36.94
C GLN E 329 16.46 35.02 36.15
N LYS E 330 16.96 33.84 36.52
CA LYS E 330 18.05 33.23 35.77
C LYS E 330 17.61 32.89 34.36
N LYS E 331 16.40 32.34 34.22
CA LYS E 331 15.85 32.10 32.89
C LYS E 331 15.58 33.42 32.15
N CYS E 332 15.26 34.48 32.89
CA CYS E 332 15.04 35.78 32.27
C CYS E 332 16.28 36.24 31.53
N GLU E 333 17.44 36.20 32.20
CA GLU E 333 18.67 36.66 31.58
C GLU E 333 19.13 35.74 30.46
N GLU E 334 18.72 34.47 30.47
CA GLU E 334 19.03 33.58 29.36
C GLU E 334 18.21 33.95 28.12
N VAL E 335 16.93 34.29 28.32
CA VAL E 335 16.11 34.74 27.20
C VAL E 335 16.68 36.01 26.59
N ILE E 336 17.03 36.98 27.44
CA ILE E 336 17.62 38.22 26.95
C ILE E 336 18.90 37.94 26.19
N ALA E 337 19.75 37.06 26.73
CA ALA E 337 21.01 36.74 26.07
C ALA E 337 20.75 36.04 24.73
N LYS E 338 19.74 35.17 24.67
CA LYS E 338 19.45 34.46 23.44
C LYS E 338 19.14 35.44 22.31
N TYR E 339 18.25 36.40 22.57
CA TYR E 339 17.73 37.27 21.52
C TYR E 339 18.55 38.52 21.30
N LYS E 340 19.54 38.81 22.15
CA LYS E 340 20.36 40.00 21.99
C LYS E 340 20.99 40.12 20.60
N PRO E 341 21.69 39.12 20.07
CA PRO E 341 22.24 39.28 18.72
C PRO E 341 21.18 39.50 17.66
N GLU E 342 19.95 39.02 17.89
CA GLU E 342 18.91 39.10 16.88
C GLU E 342 18.39 40.52 16.73
N TRP E 343 17.99 41.16 17.84
CA TRP E 343 17.48 42.52 17.73
C TRP E 343 18.60 43.52 17.48
N GLU E 344 19.82 43.23 17.95
CA GLU E 344 20.96 44.08 17.61
C GLU E 344 21.25 44.04 16.11
N ALA E 345 21.03 42.89 15.46
CA ALA E 345 21.17 42.83 14.01
C ALA E 345 20.05 43.60 13.31
N VAL E 346 18.85 43.61 13.90
CA VAL E 346 17.75 44.40 13.33
C VAL E 346 18.09 45.88 13.39
N VAL E 347 18.56 46.35 14.56
CA VAL E 347 18.92 47.76 14.71
C VAL E 347 20.03 48.12 13.74
N ALA E 348 21.05 47.26 13.64
CA ALA E 348 22.20 47.55 12.80
C ALA E 348 21.81 47.70 11.33
N LYS E 349 20.78 46.97 10.89
CA LYS E 349 20.39 46.96 9.49
C LYS E 349 19.27 47.94 9.15
N TYR E 350 18.55 48.48 10.14
CA TYR E 350 17.45 49.39 9.87
C TYR E 350 17.55 50.75 10.55
N ARG E 351 18.13 50.83 11.74
CA ARG E 351 18.25 52.14 12.37
C ARG E 351 18.99 53.15 11.49
N PRO E 352 20.06 52.78 10.79
CA PRO E 352 20.67 53.75 9.85
C PRO E 352 19.73 54.20 8.74
N ARG E 353 18.74 53.38 8.38
CA ARG E 353 17.77 53.77 7.36
C ARG E 353 16.65 54.63 7.91
N LEU E 354 16.54 54.77 9.23
CA LEU E 354 15.42 55.46 9.86
C LEU E 354 15.84 56.53 10.87
N GLU E 355 17.14 56.67 11.16
CA GLU E 355 17.59 57.61 12.16
C GLU E 355 17.11 59.02 11.85
N GLY E 356 16.52 59.69 12.83
CA GLY E 356 16.11 61.06 12.71
C GLY E 356 14.74 61.27 12.10
N LYS E 357 14.10 60.24 11.59
CA LYS E 357 12.78 60.40 10.98
C LYS E 357 11.73 60.65 12.05
N ARG E 358 10.77 61.50 11.73
CA ARG E 358 9.76 61.98 12.68
C ARG E 358 8.40 61.42 12.31
N VAL E 359 7.66 60.96 13.33
CA VAL E 359 6.42 60.23 13.12
C VAL E 359 5.33 60.85 13.99
N MET E 360 4.12 60.94 13.43
CA MET E 360 2.92 61.29 14.19
C MET E 360 2.00 60.07 14.25
N LEU E 361 1.43 59.82 15.43
CA LEU E 361 0.57 58.68 15.65
C LEU E 361 -0.82 59.11 16.10
N TYR E 362 -1.83 58.36 15.68
CA TYR E 362 -3.19 58.51 16.20
C TYR E 362 -3.88 57.16 16.13
N ILE E 363 -4.12 56.57 17.29
CA ILE E 363 -4.71 55.23 17.37
C ILE E 363 -5.81 55.26 18.43
N GLY E 364 -5.97 54.18 19.18
CA GLY E 364 -7.14 54.04 20.03
C GLY E 364 -6.96 54.41 21.49
N GLY E 365 -6.37 53.50 22.28
CA GLY E 365 -6.35 53.69 23.72
C GLY E 365 -5.15 53.11 24.45
N LEU E 366 -4.18 52.58 23.69
CA LEU E 366 -2.98 52.02 24.29
C LEU E 366 -1.76 52.35 23.44
N ARG E 367 -1.82 51.96 22.16
CA ARG E 367 -0.63 52.04 21.32
C ARG E 367 -0.09 53.44 21.11
N PRO E 368 -0.89 54.52 21.13
CA PRO E 368 -0.30 55.85 20.89
C PRO E 368 0.83 56.22 21.84
N ARG E 369 0.90 55.62 23.05
CA ARG E 369 2.05 55.76 23.93
C ARG E 369 2.91 54.50 23.97
N HIS E 370 2.35 53.35 23.66
CA HIS E 370 2.98 52.07 23.96
C HIS E 370 4.06 51.72 22.97
N VAL E 371 3.98 52.25 21.74
CA VAL E 371 4.96 51.95 20.70
C VAL E 371 6.08 52.98 20.62
N ILE E 372 6.09 53.97 21.52
CA ILE E 372 7.09 55.04 21.44
C ILE E 372 8.50 54.46 21.58
N GLY E 373 8.70 53.57 22.54
CA GLY E 373 10.01 53.00 22.74
C GLY E 373 10.52 52.25 21.53
N ALA E 374 9.62 51.61 20.78
CA ALA E 374 10.04 50.91 19.58
C ALA E 374 10.57 51.88 18.53
N TYR E 375 9.91 53.02 18.34
CA TYR E 375 10.38 53.98 17.36
C TYR E 375 11.72 54.58 17.79
N GLU E 376 11.90 54.83 19.09
CA GLU E 376 13.17 55.38 19.55
C GLU E 376 14.29 54.36 19.46
N ASP E 377 13.96 53.07 19.56
CA ASP E 377 14.96 52.02 19.40
C ASP E 377 15.53 51.99 17.99
N LEU E 378 14.83 52.59 17.02
CA LEU E 378 15.30 52.72 15.65
C LEU E 378 15.76 54.14 15.32
N GLY E 379 15.90 54.99 16.34
CA GLY E 379 16.39 56.34 16.13
C GLY E 379 15.37 57.32 15.61
N MET E 380 14.08 56.99 15.66
CA MET E 380 13.03 57.90 15.23
C MET E 380 12.38 58.59 16.43
N GLU E 381 11.75 59.72 16.15
CA GLU E 381 11.16 60.58 17.17
C GLU E 381 9.66 60.71 16.91
N VAL E 382 8.85 60.46 17.93
CA VAL E 382 7.41 60.67 17.85
C VAL E 382 7.15 62.13 18.18
N VAL E 383 6.78 62.92 17.16
CA VAL E 383 6.57 64.36 17.36
C VAL E 383 5.14 64.70 17.71
N GLY E 384 4.19 63.77 17.52
CA GLY E 384 2.82 63.97 17.90
C GLY E 384 2.07 62.66 18.10
N THR E 385 1.20 62.59 19.09
CA THR E 385 0.43 61.39 19.34
C THR E 385 -0.93 61.79 19.90
N GLY E 386 -1.86 60.83 19.87
CA GLY E 386 -3.18 61.08 20.43
C GLY E 386 -4.00 59.81 20.39
N TYR E 387 -5.14 59.87 21.08
CA TYR E 387 -6.04 58.73 21.21
C TYR E 387 -7.43 59.07 20.69
N GLU E 388 -8.13 58.04 20.21
CA GLU E 388 -9.55 58.19 19.89
C GLU E 388 -10.40 58.28 21.16
N PHE E 389 -10.11 57.44 22.16
CA PHE E 389 -11.04 57.27 23.26
C PHE E 389 -10.38 57.05 24.61
N ALA E 390 -9.11 57.40 24.78
CA ALA E 390 -8.43 57.16 26.04
C ALA E 390 -9.01 58.04 27.13
N HIS E 391 -8.71 57.65 28.38
CA HIS E 391 -9.06 58.42 29.56
C HIS E 391 -7.83 59.17 30.05
N ASN E 392 -8.00 59.91 31.15
CA ASN E 392 -6.91 60.75 31.64
C ASN E 392 -5.82 59.95 32.33
N ASP E 393 -6.12 58.76 32.86
CA ASP E 393 -5.06 57.90 33.37
C ASP E 393 -4.22 57.30 32.24
N ASP E 394 -4.73 57.29 31.00
CA ASP E 394 -3.88 56.98 29.86
C ASP E 394 -2.96 58.14 29.52
N TYR E 395 -3.48 59.37 29.58
CA TYR E 395 -2.64 60.53 29.33
C TYR E 395 -1.64 60.77 30.45
N ASP E 396 -2.01 60.41 31.69
CA ASP E 396 -1.03 60.40 32.77
C ASP E 396 0.20 59.58 32.37
N ARG E 397 -0.02 58.42 31.74
CA ARG E 397 1.07 57.54 31.35
C ARG E 397 1.76 57.96 30.05
N THR E 398 1.17 58.88 29.30
CA THR E 398 1.69 59.27 27.99
C THR E 398 2.70 60.41 28.06
N MET E 399 2.43 61.40 28.91
CA MET E 399 3.23 62.63 28.89
C MET E 399 4.66 62.38 29.34
N LYS E 400 4.87 61.37 30.18
CA LYS E 400 6.23 60.99 30.58
C LYS E 400 6.96 60.23 29.47
N GLU E 401 6.22 59.74 28.46
CA GLU E 401 6.80 58.98 27.37
C GLU E 401 7.10 59.84 26.13
N MET E 402 6.50 61.03 26.04
CA MET E 402 6.65 61.89 24.87
C MET E 402 7.67 62.99 25.15
N GLY E 403 8.32 63.45 24.10
CA GLY E 403 9.28 64.53 24.23
C GLY E 403 8.63 65.84 24.60
N ASP E 404 9.46 66.76 25.09
CA ASP E 404 8.96 68.07 25.51
C ASP E 404 8.62 68.92 24.28
N SER E 405 7.50 69.64 24.38
CA SER E 405 6.99 70.50 23.32
C SER E 405 6.44 69.72 22.12
N THR E 406 6.11 68.44 22.30
CA THR E 406 5.40 67.70 21.26
C THR E 406 3.89 67.94 21.40
N LEU E 407 3.15 67.51 20.39
CA LEU E 407 1.73 67.81 20.28
C LEU E 407 0.87 66.61 20.65
N LEU E 408 -0.17 66.85 21.45
CA LEU E 408 -1.12 65.84 21.87
C LEU E 408 -2.52 66.23 21.42
N TYR E 409 -3.31 65.24 20.99
CA TYR E 409 -4.68 65.49 20.54
C TYR E 409 -5.58 64.34 20.97
N ASP E 410 -6.68 64.66 21.65
CA ASP E 410 -7.69 63.68 22.05
C ASP E 410 -8.89 63.76 21.11
N ASP E 411 -9.38 62.61 20.67
CA ASP E 411 -10.53 62.53 19.77
C ASP E 411 -10.40 63.56 18.65
N VAL E 412 -9.25 63.51 17.97
CA VAL E 412 -8.97 64.50 16.95
C VAL E 412 -10.01 64.40 15.83
N THR E 413 -10.34 65.56 15.27
CA THR E 413 -11.23 65.63 14.11
C THR E 413 -10.43 65.50 12.82
N GLY E 414 -11.12 65.09 11.76
CA GLY E 414 -10.45 64.92 10.48
C GLY E 414 -9.77 66.20 10.01
N TYR E 415 -10.41 67.35 10.25
CA TYR E 415 -9.85 68.63 9.84
C TYR E 415 -8.61 68.97 10.64
N GLU E 416 -8.65 68.80 11.97
CA GLU E 416 -7.48 69.11 12.79
C GLU E 416 -6.28 68.28 12.36
N PHE E 417 -6.47 66.97 12.21
CA PHE E 417 -5.34 66.09 11.95
C PHE E 417 -4.65 66.46 10.64
N GLU E 418 -5.43 66.75 9.59
CA GLU E 418 -4.83 67.14 8.32
C GLU E 418 -4.05 68.44 8.47
N GLU E 419 -4.59 69.40 9.22
CA GLU E 419 -3.94 70.71 9.33
C GLU E 419 -2.68 70.61 10.20
N PHE E 420 -2.72 69.83 11.27
CA PHE E 420 -1.51 69.58 12.05
C PHE E 420 -0.43 68.96 11.17
N VAL E 421 -0.82 67.98 10.34
CA VAL E 421 0.14 67.29 9.48
C VAL E 421 0.74 68.24 8.46
N LYS E 422 -0.08 69.11 7.88
CA LYS E 422 0.42 70.08 6.90
C LYS E 422 1.50 70.97 7.50
N ARG E 423 1.38 71.31 8.78
CA ARG E 423 2.35 72.19 9.42
C ARG E 423 3.57 71.42 9.91
N ILE E 424 3.34 70.30 10.61
CA ILE E 424 4.43 69.60 11.26
C ILE E 424 5.28 68.85 10.24
N LYS E 425 4.69 68.42 9.13
CA LYS E 425 5.41 67.76 8.05
C LYS E 425 6.16 66.54 8.57
N PRO E 426 5.48 65.54 9.11
CA PRO E 426 6.17 64.32 9.55
C PRO E 426 6.70 63.53 8.38
N ASP E 427 7.69 62.68 8.67
CA ASP E 427 8.21 61.75 7.67
C ASP E 427 7.32 60.51 7.54
N LEU E 428 6.58 60.18 8.60
CA LEU E 428 5.72 59.00 8.61
C LEU E 428 4.53 59.29 9.49
N ILE E 429 3.37 58.72 9.13
CA ILE E 429 2.17 58.80 9.95
C ILE E 429 1.70 57.37 10.23
N GLY E 430 1.30 57.13 11.48
CA GLY E 430 0.74 55.84 11.85
C GLY E 430 -0.64 55.99 12.43
N SER E 431 -1.66 55.49 11.74
CA SER E 431 -3.03 55.62 12.21
C SER E 431 -3.91 54.51 11.65
N GLY E 432 -5.18 54.80 11.40
CA GLY E 432 -6.16 53.81 11.01
C GLY E 432 -6.51 53.86 9.53
N ILE E 433 -7.45 53.00 9.15
CA ILE E 433 -7.77 52.80 7.74
C ILE E 433 -8.49 54.02 7.16
N LYS E 434 -9.30 54.71 7.95
CA LYS E 434 -10.02 55.89 7.45
C LYS E 434 -9.09 57.06 7.21
N GLU E 435 -7.89 57.02 7.77
CA GLU E 435 -6.90 58.08 7.62
C GLU E 435 -5.86 57.75 6.56
N LYS E 436 -5.62 56.46 6.33
CA LYS E 436 -4.48 56.02 5.54
C LYS E 436 -4.43 56.71 4.18
N PHE E 437 -5.52 56.63 3.43
CA PHE E 437 -5.50 57.05 2.03
C PHE E 437 -5.56 58.57 1.86
N ILE E 438 -5.93 59.31 2.90
CA ILE E 438 -5.84 60.77 2.84
C ILE E 438 -4.38 61.20 2.77
N PHE E 439 -3.54 60.61 3.63
CA PHE E 439 -2.16 61.06 3.76
C PHE E 439 -1.27 60.51 2.66
N GLN E 440 -1.61 59.34 2.09
CA GLN E 440 -0.88 58.86 0.93
C GLN E 440 -0.98 59.85 -0.21
N LYS E 441 -2.17 60.40 -0.43
CA LYS E 441 -2.38 61.38 -1.49
C LYS E 441 -1.46 62.57 -1.32
N MET E 442 -1.25 63.01 -0.07
CA MET E 442 -0.37 64.13 0.22
C MET E 442 1.11 63.74 0.14
N GLY E 443 1.41 62.48 -0.18
CA GLY E 443 2.79 62.07 -0.32
C GLY E 443 3.51 61.83 1.00
N ILE E 444 2.78 61.46 2.04
CA ILE E 444 3.34 61.23 3.37
C ILE E 444 3.25 59.73 3.66
N PRO E 445 4.38 59.04 3.85
CA PRO E 445 4.33 57.61 4.15
C PRO E 445 3.40 57.30 5.33
N PHE E 446 2.64 56.22 5.20
CA PHE E 446 1.63 55.86 6.19
C PHE E 446 1.68 54.36 6.48
N ARG E 447 1.69 54.02 7.77
CA ARG E 447 1.60 52.64 8.23
C ARG E 447 0.35 52.50 9.09
N GLN E 448 -0.41 51.45 8.80
CA GLN E 448 -1.61 51.17 9.64
C GLN E 448 -1.09 50.66 10.97
N MET E 449 -1.48 51.34 12.04
CA MET E 449 -1.07 50.94 13.38
C MET E 449 -2.18 50.24 14.15
N HIS E 450 -3.27 49.90 13.47
CA HIS E 450 -4.30 49.01 14.03
C HIS E 450 -4.07 47.61 13.48
N SER E 451 -4.26 47.46 12.17
CA SER E 451 -4.13 46.18 11.50
C SER E 451 -2.69 45.82 11.12
N TRP E 452 -1.73 46.68 11.44
CA TRP E 452 -0.34 46.51 11.02
C TRP E 452 -0.19 46.44 9.49
N ASP E 453 -1.14 47.02 8.74
CA ASP E 453 -1.14 46.91 7.28
C ASP E 453 -1.02 45.46 6.83
N TYR E 454 -1.74 44.57 7.50
CA TYR E 454 -1.79 43.16 7.10
C TYR E 454 -0.43 42.51 7.23
N SER E 455 0.40 43.06 8.12
CA SER E 455 1.69 42.48 8.46
C SER E 455 1.69 42.12 9.94
N GLY E 456 2.88 42.05 10.55
CA GLY E 456 3.00 41.69 11.94
C GLY E 456 3.39 40.24 12.14
N PRO E 457 3.54 39.81 13.40
CA PRO E 457 3.31 40.54 14.65
C PRO E 457 4.32 41.65 14.89
N TYR E 458 4.01 42.57 15.81
CA TYR E 458 4.96 43.58 16.24
C TYR E 458 5.41 43.41 17.70
N HIS E 459 4.70 42.60 18.50
CA HIS E 459 5.11 42.39 19.87
C HIS E 459 6.33 41.48 19.95
N GLY E 460 7.16 41.73 20.97
CA GLY E 460 8.27 40.85 21.27
C GLY E 460 9.48 41.08 20.39
N PHE E 461 10.46 40.18 20.57
CA PHE E 461 11.70 40.27 19.78
C PHE E 461 11.46 39.91 18.32
N ASP E 462 10.69 38.85 18.08
CA ASP E 462 10.37 38.48 16.71
C ASP E 462 9.49 39.53 16.03
N GLY E 463 8.69 40.26 16.81
CA GLY E 463 7.88 41.31 16.24
C GLY E 463 8.66 42.56 15.89
N PHE E 464 9.71 42.87 16.66
CA PHE E 464 10.51 44.06 16.37
C PHE E 464 11.18 43.96 15.01
N ALA E 465 11.62 42.76 14.63
CA ALA E 465 12.25 42.59 13.32
C ALA E 465 11.28 42.97 12.21
N ILE E 466 10.02 42.54 12.32
CA ILE E 466 9.02 42.86 11.30
C ILE E 466 8.65 44.34 11.37
N PHE E 467 8.47 44.84 12.59
CA PHE E 467 8.18 46.27 12.78
C PHE E 467 9.23 47.13 12.07
N ALA E 468 10.51 46.83 12.30
CA ALA E 468 11.57 47.62 11.68
C ALA E 468 11.52 47.47 10.16
N ARG E 469 11.39 46.24 9.66
CA ARG E 469 11.29 46.03 8.22
C ARG E 469 10.12 46.80 7.63
N ASP E 470 8.98 46.82 8.32
CA ASP E 470 7.80 47.50 7.79
C ASP E 470 8.01 49.00 7.73
N MET E 471 8.53 49.60 8.80
CA MET E 471 8.74 51.05 8.81
C MET E 471 9.72 51.46 7.72
N ASP E 472 10.78 50.67 7.51
CA ASP E 472 11.75 50.98 6.47
C ASP E 472 11.15 50.87 5.08
N MET E 473 10.41 49.80 4.82
CA MET E 473 9.91 49.58 3.46
C MET E 473 8.97 50.69 3.03
N THR E 474 8.19 51.27 3.96
CA THR E 474 7.21 52.27 3.62
C THR E 474 7.83 53.67 3.58
N LEU E 475 8.57 54.04 4.63
CA LEU E 475 9.13 55.39 4.72
C LEU E 475 10.10 55.66 3.58
N ASN E 476 10.93 54.68 3.22
CA ASN E 476 11.95 54.85 2.20
C ASN E 476 11.55 54.26 0.86
N ASN E 477 10.25 54.06 0.63
CA ASN E 477 9.80 53.44 -0.62
C ASN E 477 10.04 54.39 -1.80
N PRO E 478 10.40 53.85 -2.96
CA PRO E 478 10.63 54.73 -4.13
C PRO E 478 9.40 55.49 -4.59
N CYS E 479 8.19 55.02 -4.26
CA CYS E 479 6.98 55.63 -4.79
C CYS E 479 6.79 57.06 -4.32
N TRP E 480 7.35 57.43 -3.16
CA TRP E 480 7.12 58.75 -2.58
C TRP E 480 7.90 59.86 -3.25
N LYS E 481 8.88 59.55 -4.10
CA LYS E 481 9.70 60.57 -4.76
C LYS E 481 9.14 60.98 -6.12
N LYS E 482 7.94 60.51 -6.47
CA LYS E 482 7.43 60.62 -7.83
C LYS E 482 6.11 61.39 -7.93
N LEU E 483 5.63 61.99 -6.83
CA LEU E 483 4.28 62.52 -6.85
C LEU E 483 4.17 63.79 -7.69
N GLN E 484 5.25 64.54 -7.86
CA GLN E 484 5.24 65.71 -8.73
C GLN E 484 5.61 65.29 -10.14
N ALA E 485 4.75 65.63 -11.09
CA ALA E 485 5.08 65.40 -12.49
C ALA E 485 6.29 66.25 -12.88
N PRO E 486 7.26 65.69 -13.60
CA PRO E 486 8.47 66.47 -13.92
C PRO E 486 8.21 67.74 -14.72
N TRP E 487 7.06 67.85 -15.39
CA TRP E 487 6.69 69.06 -16.10
C TRP E 487 5.85 70.02 -15.27
N GLU E 488 5.63 69.70 -13.99
CA GLU E 488 4.74 70.49 -13.14
C GLU E 488 5.52 71.35 -12.14
N SER F 2 12.45 33.01 16.84
CA SER F 2 13.69 33.62 16.36
C SER F 2 13.50 34.19 14.97
N GLN F 3 14.44 35.05 14.54
CA GLN F 3 14.40 35.65 13.23
C GLN F 3 15.80 35.67 12.60
N GLN F 4 15.85 35.39 11.31
CA GLN F 4 17.03 35.68 10.50
C GLN F 4 16.84 37.07 9.89
N VAL F 5 17.75 37.99 10.21
CA VAL F 5 17.52 39.40 9.87
C VAL F 5 17.39 39.58 8.36
N ASP F 6 18.11 38.79 7.58
CA ASP F 6 18.08 38.90 6.12
C ASP F 6 16.99 38.03 5.50
N LYS F 7 16.25 37.28 6.30
CA LYS F 7 15.14 36.45 5.84
C LYS F 7 14.00 36.53 6.86
N ILE F 8 13.48 37.74 7.08
CA ILE F 8 12.52 37.97 8.15
C ILE F 8 11.20 37.31 7.80
N LYS F 9 10.60 36.62 8.77
CA LYS F 9 9.35 35.91 8.59
C LYS F 9 8.21 36.68 9.25
N ALA F 10 7.15 36.94 8.50
CA ALA F 10 5.93 37.50 9.06
C ALA F 10 5.13 36.39 9.74
N SER F 11 3.92 36.71 10.21
CA SER F 11 3.10 35.75 10.95
C SER F 11 3.04 34.41 10.22
N TYR F 12 2.82 34.44 8.90
CA TYR F 12 3.11 33.29 8.05
C TYR F 12 4.43 33.51 7.35
N PRO F 13 5.41 32.58 7.46
CA PRO F 13 5.42 31.28 8.12
C PRO F 13 6.13 31.24 9.47
N LEU F 14 6.25 32.38 10.15
CA LEU F 14 6.94 32.41 11.43
C LEU F 14 6.39 31.36 12.38
N PHE F 15 5.06 31.32 12.56
CA PHE F 15 4.44 30.45 13.54
C PHE F 15 4.36 28.99 13.08
N LEU F 16 4.98 28.65 11.95
CA LEU F 16 5.25 27.28 11.61
C LEU F 16 6.61 26.83 12.10
N ASP F 17 7.39 27.72 12.69
CA ASP F 17 8.64 27.32 13.32
C ASP F 17 8.36 26.34 14.44
N GLN F 18 9.31 25.42 14.67
CA GLN F 18 9.04 24.30 15.58
C GLN F 18 8.71 24.77 16.98
N ASP F 19 9.45 25.77 17.49
CA ASP F 19 9.24 26.20 18.88
C ASP F 19 7.87 26.86 19.06
N TYR F 20 7.35 27.51 18.01
CA TYR F 20 6.00 28.06 18.09
C TYR F 20 4.95 26.94 18.01
N LYS F 21 5.15 25.97 17.12
CA LYS F 21 4.24 24.83 17.06
C LYS F 21 4.14 24.13 18.41
N ASP F 22 5.30 23.88 19.04
CA ASP F 22 5.32 23.20 20.33
C ASP F 22 4.55 24.00 21.38
N MET F 23 4.77 25.32 21.43
CA MET F 23 4.05 26.14 22.40
C MET F 23 2.55 26.08 22.16
N LEU F 24 2.12 26.22 20.90
CA LEU F 24 0.69 26.23 20.62
C LEU F 24 0.04 24.89 20.92
N ALA F 25 0.82 23.80 20.83
CA ALA F 25 0.32 22.51 21.27
C ALA F 25 0.10 22.50 22.78
N LYS F 26 1.05 23.05 23.53
CA LYS F 26 0.95 23.05 24.99
C LYS F 26 -0.18 23.95 25.47
N LYS F 27 -0.41 25.07 24.77
CA LYS F 27 -1.54 25.94 25.11
C LYS F 27 -2.85 25.20 24.90
N ARG F 28 -3.00 24.53 23.75
CA ARG F 28 -4.21 23.77 23.47
C ARG F 28 -4.41 22.66 24.51
N ASP F 29 -3.41 21.79 24.66
CA ASP F 29 -3.56 20.64 25.54
C ASP F 29 -3.72 21.06 27.00
N GLY F 30 -3.07 22.14 27.40
CA GLY F 30 -3.04 22.52 28.80
C GLY F 30 -4.29 23.23 29.28
N PHE F 31 -4.87 24.10 28.46
CA PHE F 31 -5.83 25.07 28.98
C PHE F 31 -7.04 25.33 28.09
N GLU F 32 -7.06 24.88 26.85
CA GLU F 32 -8.18 25.16 25.96
C GLU F 32 -9.30 24.12 26.06
N GLU F 33 -9.04 22.97 26.70
CA GLU F 33 -10.04 21.92 26.83
C GLU F 33 -10.73 21.68 25.50
N LYS F 34 -9.91 21.47 24.48
CA LYS F 34 -10.37 21.40 23.10
C LYS F 34 -11.04 20.06 22.83
N TYR F 35 -12.04 20.09 21.95
CA TYR F 35 -12.65 18.86 21.50
C TYR F 35 -11.58 18.01 20.78
N PRO F 36 -11.60 16.68 20.96
CA PRO F 36 -10.63 15.86 20.23
C PRO F 36 -10.76 16.05 18.73
N GLN F 37 -9.62 15.94 18.04
CA GLN F 37 -9.62 16.13 16.59
C GLN F 37 -10.55 15.16 15.88
N ASP F 38 -10.70 13.95 16.42
CA ASP F 38 -11.62 12.98 15.83
C ASP F 38 -13.04 13.53 15.81
N LYS F 39 -13.48 14.11 16.93
CA LYS F 39 -14.82 14.69 16.97
C LYS F 39 -14.91 15.88 16.03
N ILE F 40 -13.86 16.70 15.97
CA ILE F 40 -13.85 17.85 15.07
C ILE F 40 -13.97 17.39 13.63
N ASP F 41 -13.19 16.38 13.24
CA ASP F 41 -13.32 15.81 11.91
C ASP F 41 -14.72 15.28 11.68
N GLU F 42 -15.28 14.58 12.68
CA GLU F 42 -16.59 13.97 12.49
C GLU F 42 -17.66 15.03 12.30
N VAL F 43 -17.57 16.14 13.03
CA VAL F 43 -18.60 17.18 12.93
C VAL F 43 -18.46 17.93 11.61
N PHE F 44 -17.23 18.19 11.16
CA PHE F 44 -17.05 18.88 9.88
C PHE F 44 -17.70 18.09 8.76
N GLN F 45 -17.37 16.79 8.65
CA GLN F 45 -17.99 15.95 7.63
C GLN F 45 -19.51 16.05 7.67
N TRP F 46 -20.08 16.14 8.87
CA TRP F 46 -21.53 16.25 8.99
C TRP F 46 -22.04 17.55 8.38
N THR F 47 -21.27 18.64 8.46
CA THR F 47 -21.70 19.92 7.91
C THR F 47 -21.69 19.95 6.39
N THR F 48 -21.16 18.92 5.73
CA THR F 48 -21.15 18.85 4.28
C THR F 48 -22.26 17.95 3.72
N THR F 49 -23.10 17.40 4.57
CA THR F 49 -24.07 16.39 4.14
C THR F 49 -25.39 17.05 3.75
N LYS F 50 -26.22 16.28 3.04
CA LYS F 50 -27.57 16.73 2.75
C LYS F 50 -28.41 16.82 4.02
N GLU F 51 -28.20 15.90 4.97
CA GLU F 51 -28.92 15.96 6.23
C GLU F 51 -28.72 17.31 6.91
N TYR F 52 -27.45 17.74 7.03
CA TYR F 52 -27.17 19.03 7.62
C TYR F 52 -27.74 20.17 6.77
N GLN F 53 -27.74 20.00 5.45
CA GLN F 53 -28.33 21.02 4.59
C GLN F 53 -29.80 21.24 4.92
N GLU F 54 -30.54 20.14 5.16
CA GLU F 54 -31.97 20.26 5.46
C GLU F 54 -32.19 21.05 6.74
N LEU F 55 -31.43 20.71 7.80
CA LEU F 55 -31.51 21.48 9.04
C LEU F 55 -31.06 22.92 8.82
N ASN F 56 -30.08 23.12 7.94
CA ASN F 56 -29.60 24.46 7.64
C ASN F 56 -30.70 25.32 7.06
N PHE F 57 -31.44 24.79 6.08
CA PHE F 57 -32.45 25.57 5.39
C PHE F 57 -33.75 25.68 6.18
N GLN F 58 -33.89 24.96 7.29
CA GLN F 58 -35.03 25.14 8.17
C GLN F 58 -34.86 26.31 9.13
N ARG F 59 -33.76 27.06 9.01
CA ARG F 59 -33.56 28.22 9.87
C ARG F 59 -34.65 29.25 9.65
N GLU F 60 -35.13 29.83 10.75
CA GLU F 60 -36.09 30.92 10.69
C GLU F 60 -35.61 32.19 11.40
N ALA F 61 -34.71 32.09 12.37
CA ALA F 61 -34.29 33.22 13.17
C ALA F 61 -32.80 33.53 13.07
N LEU F 62 -31.95 32.54 12.89
CA LEU F 62 -30.51 32.75 12.83
C LEU F 62 -30.06 33.02 11.39
N THR F 63 -29.29 34.08 11.21
CA THR F 63 -28.60 34.37 9.96
C THR F 63 -27.10 34.25 10.18
N VAL F 64 -26.41 33.61 9.24
CA VAL F 64 -24.98 33.37 9.34
C VAL F 64 -24.31 33.83 8.04
N ASN F 65 -23.35 34.74 8.17
CA ASN F 65 -22.57 35.25 7.04
C ASN F 65 -23.48 35.86 5.99
N PRO F 66 -24.10 36.99 6.27
CA PRO F 66 -25.03 37.59 5.31
C PRO F 66 -24.33 38.07 4.06
N ALA F 67 -25.14 38.28 3.01
CA ALA F 67 -24.67 38.83 1.75
C ALA F 67 -25.37 40.15 1.47
N LYS F 68 -25.42 41.03 2.47
CA LYS F 68 -26.06 42.32 2.35
C LYS F 68 -25.55 43.24 3.46
N ALA F 69 -25.82 44.53 3.31
CA ALA F 69 -25.50 45.52 4.33
C ALA F 69 -26.74 46.33 4.67
N CYS F 70 -26.59 47.40 5.45
CA CYS F 70 -27.71 48.18 5.94
C CYS F 70 -27.90 49.43 5.08
N GLN F 71 -29.11 49.99 5.16
CA GLN F 71 -29.51 51.09 4.27
C GLN F 71 -28.51 52.24 4.22
N PRO F 72 -28.12 52.86 5.33
CA PRO F 72 -27.32 54.10 5.23
C PRO F 72 -26.02 53.95 4.43
N LEU F 73 -25.48 52.73 4.29
CA LEU F 73 -24.29 52.58 3.45
C LEU F 73 -24.58 52.99 2.01
N GLY F 74 -25.75 52.60 1.49
CA GLY F 74 -26.10 53.00 0.14
C GLY F 74 -26.44 54.47 0.03
N ALA F 75 -26.99 55.05 1.10
CA ALA F 75 -27.26 56.49 1.09
C ALA F 75 -25.95 57.29 1.03
N VAL F 76 -24.94 56.85 1.76
CA VAL F 76 -23.64 57.53 1.73
C VAL F 76 -23.06 57.48 0.32
N LEU F 77 -23.02 56.28 -0.28
CA LEU F 77 -22.47 56.14 -1.62
C LEU F 77 -23.22 56.99 -2.63
N CYS F 78 -24.55 57.08 -2.48
CA CYS F 78 -25.33 57.97 -3.34
C CYS F 78 -24.92 59.42 -3.13
N ALA F 79 -24.80 59.85 -1.89
CA ALA F 79 -24.47 61.25 -1.60
C ALA F 79 -23.09 61.60 -2.14
N LEU F 80 -22.13 60.69 -2.04
CA LEU F 80 -20.78 60.98 -2.50
C LEU F 80 -20.74 61.37 -3.97
N GLY F 81 -21.74 60.95 -4.74
CA GLY F 81 -21.77 61.22 -6.16
C GLY F 81 -22.22 62.61 -6.55
N PHE F 82 -22.37 63.52 -5.59
CA PHE F 82 -22.82 64.87 -5.84
C PHE F 82 -21.74 65.88 -5.49
N GLU F 83 -21.69 66.95 -6.27
CA GLU F 83 -20.59 67.90 -6.21
C GLU F 83 -20.49 68.52 -4.82
N LYS F 84 -19.27 68.52 -4.28
CA LYS F 84 -18.97 69.20 -3.03
C LYS F 84 -20.02 68.89 -1.97
N THR F 85 -20.48 67.65 -1.95
CA THR F 85 -21.53 67.20 -1.03
C THR F 85 -20.90 66.36 0.07
N MET F 86 -21.29 66.65 1.32
CA MET F 86 -20.86 65.86 2.46
C MET F 86 -21.98 64.91 2.85
N PRO F 87 -21.78 63.59 2.77
CA PRO F 87 -22.77 62.68 3.36
C PRO F 87 -22.81 62.86 4.87
N TYR F 88 -24.02 62.76 5.42
CA TYR F 88 -24.26 63.09 6.83
C TYR F 88 -25.29 62.09 7.34
N VAL F 89 -24.91 61.29 8.33
CA VAL F 89 -25.79 60.26 8.87
C VAL F 89 -26.25 60.71 10.25
N HIS F 90 -27.51 61.11 10.35
CA HIS F 90 -28.10 61.47 11.63
C HIS F 90 -28.28 60.22 12.48
N GLY F 91 -27.59 60.16 13.60
CA GLY F 91 -27.65 58.99 14.46
C GLY F 91 -26.35 58.81 15.20
N SER F 92 -26.00 57.54 15.44
CA SER F 92 -24.85 57.20 16.26
C SER F 92 -23.60 57.14 15.40
N GLN F 93 -22.47 57.57 15.98
CA GLN F 93 -21.23 57.69 15.22
C GLN F 93 -20.60 56.35 14.89
N GLY F 94 -20.94 55.28 15.63
CA GLY F 94 -20.38 53.98 15.32
C GLY F 94 -20.65 53.54 13.90
N CYS F 95 -21.85 53.85 13.39
CA CYS F 95 -22.18 53.47 12.02
C CYS F 95 -21.24 54.13 11.02
N VAL F 96 -20.92 55.41 11.24
CA VAL F 96 -20.13 56.14 10.25
C VAL F 96 -18.71 55.59 10.19
N ALA F 97 -18.13 55.24 11.35
CA ALA F 97 -16.80 54.62 11.34
C ALA F 97 -16.80 53.33 10.54
N TYR F 98 -17.90 52.58 10.57
CA TYR F 98 -17.98 51.34 9.81
C TYR F 98 -18.22 51.60 8.32
N PHE F 99 -19.14 52.51 7.99
CA PHE F 99 -19.38 52.83 6.58
C PHE F 99 -18.08 53.25 5.89
N ARG F 100 -17.33 54.15 6.54
CA ARG F 100 -16.11 54.66 5.93
C ARG F 100 -15.08 53.55 5.77
N SER F 101 -14.87 52.75 6.82
CA SER F 101 -13.89 51.67 6.72
C SER F 101 -14.30 50.65 5.67
N TYR F 102 -15.59 50.35 5.57
CA TYR F 102 -16.08 49.40 4.57
C TYR F 102 -15.71 49.84 3.17
N PHE F 103 -15.97 51.12 2.86
CA PHE F 103 -15.64 51.64 1.54
C PHE F 103 -14.13 51.89 1.38
N ASN F 104 -13.46 52.28 2.46
CA ASN F 104 -12.00 52.41 2.41
C ASN F 104 -11.38 51.12 1.87
N ARG F 105 -11.80 49.97 2.38
CA ARG F 105 -11.14 48.72 2.06
C ARG F 105 -11.46 48.26 0.64
N HIS F 106 -12.62 48.63 0.11
CA HIS F 106 -12.97 48.23 -1.25
C HIS F 106 -12.30 49.13 -2.28
N PHE F 107 -12.43 50.45 -2.11
CA PHE F 107 -11.94 51.39 -3.11
C PHE F 107 -10.50 51.79 -2.90
N ARG F 108 -9.94 51.53 -1.72
CA ARG F 108 -8.58 51.97 -1.40
C ARG F 108 -8.43 53.45 -1.71
N GLU F 109 -9.42 54.21 -1.24
CA GLU F 109 -9.54 55.65 -1.43
C GLU F 109 -10.10 56.24 -0.15
N PRO F 110 -9.84 57.53 0.11
CA PRO F 110 -10.47 58.17 1.26
C PRO F 110 -11.97 58.21 1.11
N VAL F 111 -12.68 58.13 2.23
CA VAL F 111 -14.14 58.17 2.24
C VAL F 111 -14.56 59.13 3.34
N SER F 112 -15.14 60.27 2.94
CA SER F 112 -15.58 61.29 3.88
C SER F 112 -17.07 61.14 4.16
N CYS F 113 -17.42 61.30 5.43
CA CYS F 113 -18.79 61.16 5.93
C CYS F 113 -18.79 61.54 7.40
N VAL F 114 -19.83 62.24 7.84
CA VAL F 114 -19.90 62.73 9.20
C VAL F 114 -21.10 62.13 9.90
N SER F 115 -21.04 62.15 11.23
CA SER F 115 -22.16 61.85 12.10
C SER F 115 -22.38 63.05 13.00
N ASP F 116 -23.56 63.11 13.62
CA ASP F 116 -23.80 64.07 14.70
C ASP F 116 -23.82 63.38 16.06
N SER F 117 -23.31 62.15 16.14
CA SER F 117 -22.88 61.53 17.38
C SER F 117 -23.96 61.63 18.46
N MET F 118 -25.12 61.09 18.16
CA MET F 118 -26.16 61.01 19.19
C MET F 118 -25.78 59.96 20.23
N THR F 119 -25.92 60.32 21.49
CA THR F 119 -25.55 59.49 22.63
C THR F 119 -26.80 59.07 23.37
N GLU F 120 -26.62 58.52 24.58
CA GLU F 120 -27.77 58.08 25.35
C GLU F 120 -28.68 59.24 25.74
N ASP F 121 -28.11 60.45 25.88
CA ASP F 121 -28.94 61.61 26.15
C ASP F 121 -29.95 61.83 25.03
N ALA F 122 -29.49 61.75 23.78
CA ALA F 122 -30.39 61.89 22.64
C ALA F 122 -31.39 60.73 22.57
N ALA F 123 -31.06 59.57 23.13
CA ALA F 123 -32.00 58.46 23.14
C ALA F 123 -33.24 58.79 23.96
N VAL F 124 -33.11 59.67 24.95
CA VAL F 124 -34.23 60.04 25.80
C VAL F 124 -34.96 61.27 25.27
N PHE F 125 -34.21 62.28 24.82
CA PHE F 125 -34.79 63.56 24.42
C PHE F 125 -34.81 63.76 22.91
N GLY F 126 -34.28 62.84 22.13
CA GLY F 126 -34.14 63.04 20.70
C GLY F 126 -32.87 63.77 20.34
N GLY F 127 -32.57 63.78 19.03
CA GLY F 127 -31.32 64.32 18.55
C GLY F 127 -31.42 65.64 17.80
N GLN F 128 -32.38 66.49 18.18
CA GLN F 128 -32.52 67.77 17.47
C GLN F 128 -31.30 68.66 17.67
N GLN F 129 -30.82 68.76 18.92
CA GLN F 129 -29.66 69.61 19.19
C GLN F 129 -28.44 69.10 18.43
N ASN F 130 -28.27 67.78 18.33
CA ASN F 130 -27.17 67.22 17.56
C ASN F 130 -27.25 67.66 16.11
N MET F 131 -28.46 67.71 15.54
CA MET F 131 -28.63 68.13 14.16
C MET F 131 -28.28 69.60 13.97
N LYS F 132 -28.73 70.45 14.89
CA LYS F 132 -28.42 71.88 14.80
C LYS F 132 -26.91 72.10 14.83
N ASP F 133 -26.24 71.66 15.89
CA ASP F 133 -24.81 71.85 16.00
C ASP F 133 -24.05 71.06 14.93
N GLY F 134 -24.54 69.85 14.61
CA GLY F 134 -23.86 69.04 13.61
C GLY F 134 -23.82 69.69 12.25
N LEU F 135 -24.97 70.20 11.81
CA LEU F 135 -25.02 70.88 10.51
C LEU F 135 -24.12 72.10 10.51
N GLN F 136 -24.19 72.92 11.57
CA GLN F 136 -23.34 74.11 11.62
C GLN F 136 -21.87 73.72 11.63
N ASN F 137 -21.51 72.73 12.46
CA ASN F 137 -20.12 72.29 12.52
C ASN F 137 -19.67 71.75 11.16
N CYS F 138 -20.53 70.97 10.51
CA CYS F 138 -20.16 70.38 9.22
C CYS F 138 -19.92 71.44 8.16
N LYS F 139 -20.82 72.43 8.08
CA LYS F 139 -20.71 73.45 7.04
C LYS F 139 -19.48 74.32 7.25
N ALA F 140 -19.18 74.67 8.50
CA ALA F 140 -18.06 75.55 8.77
C ALA F 140 -16.72 74.84 8.59
N THR F 141 -16.64 73.56 8.99
CA THR F 141 -15.35 72.88 9.09
C THR F 141 -14.91 72.30 7.74
N TYR F 142 -15.81 71.61 7.04
CA TYR F 142 -15.47 70.93 5.81
C TYR F 142 -16.03 71.61 4.57
N LYS F 143 -16.75 72.72 4.75
CA LYS F 143 -17.17 73.60 3.66
C LYS F 143 -17.75 72.84 2.46
N PRO F 144 -18.79 72.04 2.66
CA PRO F 144 -19.51 71.47 1.52
C PRO F 144 -20.50 72.47 0.96
N ASP F 145 -20.83 72.30 -0.32
CA ASP F 145 -21.91 73.07 -0.90
C ASP F 145 -23.28 72.47 -0.59
N MET F 146 -23.31 71.21 -0.16
CA MET F 146 -24.56 70.52 0.15
C MET F 146 -24.28 69.46 1.21
N ILE F 147 -25.26 69.24 2.08
CA ILE F 147 -25.22 68.18 3.08
C ILE F 147 -26.42 67.29 2.86
N ALA F 148 -26.16 66.01 2.59
CA ALA F 148 -27.19 65.02 2.35
C ALA F 148 -27.32 64.14 3.59
N VAL F 149 -28.50 64.13 4.20
CA VAL F 149 -28.70 63.51 5.51
C VAL F 149 -29.41 62.17 5.35
N SER F 150 -28.87 61.14 5.99
CA SER F 150 -29.50 59.85 6.16
C SER F 150 -29.51 59.52 7.65
N THR F 151 -30.01 58.33 8.01
CA THR F 151 -30.24 58.00 9.41
C THR F 151 -29.67 56.62 9.76
N THR F 152 -29.25 56.49 11.02
CA THR F 152 -28.97 55.18 11.61
C THR F 152 -30.22 54.67 12.32
N CYS F 153 -30.20 53.39 12.69
CA CYS F 153 -31.42 52.77 13.23
C CYS F 153 -31.86 53.44 14.52
N MET F 154 -30.91 53.86 15.35
CA MET F 154 -31.27 54.52 16.60
C MET F 154 -32.18 55.72 16.34
N ALA F 155 -31.80 56.58 15.39
CA ALA F 155 -32.62 57.74 15.06
C ALA F 155 -33.97 57.33 14.48
N GLU F 156 -34.03 56.19 13.79
CA GLU F 156 -35.30 55.72 13.26
C GLU F 156 -36.18 55.16 14.36
N VAL F 157 -35.60 54.40 15.30
CA VAL F 157 -36.39 53.80 16.36
C VAL F 157 -37.01 54.88 17.23
N ILE F 158 -36.22 55.87 17.65
CA ILE F 158 -36.75 56.94 18.48
C ILE F 158 -37.64 57.89 17.71
N GLY F 159 -37.62 57.83 16.38
CA GLY F 159 -38.58 58.56 15.58
C GLY F 159 -38.24 60.01 15.31
N ASP F 160 -36.96 60.34 15.14
CA ASP F 160 -36.56 61.71 14.89
C ASP F 160 -37.19 62.22 13.61
N ASP F 161 -37.74 63.44 13.68
CA ASP F 161 -38.36 64.09 12.52
C ASP F 161 -37.29 64.89 11.79
N LEU F 162 -36.73 64.32 10.71
CA LEU F 162 -35.64 64.98 10.00
C LEU F 162 -36.09 66.32 9.43
N ASN F 163 -37.26 66.36 8.79
CA ASN F 163 -37.72 67.61 8.18
C ASN F 163 -37.84 68.72 9.22
N ALA F 164 -38.46 68.40 10.36
CA ALA F 164 -38.61 69.41 11.41
C ALA F 164 -37.26 69.84 11.96
N PHE F 165 -36.35 68.87 12.17
CA PHE F 165 -35.04 69.20 12.70
C PHE F 165 -34.26 70.10 11.76
N ILE F 166 -34.28 69.79 10.46
CA ILE F 166 -33.57 70.60 9.47
C ILE F 166 -34.21 71.97 9.33
N ASN F 167 -35.54 72.04 9.38
CA ASN F 167 -36.22 73.32 9.27
C ASN F 167 -35.85 74.23 10.43
N ASN F 168 -35.80 73.68 11.64
CA ASN F 168 -35.50 74.49 12.81
C ASN F 168 -34.05 74.96 12.82
N SER F 169 -33.13 74.14 12.30
CA SER F 169 -31.74 74.56 12.20
C SER F 169 -31.62 75.80 11.33
N LYS F 170 -32.45 75.90 10.29
CA LYS F 170 -32.45 77.08 9.44
C LYS F 170 -33.20 78.24 10.10
N LYS F 171 -34.30 77.93 10.78
CA LYS F 171 -35.10 78.97 11.43
C LYS F 171 -34.33 79.66 12.55
N GLU F 172 -33.46 78.93 13.24
CA GLU F 172 -32.70 79.46 14.37
C GLU F 172 -31.28 79.87 14.00
N GLY F 173 -30.92 79.83 12.71
CA GLY F 173 -29.67 80.40 12.27
C GLY F 173 -28.46 79.51 12.39
N PHE F 174 -28.64 78.20 12.50
CA PHE F 174 -27.48 77.30 12.51
C PHE F 174 -26.91 77.10 11.11
N ILE F 175 -27.76 77.10 10.08
CA ILE F 175 -27.29 77.11 8.70
C ILE F 175 -28.22 77.99 7.87
N PRO F 176 -27.69 78.54 6.77
CA PRO F 176 -28.52 79.42 5.94
C PRO F 176 -29.76 78.69 5.42
N ASP F 177 -30.85 79.46 5.29
CA ASP F 177 -32.10 78.88 4.79
C ASP F 177 -31.95 78.39 3.35
N GLU F 178 -31.06 79.03 2.56
CA GLU F 178 -30.86 78.65 1.18
C GLU F 178 -29.93 77.45 1.02
N PHE F 179 -29.18 77.11 2.06
CA PHE F 179 -28.24 76.01 1.96
C PHE F 179 -28.98 74.70 1.72
N PRO F 180 -28.61 73.91 0.71
CA PRO F 180 -29.38 72.69 0.39
C PRO F 180 -29.05 71.56 1.35
N VAL F 181 -30.09 71.03 2.00
CA VAL F 181 -29.93 69.91 2.92
C VAL F 181 -30.97 68.83 2.62
N PRO F 182 -30.84 68.09 1.53
CA PRO F 182 -31.78 66.99 1.28
C PRO F 182 -31.64 65.93 2.36
N PHE F 183 -32.68 65.11 2.52
CA PHE F 183 -32.64 64.08 3.54
C PHE F 183 -33.51 62.90 3.11
N ALA F 184 -33.31 61.78 3.80
CA ALA F 184 -34.09 60.58 3.58
C ALA F 184 -33.98 59.70 4.81
N HIS F 185 -35.11 59.10 5.21
CA HIS F 185 -35.11 58.12 6.28
C HIS F 185 -34.60 56.79 5.75
N THR F 186 -33.59 56.24 6.42
CA THR F 186 -32.87 55.04 5.96
C THR F 186 -32.80 54.03 7.11
N PRO F 187 -33.92 53.37 7.41
CA PRO F 187 -33.92 52.37 8.50
C PRO F 187 -33.21 51.10 8.08
N SER F 188 -32.18 50.72 8.85
CA SER F 188 -31.40 49.54 8.54
C SER F 188 -32.19 48.26 8.69
N PHE F 189 -33.29 48.27 9.44
CA PHE F 189 -34.16 47.12 9.61
C PHE F 189 -35.21 47.02 8.51
N VAL F 190 -35.04 47.77 7.42
CA VAL F 190 -35.87 47.63 6.23
C VAL F 190 -34.93 47.47 5.04
N GLY F 191 -35.16 46.44 4.24
CA GLY F 191 -34.40 46.28 3.01
C GLY F 191 -32.92 46.09 3.28
N SER F 192 -32.10 46.82 2.52
CA SER F 192 -30.66 46.66 2.56
C SER F 192 -30.01 47.95 2.07
N HIS F 193 -28.69 47.92 1.90
CA HIS F 193 -27.95 49.09 1.47
C HIS F 193 -28.51 49.66 0.17
N VAL F 194 -28.94 48.80 -0.74
CA VAL F 194 -29.47 49.29 -2.02
C VAL F 194 -30.76 50.07 -1.78
N THR F 195 -31.53 49.69 -0.77
CA THR F 195 -32.72 50.47 -0.42
C THR F 195 -32.34 51.88 0.01
N GLY F 196 -31.22 52.02 0.74
CA GLY F 196 -30.79 53.33 1.17
C GLY F 196 -30.34 54.22 0.03
N TRP F 197 -29.71 53.63 -0.99
CA TRP F 197 -29.33 54.39 -2.17
C TRP F 197 -30.57 54.93 -2.88
N ASP F 198 -31.55 54.05 -3.11
CA ASP F 198 -32.82 54.48 -3.69
C ASP F 198 -33.46 55.59 -2.85
N ASN F 199 -33.53 55.38 -1.53
CA ASN F 199 -34.19 56.35 -0.67
C ASN F 199 -33.44 57.67 -0.67
N MET F 200 -32.11 57.62 -0.59
CA MET F 200 -31.32 58.85 -0.60
C MET F 200 -31.52 59.62 -1.91
N PHE F 201 -31.54 58.91 -3.04
CA PHE F 201 -31.63 59.60 -4.32
C PHE F 201 -32.99 60.30 -4.46
N GLU F 202 -34.07 59.60 -4.12
CA GLU F 202 -35.39 60.21 -4.18
C GLU F 202 -35.45 61.46 -3.30
N GLY F 203 -34.81 61.42 -2.13
CA GLY F 203 -34.81 62.58 -1.26
C GLY F 203 -34.09 63.76 -1.87
N ILE F 204 -32.98 63.50 -2.58
CA ILE F 204 -32.28 64.57 -3.28
C ILE F 204 -33.07 65.03 -4.49
N ALA F 205 -33.65 64.09 -5.24
CA ALA F 205 -34.49 64.47 -6.38
C ALA F 205 -35.69 65.28 -5.92
N ARG F 206 -36.31 64.88 -4.81
CA ARG F 206 -37.42 65.64 -4.26
C ARG F 206 -37.00 67.06 -3.90
N TYR F 207 -35.83 67.19 -3.26
CA TYR F 207 -35.41 68.49 -2.74
C TYR F 207 -35.31 69.53 -3.83
N PHE F 208 -34.88 69.15 -5.03
CA PHE F 208 -34.51 70.10 -6.06
C PHE F 208 -35.57 70.28 -7.14
N THR F 209 -36.65 69.50 -7.11
CA THR F 209 -37.64 69.56 -8.19
C THR F 209 -39.09 69.57 -7.74
N LEU F 210 -39.41 69.08 -6.53
CA LEU F 210 -40.82 68.87 -6.19
C LEU F 210 -41.61 70.17 -6.22
N LYS F 211 -41.05 71.26 -5.69
CA LYS F 211 -41.77 72.52 -5.59
C LYS F 211 -41.43 73.49 -6.72
N SER F 212 -40.87 72.99 -7.82
CA SER F 212 -40.53 73.85 -8.96
C SER F 212 -40.89 73.18 -10.27
N MET F 213 -42.06 72.56 -10.33
CA MET F 213 -42.45 71.82 -11.56
C MET F 213 -43.30 72.71 -12.49
N ASP F 214 -43.58 73.96 -12.10
CA ASP F 214 -44.45 74.78 -12.93
C ASP F 214 -43.79 75.13 -14.27
N ASP F 215 -42.49 75.42 -14.27
CA ASP F 215 -41.80 75.88 -15.46
C ASP F 215 -41.11 74.77 -16.23
N LYS F 216 -41.41 73.50 -15.94
CA LYS F 216 -40.74 72.38 -16.57
C LYS F 216 -41.52 71.86 -17.76
N VAL F 217 -40.79 71.50 -18.82
CA VAL F 217 -41.35 70.93 -20.04
C VAL F 217 -40.50 69.71 -20.40
N VAL F 218 -41.15 68.54 -20.52
CA VAL F 218 -40.43 67.32 -20.82
C VAL F 218 -39.74 67.44 -22.17
N GLY F 219 -38.46 67.05 -22.21
CA GLY F 219 -37.70 67.02 -23.44
C GLY F 219 -37.06 68.33 -23.85
N SER F 220 -37.25 69.40 -23.09
CA SER F 220 -36.83 70.72 -23.54
C SER F 220 -35.32 70.90 -23.53
N ASN F 221 -34.58 70.16 -22.71
CA ASN F 221 -33.12 70.24 -22.70
C ASN F 221 -32.47 69.17 -23.57
N LYS F 222 -33.26 68.25 -24.13
CA LYS F 222 -32.79 67.29 -25.13
C LYS F 222 -31.72 66.34 -24.58
N LYS F 223 -31.77 66.06 -23.28
CA LYS F 223 -30.86 65.12 -22.65
C LYS F 223 -31.61 63.91 -22.13
N ILE F 224 -30.85 62.89 -21.76
CA ILE F 224 -31.35 61.69 -21.11
C ILE F 224 -30.74 61.62 -19.71
N ASN F 225 -31.58 61.43 -18.71
CA ASN F 225 -31.10 61.21 -17.35
C ASN F 225 -30.71 59.75 -17.15
N ILE F 226 -29.61 59.54 -16.44
CA ILE F 226 -29.09 58.21 -16.15
C ILE F 226 -28.93 58.12 -14.64
N VAL F 227 -29.62 57.15 -14.03
CA VAL F 227 -29.52 56.89 -12.59
C VAL F 227 -28.76 55.58 -12.42
N PRO F 228 -27.53 55.58 -11.88
CA PRO F 228 -26.72 54.36 -11.87
C PRO F 228 -27.10 53.41 -10.75
N GLY F 229 -27.59 53.94 -9.64
CA GLY F 229 -27.84 53.13 -8.47
C GLY F 229 -26.56 52.79 -7.72
N PHE F 230 -26.71 51.92 -6.73
CA PHE F 230 -25.58 51.44 -5.93
C PHE F 230 -24.59 50.74 -6.84
N GLU F 231 -23.43 51.35 -7.07
CA GLU F 231 -22.49 50.87 -8.07
C GLU F 231 -21.07 51.05 -7.55
N THR F 232 -20.30 49.96 -7.49
CA THR F 232 -18.98 49.95 -6.86
C THR F 232 -17.85 49.58 -7.82
N TYR F 233 -18.10 49.62 -9.14
CA TYR F 233 -17.06 49.50 -10.15
C TYR F 233 -16.92 50.84 -10.88
N LEU F 234 -15.75 51.47 -10.74
CA LEU F 234 -15.54 52.74 -11.43
C LEU F 234 -15.71 52.60 -12.94
N GLY F 235 -15.30 51.45 -13.50
CA GLY F 235 -15.47 51.23 -14.92
C GLY F 235 -16.92 51.29 -15.37
N ASN F 236 -17.86 51.05 -14.48
CA ASN F 236 -19.27 51.04 -14.86
C ASN F 236 -19.83 52.45 -15.02
N PHE F 237 -19.40 53.39 -14.17
CA PHE F 237 -19.71 54.79 -14.42
C PHE F 237 -19.10 55.24 -15.74
N ARG F 238 -17.85 54.87 -15.99
CA ARG F 238 -17.10 55.42 -17.13
C ARG F 238 -17.56 54.81 -18.44
N VAL F 239 -17.93 53.52 -18.44
CA VAL F 239 -18.32 52.88 -19.69
C VAL F 239 -19.66 53.43 -20.18
N ILE F 240 -20.58 53.73 -19.27
CA ILE F 240 -21.85 54.31 -19.66
C ILE F 240 -21.62 55.70 -20.25
N LYS F 241 -20.88 56.55 -19.54
CA LYS F 241 -20.56 57.86 -20.07
C LYS F 241 -19.79 57.76 -21.38
N ARG F 242 -18.94 56.74 -21.53
CA ARG F 242 -18.16 56.61 -22.75
C ARG F 242 -19.05 56.23 -23.93
N MET F 243 -19.96 55.27 -23.74
CA MET F 243 -20.81 54.86 -24.85
C MET F 243 -21.76 55.96 -25.27
N LEU F 244 -22.33 56.69 -24.30
CA LEU F 244 -23.27 57.75 -24.65
C LEU F 244 -22.57 58.85 -25.45
N SER F 245 -21.37 59.25 -25.01
CA SER F 245 -20.60 60.22 -25.78
C SER F 245 -20.18 59.65 -27.13
N GLU F 246 -20.08 58.33 -27.23
CA GLU F 246 -19.80 57.69 -28.51
C GLU F 246 -20.92 57.93 -29.51
N MET F 247 -22.17 57.87 -29.05
CA MET F 247 -23.32 58.13 -29.91
C MET F 247 -23.65 59.61 -30.02
N GLY F 248 -22.91 60.48 -29.36
CA GLY F 248 -23.27 61.88 -29.34
C GLY F 248 -24.61 62.14 -28.67
N VAL F 249 -24.94 61.38 -27.63
CA VAL F 249 -26.19 61.56 -26.90
C VAL F 249 -25.94 62.49 -25.72
N GLY F 250 -26.71 63.58 -25.65
CA GLY F 250 -26.69 64.41 -24.47
C GLY F 250 -27.29 63.65 -23.30
N TYR F 251 -26.61 63.67 -22.17
CA TYR F 251 -27.03 62.88 -21.02
C TYR F 251 -26.72 63.65 -19.75
N SER F 252 -27.30 63.17 -18.65
CA SER F 252 -26.98 63.68 -17.32
C SER F 252 -26.92 62.49 -16.37
N LEU F 253 -25.74 62.19 -15.87
CA LEU F 253 -25.55 61.11 -14.90
C LEU F 253 -25.81 61.69 -13.51
N LEU F 254 -26.89 61.21 -12.86
CA LEU F 254 -27.30 61.71 -11.56
C LEU F 254 -26.71 60.80 -10.49
N SER F 255 -25.81 61.35 -9.67
CA SER F 255 -24.98 60.63 -8.71
C SER F 255 -23.79 60.03 -9.44
N ASP F 256 -22.65 60.72 -9.41
CA ASP F 256 -21.46 60.33 -10.17
C ASP F 256 -20.22 60.47 -9.29
N PRO F 257 -19.86 59.41 -8.56
CA PRO F 257 -18.71 59.48 -7.66
C PRO F 257 -17.37 59.04 -8.25
N GLU F 258 -17.26 58.84 -9.56
CA GLU F 258 -16.05 58.22 -10.11
C GLU F 258 -14.84 59.14 -10.01
N GLU F 259 -15.05 60.47 -10.08
CA GLU F 259 -13.93 61.38 -9.91
C GLU F 259 -13.43 61.37 -8.47
N VAL F 260 -14.34 61.46 -7.50
CA VAL F 260 -13.92 61.57 -6.11
C VAL F 260 -13.36 60.25 -5.58
N LEU F 261 -13.68 59.14 -6.23
CA LEU F 261 -13.19 57.83 -5.83
C LEU F 261 -12.00 57.38 -6.67
N ASP F 262 -11.31 58.32 -7.32
CA ASP F 262 -10.16 57.99 -8.14
C ASP F 262 -9.33 59.25 -8.32
N THR F 263 -9.11 59.98 -7.23
CA THR F 263 -8.32 61.20 -7.30
C THR F 263 -6.84 60.87 -7.43
N PRO F 264 -6.06 61.73 -8.07
CA PRO F 264 -4.63 61.45 -8.23
C PRO F 264 -3.85 61.63 -6.94
N ALA F 265 -2.79 60.84 -6.80
CA ALA F 265 -1.84 61.00 -5.70
C ALA F 265 -0.72 61.93 -6.17
N ASP F 266 -1.03 63.24 -6.14
CA ASP F 266 -0.15 64.26 -6.68
C ASP F 266 0.30 65.26 -5.63
N GLY F 267 0.14 64.93 -4.35
CA GLY F 267 0.60 65.77 -3.27
C GLY F 267 -0.48 66.46 -2.48
N GLN F 268 -1.73 66.43 -2.93
CA GLN F 268 -2.82 67.10 -2.21
C GLN F 268 -4.04 66.19 -2.11
N PHE F 269 -4.72 66.27 -0.97
CA PHE F 269 -5.93 65.51 -0.73
C PHE F 269 -7.14 66.36 -1.11
N ARG F 270 -7.98 65.83 -1.99
CA ARG F 270 -9.20 66.50 -2.44
C ARG F 270 -10.39 65.83 -1.77
N MET F 271 -10.98 66.50 -0.80
CA MET F 271 -12.17 65.95 -0.14
C MET F 271 -13.30 65.78 -1.14
N TYR F 272 -13.43 66.70 -2.10
CA TYR F 272 -14.45 66.66 -3.12
C TYR F 272 -13.82 66.70 -4.51
N ALA F 273 -14.51 66.10 -5.48
CA ALA F 273 -14.05 66.12 -6.87
C ALA F 273 -15.19 65.72 -7.78
N GLY F 274 -15.42 66.50 -8.83
CA GLY F 274 -16.42 66.15 -9.83
C GLY F 274 -17.81 66.07 -9.22
N GLY F 275 -18.60 65.14 -9.74
CA GLY F 275 -19.91 64.85 -9.19
C GLY F 275 -21.04 65.58 -9.91
N THR F 276 -22.24 65.07 -9.72
CA THR F 276 -23.44 65.69 -10.28
C THR F 276 -23.68 67.05 -9.64
N THR F 277 -23.94 68.06 -10.46
CA THR F 277 -24.15 69.39 -9.94
C THR F 277 -25.60 69.58 -9.50
N GLN F 278 -25.81 70.59 -8.64
CA GLN F 278 -27.17 70.94 -8.24
C GLN F 278 -27.97 71.38 -9.44
N GLU F 279 -27.35 72.15 -10.34
CA GLU F 279 -28.02 72.61 -11.54
C GLU F 279 -28.53 71.44 -12.38
N GLU F 280 -27.78 70.35 -12.40
CA GLU F 280 -28.19 69.17 -13.16
C GLU F 280 -29.44 68.53 -12.56
N MET F 281 -29.53 68.52 -11.23
CA MET F 281 -30.74 68.01 -10.57
C MET F 281 -31.93 68.92 -10.84
N LYS F 282 -31.74 70.24 -10.70
CA LYS F 282 -32.84 71.16 -10.93
C LYS F 282 -33.36 71.08 -12.35
N ASP F 283 -32.49 70.81 -13.33
CA ASP F 283 -32.85 70.72 -14.74
C ASP F 283 -33.29 69.32 -15.16
N ALA F 284 -33.18 68.33 -14.29
CA ALA F 284 -33.44 66.96 -14.69
C ALA F 284 -34.86 66.75 -15.23
N PRO F 285 -35.90 67.37 -14.67
CA PRO F 285 -37.25 67.17 -15.22
C PRO F 285 -37.41 67.58 -16.67
N ASN F 286 -36.55 68.46 -17.18
CA ASN F 286 -36.61 68.90 -18.57
C ASN F 286 -35.95 67.91 -19.52
N ALA F 287 -35.48 66.77 -19.03
CA ALA F 287 -34.87 65.79 -19.90
C ALA F 287 -35.94 65.08 -20.73
N LEU F 288 -35.50 64.48 -21.83
CA LEU F 288 -36.41 63.70 -22.67
C LEU F 288 -37.02 62.56 -21.86
N ASN F 289 -36.20 61.87 -21.06
CA ASN F 289 -36.63 60.71 -20.30
C ASN F 289 -35.53 60.40 -19.28
N THR F 290 -35.79 59.41 -18.43
CA THR F 290 -34.84 58.97 -17.42
C THR F 290 -34.70 57.45 -17.52
N VAL F 291 -33.46 56.98 -17.53
CA VAL F 291 -33.16 55.55 -17.60
C VAL F 291 -32.59 55.13 -16.25
N LEU F 292 -33.12 54.04 -15.70
CA LEU F 292 -32.66 53.49 -14.44
C LEU F 292 -31.81 52.25 -14.73
N LEU F 293 -30.51 52.35 -14.44
CA LEU F 293 -29.58 51.29 -14.84
C LEU F 293 -29.77 50.02 -14.02
N GLN F 294 -30.29 50.14 -12.79
CA GLN F 294 -30.50 48.99 -11.90
C GLN F 294 -31.91 49.10 -11.33
N PRO F 295 -32.92 48.79 -12.15
CA PRO F 295 -34.31 49.11 -11.77
C PRO F 295 -34.83 48.38 -10.54
N TRP F 296 -34.24 47.24 -10.16
CA TRP F 296 -34.79 46.45 -9.07
C TRP F 296 -34.47 46.98 -7.68
N HIS F 297 -33.64 48.01 -7.55
CA HIS F 297 -33.54 48.74 -6.29
C HIS F 297 -33.66 50.24 -6.53
N LEU F 298 -34.38 50.64 -7.57
CA LEU F 298 -34.68 52.05 -7.81
C LEU F 298 -36.19 52.25 -7.97
N GLU F 299 -36.98 51.47 -7.23
CA GLU F 299 -38.43 51.50 -7.42
C GLU F 299 -39.04 52.76 -6.82
N LYS F 300 -38.51 53.23 -5.70
CA LYS F 300 -39.02 54.48 -5.14
C LYS F 300 -38.63 55.67 -6.00
N THR F 301 -37.42 55.64 -6.58
CA THR F 301 -37.03 56.68 -7.53
C THR F 301 -37.94 56.68 -8.75
N LYS F 302 -38.26 55.49 -9.27
CA LYS F 302 -39.11 55.41 -10.47
C LYS F 302 -40.47 56.05 -10.23
N LYS F 303 -41.07 55.79 -9.06
CA LYS F 303 -42.38 56.38 -8.76
C LYS F 303 -42.32 57.91 -8.79
N PHE F 304 -41.27 58.50 -8.24
CA PHE F 304 -41.15 59.95 -8.24
C PHE F 304 -40.89 60.50 -9.63
N VAL F 305 -39.99 59.84 -10.39
CA VAL F 305 -39.67 60.31 -11.73
C VAL F 305 -40.89 60.21 -12.64
N GLU F 306 -41.60 59.08 -12.58
CA GLU F 306 -42.81 58.95 -13.39
C GLU F 306 -43.94 59.81 -12.86
N GLY F 307 -44.10 59.85 -11.53
CA GLY F 307 -45.25 60.52 -10.96
C GLY F 307 -45.17 62.04 -11.04
N THR F 308 -43.97 62.59 -10.84
CA THR F 308 -43.78 64.03 -10.77
C THR F 308 -43.14 64.62 -12.02
N TRP F 309 -42.04 64.03 -12.52
CA TRP F 309 -41.44 64.52 -13.75
C TRP F 309 -42.20 64.09 -14.99
N LYS F 310 -43.07 63.07 -14.87
CA LYS F 310 -43.88 62.59 -15.98
C LYS F 310 -43.01 62.07 -17.12
N HIS F 311 -41.91 61.41 -16.76
CA HIS F 311 -41.07 60.72 -17.73
C HIS F 311 -41.56 59.29 -17.93
N GLU F 312 -41.54 58.84 -19.19
CA GLU F 312 -41.96 57.48 -19.53
C GLU F 312 -40.74 56.56 -19.40
N VAL F 313 -40.41 56.24 -18.15
CA VAL F 313 -39.23 55.44 -17.83
C VAL F 313 -39.29 54.10 -18.56
N PRO F 314 -38.35 53.81 -19.47
CA PRO F 314 -38.46 52.58 -20.26
C PRO F 314 -38.20 51.35 -19.41
N LYS F 315 -38.75 50.21 -19.89
CA LYS F 315 -38.64 48.93 -19.19
C LYS F 315 -37.37 48.23 -19.67
N LEU F 316 -36.25 48.60 -19.05
CA LEU F 316 -34.94 48.08 -19.42
C LEU F 316 -34.33 47.31 -18.25
N ASN F 317 -33.68 46.20 -18.57
CA ASN F 317 -32.85 45.50 -17.60
C ASN F 317 -31.50 46.19 -17.47
N ILE F 318 -30.77 45.82 -16.43
CA ILE F 318 -29.40 46.32 -16.29
C ILE F 318 -28.60 45.99 -17.55
N PRO F 319 -27.85 46.94 -18.12
CA PRO F 319 -27.07 46.63 -19.34
C PRO F 319 -25.85 45.77 -19.04
N MET F 320 -26.10 44.49 -18.84
CA MET F 320 -25.06 43.48 -18.70
C MET F 320 -25.23 42.44 -19.80
N GLY F 321 -24.12 42.00 -20.37
CA GLY F 321 -24.18 41.02 -21.42
C GLY F 321 -24.47 41.63 -22.78
N LEU F 322 -24.69 40.73 -23.73
CA LEU F 322 -24.90 41.17 -25.11
C LEU F 322 -26.33 41.67 -25.31
N ASP F 323 -27.32 40.82 -25.00
CA ASP F 323 -28.70 41.14 -25.29
C ASP F 323 -29.14 42.44 -24.63
N TRP F 324 -28.81 42.60 -23.35
CA TRP F 324 -29.29 43.74 -22.58
C TRP F 324 -28.49 45.01 -22.84
N THR F 325 -27.25 44.89 -23.30
CA THR F 325 -26.54 46.06 -23.80
C THR F 325 -27.12 46.48 -25.15
N ASP F 326 -27.42 45.51 -26.01
CA ASP F 326 -28.10 45.81 -27.27
C ASP F 326 -29.39 46.57 -27.02
N GLU F 327 -30.23 46.05 -26.12
CA GLU F 327 -31.51 46.71 -25.84
C GLU F 327 -31.31 48.09 -25.24
N PHE F 328 -30.27 48.26 -24.41
CA PHE F 328 -29.98 49.57 -23.85
C PHE F 328 -29.67 50.58 -24.94
N LEU F 329 -28.75 50.22 -25.85
CA LEU F 329 -28.34 51.15 -26.89
C LEU F 329 -29.47 51.42 -27.88
N MET F 330 -30.30 50.43 -28.15
CA MET F 330 -31.43 50.65 -29.04
C MET F 330 -32.44 51.60 -28.43
N LYS F 331 -32.71 51.45 -27.12
CA LYS F 331 -33.65 52.34 -26.47
C LYS F 331 -33.10 53.77 -26.41
N VAL F 332 -31.81 53.92 -26.09
CA VAL F 332 -31.21 55.25 -26.09
C VAL F 332 -31.29 55.87 -27.47
N SER F 333 -31.01 55.08 -28.52
CA SER F 333 -31.10 55.60 -29.88
C SER F 333 -32.51 56.12 -30.16
N GLU F 334 -33.53 55.36 -29.76
CA GLU F 334 -34.91 55.77 -30.02
C GLU F 334 -35.25 57.04 -29.26
N ILE F 335 -34.79 57.15 -28.01
CA ILE F 335 -35.16 58.30 -27.18
C ILE F 335 -34.42 59.55 -27.64
N SER F 336 -33.13 59.42 -27.94
CA SER F 336 -32.31 60.56 -28.31
C SER F 336 -32.38 60.90 -29.80
N GLY F 337 -32.84 59.98 -30.63
CA GLY F 337 -32.78 60.19 -32.06
C GLY F 337 -31.40 60.04 -32.66
N GLN F 338 -30.42 59.62 -31.87
CA GLN F 338 -29.05 59.42 -32.34
C GLN F 338 -28.85 57.96 -32.75
N PRO F 339 -28.29 57.69 -33.92
CA PRO F 339 -28.04 56.31 -34.31
C PRO F 339 -26.85 55.69 -33.58
N ILE F 340 -26.86 54.37 -33.52
CA ILE F 340 -25.76 53.60 -32.93
C ILE F 340 -24.57 53.62 -33.90
N PRO F 341 -23.43 54.22 -33.52
CA PRO F 341 -22.35 54.41 -34.49
C PRO F 341 -21.65 53.09 -34.83
N ALA F 342 -20.80 53.17 -35.85
CA ALA F 342 -20.08 51.99 -36.32
C ALA F 342 -19.09 51.48 -35.28
N SER F 343 -18.54 52.38 -34.45
CA SER F 343 -17.55 51.96 -33.47
C SER F 343 -18.16 51.06 -32.41
N LEU F 344 -19.40 51.33 -32.02
CA LEU F 344 -20.05 50.45 -31.04
C LEU F 344 -20.53 49.16 -31.70
N THR F 345 -21.01 49.23 -32.94
CA THR F 345 -21.36 48.01 -33.66
C THR F 345 -20.13 47.12 -33.81
N LYS F 346 -18.96 47.72 -34.05
CA LYS F 346 -17.72 46.95 -34.12
C LYS F 346 -17.36 46.35 -32.77
N GLU F 347 -17.50 47.14 -31.69
CA GLU F 347 -17.23 46.63 -30.36
C GLU F 347 -18.16 45.48 -30.00
N ARG F 348 -19.43 45.58 -30.39
CA ARG F 348 -20.35 44.46 -30.19
C ARG F 348 -19.82 43.21 -30.88
N GLY F 349 -19.42 43.34 -32.15
CA GLY F 349 -18.92 42.20 -32.89
C GLY F 349 -17.65 41.62 -32.31
N ARG F 350 -16.82 42.46 -31.68
CA ARG F 350 -15.60 41.94 -31.07
C ARG F 350 -15.91 41.09 -29.85
N LEU F 351 -16.97 41.44 -29.10
CA LEU F 351 -17.38 40.60 -27.99
C LEU F 351 -17.88 39.24 -28.50
N VAL F 352 -18.72 39.26 -29.55
CA VAL F 352 -19.19 38.01 -30.15
C VAL F 352 -18.01 37.20 -30.66
N ASP F 353 -17.01 37.89 -31.23
CA ASP F 353 -15.81 37.19 -31.68
C ASP F 353 -15.16 36.44 -30.53
N MET F 354 -15.07 37.09 -29.36
CA MET F 354 -14.50 36.44 -28.19
C MET F 354 -15.40 35.32 -27.66
N MET F 355 -16.73 35.45 -27.82
CA MET F 355 -17.62 34.39 -27.37
C MET F 355 -17.44 33.12 -28.21
N THR F 356 -17.18 33.26 -29.51
CA THR F 356 -16.90 32.08 -30.33
C THR F 356 -15.51 31.52 -30.04
N ASP F 357 -14.54 32.38 -29.72
CA ASP F 357 -13.17 31.93 -29.51
C ASP F 357 -13.03 31.09 -28.25
N SER F 358 -13.90 31.29 -27.26
CA SER F 358 -13.76 30.66 -25.95
C SER F 358 -14.92 29.74 -25.58
N HIS F 359 -15.88 29.52 -26.49
CA HIS F 359 -17.13 28.87 -26.11
C HIS F 359 -16.93 27.43 -25.66
N THR F 360 -15.91 26.73 -26.17
CA THR F 360 -15.75 25.32 -25.84
C THR F 360 -15.34 25.14 -24.39
N TRP F 361 -14.50 26.03 -23.87
CA TRP F 361 -14.10 25.92 -22.47
C TRP F 361 -15.22 26.34 -21.53
N LEU F 362 -16.10 27.26 -21.96
CA LEU F 362 -17.16 27.74 -21.08
C LEU F 362 -18.39 26.85 -21.10
N HIS F 363 -18.61 26.08 -22.16
CA HIS F 363 -19.83 25.31 -22.29
C HIS F 363 -20.01 24.37 -21.09
N GLY F 364 -21.21 24.42 -20.50
CA GLY F 364 -21.60 23.49 -19.46
C GLY F 364 -21.01 23.73 -18.09
N LYS F 365 -20.10 24.69 -17.95
CA LYS F 365 -19.51 24.94 -16.63
C LYS F 365 -20.60 25.40 -15.67
N ARG F 366 -20.50 24.93 -14.43
CA ARG F 366 -21.53 25.13 -13.42
C ARG F 366 -21.05 26.12 -12.37
N PHE F 367 -21.89 27.10 -12.05
CA PHE F 367 -21.50 28.20 -11.18
C PHE F 367 -22.51 28.42 -10.07
N ALA F 368 -22.00 28.77 -8.90
CA ALA F 368 -22.77 29.35 -7.80
C ALA F 368 -22.41 30.82 -7.69
N LEU F 369 -23.40 31.67 -7.46
CA LEU F 369 -23.14 33.11 -7.47
C LEU F 369 -24.10 33.83 -6.55
N TRP F 370 -23.66 35.00 -6.08
CA TRP F 370 -24.50 35.85 -5.25
C TRP F 370 -24.15 37.31 -5.48
N GLY F 371 -24.96 38.19 -4.90
CA GLY F 371 -24.78 39.61 -5.05
C GLY F 371 -26.12 40.34 -4.98
N ASP F 372 -26.12 41.56 -5.51
CA ASP F 372 -27.30 42.41 -5.50
C ASP F 372 -28.22 42.04 -6.67
N PRO F 373 -29.51 42.33 -6.55
CA PRO F 373 -30.47 41.78 -7.53
C PRO F 373 -30.16 42.09 -8.98
N ASP F 374 -29.94 43.36 -9.32
CA ASP F 374 -29.70 43.71 -10.72
C ASP F 374 -28.39 43.10 -11.20
N PHE F 375 -27.33 43.20 -10.38
CA PHE F 375 -26.07 42.57 -10.72
C PHE F 375 -26.24 41.07 -10.95
N VAL F 376 -26.97 40.39 -10.05
CA VAL F 376 -27.08 38.95 -10.12
C VAL F 376 -27.78 38.52 -11.41
N MET F 377 -28.93 39.13 -11.72
CA MET F 377 -29.68 38.69 -12.89
C MET F 377 -28.91 39.01 -14.18
N GLY F 378 -28.21 40.15 -14.20
CA GLY F 378 -27.35 40.43 -15.35
C GLY F 378 -26.25 39.40 -15.50
N LEU F 379 -25.72 38.92 -14.37
CA LEU F 379 -24.70 37.87 -14.41
C LEU F 379 -25.30 36.54 -14.84
N VAL F 380 -26.51 36.23 -14.37
CA VAL F 380 -27.18 35.02 -14.80
C VAL F 380 -27.48 35.08 -16.29
N LYS F 381 -27.92 36.23 -16.79
CA LYS F 381 -28.23 36.36 -18.21
C LYS F 381 -27.01 36.09 -19.06
N PHE F 382 -25.86 36.70 -18.72
CA PHE F 382 -24.67 36.55 -19.52
C PHE F 382 -24.15 35.12 -19.50
N LEU F 383 -24.16 34.48 -18.33
CA LEU F 383 -23.76 33.07 -18.26
C LEU F 383 -24.56 32.23 -19.24
N LEU F 384 -25.88 32.47 -19.33
CA LEU F 384 -26.71 31.75 -20.27
C LEU F 384 -26.31 32.04 -21.71
N GLU F 385 -25.98 33.30 -22.00
CA GLU F 385 -25.51 33.65 -23.34
C GLU F 385 -24.20 32.93 -23.67
N LEU F 386 -23.34 32.72 -22.68
CA LEU F 386 -22.08 32.03 -22.88
C LEU F 386 -22.22 30.51 -22.92
N GLY F 387 -23.41 29.98 -22.61
CA GLY F 387 -23.58 28.55 -22.55
C GLY F 387 -23.14 27.92 -21.25
N CYS F 388 -23.08 28.69 -20.17
CA CYS F 388 -22.76 28.17 -18.86
C CYS F 388 -24.03 27.86 -18.09
N GLU F 389 -23.89 27.03 -17.06
CA GLU F 389 -25.02 26.62 -16.24
C GLU F 389 -24.98 27.32 -14.89
N PRO F 390 -25.66 28.43 -14.69
CA PRO F 390 -25.87 28.91 -13.32
C PRO F 390 -26.69 27.88 -12.56
N VAL F 391 -26.14 27.39 -11.46
CA VAL F 391 -26.75 26.30 -10.71
C VAL F 391 -27.35 26.81 -9.41
N HIS F 392 -26.57 27.50 -8.60
CA HIS F 392 -27.04 28.10 -7.35
C HIS F 392 -26.95 29.62 -7.49
N ILE F 393 -28.11 30.27 -7.50
CA ILE F 393 -28.22 31.72 -7.61
C ILE F 393 -28.80 32.22 -6.29
N LEU F 394 -28.03 33.02 -5.56
CA LEU F 394 -28.42 33.49 -4.24
C LEU F 394 -28.48 35.01 -4.25
N CYS F 395 -29.58 35.56 -3.74
CA CYS F 395 -29.73 37.01 -3.61
C CYS F 395 -30.36 37.24 -2.23
N HIS F 396 -29.52 37.54 -1.25
CA HIS F 396 -30.00 37.65 0.13
C HIS F 396 -31.04 38.76 0.25
N ASN F 397 -30.88 39.85 -0.52
CA ASN F 397 -31.77 41.00 -0.45
C ASN F 397 -32.73 41.06 -1.64
N GLY F 398 -33.05 39.92 -2.26
CA GLY F 398 -34.03 39.89 -3.33
C GLY F 398 -35.41 39.52 -2.82
N ASN F 399 -36.41 39.80 -3.65
CA ASN F 399 -37.81 39.58 -3.28
C ASN F 399 -38.47 38.61 -4.25
N LYS F 400 -39.75 38.32 -3.98
CA LYS F 400 -40.49 37.34 -4.75
C LYS F 400 -40.66 37.77 -6.21
N ARG F 401 -40.97 39.06 -6.43
CA ARG F 401 -41.12 39.57 -7.79
C ARG F 401 -39.86 39.36 -8.60
N TRP F 402 -38.71 39.72 -8.04
CA TRP F 402 -37.44 39.55 -8.74
C TRP F 402 -37.17 38.08 -9.03
N LYS F 403 -37.37 37.22 -8.03
CA LYS F 403 -37.19 35.78 -8.23
C LYS F 403 -38.04 35.28 -9.39
N LYS F 404 -39.29 35.74 -9.47
CA LYS F 404 -40.19 35.33 -10.55
C LYS F 404 -39.64 35.77 -11.90
N ALA F 405 -38.99 36.94 -11.96
CA ALA F 405 -38.43 37.43 -13.21
C ALA F 405 -37.18 36.68 -13.61
N VAL F 406 -36.38 36.24 -12.63
CA VAL F 406 -35.17 35.49 -12.95
C VAL F 406 -35.50 34.06 -13.34
N ASP F 407 -36.49 33.46 -12.68
CA ASP F 407 -36.93 32.12 -13.06
C ASP F 407 -37.48 32.09 -14.48
N ALA F 408 -38.10 33.19 -14.93
CA ALA F 408 -38.53 33.27 -16.31
C ALA F 408 -37.35 33.30 -17.27
N ILE F 409 -36.31 34.06 -16.91
CA ILE F 409 -35.09 34.07 -17.71
C ILE F 409 -34.50 32.67 -17.80
N LEU F 410 -34.46 31.95 -16.67
CA LEU F 410 -33.92 30.61 -16.65
C LEU F 410 -34.76 29.64 -17.48
N ALA F 411 -36.07 29.83 -17.48
CA ALA F 411 -36.96 28.97 -18.25
C ALA F 411 -36.80 29.15 -19.75
N ALA F 412 -36.31 30.31 -20.18
CA ALA F 412 -36.22 30.63 -21.61
C ALA F 412 -34.96 30.09 -22.27
N SER F 413 -34.08 29.41 -21.54
CA SER F 413 -32.84 28.91 -22.11
C SER F 413 -32.58 27.48 -21.63
N PRO F 414 -32.01 26.63 -22.48
CA PRO F 414 -31.73 25.25 -22.05
C PRO F 414 -30.70 25.16 -20.94
N TYR F 415 -29.83 26.16 -20.77
CA TYR F 415 -28.74 26.11 -19.82
C TYR F 415 -29.12 26.53 -18.41
N GLY F 416 -30.37 26.90 -18.18
CA GLY F 416 -30.88 27.15 -16.84
C GLY F 416 -31.63 26.00 -16.22
N LYS F 417 -31.68 24.85 -16.91
CA LYS F 417 -32.48 23.71 -16.45
C LYS F 417 -32.06 23.20 -15.07
N ASN F 418 -30.82 23.46 -14.65
CA ASN F 418 -30.32 23.00 -13.37
C ASN F 418 -30.24 24.12 -12.32
N ALA F 419 -30.83 25.28 -12.62
CA ALA F 419 -30.71 26.45 -11.76
C ALA F 419 -31.84 26.49 -10.74
N THR F 420 -31.52 27.04 -9.57
CA THR F 420 -32.52 27.39 -8.57
C THR F 420 -32.17 28.76 -8.01
N VAL F 421 -33.19 29.60 -7.88
CA VAL F 421 -33.02 30.95 -7.35
C VAL F 421 -33.38 30.94 -5.87
N TYR F 422 -32.49 31.48 -5.04
CA TYR F 422 -32.70 31.55 -3.60
C TYR F 422 -32.73 33.00 -3.17
N ILE F 423 -33.78 33.37 -2.43
CA ILE F 423 -33.91 34.70 -1.86
C ILE F 423 -34.00 34.56 -0.35
N GLY F 424 -33.47 35.55 0.36
CA GLY F 424 -33.46 35.53 1.81
C GLY F 424 -32.49 34.54 2.41
N LYS F 425 -31.69 33.85 1.61
CA LYS F 425 -30.70 32.91 2.10
C LYS F 425 -29.33 33.58 2.16
N ASP F 426 -28.48 33.07 3.03
CA ASP F 426 -27.18 33.64 3.31
C ASP F 426 -26.08 32.69 2.87
N LEU F 427 -24.83 33.08 3.12
CA LEU F 427 -23.69 32.34 2.60
C LEU F 427 -23.41 31.05 3.37
N TRP F 428 -24.03 30.86 4.54
CA TRP F 428 -23.96 29.56 5.18
C TRP F 428 -24.91 28.56 4.49
N HIS F 429 -26.04 29.04 3.97
CA HIS F 429 -26.87 28.22 3.11
C HIS F 429 -26.10 27.78 1.87
N LEU F 430 -25.50 28.75 1.17
CA LEU F 430 -24.80 28.44 -0.07
C LEU F 430 -23.65 27.47 0.17
N ARG F 431 -22.98 27.59 1.32
CA ARG F 431 -21.90 26.67 1.65
C ARG F 431 -22.38 25.21 1.60
N SER F 432 -23.57 24.94 2.16
CA SER F 432 -24.11 23.59 2.08
C SER F 432 -24.40 23.19 0.64
N LEU F 433 -24.89 24.14 -0.17
CA LEU F 433 -25.27 23.82 -1.54
C LEU F 433 -24.06 23.41 -2.37
N VAL F 434 -22.91 24.06 -2.17
CA VAL F 434 -21.71 23.72 -2.94
C VAL F 434 -21.04 22.45 -2.43
N PHE F 435 -21.50 21.89 -1.31
CA PHE F 435 -21.06 20.58 -0.86
C PHE F 435 -21.93 19.46 -1.40
N THR F 436 -23.25 19.65 -1.39
CA THR F 436 -24.17 18.60 -1.81
C THR F 436 -24.37 18.59 -3.32
N ASP F 437 -24.30 19.76 -3.98
CA ASP F 437 -24.50 19.90 -5.42
C ASP F 437 -23.36 20.78 -5.94
N LYS F 438 -22.16 20.20 -6.01
CA LYS F 438 -20.96 20.99 -6.19
C LYS F 438 -20.90 21.62 -7.58
N PRO F 439 -20.63 22.92 -7.67
CA PRO F 439 -20.39 23.54 -8.99
C PRO F 439 -18.91 23.57 -9.35
N ASP F 440 -18.57 24.11 -10.51
CA ASP F 440 -17.16 24.27 -10.85
C ASP F 440 -16.55 25.50 -10.18
N PHE F 441 -17.31 26.58 -10.04
CA PHE F 441 -16.80 27.81 -9.47
C PHE F 441 -17.91 28.56 -8.73
N MET F 442 -17.49 29.47 -7.85
CA MET F 442 -18.40 30.50 -7.32
C MET F 442 -18.02 31.83 -7.94
N ILE F 443 -19.04 32.67 -8.18
CA ILE F 443 -18.84 34.06 -8.56
C ILE F 443 -19.46 34.91 -7.47
N GLY F 444 -18.63 35.61 -6.71
CA GLY F 444 -19.13 36.40 -5.60
C GLY F 444 -18.06 37.30 -5.05
N ASN F 445 -18.35 37.88 -3.89
CA ASN F 445 -17.45 38.85 -3.27
C ASN F 445 -16.47 38.13 -2.34
N SER F 446 -15.65 38.91 -1.64
CA SER F 446 -14.55 38.30 -0.88
C SER F 446 -15.03 37.29 0.15
N TYR F 447 -16.26 37.42 0.65
CA TYR F 447 -16.73 36.51 1.68
C TYR F 447 -16.74 35.06 1.20
N GLY F 448 -16.73 34.84 -0.11
CA GLY F 448 -16.70 33.49 -0.63
C GLY F 448 -15.41 32.73 -0.38
N LYS F 449 -14.38 33.43 0.10
CA LYS F 449 -13.08 32.76 0.27
C LYS F 449 -13.11 31.77 1.41
N PHE F 450 -13.98 31.98 2.40
CA PHE F 450 -14.11 31.05 3.50
C PHE F 450 -14.91 29.81 3.12
N ILE F 451 -15.73 29.90 2.07
CA ILE F 451 -16.40 28.72 1.54
C ILE F 451 -15.42 27.86 0.75
N GLN F 452 -14.55 28.49 -0.04
CA GLN F 452 -13.50 27.74 -0.74
C GLN F 452 -12.58 27.04 0.25
N ARG F 453 -12.18 27.75 1.31
CA ARG F 453 -11.40 27.12 2.36
C ARG F 453 -12.12 25.89 2.91
N ASP F 454 -13.42 26.04 3.21
CA ASP F 454 -14.19 24.92 3.75
C ASP F 454 -14.20 23.76 2.76
N THR F 455 -14.50 24.03 1.49
CA THR F 455 -14.57 22.95 0.51
C THR F 455 -13.21 22.27 0.35
N LEU F 456 -12.13 23.05 0.25
CA LEU F 456 -10.81 22.45 0.12
C LEU F 456 -10.49 21.54 1.30
N HIS F 457 -10.98 21.90 2.48
CA HIS F 457 -10.72 21.08 3.66
C HIS F 457 -11.28 19.67 3.48
N LYS F 458 -12.44 19.54 2.82
CA LYS F 458 -13.00 18.22 2.57
C LYS F 458 -12.08 17.40 1.67
N GLY F 459 -11.39 18.05 0.75
CA GLY F 459 -10.50 17.38 -0.18
C GLY F 459 -10.29 18.21 -1.42
N LYS F 460 -9.15 17.98 -2.07
CA LYS F 460 -8.83 18.77 -3.26
C LYS F 460 -9.89 18.58 -4.35
N GLU F 461 -10.46 17.38 -4.45
CA GLU F 461 -11.48 17.10 -5.46
C GLU F 461 -12.81 17.80 -5.17
N PHE F 462 -13.01 18.29 -3.95
CA PHE F 462 -14.24 18.97 -3.56
C PHE F 462 -14.10 20.49 -3.59
N GLU F 463 -12.90 21.00 -3.82
CA GLU F 463 -12.66 22.44 -3.73
C GLU F 463 -13.39 23.19 -4.83
N VAL F 464 -14.07 24.27 -4.45
CA VAL F 464 -14.77 25.16 -5.38
C VAL F 464 -14.05 26.51 -5.37
N PRO F 465 -13.28 26.84 -6.40
CA PRO F 465 -12.55 28.12 -6.38
C PRO F 465 -13.49 29.31 -6.46
N LEU F 466 -13.06 30.42 -5.86
CA LEU F 466 -13.82 31.66 -5.86
C LEU F 466 -13.34 32.58 -6.97
N ILE F 467 -14.27 33.01 -7.80
CA ILE F 467 -14.02 34.07 -8.78
C ILE F 467 -14.62 35.35 -8.22
N ARG F 468 -13.79 36.38 -8.08
CA ARG F 468 -14.17 37.57 -7.33
C ARG F 468 -14.78 38.59 -8.28
N ILE F 469 -16.10 38.62 -8.33
CA ILE F 469 -16.86 39.67 -9.01
C ILE F 469 -17.97 40.10 -8.06
N GLY F 470 -17.99 41.38 -7.73
CA GLY F 470 -19.05 41.90 -6.86
C GLY F 470 -18.57 42.93 -5.87
N PHE F 471 -19.21 42.97 -4.70
CA PHE F 471 -18.87 43.92 -3.67
C PHE F 471 -19.21 43.29 -2.32
N PRO F 472 -18.31 43.40 -1.33
CA PRO F 472 -17.01 44.06 -1.40
C PRO F 472 -15.87 43.11 -1.78
N ILE F 473 -14.82 43.65 -2.39
CA ILE F 473 -13.60 42.91 -2.69
C ILE F 473 -12.47 43.55 -1.89
N PHE F 474 -12.06 42.86 -0.82
CA PHE F 474 -11.10 43.40 0.15
C PHE F 474 -9.72 42.79 0.01
N ASP F 475 -9.61 41.56 -0.50
CA ASP F 475 -8.36 40.80 -0.46
C ASP F 475 -7.66 40.73 -1.81
N ARG F 476 -8.11 41.50 -2.79
CA ARG F 476 -7.36 41.77 -4.01
C ARG F 476 -7.36 43.28 -4.22
N HIS F 477 -6.36 43.77 -4.94
CA HIS F 477 -6.17 45.20 -5.14
C HIS F 477 -6.69 45.64 -6.50
N HIS F 478 -7.39 46.79 -6.52
CA HIS F 478 -7.69 47.53 -7.73
C HIS F 478 -8.67 46.82 -8.66
N LEU F 479 -9.40 45.83 -8.16
CA LEU F 479 -10.47 45.25 -8.97
C LEU F 479 -11.66 46.20 -9.07
N HIS F 480 -11.79 47.16 -8.16
CA HIS F 480 -12.85 48.15 -8.23
C HIS F 480 -12.76 49.04 -9.46
N ARG F 481 -11.62 49.04 -10.15
CA ARG F 481 -11.47 49.79 -11.39
C ARG F 481 -12.15 49.11 -12.57
N SER F 482 -12.61 47.86 -12.38
CA SER F 482 -13.04 47.03 -13.47
C SER F 482 -14.39 47.50 -14.02
N THR F 483 -14.91 46.76 -14.99
CA THR F 483 -16.17 47.04 -15.64
C THR F 483 -16.98 45.75 -15.72
N THR F 484 -18.30 45.88 -15.53
CA THR F 484 -19.23 44.77 -15.74
C THR F 484 -20.36 45.11 -16.68
N LEU F 485 -20.63 46.38 -16.95
CA LEU F 485 -21.70 46.78 -17.83
C LEU F 485 -21.20 46.87 -19.28
N GLY F 486 -22.15 46.82 -20.21
CA GLY F 486 -21.87 47.01 -21.62
C GLY F 486 -21.06 45.87 -22.22
N TYR F 487 -20.63 46.11 -23.46
CA TYR F 487 -19.79 45.13 -24.15
C TYR F 487 -18.42 45.03 -23.50
N GLU F 488 -17.87 46.17 -23.05
CA GLU F 488 -16.60 46.16 -22.33
C GLU F 488 -16.68 45.30 -21.08
N GLY F 489 -17.74 45.49 -20.29
CA GLY F 489 -17.90 44.69 -19.08
C GLY F 489 -18.11 43.22 -19.38
N ALA F 490 -18.93 42.92 -20.39
CA ALA F 490 -19.09 41.52 -20.78
C ALA F 490 -17.76 40.92 -21.20
N MET F 491 -16.96 41.69 -21.94
CA MET F 491 -15.64 41.21 -22.35
C MET F 491 -14.80 40.82 -21.14
N GLN F 492 -14.75 41.70 -20.15
CA GLN F 492 -13.90 41.46 -18.98
C GLN F 492 -14.38 40.23 -18.21
N ILE F 493 -15.69 40.10 -18.00
CA ILE F 493 -16.21 38.92 -17.32
C ILE F 493 -15.82 37.68 -18.09
N LEU F 494 -16.01 37.69 -19.41
CA LEU F 494 -15.70 36.51 -20.22
C LEU F 494 -14.24 36.10 -20.05
N THR F 495 -13.32 37.05 -20.19
CA THR F 495 -11.91 36.73 -20.05
C THR F 495 -11.59 36.18 -18.67
N THR F 496 -12.25 36.73 -17.63
CA THR F 496 -12.02 36.25 -16.27
C THR F 496 -12.56 34.84 -16.07
N LEU F 497 -13.75 34.54 -16.60
CA LEU F 497 -14.31 33.20 -16.45
C LEU F 497 -13.41 32.18 -17.12
N VAL F 498 -13.14 32.35 -18.42
CA VAL F 498 -12.44 31.32 -19.18
C VAL F 498 -11.05 31.10 -18.64
N ASN F 499 -10.37 32.17 -18.20
CA ASN F 499 -9.02 32.02 -17.70
C ASN F 499 -8.98 31.47 -16.27
N SER F 500 -10.06 31.64 -15.50
CA SER F 500 -10.21 30.89 -14.27
C SER F 500 -10.35 29.40 -14.55
N ILE F 501 -11.13 29.06 -15.58
CA ILE F 501 -11.25 27.68 -16.00
C ILE F 501 -9.88 27.13 -16.40
N LEU F 502 -9.12 27.91 -17.18
CA LEU F 502 -7.84 27.42 -17.66
C LEU F 502 -6.78 27.41 -16.56
N GLU F 503 -6.86 28.36 -15.62
CA GLU F 503 -5.95 28.33 -14.49
C GLU F 503 -6.15 27.06 -13.66
N ARG F 504 -7.40 26.71 -13.40
CA ARG F 504 -7.70 25.52 -12.60
C ARG F 504 -7.27 24.26 -13.34
N LEU F 505 -7.54 24.17 -14.64
CA LEU F 505 -7.13 22.98 -15.37
C LEU F 505 -5.61 22.80 -15.30
N ASP F 506 -4.86 23.89 -15.44
CA ASP F 506 -3.42 23.79 -15.34
C ASP F 506 -3.02 23.19 -13.99
N GLU F 507 -3.66 23.65 -12.91
CA GLU F 507 -3.34 23.14 -11.57
C GLU F 507 -3.61 21.65 -11.48
N GLU F 508 -4.78 21.21 -11.97
CA GLU F 508 -5.15 19.82 -11.86
C GLU F 508 -4.27 18.91 -12.69
N THR F 509 -3.54 19.47 -13.67
CA THR F 509 -2.72 18.69 -14.60
C THR F 509 -1.24 19.02 -14.47
N ARG F 510 -0.81 19.59 -13.35
CA ARG F 510 0.58 19.97 -13.16
C ARG F 510 1.43 18.88 -12.54
N GLY F 511 0.80 17.80 -12.06
CA GLY F 511 1.55 16.69 -11.49
C GLY F 511 2.22 15.84 -12.55
N MET F 512 3.56 15.77 -12.52
CA MET F 512 4.29 15.09 -13.57
C MET F 512 4.10 13.58 -13.49
N GLN F 513 3.91 12.96 -14.65
CA GLN F 513 3.80 11.52 -14.83
C GLN F 513 2.52 10.99 -14.18
N ALA F 514 1.71 11.87 -13.58
CA ALA F 514 0.42 11.52 -13.02
C ALA F 514 -0.72 12.15 -13.81
N THR F 515 -0.71 13.48 -13.96
CA THR F 515 -1.72 14.17 -14.73
C THR F 515 -1.17 15.12 -15.79
N ASP F 516 0.15 15.28 -15.90
CA ASP F 516 0.65 16.29 -16.83
C ASP F 516 0.60 15.83 -18.27
N TYR F 517 0.03 14.65 -18.55
CA TYR F 517 -0.24 14.30 -19.95
C TYR F 517 -1.21 15.30 -20.58
N ASN F 518 -2.03 15.97 -19.76
CA ASN F 518 -2.99 16.96 -20.20
C ASN F 518 -2.55 18.39 -19.87
N HIS F 519 -1.26 18.61 -19.66
CA HIS F 519 -0.73 19.94 -19.36
C HIS F 519 -0.34 20.66 -20.66
N ASP F 520 -1.35 20.85 -21.51
CA ASP F 520 -1.09 21.33 -22.86
C ASP F 520 -0.51 22.73 -22.87
N LEU F 521 0.38 22.97 -23.83
CA LEU F 521 0.89 24.32 -24.05
C LEU F 521 -0.18 25.21 -24.66
N VAL F 522 -0.98 24.68 -25.58
CA VAL F 522 -1.93 25.47 -26.35
C VAL F 522 -3.34 25.12 -25.90
N ARG F 523 -4.09 26.12 -25.51
CA ARG F 523 -5.48 25.94 -25.10
C ARG F 523 -6.37 26.94 -25.84
N MET G 12 -27.83 19.54 -53.74
CA MET G 12 -27.12 20.20 -54.82
C MET G 12 -26.93 19.22 -55.97
N SER G 13 -27.14 19.68 -57.19
CA SER G 13 -27.01 18.84 -58.36
C SER G 13 -25.53 18.67 -58.72
N ARG G 14 -25.23 17.55 -59.40
CA ARG G 14 -23.86 17.33 -59.86
C ARG G 14 -23.42 18.45 -60.78
N GLU G 15 -24.34 18.92 -61.64
CA GLU G 15 -24.05 20.04 -62.54
C GLU G 15 -23.87 21.34 -61.77
N GLU G 16 -24.59 21.50 -60.66
CA GLU G 16 -24.47 22.71 -59.85
C GLU G 16 -23.09 22.80 -59.20
N VAL G 17 -22.60 21.68 -58.67
CA VAL G 17 -21.26 21.66 -58.09
C VAL G 17 -20.20 21.88 -59.16
N GLU G 18 -20.36 21.23 -60.32
CA GLU G 18 -19.43 21.44 -61.41
C GLU G 18 -19.42 22.90 -61.84
N SER G 19 -20.58 23.57 -61.80
CA SER G 19 -20.63 24.99 -62.12
C SER G 19 -20.03 25.83 -60.99
N LEU G 20 -20.15 25.36 -59.75
CA LEU G 20 -19.51 26.06 -58.64
C LEU G 20 -17.99 26.04 -58.78
N ILE G 21 -17.43 24.87 -59.08
CA ILE G 21 -15.98 24.78 -59.24
C ILE G 21 -15.50 25.75 -60.31
N GLN G 22 -16.12 25.68 -61.50
CA GLN G 22 -15.67 26.52 -62.60
C GLN G 22 -15.77 27.99 -62.25
N GLU G 23 -16.89 28.39 -61.63
CA GLU G 23 -17.07 29.79 -61.25
C GLU G 23 -15.94 30.25 -60.33
N VAL G 24 -15.56 29.42 -59.36
CA VAL G 24 -14.51 29.80 -58.42
C VAL G 24 -13.19 29.98 -59.15
N LEU G 25 -12.90 29.11 -60.12
CA LEU G 25 -11.62 29.11 -60.81
C LEU G 25 -11.44 30.30 -61.75
N GLU G 26 -12.50 31.05 -62.05
CA GLU G 26 -12.34 32.18 -62.96
C GLU G 26 -11.43 33.25 -62.40
N VAL G 27 -11.16 33.24 -61.09
CA VAL G 27 -10.31 34.27 -60.50
C VAL G 27 -8.84 34.05 -60.85
N TYR G 28 -8.47 32.83 -61.23
CA TYR G 28 -7.07 32.47 -61.37
C TYR G 28 -6.48 32.87 -62.72
N PRO G 29 -5.17 33.11 -62.78
CA PRO G 29 -4.47 33.10 -64.07
C PRO G 29 -4.53 31.72 -64.72
N GLU G 30 -4.30 31.70 -66.02
CA GLU G 30 -4.55 30.49 -66.81
C GLU G 30 -3.76 29.31 -66.29
N LYS G 31 -2.50 29.52 -65.90
CA LYS G 31 -1.66 28.40 -65.47
C LYS G 31 -2.19 27.76 -64.18
N ALA G 32 -2.55 28.59 -63.20
CA ALA G 32 -3.10 28.06 -61.96
C ALA G 32 -4.50 27.51 -62.15
N ARG G 33 -5.31 28.15 -63.01
CA ARG G 33 -6.66 27.65 -63.27
C ARG G 33 -6.61 26.23 -63.85
N LYS G 34 -5.71 26.00 -64.81
CA LYS G 34 -5.61 24.69 -65.42
C LYS G 34 -5.12 23.64 -64.42
N ASP G 35 -4.22 24.03 -63.51
CA ASP G 35 -3.71 23.08 -62.52
C ASP G 35 -4.76 22.82 -61.45
N ARG G 36 -5.33 23.88 -60.87
CA ARG G 36 -6.28 23.68 -59.77
C ARG G 36 -7.50 22.90 -60.21
N ASN G 37 -7.93 23.08 -61.47
CA ASN G 37 -9.05 22.31 -61.99
C ASN G 37 -8.84 20.81 -61.83
N LYS G 38 -7.59 20.34 -61.95
CA LYS G 38 -7.31 18.92 -61.77
C LYS G 38 -7.43 18.48 -60.32
N HIS G 39 -7.48 19.41 -59.37
CA HIS G 39 -7.49 19.09 -57.94
C HIS G 39 -8.85 19.35 -57.30
N LEU G 40 -9.90 19.46 -58.12
CA LEU G 40 -11.25 19.67 -57.64
C LEU G 40 -12.17 18.73 -58.41
N ALA G 41 -13.09 18.08 -57.70
CA ALA G 41 -13.90 17.05 -58.33
C ALA G 41 -15.23 16.90 -57.61
N VAL G 42 -16.20 16.36 -58.35
CA VAL G 42 -17.48 15.95 -57.81
C VAL G 42 -17.45 14.44 -57.63
N ASN G 43 -17.80 13.98 -56.43
CA ASN G 43 -17.60 12.59 -56.08
C ASN G 43 -18.51 11.66 -56.87
N ASP G 44 -17.98 10.50 -57.23
CA ASP G 44 -18.78 9.40 -57.78
C ASP G 44 -18.38 8.14 -56.99
N PRO G 45 -19.24 7.63 -56.10
CA PRO G 45 -18.81 6.52 -55.24
C PRO G 45 -18.47 5.24 -55.99
N ALA G 46 -18.78 5.13 -57.27
CA ALA G 46 -18.44 3.92 -58.02
C ALA G 46 -16.98 3.90 -58.48
N VAL G 47 -16.30 5.05 -58.46
CA VAL G 47 -14.95 5.15 -59.00
C VAL G 47 -13.95 4.49 -58.04
N THR G 48 -13.04 3.71 -58.62
CA THR G 48 -11.93 3.09 -57.91
C THR G 48 -10.58 3.67 -58.32
N GLN G 49 -10.48 4.22 -59.52
CA GLN G 49 -9.28 4.90 -60.00
C GLN G 49 -9.54 6.40 -59.88
N SER G 50 -9.11 6.97 -58.75
CA SER G 50 -9.36 8.39 -58.52
C SER G 50 -8.44 9.30 -59.34
N LYS G 51 -7.37 8.76 -59.94
CA LYS G 51 -6.45 9.61 -60.70
C LYS G 51 -7.13 10.33 -61.85
N LYS G 52 -8.22 9.80 -62.37
CA LYS G 52 -8.90 10.39 -63.51
C LYS G 52 -10.05 11.30 -63.10
N ALA G 53 -10.31 11.44 -61.80
CA ALA G 53 -11.26 12.42 -61.28
C ALA G 53 -10.57 13.54 -60.52
N ILE G 54 -9.42 13.26 -59.90
CA ILE G 54 -8.74 14.25 -59.07
C ILE G 54 -7.26 13.86 -58.98
N ILE G 55 -6.40 14.86 -59.05
CA ILE G 55 -4.95 14.68 -59.00
C ILE G 55 -4.48 15.14 -57.62
N SER G 56 -3.44 14.51 -57.10
CA SER G 56 -2.96 14.82 -55.77
C SER G 56 -1.46 14.60 -55.69
N ASN G 57 -0.89 14.99 -54.55
CA ASN G 57 0.53 14.83 -54.27
C ASN G 57 1.38 15.54 -55.33
N LYS G 58 0.96 16.73 -55.70
CA LYS G 58 1.71 17.58 -56.62
C LYS G 58 2.13 18.87 -55.90
N LYS G 59 3.05 19.59 -56.52
CA LYS G 59 3.53 20.84 -55.95
C LYS G 59 2.37 21.83 -55.82
N SER G 60 2.46 22.68 -54.80
CA SER G 60 1.46 23.73 -54.64
C SER G 60 1.74 24.86 -55.61
N GLN G 61 0.69 25.46 -56.14
CA GLN G 61 0.85 26.61 -57.02
C GLN G 61 1.31 27.81 -56.21
N PRO G 62 2.35 28.52 -56.63
CA PRO G 62 2.91 29.58 -55.79
C PRO G 62 1.90 30.67 -55.48
N GLY G 63 1.87 31.08 -54.22
CA GLY G 63 1.16 32.29 -53.85
C GLY G 63 -0.34 32.17 -53.70
N LEU G 64 -0.87 30.96 -53.63
CA LEU G 64 -2.31 30.74 -53.50
C LEU G 64 -2.73 30.41 -52.08
N MET G 65 -1.84 30.60 -51.10
CA MET G 65 -2.12 30.31 -49.69
C MET G 65 -2.52 28.85 -49.52
N THR G 66 -1.60 27.96 -49.87
CA THR G 66 -1.78 26.57 -49.51
C THR G 66 -1.76 26.43 -47.99
N ILE G 67 -2.48 25.42 -47.50
CA ILE G 67 -2.51 25.11 -46.07
C ILE G 67 -1.42 24.11 -45.69
N ARG G 68 -0.65 23.64 -46.66
CA ARG G 68 0.36 22.63 -46.42
C ARG G 68 1.49 23.13 -45.54
N GLY G 69 2.17 22.19 -44.89
CA GLY G 69 3.45 22.38 -44.27
C GLY G 69 4.58 21.76 -45.07
N CYS G 70 5.65 21.39 -44.38
CA CYS G 70 6.88 20.93 -45.01
C CYS G 70 7.22 19.51 -44.55
N ALA G 71 8.31 18.98 -45.11
CA ALA G 71 8.72 17.62 -44.79
C ALA G 71 9.23 17.52 -43.36
N TYR G 72 9.85 18.58 -42.84
CA TYR G 72 10.27 18.58 -41.44
C TYR G 72 9.07 18.42 -40.52
N ALA G 73 7.95 19.06 -40.85
CA ALA G 73 6.73 18.85 -40.08
C ALA G 73 6.29 17.40 -40.13
N GLY G 74 6.45 16.76 -41.29
CA GLY G 74 6.04 15.37 -41.42
C GLY G 74 6.95 14.40 -40.70
N SER G 75 8.22 14.78 -40.48
CA SER G 75 9.20 13.92 -39.84
C SER G 75 9.34 14.24 -38.34
N LYS G 76 9.78 15.45 -38.01
CA LYS G 76 9.95 15.82 -36.62
C LYS G 76 8.59 16.01 -35.93
N GLY G 77 7.70 16.79 -36.54
CA GLY G 77 6.45 17.10 -35.88
C GLY G 77 5.55 15.89 -35.69
N VAL G 78 5.54 14.97 -36.66
CA VAL G 78 4.54 13.92 -36.74
C VAL G 78 5.10 12.57 -36.32
N VAL G 79 6.15 12.10 -36.96
CA VAL G 79 6.62 10.73 -36.74
C VAL G 79 7.64 10.66 -35.60
N TRP G 80 8.69 11.48 -35.63
CA TRP G 80 9.76 11.33 -34.66
C TRP G 80 9.46 12.03 -33.32
N GLY G 81 8.90 13.23 -33.36
CA GLY G 81 8.64 13.98 -32.14
C GLY G 81 7.94 13.22 -31.03
N PRO G 82 6.94 12.38 -31.35
CA PRO G 82 6.22 11.68 -30.28
C PRO G 82 7.08 10.72 -29.47
N ILE G 83 8.11 10.13 -30.08
CA ILE G 83 8.92 9.14 -29.39
C ILE G 83 9.51 9.78 -28.13
N LYS G 84 9.12 9.26 -26.97
CA LYS G 84 9.25 10.04 -25.74
C LYS G 84 10.61 9.91 -25.08
N ASP G 85 11.23 8.73 -25.06
CA ASP G 85 12.50 8.59 -24.36
C ASP G 85 13.70 8.88 -25.25
N MET G 86 13.49 9.48 -26.42
CA MET G 86 14.57 10.01 -27.24
C MET G 86 14.58 11.54 -27.18
N ILE G 87 15.70 12.10 -27.60
CA ILE G 87 15.87 13.54 -27.76
C ILE G 87 15.98 13.82 -29.25
N HIS G 88 15.13 14.71 -29.76
CA HIS G 88 15.09 15.05 -31.18
C HIS G 88 15.63 16.46 -31.39
N ILE G 89 16.69 16.55 -32.19
CA ILE G 89 17.39 17.82 -32.42
C ILE G 89 16.80 18.47 -33.67
N SER G 90 16.19 19.63 -33.51
CA SER G 90 15.82 20.47 -34.64
C SER G 90 17.09 21.16 -35.12
N HIS G 91 17.66 20.66 -36.22
CA HIS G 91 19.01 21.01 -36.65
C HIS G 91 18.93 22.08 -37.73
N GLY G 92 19.33 23.30 -37.39
CA GLY G 92 19.20 24.43 -38.27
C GLY G 92 18.93 25.69 -37.47
N PRO G 93 18.34 26.72 -38.11
CA PRO G 93 18.05 27.95 -37.36
C PRO G 93 16.91 27.76 -36.37
N VAL G 94 16.59 28.82 -35.63
CA VAL G 94 15.78 28.67 -34.44
C VAL G 94 14.30 28.45 -34.73
N GLY G 95 13.84 28.80 -35.92
CA GLY G 95 12.42 28.83 -36.21
C GLY G 95 11.67 27.53 -36.05
N CYS G 96 11.99 26.52 -36.89
CA CYS G 96 11.14 25.34 -36.95
C CYS G 96 10.90 24.76 -35.57
N GLY G 97 11.96 24.60 -34.78
CA GLY G 97 11.83 23.95 -33.49
C GLY G 97 10.95 24.72 -32.53
N GLN G 98 10.86 26.05 -32.71
CA GLN G 98 10.08 26.85 -31.79
C GLN G 98 8.60 26.85 -32.17
N TYR G 99 8.29 27.03 -33.45
CA TYR G 99 6.90 27.02 -33.88
C TYR G 99 6.26 25.64 -33.70
N SER G 100 7.07 24.58 -33.72
CA SER G 100 6.58 23.22 -33.60
C SER G 100 6.72 22.67 -32.17
N ARG G 101 7.09 23.52 -31.22
CA ARG G 101 7.22 23.06 -29.84
C ARG G 101 5.83 22.86 -29.24
N ALA G 102 5.44 21.61 -29.02
CA ALA G 102 4.25 21.28 -28.26
C ALA G 102 3.00 21.86 -28.91
N GLY G 103 2.99 21.95 -30.24
CA GLY G 103 1.78 22.34 -30.95
C GLY G 103 0.88 21.18 -31.30
N ARG G 104 1.42 19.96 -31.29
CA ARG G 104 0.69 18.76 -31.62
C ARG G 104 0.50 17.95 -30.34
N ARG G 105 -0.72 17.51 -30.10
CA ARG G 105 -1.07 16.90 -28.81
C ARG G 105 -0.81 15.38 -28.82
N ASN G 106 0.39 14.98 -29.22
CA ASN G 106 0.82 13.58 -29.12
C ASN G 106 1.19 13.32 -27.66
N TYR G 107 0.25 12.76 -26.91
CA TYR G 107 0.38 12.65 -25.46
C TYR G 107 1.35 11.51 -25.09
N TYR G 108 1.85 11.59 -23.86
CA TYR G 108 2.80 10.59 -23.37
C TYR G 108 2.79 10.57 -21.85
N ILE G 109 3.33 9.48 -21.29
CA ILE G 109 3.53 9.34 -19.86
C ILE G 109 5.03 9.37 -19.60
N GLY G 110 5.49 10.36 -18.85
CA GLY G 110 6.89 10.44 -18.53
C GLY G 110 7.21 11.64 -17.68
N THR G 111 8.47 11.71 -17.25
CA THR G 111 9.01 12.79 -16.45
C THR G 111 9.83 13.66 -17.39
N THR G 112 9.24 14.77 -17.82
CA THR G 112 9.80 15.57 -18.91
C THR G 112 11.06 16.30 -18.44
N GLY G 113 12.13 16.16 -19.22
CA GLY G 113 13.43 16.70 -18.88
C GLY G 113 14.36 15.72 -18.19
N VAL G 114 13.85 14.57 -17.77
CA VAL G 114 14.65 13.55 -17.08
C VAL G 114 14.71 12.27 -17.92
N ASN G 115 13.57 11.63 -18.16
CA ASN G 115 13.51 10.43 -19.00
C ASN G 115 12.65 10.61 -20.24
N ALA G 116 11.83 11.66 -20.32
CA ALA G 116 11.00 11.95 -21.49
C ALA G 116 11.22 13.40 -21.91
N PHE G 117 10.98 13.68 -23.20
CA PHE G 117 11.46 14.95 -23.75
C PHE G 117 10.59 15.49 -24.89
N VAL G 118 9.32 15.08 -24.99
CA VAL G 118 8.54 15.37 -26.19
C VAL G 118 8.34 16.87 -26.33
N THR G 119 7.84 17.53 -25.29
CA THR G 119 7.45 18.92 -25.39
C THR G 119 8.62 19.89 -25.34
N MET G 120 9.84 19.40 -25.24
CA MET G 120 11.00 20.27 -25.24
C MET G 120 11.44 20.56 -26.66
N ASN G 121 12.13 21.68 -26.84
CA ASN G 121 12.70 22.08 -28.12
C ASN G 121 14.21 22.05 -27.96
N PHE G 122 14.84 21.01 -28.47
CA PHE G 122 16.29 20.95 -28.60
C PHE G 122 16.63 21.47 -29.98
N THR G 123 17.58 22.41 -30.06
CA THR G 123 17.92 23.00 -31.34
C THR G 123 19.38 23.42 -31.33
N SER G 124 19.99 23.39 -32.51
CA SER G 124 21.36 23.86 -32.71
C SER G 124 21.42 25.36 -33.01
N ASP G 125 20.27 26.02 -33.11
CA ASP G 125 20.16 27.47 -33.26
C ASP G 125 21.24 28.04 -34.18
N PHE G 126 21.16 27.71 -35.46
CA PHE G 126 22.20 28.14 -36.39
C PHE G 126 22.30 29.66 -36.40
N GLN G 127 23.54 30.15 -36.41
CA GLN G 127 23.86 31.54 -36.69
C GLN G 127 24.55 31.59 -38.05
N GLU G 128 24.94 32.79 -38.48
CA GLU G 128 25.56 32.89 -39.80
C GLU G 128 26.91 32.18 -39.83
N LYS G 129 27.58 32.11 -38.68
CA LYS G 129 28.85 31.38 -38.60
C LYS G 129 28.66 29.91 -38.93
N ASP G 130 27.50 29.34 -38.60
CA ASP G 130 27.22 27.94 -38.87
C ASP G 130 26.86 27.70 -40.33
N ILE G 131 26.22 28.67 -40.97
CA ILE G 131 25.92 28.56 -42.40
C ILE G 131 27.20 28.63 -43.20
N VAL G 132 28.10 29.55 -42.83
CA VAL G 132 29.29 29.82 -43.64
C VAL G 132 30.30 28.68 -43.51
N PHE G 133 30.59 28.25 -42.27
CA PHE G 133 31.61 27.23 -42.04
C PHE G 133 31.05 25.82 -41.90
N GLY G 134 29.73 25.66 -41.83
CA GLY G 134 29.15 24.36 -41.59
C GLY G 134 28.85 24.10 -40.13
N GLY G 135 27.91 23.19 -39.89
CA GLY G 135 27.48 22.90 -38.54
C GLY G 135 27.90 21.55 -37.98
N ASP G 136 28.70 20.79 -38.72
CA ASP G 136 28.99 19.41 -38.30
C ASP G 136 29.80 19.38 -37.00
N LYS G 137 30.72 20.32 -36.82
CA LYS G 137 31.44 20.39 -35.55
C LYS G 137 30.50 20.81 -34.43
N LYS G 138 29.61 21.77 -34.70
CA LYS G 138 28.63 22.18 -33.71
C LYS G 138 27.76 21.01 -33.31
N LEU G 139 27.38 20.17 -34.27
CA LEU G 139 26.53 19.03 -33.97
C LEU G 139 27.23 18.04 -33.05
N ALA G 140 28.51 17.77 -33.32
CA ALA G 140 29.26 16.82 -32.48
C ALA G 140 29.40 17.36 -31.06
N LYS G 141 29.67 18.65 -30.92
CA LYS G 141 29.72 19.26 -29.60
C LYS G 141 28.35 19.23 -28.94
N LEU G 142 27.29 19.48 -29.71
CA LEU G 142 25.94 19.44 -29.17
C LEU G 142 25.62 18.06 -28.62
N ILE G 143 26.02 17.01 -29.33
CA ILE G 143 25.70 15.65 -28.87
C ILE G 143 26.40 15.38 -27.54
N ASP G 144 27.65 15.80 -27.40
CA ASP G 144 28.31 15.64 -26.10
C ASP G 144 27.52 16.37 -25.01
N GLU G 145 27.05 17.59 -25.31
CA GLU G 145 26.32 18.36 -24.30
C GLU G 145 24.98 17.73 -23.99
N VAL G 146 24.33 17.11 -24.97
CA VAL G 146 23.09 16.39 -24.73
C VAL G 146 23.33 15.22 -23.79
N GLU G 147 24.41 14.47 -24.03
CA GLU G 147 24.70 13.31 -23.20
C GLU G 147 24.97 13.72 -21.75
N THR G 148 25.59 14.87 -21.56
CA THR G 148 25.96 15.30 -20.22
C THR G 148 24.72 15.70 -19.41
N LEU G 149 23.86 16.54 -19.98
CA LEU G 149 22.78 17.17 -19.23
C LEU G 149 21.49 16.38 -19.24
N PHE G 150 21.38 15.35 -20.08
CA PHE G 150 20.18 14.50 -20.14
C PHE G 150 20.64 13.06 -20.22
N PRO G 151 21.24 12.54 -19.14
CA PRO G 151 21.89 11.23 -19.22
C PRO G 151 20.92 10.09 -19.46
N LEU G 152 19.64 10.25 -19.13
CA LEU G 152 18.69 9.15 -19.26
C LEU G 152 18.02 9.08 -20.63
N ASN G 153 18.43 9.91 -21.58
CA ASN G 153 17.93 9.73 -22.95
C ASN G 153 18.42 8.40 -23.48
N LYS G 154 17.60 7.77 -24.31
CA LYS G 154 17.92 6.44 -24.84
C LYS G 154 18.28 6.50 -26.33
N GLY G 155 18.56 7.68 -26.85
CA GLY G 155 18.87 7.84 -28.25
C GLY G 155 18.58 9.24 -28.70
N ILE G 156 19.27 9.65 -29.77
CA ILE G 156 19.16 11.00 -30.30
C ILE G 156 18.77 10.91 -31.76
N SER G 157 17.92 11.84 -32.19
CA SER G 157 17.61 12.01 -33.61
C SER G 157 17.94 13.43 -34.02
N VAL G 158 18.37 13.58 -35.27
CA VAL G 158 18.75 14.88 -35.82
C VAL G 158 17.76 15.19 -36.93
N GLN G 159 16.89 16.17 -36.69
CA GLN G 159 15.85 16.55 -37.65
C GLN G 159 16.35 17.74 -38.46
N SER G 160 16.75 17.48 -39.70
CA SER G 160 17.36 18.52 -40.53
C SER G 160 16.33 19.55 -40.94
N GLU G 161 16.69 20.82 -40.82
CA GLU G 161 15.92 21.94 -41.37
C GLU G 161 16.50 22.30 -42.74
N CYS G 162 15.83 23.24 -43.41
CA CYS G 162 16.15 23.55 -44.80
C CYS G 162 17.65 23.73 -45.05
N PRO G 163 18.41 24.50 -44.26
CA PRO G 163 19.80 24.79 -44.64
C PRO G 163 20.73 23.58 -44.63
N ILE G 164 20.41 22.53 -43.87
CA ILE G 164 21.36 21.44 -43.67
C ILE G 164 21.81 20.87 -45.01
N GLY G 165 20.86 20.47 -45.86
CA GLY G 165 21.23 20.00 -47.18
C GLY G 165 21.63 21.10 -48.14
N CYS G 166 21.19 22.34 -47.88
CA CYS G 166 21.56 23.45 -48.75
C CYS G 166 23.01 23.87 -48.55
N ILE G 167 23.52 23.82 -47.31
CA ILE G 167 24.93 24.08 -47.07
C ILE G 167 25.76 22.80 -47.08
N GLY G 168 25.13 21.64 -47.31
CA GLY G 168 25.84 20.41 -47.59
C GLY G 168 26.47 19.70 -46.41
N ASP G 169 26.00 19.94 -45.19
CA ASP G 169 26.58 19.26 -44.03
C ASP G 169 26.41 17.75 -44.16
N ASP G 170 27.26 17.00 -43.48
CA ASP G 170 27.28 15.55 -43.55
C ASP G 170 26.92 15.00 -42.17
N ILE G 171 25.64 15.10 -41.82
CA ILE G 171 25.20 14.68 -40.49
C ILE G 171 25.25 13.16 -40.35
N GLU G 172 25.28 12.42 -41.46
CA GLU G 172 25.34 10.96 -41.36
C GLU G 172 26.70 10.50 -40.83
N SER G 173 27.78 11.15 -41.25
CA SER G 173 29.10 10.82 -40.73
C SER G 173 29.22 11.19 -39.26
N VAL G 174 28.68 12.35 -38.88
CA VAL G 174 28.65 12.72 -37.47
C VAL G 174 27.90 11.68 -36.67
N SER G 175 26.73 11.26 -37.18
CA SER G 175 25.91 10.30 -36.44
C SER G 175 26.62 8.96 -36.26
N LYS G 176 27.29 8.48 -37.30
CA LYS G 176 28.01 7.21 -37.19
C LYS G 176 29.13 7.30 -36.17
N VAL G 177 29.98 8.33 -36.29
CA VAL G 177 31.17 8.44 -35.45
C VAL G 177 30.77 8.68 -34.00
N LYS G 178 29.84 9.61 -33.77
CA LYS G 178 29.42 9.92 -32.40
C LYS G 178 28.60 8.78 -31.81
N GLY G 179 27.79 8.11 -32.64
CA GLY G 179 27.06 6.95 -32.15
C GLY G 179 27.97 5.81 -31.77
N ALA G 180 29.05 5.61 -32.53
CA ALA G 180 30.04 4.60 -32.16
C ALA G 180 30.82 5.02 -30.92
N GLU G 181 31.25 6.28 -30.87
CA GLU G 181 32.04 6.75 -29.75
C GLU G 181 31.31 6.59 -28.43
N LEU G 182 30.02 6.94 -28.40
CA LEU G 182 29.24 6.96 -27.17
C LEU G 182 28.33 5.76 -27.01
N SER G 183 28.46 4.76 -27.88
CA SER G 183 27.63 3.56 -27.81
C SER G 183 26.15 3.92 -27.67
N LYS G 184 25.70 4.85 -28.51
CA LYS G 184 24.33 5.33 -28.43
C LYS G 184 23.75 5.44 -29.83
N THR G 185 22.45 5.17 -29.94
CA THR G 185 21.73 5.27 -31.20
C THR G 185 21.51 6.75 -31.55
N ILE G 186 22.06 7.16 -32.69
CA ILE G 186 21.90 8.53 -33.20
C ILE G 186 21.39 8.41 -34.64
N VAL G 187 20.23 9.00 -34.90
CA VAL G 187 19.51 8.82 -36.17
C VAL G 187 19.61 10.12 -36.95
N PRO G 188 20.29 10.13 -38.13
CA PRO G 188 20.25 11.32 -38.99
C PRO G 188 19.06 11.28 -39.93
N VAL G 189 18.24 12.33 -39.93
CA VAL G 189 17.01 12.38 -40.70
C VAL G 189 17.12 13.54 -41.68
N ARG G 190 17.05 13.22 -42.97
CA ARG G 190 17.16 14.22 -44.03
C ARG G 190 15.76 14.67 -44.45
N CYS G 191 15.12 15.40 -43.53
CA CYS G 191 13.76 15.89 -43.71
C CYS G 191 13.71 17.39 -43.96
N GLU G 192 14.70 17.91 -44.68
CA GLU G 192 14.72 19.32 -45.04
C GLU G 192 13.41 19.70 -45.73
N GLY G 193 12.93 20.90 -45.42
CA GLY G 193 11.60 21.31 -45.84
C GLY G 193 11.44 21.51 -47.33
N PHE G 194 12.53 21.77 -48.06
CA PHE G 194 12.44 21.92 -49.50
C PHE G 194 12.25 20.57 -50.20
N ARG G 195 12.37 19.46 -49.49
CA ARG G 195 12.12 18.16 -50.08
C ARG G 195 10.63 17.89 -50.14
N GLY G 196 10.22 17.18 -51.18
CA GLY G 196 8.81 16.90 -51.35
C GLY G 196 8.02 18.17 -51.65
N VAL G 197 6.71 18.07 -51.41
CA VAL G 197 5.78 19.14 -51.68
C VAL G 197 4.85 19.36 -50.51
N SER G 198 5.06 18.61 -49.42
CA SER G 198 4.08 18.55 -48.35
C SER G 198 4.70 17.77 -47.19
N GLN G 199 3.88 17.59 -46.15
CA GLN G 199 4.31 16.78 -45.02
C GLN G 199 4.56 15.34 -45.40
N SER G 200 3.98 14.88 -46.52
CA SER G 200 3.95 13.45 -46.79
C SER G 200 5.34 12.86 -46.94
N LEU G 201 6.21 13.54 -47.71
CA LEU G 201 7.55 13.01 -47.88
C LEU G 201 8.32 12.98 -46.58
N GLY G 202 7.94 13.82 -45.61
CA GLY G 202 8.50 13.70 -44.28
C GLY G 202 8.17 12.37 -43.63
N HIS G 203 6.94 11.89 -43.81
CA HIS G 203 6.59 10.56 -43.33
C HIS G 203 7.54 9.52 -43.91
N HIS G 204 7.67 9.50 -45.24
CA HIS G 204 8.45 8.47 -45.91
C HIS G 204 9.93 8.57 -45.55
N ILE G 205 10.48 9.78 -45.51
CA ILE G 205 11.86 9.94 -45.04
C ILE G 205 12.00 9.40 -43.64
N ALA G 206 11.05 9.75 -42.76
CA ALA G 206 11.12 9.29 -41.38
C ALA G 206 11.04 7.77 -41.29
N ASN G 207 10.17 7.15 -42.09
CA ASN G 207 10.08 5.69 -42.10
C ASN G 207 11.41 5.06 -42.52
N ASP G 208 12.08 5.66 -43.52
CA ASP G 208 13.36 5.14 -43.96
C ASP G 208 14.43 5.31 -42.89
N ALA G 209 14.33 6.36 -42.07
CA ALA G 209 15.28 6.53 -40.98
C ALA G 209 15.07 5.50 -39.88
N VAL G 210 13.81 5.24 -39.52
CA VAL G 210 13.52 4.17 -38.57
C VAL G 210 14.04 2.84 -39.10
N ARG G 211 13.72 2.54 -40.37
CA ARG G 211 14.16 1.29 -40.97
C ARG G 211 15.68 1.14 -40.91
N ASP G 212 16.40 2.21 -41.26
CA ASP G 212 17.83 2.07 -41.49
C ASP G 212 18.65 2.11 -40.20
N TRP G 213 18.15 2.79 -39.15
CA TRP G 213 18.96 3.11 -37.98
C TRP G 213 18.45 2.55 -36.66
N VAL G 214 17.21 2.04 -36.59
CA VAL G 214 16.65 1.64 -35.31
C VAL G 214 16.03 0.26 -35.38
N LEU G 215 15.20 0.02 -36.40
CA LEU G 215 14.29 -1.11 -36.36
C LEU G 215 15.02 -2.45 -36.29
N GLY G 216 16.17 -2.57 -36.94
CA GLY G 216 16.86 -3.83 -37.03
C GLY G 216 17.80 -4.16 -35.89
N LYS G 217 17.77 -3.41 -34.79
CA LYS G 217 18.80 -3.56 -33.77
C LYS G 217 18.64 -4.86 -32.98
N ARG G 218 17.44 -5.43 -32.92
CA ARG G 218 17.21 -6.69 -32.20
C ARG G 218 16.92 -7.84 -33.15
N ASP G 219 17.46 -7.79 -34.37
CA ASP G 219 17.23 -8.85 -35.33
C ASP G 219 17.80 -10.18 -34.86
N GLU G 220 18.99 -10.16 -34.23
CA GLU G 220 19.66 -11.35 -33.73
C GLU G 220 19.40 -11.56 -32.24
N ASP G 221 18.48 -10.79 -31.67
CA ASP G 221 18.14 -10.96 -30.24
C ASP G 221 16.85 -11.77 -30.11
N THR G 222 16.88 -12.85 -29.33
CA THR G 222 15.68 -13.68 -29.10
C THR G 222 15.37 -13.68 -27.60
N THR G 223 15.65 -12.57 -26.92
CA THR G 223 15.38 -12.43 -25.46
C THR G 223 13.90 -12.19 -25.23
N PHE G 224 13.17 -11.79 -26.27
CA PHE G 224 11.74 -11.45 -26.13
C PHE G 224 10.89 -12.72 -26.08
N ALA G 225 9.99 -12.80 -25.11
CA ALA G 225 9.07 -13.94 -25.05
C ALA G 225 7.82 -13.60 -25.85
N SER G 226 7.66 -14.26 -27.00
CA SER G 226 6.53 -14.02 -27.88
C SER G 226 5.31 -14.84 -27.46
N THR G 227 4.15 -14.33 -27.83
CA THR G 227 2.87 -15.03 -27.70
C THR G 227 2.18 -14.93 -29.05
N PRO G 228 1.16 -15.76 -29.29
CA PRO G 228 0.45 -15.70 -30.57
C PRO G 228 -0.38 -14.44 -30.77
N TYR G 229 -0.65 -13.67 -29.72
CA TYR G 229 -1.57 -12.55 -29.79
C TYR G 229 -0.87 -11.19 -29.77
N ASP G 230 0.42 -11.15 -30.08
CA ASP G 230 1.17 -9.90 -30.06
C ASP G 230 0.84 -9.08 -31.30
N VAL G 231 0.41 -7.83 -31.10
CA VAL G 231 0.13 -6.91 -32.19
C VAL G 231 0.90 -5.62 -31.93
N ALA G 232 0.90 -4.75 -32.93
CA ALA G 232 1.47 -3.42 -32.81
C ALA G 232 0.49 -2.42 -33.40
N ILE G 233 0.30 -1.30 -32.71
CA ILE G 233 -0.51 -0.20 -33.25
C ILE G 233 0.41 0.68 -34.08
N ILE G 234 0.20 0.70 -35.39
CA ILE G 234 1.08 1.39 -36.33
C ILE G 234 0.33 2.60 -36.86
N GLY G 235 0.86 3.80 -36.59
CA GLY G 235 0.25 5.00 -37.13
C GLY G 235 -0.89 5.57 -36.30
N ASP G 236 -0.73 5.55 -34.98
CA ASP G 236 -1.60 6.29 -34.08
C ASP G 236 -0.71 7.15 -33.19
N TYR G 237 -0.86 8.46 -33.28
CA TYR G 237 0.03 9.40 -32.61
C TYR G 237 -0.58 9.94 -31.33
N ASN G 238 -1.58 9.25 -30.80
CA ASN G 238 -2.06 9.49 -29.44
C ASN G 238 -2.48 10.94 -29.24
N ILE G 239 -3.17 11.49 -30.23
CA ILE G 239 -3.72 12.84 -30.10
C ILE G 239 -4.80 12.84 -29.02
N GLY G 240 -4.57 13.61 -27.96
CA GLY G 240 -5.50 13.63 -26.85
C GLY G 240 -5.68 12.30 -26.17
N GLY G 241 -4.78 11.36 -26.39
CA GLY G 241 -4.92 10.02 -25.85
C GLY G 241 -5.57 9.03 -26.79
N ASP G 242 -5.71 9.37 -28.07
CA ASP G 242 -6.37 8.48 -29.02
C ASP G 242 -5.85 7.05 -28.90
N ALA G 243 -4.53 6.89 -28.82
CA ALA G 243 -3.97 5.54 -28.85
C ALA G 243 -4.30 4.76 -27.59
N TRP G 244 -4.43 5.44 -26.45
CA TRP G 244 -4.75 4.73 -25.21
C TRP G 244 -6.17 4.20 -25.22
N SER G 245 -7.14 5.00 -25.68
CA SER G 245 -8.51 4.50 -25.77
C SER G 245 -8.68 3.49 -26.90
N SER G 246 -7.68 3.36 -27.77
CA SER G 246 -7.65 2.27 -28.74
C SER G 246 -6.95 1.05 -28.16
N ARG G 247 -5.84 1.24 -27.45
CA ARG G 247 -5.10 0.13 -26.87
C ARG G 247 -5.94 -0.63 -25.86
N ILE G 248 -6.81 0.07 -25.12
CA ILE G 248 -7.61 -0.58 -24.09
C ILE G 248 -8.56 -1.58 -24.71
N LEU G 249 -9.13 -1.26 -25.88
CA LEU G 249 -10.04 -2.19 -26.53
C LEU G 249 -9.28 -3.41 -27.06
N LEU G 250 -8.11 -3.20 -27.65
CA LEU G 250 -7.36 -4.32 -28.20
C LEU G 250 -6.96 -5.31 -27.12
N GLU G 251 -6.63 -4.83 -25.93
CA GLU G 251 -6.18 -5.71 -24.86
C GLU G 251 -7.35 -6.36 -24.13
N GLU G 252 -8.52 -5.69 -24.08
CA GLU G 252 -9.73 -6.36 -23.60
C GLU G 252 -10.15 -7.47 -24.54
N MET G 253 -9.82 -7.36 -25.82
CA MET G 253 -10.04 -8.41 -26.79
C MET G 253 -9.14 -9.62 -26.56
N GLY G 254 -8.11 -9.49 -25.73
CA GLY G 254 -7.17 -10.57 -25.47
C GLY G 254 -5.84 -10.46 -26.19
N LEU G 255 -5.62 -9.39 -26.94
CA LEU G 255 -4.34 -9.18 -27.62
C LEU G 255 -3.37 -8.45 -26.71
N ARG G 256 -2.08 -8.55 -27.06
CA ARG G 256 -1.01 -7.87 -26.35
C ARG G 256 -0.39 -6.83 -27.27
N CYS G 257 -0.61 -5.56 -26.97
CA CYS G 257 -0.11 -4.47 -27.80
C CYS G 257 1.33 -4.19 -27.42
N VAL G 258 2.27 -4.81 -28.16
CA VAL G 258 3.68 -4.68 -27.82
C VAL G 258 4.17 -3.24 -28.04
N ALA G 259 3.62 -2.53 -29.02
CA ALA G 259 4.18 -1.24 -29.39
C ALA G 259 3.12 -0.32 -29.97
N GLN G 260 3.35 0.98 -29.80
CA GLN G 260 2.54 2.03 -30.43
C GLN G 260 3.46 2.94 -31.22
N TRP G 261 3.19 3.10 -32.52
CA TRP G 261 3.95 3.96 -33.40
C TRP G 261 3.13 5.21 -33.72
N SER G 262 3.48 6.36 -33.14
CA SER G 262 4.58 6.54 -32.21
C SER G 262 4.07 7.32 -30.98
N GLY G 263 2.77 7.56 -30.94
CA GLY G 263 2.18 8.26 -29.81
C GLY G 263 2.46 7.54 -28.52
N ASP G 264 3.02 8.25 -27.54
CA ASP G 264 3.45 7.65 -26.28
C ASP G 264 4.46 6.53 -26.51
N GLY G 265 5.11 6.52 -27.66
CA GLY G 265 5.97 5.41 -28.03
C GLY G 265 7.39 5.55 -27.50
N SER G 266 7.97 4.42 -27.13
CA SER G 266 9.35 4.35 -26.66
C SER G 266 10.20 3.65 -27.69
N ILE G 267 11.51 3.96 -27.69
CA ILE G 267 12.38 3.40 -28.71
C ILE G 267 12.51 1.89 -28.54
N SER G 268 12.41 1.39 -27.30
CA SER G 268 12.43 -0.06 -27.11
C SER G 268 11.21 -0.71 -27.75
N GLU G 269 10.04 -0.07 -27.63
CA GLU G 269 8.83 -0.58 -28.27
C GLU G 269 9.04 -0.77 -29.77
N ILE G 270 9.68 0.21 -30.41
CA ILE G 270 9.94 0.12 -31.85
C ILE G 270 10.88 -1.04 -32.14
N GLU G 271 11.96 -1.15 -31.36
CA GLU G 271 12.95 -2.21 -31.58
C GLU G 271 12.37 -3.59 -31.39
N LEU G 272 11.30 -3.72 -30.59
CA LEU G 272 10.65 -5.01 -30.41
C LEU G 272 9.64 -5.33 -31.51
N THR G 273 9.24 -4.33 -32.30
CA THR G 273 8.12 -4.53 -33.20
C THR G 273 8.32 -5.68 -34.20
N PRO G 274 9.52 -5.96 -34.70
CA PRO G 274 9.68 -7.11 -35.59
C PRO G 274 9.39 -8.46 -34.92
N LYS G 275 8.99 -8.46 -33.65
CA LYS G 275 8.65 -9.68 -32.95
C LYS G 275 7.15 -9.94 -32.87
N VAL G 276 6.32 -9.03 -33.41
CA VAL G 276 4.87 -9.16 -33.31
C VAL G 276 4.34 -10.05 -34.42
N LYS G 277 3.06 -10.42 -34.32
CA LYS G 277 2.41 -11.30 -35.28
C LYS G 277 1.56 -10.57 -36.30
N LEU G 278 1.16 -9.34 -36.01
CA LEU G 278 0.27 -8.60 -36.89
C LEU G 278 0.42 -7.11 -36.61
N ASN G 279 0.54 -6.32 -37.68
CA ASN G 279 0.62 -4.87 -37.57
C ASN G 279 -0.74 -4.27 -37.85
N LEU G 280 -1.25 -3.46 -36.93
CA LEU G 280 -2.53 -2.79 -37.08
C LEU G 280 -2.26 -1.35 -37.48
N VAL G 281 -2.57 -1.02 -38.73
CA VAL G 281 -2.25 0.27 -39.31
C VAL G 281 -3.48 1.16 -39.24
N HIS G 282 -3.40 2.25 -38.49
CA HIS G 282 -4.45 3.26 -38.49
C HIS G 282 -4.21 4.31 -39.57
N CYS G 283 -3.12 5.05 -39.46
CA CYS G 283 -2.75 6.04 -40.47
C CYS G 283 -2.01 5.35 -41.60
N TYR G 284 -2.74 4.99 -42.65
CA TYR G 284 -2.10 4.39 -43.83
C TYR G 284 -1.09 5.34 -44.45
N ARG G 285 -1.46 6.61 -44.60
CA ARG G 285 -0.62 7.57 -45.30
C ARG G 285 0.80 7.62 -44.74
N SER G 286 0.94 7.72 -43.42
CA SER G 286 2.23 8.00 -42.82
C SER G 286 3.04 6.75 -42.51
N MET G 287 2.42 5.57 -42.44
CA MET G 287 3.09 4.37 -41.96
C MET G 287 3.06 3.19 -42.92
N ASN G 288 2.45 3.32 -44.09
CA ASN G 288 2.40 2.16 -44.97
C ASN G 288 3.78 1.75 -45.47
N TYR G 289 4.74 2.68 -45.50
CA TYR G 289 6.06 2.34 -46.02
C TYR G 289 6.75 1.31 -45.13
N ILE G 290 6.83 1.58 -43.82
CA ILE G 290 7.49 0.64 -42.92
C ILE G 290 6.67 -0.64 -42.77
N SER G 291 5.35 -0.56 -42.89
CA SER G 291 4.52 -1.76 -42.79
C SER G 291 4.83 -2.73 -43.92
N ARG G 292 4.97 -2.21 -45.14
CA ARG G 292 5.35 -3.06 -46.27
C ARG G 292 6.75 -3.63 -46.06
N HIS G 293 7.66 -2.83 -45.50
CA HIS G 293 9.00 -3.31 -45.19
C HIS G 293 8.97 -4.42 -44.16
N MET G 294 8.13 -4.26 -43.13
CA MET G 294 8.11 -5.24 -42.05
C MET G 294 7.55 -6.57 -42.52
N GLU G 295 6.61 -6.55 -43.46
CA GLU G 295 6.10 -7.80 -44.03
C GLU G 295 7.15 -8.45 -44.93
N GLU G 296 7.84 -7.65 -45.73
CA GLU G 296 8.82 -8.19 -46.66
C GLU G 296 9.98 -8.83 -45.93
N LYS G 297 10.46 -8.20 -44.86
CA LYS G 297 11.65 -8.67 -44.16
C LYS G 297 11.32 -9.69 -43.08
N TYR G 298 10.31 -9.40 -42.26
CA TYR G 298 9.99 -10.22 -41.09
C TYR G 298 8.78 -11.10 -41.29
N GLY G 299 8.07 -10.97 -42.41
CA GLY G 299 6.88 -11.77 -42.62
C GLY G 299 5.71 -11.39 -41.75
N ILE G 300 5.67 -10.15 -41.25
CA ILE G 300 4.60 -9.68 -40.40
C ILE G 300 3.51 -9.09 -41.29
N PRO G 301 2.30 -9.66 -41.32
CA PRO G 301 1.23 -9.04 -42.08
C PRO G 301 0.78 -7.73 -41.43
N TRP G 302 0.08 -6.92 -42.22
CA TRP G 302 -0.51 -5.68 -41.73
C TRP G 302 -1.91 -5.50 -42.32
N MET G 303 -2.77 -4.82 -41.57
CA MET G 303 -4.11 -4.52 -42.02
C MET G 303 -4.45 -3.09 -41.64
N GLU G 304 -5.33 -2.47 -42.42
CA GLU G 304 -5.86 -1.16 -42.10
C GLU G 304 -7.12 -1.32 -41.25
N TYR G 305 -7.29 -0.41 -40.28
CA TYR G 305 -8.47 -0.42 -39.42
C TYR G 305 -8.90 1.01 -39.15
N ASN G 306 -10.03 1.14 -38.44
CA ASN G 306 -10.67 2.43 -38.23
C ASN G 306 -11.38 2.38 -36.88
N PHE G 307 -11.01 3.27 -35.97
CA PHE G 307 -11.59 3.32 -34.63
C PHE G 307 -12.37 4.60 -34.38
N PHE G 308 -12.86 5.26 -35.43
CA PHE G 308 -13.67 6.46 -35.31
C PHE G 308 -15.15 6.06 -35.35
N GLY G 309 -15.82 6.15 -34.21
CA GLY G 309 -17.23 5.89 -34.13
C GLY G 309 -17.53 4.42 -33.95
N PRO G 310 -18.69 4.11 -33.38
CA PRO G 310 -18.98 2.70 -33.07
C PRO G 310 -19.05 1.82 -34.31
N THR G 311 -19.64 2.31 -35.41
CA THR G 311 -19.82 1.46 -36.59
C THR G 311 -18.46 0.99 -37.11
N LYS G 312 -17.52 1.91 -37.29
CA LYS G 312 -16.20 1.50 -37.77
C LYS G 312 -15.45 0.72 -36.70
N THR G 313 -15.61 1.10 -35.43
CA THR G 313 -14.89 0.41 -34.36
C THR G 313 -15.30 -1.05 -34.30
N ILE G 314 -16.61 -1.31 -34.30
CA ILE G 314 -17.08 -2.70 -34.22
C ILE G 314 -16.56 -3.51 -35.39
N GLU G 315 -16.71 -2.97 -36.61
CA GLU G 315 -16.22 -3.68 -37.79
C GLU G 315 -14.72 -3.89 -37.73
N SER G 316 -13.98 -2.95 -37.12
CA SER G 316 -12.53 -3.10 -37.01
C SER G 316 -12.18 -4.19 -36.00
N LEU G 317 -12.80 -4.16 -34.82
CA LEU G 317 -12.55 -5.17 -33.81
C LEU G 317 -12.83 -6.57 -34.34
N ARG G 318 -13.93 -6.73 -35.08
CA ARG G 318 -14.28 -8.03 -35.62
C ARG G 318 -13.31 -8.46 -36.72
N ALA G 319 -12.84 -7.49 -37.52
CA ALA G 319 -11.90 -7.82 -38.59
C ALA G 319 -10.55 -8.23 -38.02
N ILE G 320 -10.11 -7.57 -36.95
CA ILE G 320 -8.83 -7.91 -36.33
C ILE G 320 -8.90 -9.28 -35.68
N ALA G 321 -9.93 -9.53 -34.86
CA ALA G 321 -10.04 -10.81 -34.18
C ALA G 321 -10.11 -11.97 -35.15
N ALA G 322 -10.70 -11.74 -36.34
CA ALA G 322 -10.81 -12.79 -37.34
C ALA G 322 -9.44 -13.34 -37.75
N LYS G 323 -8.38 -12.58 -37.52
CA LYS G 323 -7.05 -13.07 -37.90
C LYS G 323 -6.43 -13.97 -36.84
N PHE G 324 -7.09 -14.16 -35.70
CA PHE G 324 -6.56 -15.05 -34.67
C PHE G 324 -7.49 -16.25 -34.54
N ASP G 325 -7.66 -16.77 -33.33
CA ASP G 325 -8.39 -18.02 -33.13
C ASP G 325 -9.75 -17.73 -32.49
N GLU G 326 -10.45 -18.80 -32.11
CA GLU G 326 -11.82 -18.65 -31.64
C GLU G 326 -11.87 -17.95 -30.28
N SER G 327 -10.83 -18.08 -29.45
CA SER G 327 -10.85 -17.44 -28.15
C SER G 327 -10.80 -15.92 -28.28
N ILE G 328 -10.02 -15.40 -29.23
CA ILE G 328 -10.01 -13.97 -29.47
C ILE G 328 -11.35 -13.51 -30.03
N GLN G 329 -11.90 -14.25 -30.99
CA GLN G 329 -13.21 -13.88 -31.55
C GLN G 329 -14.28 -13.93 -30.47
N LYS G 330 -14.18 -14.86 -29.53
CA LYS G 330 -15.11 -14.88 -28.41
C LYS G 330 -14.98 -13.61 -27.59
N LYS G 331 -13.75 -13.26 -27.19
CA LYS G 331 -13.54 -12.04 -26.42
C LYS G 331 -13.97 -10.81 -27.20
N CYS G 332 -13.85 -10.85 -28.53
CA CYS G 332 -14.25 -9.72 -29.35
C CYS G 332 -15.73 -9.41 -29.18
N GLU G 333 -16.58 -10.42 -29.34
CA GLU G 333 -18.01 -10.22 -29.11
C GLU G 333 -18.30 -9.86 -27.66
N GLU G 334 -17.42 -10.24 -26.73
CA GLU G 334 -17.62 -9.83 -25.34
C GLU G 334 -17.33 -8.34 -25.15
N VAL G 335 -16.32 -7.83 -25.86
CA VAL G 335 -16.04 -6.39 -25.81
C VAL G 335 -17.20 -5.61 -26.42
N ILE G 336 -17.70 -6.05 -27.58
CA ILE G 336 -18.79 -5.33 -28.23
C ILE G 336 -20.00 -5.27 -27.33
N ALA G 337 -20.30 -6.36 -26.64
CA ALA G 337 -21.46 -6.37 -25.74
C ALA G 337 -21.29 -5.39 -24.60
N LYS G 338 -20.07 -5.30 -24.06
CA LYS G 338 -19.84 -4.43 -22.90
C LYS G 338 -20.10 -2.97 -23.24
N TYR G 339 -19.63 -2.51 -24.40
CA TYR G 339 -19.70 -1.10 -24.78
C TYR G 339 -20.98 -0.75 -25.51
N LYS G 340 -21.75 -1.74 -25.96
CA LYS G 340 -23.02 -1.46 -26.64
C LYS G 340 -23.90 -0.49 -25.87
N PRO G 341 -24.20 -0.70 -24.58
CA PRO G 341 -25.04 0.27 -23.88
C PRO G 341 -24.42 1.65 -23.79
N GLU G 342 -23.09 1.74 -23.88
CA GLU G 342 -22.41 3.02 -23.71
C GLU G 342 -22.56 3.90 -24.96
N TRP G 343 -22.22 3.37 -26.13
CA TRP G 343 -22.32 4.17 -27.34
C TRP G 343 -23.77 4.32 -27.79
N GLU G 344 -24.63 3.35 -27.46
CA GLU G 344 -26.06 3.53 -27.72
C GLU G 344 -26.63 4.67 -26.90
N ALA G 345 -26.15 4.85 -25.66
CA ALA G 345 -26.58 5.99 -24.86
C ALA G 345 -26.09 7.30 -25.44
N VAL G 346 -24.85 7.32 -25.97
CA VAL G 346 -24.34 8.53 -26.60
C VAL G 346 -25.18 8.89 -27.81
N VAL G 347 -25.45 7.89 -28.67
CA VAL G 347 -26.28 8.14 -29.85
C VAL G 347 -27.65 8.64 -29.44
N ALA G 348 -28.26 7.99 -28.44
CA ALA G 348 -29.61 8.36 -28.02
C ALA G 348 -29.67 9.82 -27.55
N LYS G 349 -28.61 10.29 -26.89
CA LYS G 349 -28.61 11.66 -26.37
C LYS G 349 -28.34 12.69 -27.46
N TYR G 350 -27.37 12.42 -28.34
CA TYR G 350 -26.83 13.46 -29.22
C TYR G 350 -27.29 13.36 -30.67
N ARG G 351 -27.58 12.17 -31.19
CA ARG G 351 -28.07 12.10 -32.56
C ARG G 351 -29.32 12.94 -32.79
N PRO G 352 -30.27 13.05 -31.86
CA PRO G 352 -31.39 13.98 -32.08
C PRO G 352 -30.95 15.42 -32.26
N ARG G 353 -29.85 15.82 -31.61
CA ARG G 353 -29.38 17.19 -31.69
C ARG G 353 -28.58 17.49 -32.95
N LEU G 354 -28.16 16.45 -33.67
CA LEU G 354 -27.27 16.61 -34.81
C LEU G 354 -27.84 16.03 -36.09
N GLU G 355 -29.00 15.39 -36.04
CA GLU G 355 -29.56 14.73 -37.21
C GLU G 355 -29.70 15.73 -38.37
N GLY G 356 -29.23 15.32 -39.54
CA GLY G 356 -29.39 16.08 -40.76
C GLY G 356 -28.38 17.17 -41.00
N LYS G 357 -27.59 17.55 -39.99
CA LYS G 357 -26.63 18.63 -40.15
C LYS G 357 -25.51 18.21 -41.09
N ARG G 358 -25.02 19.18 -41.86
CA ARG G 358 -24.08 18.94 -42.94
C ARG G 358 -22.71 19.52 -42.59
N VAL G 359 -21.66 18.75 -42.86
CA VAL G 359 -20.31 19.06 -42.42
C VAL G 359 -19.38 19.12 -43.63
N MET G 360 -18.45 20.07 -43.60
CA MET G 360 -17.36 20.13 -44.58
C MET G 360 -16.04 19.95 -43.85
N LEU G 361 -15.23 19.01 -44.32
CA LEU G 361 -13.97 18.67 -43.68
C LEU G 361 -12.80 19.05 -44.57
N TYR G 362 -11.71 19.46 -43.94
CA TYR G 362 -10.42 19.58 -44.63
C TYR G 362 -9.33 19.31 -43.62
N ILE G 363 -8.62 18.19 -43.79
CA ILE G 363 -7.57 17.81 -42.85
C ILE G 363 -6.37 17.32 -43.67
N GLY G 364 -5.62 16.35 -43.16
CA GLY G 364 -4.31 16.06 -43.70
C GLY G 364 -4.21 14.90 -44.67
N GLY G 365 -4.21 13.67 -44.16
CA GLY G 365 -3.93 12.53 -45.02
C GLY G 365 -4.64 11.24 -44.61
N LEU G 366 -5.52 11.32 -43.60
CA LEU G 366 -6.29 10.16 -43.16
C LEU G 366 -7.69 10.56 -42.73
N ARG G 367 -7.78 11.48 -41.78
CA ARG G 367 -9.07 11.78 -41.17
C ARG G 367 -10.14 12.29 -42.13
N PRO G 368 -9.84 12.97 -43.25
CA PRO G 368 -10.92 13.45 -44.11
C PRO G 368 -11.85 12.35 -44.60
N ARG G 369 -11.39 11.08 -44.66
CA ARG G 369 -12.27 9.95 -44.93
C ARG G 369 -12.54 9.09 -43.71
N HIS G 370 -11.66 9.14 -42.72
CA HIS G 370 -11.69 8.18 -41.62
C HIS G 370 -12.73 8.54 -40.58
N VAL G 371 -13.13 9.81 -40.48
CA VAL G 371 -14.11 10.25 -39.50
C VAL G 371 -15.53 10.32 -40.07
N ILE G 372 -15.71 9.97 -41.35
CA ILE G 372 -17.04 10.08 -41.95
C ILE G 372 -18.02 9.18 -41.22
N GLY G 373 -17.62 7.95 -40.94
CA GLY G 373 -18.51 7.01 -40.28
C GLY G 373 -18.95 7.48 -38.91
N ALA G 374 -18.09 8.20 -38.20
CA ALA G 374 -18.47 8.75 -36.90
C ALA G 374 -19.55 9.82 -37.05
N TYR G 375 -19.43 10.69 -38.05
CA TYR G 375 -20.45 11.70 -38.28
C TYR G 375 -21.77 11.06 -38.69
N GLU G 376 -21.71 10.03 -39.53
CA GLU G 376 -22.94 9.38 -39.97
C GLU G 376 -23.59 8.60 -38.81
N ASP G 377 -22.80 8.14 -37.84
CA ASP G 377 -23.37 7.53 -36.66
C ASP G 377 -24.17 8.52 -35.83
N LEU G 378 -23.99 9.82 -36.08
CA LEU G 378 -24.77 10.86 -35.42
C LEU G 378 -25.76 11.53 -36.38
N GLY G 379 -26.05 10.89 -37.50
CA GLY G 379 -27.04 11.40 -38.41
C GLY G 379 -26.60 12.62 -39.20
N MET G 380 -25.32 12.95 -39.18
CA MET G 380 -24.81 14.07 -39.95
C MET G 380 -24.33 13.56 -41.30
N GLU G 381 -24.23 14.49 -42.26
CA GLU G 381 -23.84 14.16 -43.63
C GLU G 381 -22.60 14.97 -43.99
N VAL G 382 -21.55 14.28 -44.41
CA VAL G 382 -20.34 14.94 -44.89
C VAL G 382 -20.55 15.30 -46.36
N VAL G 383 -20.78 16.59 -46.62
CA VAL G 383 -21.08 17.04 -47.98
C VAL G 383 -19.84 17.45 -48.76
N GLY G 384 -18.70 17.63 -48.09
CA GLY G 384 -17.46 17.96 -48.74
C GLY G 384 -16.26 17.64 -47.87
N THR G 385 -15.19 17.16 -48.48
CA THR G 385 -13.98 16.79 -47.75
C THR G 385 -12.78 17.00 -48.65
N GLY G 386 -11.60 16.99 -48.04
CA GLY G 386 -10.38 17.11 -48.81
C GLY G 386 -9.17 16.93 -47.93
N TYR G 387 -8.02 16.78 -48.57
CA TYR G 387 -6.77 16.54 -47.87
C TYR G 387 -5.75 17.63 -48.22
N GLU G 388 -4.82 17.88 -47.30
CA GLU G 388 -3.69 18.75 -47.60
C GLU G 388 -2.69 18.05 -48.52
N PHE G 389 -2.38 16.77 -48.25
CA PHE G 389 -1.23 16.14 -48.88
C PHE G 389 -1.43 14.66 -49.20
N ALA G 390 -2.66 14.17 -49.25
CA ALA G 390 -2.87 12.76 -49.53
C ALA G 390 -2.46 12.42 -50.96
N HIS G 391 -2.24 11.13 -51.21
CA HIS G 391 -1.93 10.62 -52.53
C HIS G 391 -3.20 10.08 -53.17
N ASN G 392 -3.05 9.50 -54.35
CA ASN G 392 -4.23 8.98 -55.04
C ASN G 392 -4.72 7.67 -54.44
N ASP G 393 -3.83 6.88 -53.82
CA ASP G 393 -4.32 5.70 -53.12
C ASP G 393 -5.11 6.07 -51.88
N ASP G 394 -4.96 7.30 -51.37
CA ASP G 394 -5.86 7.79 -50.34
C ASP G 394 -7.22 8.12 -50.92
N TYR G 395 -7.26 8.79 -52.08
CA TYR G 395 -8.53 9.14 -52.69
C TYR G 395 -9.25 7.91 -53.22
N ASP G 396 -8.51 6.92 -53.68
CA ASP G 396 -9.12 5.63 -54.00
C ASP G 396 -9.96 5.13 -52.83
N ARG G 397 -9.46 5.29 -51.61
CA ARG G 397 -10.19 4.85 -50.42
C ARG G 397 -11.29 5.80 -49.98
N THR G 398 -11.35 7.01 -50.54
CA THR G 398 -12.28 8.03 -50.06
C THR G 398 -13.62 8.00 -50.78
N MET G 399 -13.60 7.81 -52.10
CA MET G 399 -14.79 8.07 -52.89
C MET G 399 -15.91 7.09 -52.56
N LYS G 400 -15.57 5.88 -52.12
CA LYS G 400 -16.59 4.92 -51.69
C LYS G 400 -17.18 5.29 -50.35
N GLU G 401 -16.52 6.16 -49.58
CA GLU G 401 -16.99 6.58 -48.26
C GLU G 401 -17.82 7.86 -48.30
N MET G 402 -17.80 8.60 -49.41
CA MET G 402 -18.48 9.87 -49.52
C MET G 402 -19.73 9.73 -50.39
N GLY G 403 -20.73 10.56 -50.10
CA GLY G 403 -21.97 10.51 -50.84
C GLY G 403 -21.80 10.95 -52.28
N ASP G 404 -22.78 10.61 -53.11
CA ASP G 404 -22.74 10.96 -54.52
C ASP G 404 -22.95 12.46 -54.71
N SER G 405 -22.20 13.05 -55.64
CA SER G 405 -22.25 14.47 -55.94
C SER G 405 -21.78 15.34 -54.78
N THR G 406 -21.00 14.78 -53.86
CA THR G 406 -20.32 15.60 -52.87
C THR G 406 -19.02 16.15 -53.45
N LEU G 407 -18.47 17.16 -52.78
CA LEU G 407 -17.35 17.94 -53.31
C LEU G 407 -16.03 17.47 -52.70
N LEU G 408 -15.04 17.22 -53.56
CA LEU G 408 -13.70 16.84 -53.15
C LEU G 408 -12.73 17.94 -53.56
N TYR G 409 -11.75 18.23 -52.70
CA TYR G 409 -10.74 19.25 -52.99
C TYR G 409 -9.40 18.83 -52.42
N ASP G 410 -8.38 18.79 -53.29
CA ASP G 410 -7.03 18.41 -52.91
C ASP G 410 -6.15 19.66 -52.82
N ASP G 411 -5.40 19.77 -51.74
CA ASP G 411 -4.56 20.94 -51.48
C ASP G 411 -5.34 22.22 -51.75
N VAL G 412 -6.49 22.33 -51.07
CA VAL G 412 -7.40 23.45 -51.33
C VAL G 412 -6.73 24.77 -50.96
N THR G 413 -7.00 25.80 -51.75
CA THR G 413 -6.50 27.13 -51.51
C THR G 413 -7.42 27.89 -50.55
N GLY G 414 -6.87 28.92 -49.91
CA GLY G 414 -7.69 29.72 -49.03
C GLY G 414 -8.90 30.30 -49.74
N TYR G 415 -8.70 30.80 -50.96
CA TYR G 415 -9.81 31.37 -51.71
C TYR G 415 -10.85 30.31 -52.05
N GLU G 416 -10.40 29.15 -52.54
CA GLU G 416 -11.35 28.08 -52.88
C GLU G 416 -12.20 27.70 -51.68
N PHE G 417 -11.56 27.42 -50.54
CA PHE G 417 -12.30 26.91 -49.39
C PHE G 417 -13.38 27.90 -48.96
N GLU G 418 -13.04 29.19 -48.89
CA GLU G 418 -14.03 30.19 -48.51
C GLU G 418 -15.17 30.24 -49.52
N GLU G 419 -14.86 30.20 -50.82
CA GLU G 419 -15.90 30.33 -51.82
C GLU G 419 -16.80 29.10 -51.86
N PHE G 420 -16.22 27.91 -51.66
CA PHE G 420 -17.04 26.71 -51.54
C PHE G 420 -17.96 26.80 -50.33
N VAL G 421 -17.44 27.25 -49.20
CA VAL G 421 -18.23 27.33 -47.98
C VAL G 421 -19.38 28.31 -48.17
N LYS G 422 -19.11 29.47 -48.75
CA LYS G 422 -20.16 30.47 -48.93
C LYS G 422 -21.33 29.88 -49.71
N ARG G 423 -21.04 29.04 -50.70
CA ARG G 423 -22.08 28.50 -51.57
C ARG G 423 -22.77 27.29 -50.95
N ILE G 424 -21.99 26.38 -50.37
CA ILE G 424 -22.58 25.16 -49.83
C ILE G 424 -23.28 25.42 -48.50
N LYS G 425 -22.81 26.42 -47.75
CA LYS G 425 -23.41 26.79 -46.47
C LYS G 425 -23.50 25.59 -45.53
N PRO G 426 -22.36 25.03 -45.12
CA PRO G 426 -22.40 23.90 -44.18
C PRO G 426 -22.77 24.36 -42.79
N ASP G 427 -23.37 23.45 -42.03
CA ASP G 427 -23.72 23.73 -40.65
C ASP G 427 -22.52 23.64 -39.71
N LEU G 428 -21.48 22.91 -40.11
CA LEU G 428 -20.28 22.74 -39.30
C LEU G 428 -19.10 22.48 -40.24
N ILE G 429 -17.94 23.04 -39.90
CA ILE G 429 -16.72 22.81 -40.65
C ILE G 429 -15.70 22.21 -39.68
N GLY G 430 -14.93 21.24 -40.18
CA GLY G 430 -13.85 20.68 -39.39
C GLY G 430 -12.54 20.80 -40.12
N SER G 431 -11.59 21.56 -39.55
CA SER G 431 -10.30 21.73 -40.22
C SER G 431 -9.26 22.09 -39.16
N GLY G 432 -8.30 22.94 -39.53
CA GLY G 432 -7.17 23.24 -38.69
C GLY G 432 -7.19 24.67 -38.16
N ILE G 433 -6.10 25.01 -37.46
CA ILE G 433 -6.05 26.27 -36.72
C ILE G 433 -5.95 27.46 -37.65
N LYS G 434 -5.38 27.28 -38.84
CA LYS G 434 -5.32 28.38 -39.79
C LYS G 434 -6.67 28.65 -40.44
N GLU G 435 -7.62 27.73 -40.29
CA GLU G 435 -8.96 27.89 -40.84
C GLU G 435 -9.99 28.35 -39.81
N LYS G 436 -9.82 27.91 -38.56
CA LYS G 436 -10.87 28.06 -37.56
C LYS G 436 -11.44 29.46 -37.52
N PHE G 437 -10.57 30.46 -37.39
CA PHE G 437 -11.02 31.80 -37.07
C PHE G 437 -11.54 32.56 -38.28
N ILE G 438 -11.30 32.06 -39.49
CA ILE G 438 -11.96 32.61 -40.66
C ILE G 438 -13.45 32.31 -40.61
N PHE G 439 -13.80 31.04 -40.34
CA PHE G 439 -15.18 30.59 -40.44
C PHE G 439 -16.01 30.92 -39.20
N GLN G 440 -15.38 31.15 -38.05
CA GLN G 440 -16.17 31.63 -36.93
C GLN G 440 -16.62 33.08 -37.16
N LYS G 441 -15.79 33.89 -37.82
CA LYS G 441 -16.25 35.22 -38.21
C LYS G 441 -17.45 35.13 -39.15
N MET G 442 -17.47 34.13 -40.03
CA MET G 442 -18.58 33.95 -40.95
C MET G 442 -19.82 33.39 -40.26
N GLY G 443 -19.76 33.15 -38.95
CA GLY G 443 -20.92 32.61 -38.27
C GLY G 443 -21.19 31.16 -38.56
N ILE G 444 -20.15 30.38 -38.85
CA ILE G 444 -20.26 28.96 -39.12
C ILE G 444 -19.53 28.21 -38.02
N PRO G 445 -20.20 27.34 -37.27
CA PRO G 445 -19.51 26.55 -36.24
C PRO G 445 -18.31 25.80 -36.82
N PHE G 446 -17.23 25.74 -36.03
CA PHE G 446 -15.97 25.15 -36.45
C PHE G 446 -15.41 24.27 -35.33
N ARG G 447 -14.93 23.09 -35.71
CA ARG G 447 -14.22 22.20 -34.81
C ARG G 447 -12.85 21.86 -35.38
N GLN G 448 -11.87 21.93 -34.49
CA GLN G 448 -10.50 21.54 -34.90
C GLN G 448 -10.47 20.03 -35.00
N MET G 449 -10.08 19.56 -36.18
CA MET G 449 -10.00 18.11 -36.39
C MET G 449 -8.56 17.62 -36.49
N HIS G 450 -7.58 18.47 -36.18
CA HIS G 450 -6.22 18.01 -35.92
C HIS G 450 -5.97 17.88 -34.42
N SER G 451 -6.09 19.00 -33.68
CA SER G 451 -5.88 19.07 -32.25
C SER G 451 -7.10 18.69 -31.43
N TRP G 452 -8.22 18.34 -32.07
CA TRP G 452 -9.48 18.07 -31.40
C TRP G 452 -9.98 19.28 -30.58
N ASP G 453 -9.52 20.49 -30.89
CA ASP G 453 -9.85 21.66 -30.09
C ASP G 453 -9.54 21.42 -28.61
N TYR G 454 -8.36 20.84 -28.36
CA TYR G 454 -7.87 20.67 -26.98
C TYR G 454 -8.81 19.80 -26.17
N SER G 455 -9.48 18.89 -26.87
CA SER G 455 -10.37 17.92 -26.19
C SER G 455 -9.89 16.51 -26.51
N GLY G 456 -10.83 15.61 -26.80
CA GLY G 456 -10.45 14.23 -27.15
C GLY G 456 -10.21 13.41 -25.91
N PRO G 457 -9.94 12.09 -26.02
CA PRO G 457 -9.74 11.42 -27.31
C PRO G 457 -11.01 11.26 -28.11
N TYR G 458 -10.88 11.00 -29.41
CA TYR G 458 -12.00 10.65 -30.25
C TYR G 458 -12.00 9.19 -30.68
N HIS G 459 -10.85 8.50 -30.59
CA HIS G 459 -10.79 7.11 -31.01
C HIS G 459 -11.61 6.23 -30.08
N GLY G 460 -12.12 5.16 -30.64
CA GLY G 460 -12.74 4.12 -29.84
C GLY G 460 -14.09 4.52 -29.29
N PHE G 461 -14.59 3.67 -28.41
CA PHE G 461 -15.90 3.90 -27.81
C PHE G 461 -15.85 5.10 -26.87
N ASP G 462 -14.87 5.12 -25.96
CA ASP G 462 -14.78 6.22 -25.01
C ASP G 462 -14.57 7.55 -25.73
N GLY G 463 -13.86 7.52 -26.87
CA GLY G 463 -13.67 8.75 -27.62
C GLY G 463 -14.90 9.19 -28.38
N PHE G 464 -15.72 8.24 -28.83
CA PHE G 464 -16.95 8.61 -29.53
C PHE G 464 -17.86 9.44 -28.64
N ALA G 465 -17.91 9.12 -27.35
CA ALA G 465 -18.70 9.92 -26.42
C ALA G 465 -18.21 11.37 -26.40
N ILE G 466 -16.89 11.55 -26.38
CA ILE G 466 -16.33 12.90 -26.36
C ILE G 466 -16.55 13.57 -27.70
N PHE G 467 -16.35 12.83 -28.79
CA PHE G 467 -16.62 13.36 -30.12
C PHE G 467 -18.02 13.90 -30.23
N ALA G 468 -19.01 13.12 -29.80
CA ALA G 468 -20.40 13.55 -29.91
C ALA G 468 -20.66 14.80 -29.07
N ARG G 469 -20.20 14.78 -27.81
CA ARG G 469 -20.36 15.95 -26.95
C ARG G 469 -19.79 17.19 -27.60
N ASP G 470 -18.61 17.07 -28.21
CA ASP G 470 -17.94 18.24 -28.78
C ASP G 470 -18.71 18.79 -29.97
N MET G 471 -19.19 17.91 -30.86
CA MET G 471 -19.93 18.36 -32.04
C MET G 471 -21.23 19.05 -31.64
N ASP G 472 -21.92 18.53 -30.63
CA ASP G 472 -23.14 19.17 -30.15
C ASP G 472 -22.86 20.54 -29.54
N MET G 473 -21.86 20.61 -28.66
CA MET G 473 -21.61 21.84 -27.91
C MET G 473 -21.32 23.01 -28.85
N THR G 474 -20.63 22.75 -29.95
CA THR G 474 -20.20 23.82 -30.85
C THR G 474 -21.27 24.14 -31.88
N LEU G 475 -21.84 23.11 -32.51
CA LEU G 475 -22.84 23.34 -33.54
C LEU G 475 -24.06 24.06 -32.98
N ASN G 476 -24.53 23.64 -31.81
CA ASN G 476 -25.73 24.19 -31.19
C ASN G 476 -25.42 25.24 -30.14
N ASN G 477 -24.22 25.82 -30.16
CA ASN G 477 -23.88 26.81 -29.14
C ASN G 477 -24.71 28.08 -29.33
N PRO G 478 -25.17 28.70 -28.23
CA PRO G 478 -25.96 29.93 -28.37
C PRO G 478 -25.25 31.04 -29.12
N CYS G 479 -23.91 31.04 -29.15
CA CYS G 479 -23.20 32.16 -29.70
C CYS G 479 -23.53 32.39 -31.17
N TRP G 480 -23.89 31.33 -31.91
CA TRP G 480 -24.06 31.45 -33.35
C TRP G 480 -25.35 32.13 -33.76
N LYS G 481 -26.26 32.39 -32.84
CA LYS G 481 -27.52 33.06 -33.16
C LYS G 481 -27.48 34.54 -32.86
N LYS G 482 -26.30 35.12 -32.60
CA LYS G 482 -26.19 36.49 -32.12
C LYS G 482 -25.31 37.37 -32.99
N LEU G 483 -24.88 36.91 -34.16
CA LEU G 483 -23.87 37.66 -34.90
C LEU G 483 -24.43 38.94 -35.50
N GLN G 484 -25.70 38.95 -35.89
CA GLN G 484 -26.29 40.15 -36.49
C GLN G 484 -26.83 41.05 -35.39
N ALA G 485 -26.43 42.32 -35.44
CA ALA G 485 -26.96 43.29 -34.49
C ALA G 485 -28.46 43.47 -34.73
N PRO G 486 -29.30 43.46 -33.69
CA PRO G 486 -30.74 43.52 -33.91
C PRO G 486 -31.21 44.78 -34.63
N TRP G 487 -30.39 45.83 -34.70
CA TRP G 487 -30.75 47.03 -35.43
C TRP G 487 -30.27 47.01 -36.88
N GLU G 488 -29.72 45.89 -37.34
CA GLU G 488 -29.24 45.77 -38.70
C GLU G 488 -30.00 44.70 -39.48
N SER H 2 -14.48 3.20 -20.08
CA SER H 2 -15.93 3.37 -20.13
C SER H 2 -16.33 4.81 -19.86
N GLN H 3 -17.57 5.17 -20.24
CA GLN H 3 -18.08 6.51 -20.07
C GLN H 3 -19.50 6.48 -19.52
N GLN H 4 -19.80 7.44 -18.65
CA GLN H 4 -21.15 7.70 -18.18
C GLN H 4 -21.73 8.80 -19.07
N VAL H 5 -22.78 8.48 -19.82
CA VAL H 5 -23.24 9.39 -20.88
C VAL H 5 -23.53 10.78 -20.32
N ASP H 6 -23.96 10.87 -19.07
CA ASP H 6 -24.32 12.14 -18.45
C ASP H 6 -23.13 12.82 -17.77
N LYS H 7 -21.96 12.16 -17.71
CA LYS H 7 -20.75 12.72 -17.11
C LYS H 7 -19.54 12.24 -17.93
N ILE H 8 -19.48 12.71 -19.17
CA ILE H 8 -18.42 12.27 -20.08
C ILE H 8 -17.10 12.89 -19.62
N LYS H 9 -16.04 12.08 -19.64
CA LYS H 9 -14.71 12.50 -19.22
C LYS H 9 -13.81 12.64 -20.44
N ALA H 10 -13.16 13.79 -20.59
CA ALA H 10 -12.11 13.92 -21.58
C ALA H 10 -10.85 13.25 -21.05
N SER H 11 -9.74 13.37 -21.78
CA SER H 11 -8.50 12.68 -21.44
C SER H 11 -8.19 12.80 -19.95
N TYR H 12 -8.25 14.02 -19.42
CA TYR H 12 -8.27 14.22 -17.98
C TYR H 12 -9.71 14.45 -17.54
N PRO H 13 -10.26 13.66 -16.60
CA PRO H 13 -9.63 12.57 -15.85
C PRO H 13 -9.92 11.16 -16.36
N LEU H 14 -10.28 11.01 -17.64
CA LEU H 14 -10.61 9.68 -18.15
C LEU H 14 -9.49 8.69 -17.85
N PHE H 15 -8.26 9.04 -18.24
CA PHE H 15 -7.15 8.09 -18.13
C PHE H 15 -6.67 7.89 -16.70
N LEU H 16 -7.30 8.52 -15.72
CA LEU H 16 -7.11 8.18 -14.32
C LEU H 16 -8.02 7.05 -13.87
N ASP H 17 -8.96 6.64 -14.72
CA ASP H 17 -9.77 5.47 -14.42
C ASP H 17 -8.86 4.26 -14.21
N GLN H 18 -9.30 3.34 -13.34
CA GLN H 18 -8.41 2.27 -12.91
C GLN H 18 -8.00 1.37 -14.07
N ASP H 19 -8.95 1.03 -14.95
CA ASP H 19 -8.63 0.11 -16.04
C ASP H 19 -7.61 0.74 -17.00
N TYR H 20 -7.60 2.06 -17.12
CA TYR H 20 -6.58 2.74 -17.91
C TYR H 20 -5.25 2.75 -17.16
N LYS H 21 -5.28 3.06 -15.86
CA LYS H 21 -4.07 3.02 -15.06
C LYS H 21 -3.40 1.66 -15.18
N ASP H 22 -4.15 0.58 -14.91
CA ASP H 22 -3.58 -0.75 -15.01
C ASP H 22 -2.97 -0.95 -16.38
N MET H 23 -3.75 -0.73 -17.44
CA MET H 23 -3.24 -0.87 -18.80
C MET H 23 -1.91 -0.15 -18.99
N LEU H 24 -1.81 1.10 -18.53
CA LEU H 24 -0.58 1.86 -18.75
C LEU H 24 0.58 1.32 -17.93
N ALA H 25 0.28 0.72 -16.76
CA ALA H 25 1.33 0.03 -16.01
C ALA H 25 1.84 -1.18 -16.78
N LYS H 26 0.93 -1.97 -17.35
CA LYS H 26 1.31 -3.13 -18.12
C LYS H 26 2.16 -2.73 -19.32
N LYS H 27 1.80 -1.64 -19.99
CA LYS H 27 2.55 -1.17 -21.14
C LYS H 27 3.98 -0.81 -20.75
N ARG H 28 4.13 -0.01 -19.69
CA ARG H 28 5.47 0.38 -19.24
C ARG H 28 6.30 -0.84 -18.89
N ASP H 29 5.77 -1.71 -18.04
CA ASP H 29 6.54 -2.81 -17.51
C ASP H 29 6.95 -3.78 -18.62
N GLY H 30 6.06 -4.00 -19.59
CA GLY H 30 6.30 -5.02 -20.59
C GLY H 30 7.28 -4.62 -21.67
N PHE H 31 7.16 -3.39 -22.18
CA PHE H 31 7.72 -3.03 -23.46
C PHE H 31 8.49 -1.72 -23.52
N GLU H 32 8.44 -0.88 -22.48
CA GLU H 32 9.11 0.41 -22.56
C GLU H 32 10.52 0.39 -22.00
N GLU H 33 10.90 -0.66 -21.27
CA GLU H 33 12.23 -0.77 -20.68
C GLU H 33 12.63 0.54 -20.01
N LYS H 34 11.72 1.02 -19.16
CA LYS H 34 11.84 2.32 -18.51
C LYS H 34 12.84 2.28 -17.36
N TYR H 35 13.49 3.42 -17.13
CA TYR H 35 14.42 3.52 -16.02
C TYR H 35 13.70 3.38 -14.69
N PRO H 36 14.37 2.83 -13.66
CA PRO H 36 13.72 2.72 -12.35
C PRO H 36 13.27 4.08 -11.86
N GLN H 37 12.11 4.11 -11.18
CA GLN H 37 11.62 5.38 -10.67
C GLN H 37 12.59 5.98 -9.67
N ASP H 38 13.33 5.14 -8.95
CA ASP H 38 14.37 5.65 -8.06
C ASP H 38 15.44 6.38 -8.87
N LYS H 39 15.82 5.82 -10.02
CA LYS H 39 16.81 6.46 -10.88
C LYS H 39 16.26 7.75 -11.48
N ILE H 40 14.98 7.76 -11.85
CA ILE H 40 14.38 8.97 -12.41
C ILE H 40 14.37 10.08 -11.37
N ASP H 41 13.93 9.75 -10.15
CA ASP H 41 13.92 10.75 -9.08
C ASP H 41 15.33 11.24 -8.78
N GLU H 42 16.31 10.31 -8.77
CA GLU H 42 17.68 10.69 -8.46
C GLU H 42 18.22 11.66 -9.51
N VAL H 43 17.87 11.47 -10.77
CA VAL H 43 18.36 12.33 -11.84
C VAL H 43 17.64 13.68 -11.80
N PHE H 44 16.33 13.67 -11.55
CA PHE H 44 15.61 14.93 -11.44
C PHE H 44 16.21 15.81 -10.36
N GLN H 45 16.36 15.27 -9.16
CA GLN H 45 16.99 16.02 -8.07
C GLN H 45 18.33 16.58 -8.52
N TRP H 46 19.08 15.81 -9.32
CA TRP H 46 20.39 16.28 -9.78
C TRP H 46 20.25 17.49 -10.68
N THR H 47 19.21 17.54 -11.52
CA THR H 47 19.04 18.68 -12.42
C THR H 47 18.65 19.97 -11.68
N THR H 48 18.39 19.90 -10.38
CA THR H 48 18.04 21.06 -9.59
C THR H 48 19.22 21.59 -8.77
N THR H 49 20.39 20.96 -8.89
CA THR H 49 21.53 21.29 -8.04
C THR H 49 22.43 22.33 -8.72
N LYS H 50 23.26 22.98 -7.90
CA LYS H 50 24.23 23.92 -8.43
C LYS H 50 25.28 23.21 -9.28
N GLU H 51 25.62 21.96 -8.93
CA GLU H 51 26.53 21.18 -9.77
C GLU H 51 25.97 21.06 -11.18
N TYR H 52 24.68 20.78 -11.30
CA TYR H 52 24.05 20.69 -12.62
C TYR H 52 24.05 22.04 -13.32
N GLN H 53 23.79 23.11 -12.57
CA GLN H 53 23.73 24.44 -13.18
C GLN H 53 25.05 24.82 -13.81
N GLU H 54 26.17 24.49 -13.16
CA GLU H 54 27.48 24.83 -13.71
C GLU H 54 27.70 24.13 -15.04
N LEU H 55 27.38 22.83 -15.11
CA LEU H 55 27.43 22.13 -16.39
C LEU H 55 26.46 22.75 -17.38
N ASN H 56 25.28 23.14 -16.89
CA ASN H 56 24.24 23.67 -17.77
C ASN H 56 24.70 24.94 -18.47
N PHE H 57 25.39 25.82 -17.74
CA PHE H 57 25.83 27.08 -18.31
C PHE H 57 27.13 26.97 -19.10
N GLN H 58 27.82 25.82 -19.03
CA GLN H 58 29.00 25.61 -19.86
C GLN H 58 28.64 25.19 -21.28
N ARG H 59 27.36 25.07 -21.60
CA ARG H 59 26.96 24.71 -22.95
C ARG H 59 27.51 25.71 -23.95
N GLU H 60 27.95 25.18 -25.09
CA GLU H 60 28.41 26.01 -26.21
C GLU H 60 27.66 25.74 -27.50
N ALA H 61 27.08 24.54 -27.67
CA ALA H 61 26.46 24.14 -28.93
C ALA H 61 24.99 23.77 -28.81
N LEU H 62 24.56 23.24 -27.67
CA LEU H 62 23.17 22.82 -27.48
C LEU H 62 22.34 23.98 -26.97
N THR H 63 21.19 24.21 -27.59
CA THR H 63 20.19 25.13 -27.10
C THR H 63 18.93 24.34 -26.74
N VAL H 64 18.35 24.65 -25.59
CA VAL H 64 17.20 23.91 -25.06
C VAL H 64 16.13 24.91 -24.63
N ASN H 65 14.93 24.76 -25.18
CA ASN H 65 13.81 25.65 -24.88
C ASN H 65 14.20 27.10 -25.09
N PRO H 66 14.42 27.52 -26.34
CA PRO H 66 14.81 28.92 -26.58
C PRO H 66 13.67 29.87 -26.23
N ALA H 67 14.03 31.15 -26.15
CA ALA H 67 13.06 32.22 -25.90
C ALA H 67 13.07 33.23 -27.04
N LYS H 68 13.00 32.74 -28.27
CA LYS H 68 13.02 33.59 -29.45
C LYS H 68 12.45 32.82 -30.62
N ALA H 69 12.12 33.56 -31.68
CA ALA H 69 11.70 33.02 -32.96
C ALA H 69 12.58 33.61 -34.06
N CYS H 70 12.30 33.25 -35.31
CA CYS H 70 13.17 33.60 -36.42
C CYS H 70 12.66 34.80 -37.18
N GLN H 71 13.57 35.45 -37.91
CA GLN H 71 13.32 36.74 -38.54
C GLN H 71 11.99 36.84 -39.28
N PRO H 72 11.68 35.97 -40.24
CA PRO H 72 10.49 36.21 -41.08
C PRO H 72 9.20 36.33 -40.29
N LEU H 73 9.14 35.78 -39.08
CA LEU H 73 7.94 35.93 -38.27
C LEU H 73 7.65 37.41 -38.01
N GLY H 74 8.68 38.16 -37.62
CA GLY H 74 8.50 39.58 -37.36
C GLY H 74 8.25 40.37 -38.62
N ALA H 75 8.83 39.94 -39.75
CA ALA H 75 8.54 40.58 -41.02
C ALA H 75 7.08 40.42 -41.40
N VAL H 76 6.51 39.25 -41.13
CA VAL H 76 5.10 39.03 -41.45
C VAL H 76 4.22 39.92 -40.57
N LEU H 77 4.50 39.97 -39.28
CA LEU H 77 3.76 40.86 -38.40
C LEU H 77 3.89 42.31 -38.83
N CYS H 78 5.09 42.70 -39.27
CA CYS H 78 5.32 44.05 -39.76
C CYS H 78 4.45 44.35 -40.98
N ALA H 79 4.43 43.42 -41.94
CA ALA H 79 3.68 43.64 -43.17
C ALA H 79 2.18 43.73 -42.89
N LEU H 80 1.69 42.95 -41.93
CA LEU H 80 0.26 42.91 -41.65
C LEU H 80 -0.29 44.27 -41.24
N GLY H 81 0.57 45.18 -40.77
CA GLY H 81 0.17 46.48 -40.29
C GLY H 81 -0.05 47.53 -41.35
N PHE H 82 -0.04 47.15 -42.62
CA PHE H 82 -0.23 48.07 -43.73
C PHE H 82 -1.54 47.76 -44.45
N GLU H 83 -2.14 48.79 -45.01
CA GLU H 83 -3.46 48.68 -45.60
C GLU H 83 -3.45 47.70 -46.78
N LYS H 84 -4.37 46.74 -46.74
CA LYS H 84 -4.57 45.78 -47.83
C LYS H 84 -3.23 45.22 -48.34
N THR H 85 -2.34 44.89 -47.42
CA THR H 85 -1.04 44.33 -47.74
C THR H 85 -1.03 42.85 -47.42
N MET H 86 -0.56 42.05 -48.36
CA MET H 86 -0.43 40.60 -48.18
C MET H 86 1.00 40.27 -47.83
N PRO H 87 1.27 39.71 -46.65
CA PRO H 87 2.63 39.21 -46.39
C PRO H 87 2.98 38.09 -47.36
N TYR H 88 4.22 38.08 -47.83
CA TYR H 88 4.66 37.15 -48.86
C TYR H 88 6.08 36.73 -48.52
N VAL H 89 6.28 35.45 -48.24
CA VAL H 89 7.57 34.94 -47.81
C VAL H 89 8.12 34.05 -48.91
N HIS H 90 9.13 34.57 -49.62
CA HIS H 90 9.81 33.84 -50.69
C HIS H 90 10.68 32.73 -50.11
N GLY H 91 10.33 31.48 -50.39
CA GLY H 91 11.06 30.36 -49.86
C GLY H 91 10.15 29.12 -49.78
N SER H 92 10.37 28.32 -48.73
CA SER H 92 9.65 27.07 -48.56
C SER H 92 8.36 27.32 -47.78
N GLN H 93 7.32 26.56 -48.14
CA GLN H 93 5.99 26.85 -47.63
C GLN H 93 5.78 26.39 -46.19
N GLY H 94 6.57 25.43 -45.70
CA GLY H 94 6.42 25.02 -44.32
C GLY H 94 6.58 26.16 -43.34
N CYS H 95 7.46 27.12 -43.66
CA CYS H 95 7.66 28.26 -42.78
C CYS H 95 6.39 29.08 -42.63
N VAL H 96 5.63 29.25 -43.71
CA VAL H 96 4.42 30.07 -43.65
C VAL H 96 3.35 29.38 -42.82
N ALA H 97 3.23 28.07 -42.94
CA ALA H 97 2.26 27.33 -42.12
C ALA H 97 2.54 27.51 -40.64
N TYR H 98 3.82 27.60 -40.26
CA TYR H 98 4.16 27.79 -38.85
C TYR H 98 3.92 29.24 -38.42
N PHE H 99 4.32 30.22 -39.25
CA PHE H 99 4.07 31.61 -38.89
C PHE H 99 2.59 31.86 -38.64
N ARG H 100 1.74 31.32 -39.51
CA ARG H 100 0.31 31.55 -39.37
C ARG H 100 -0.23 30.86 -38.12
N SER H 101 0.16 29.61 -37.90
CA SER H 101 -0.29 28.90 -36.71
C SER H 101 0.21 29.58 -35.45
N TYR H 102 1.46 30.04 -35.46
CA TYR H 102 2.02 30.70 -34.28
C TYR H 102 1.18 31.91 -33.89
N PHE H 103 0.86 32.77 -34.86
CA PHE H 103 0.09 33.97 -34.57
C PHE H 103 -1.38 33.63 -34.33
N ASN H 104 -1.92 32.63 -35.04
CA ASN H 104 -3.30 32.20 -34.79
C ASN H 104 -3.53 31.89 -33.32
N ARG H 105 -2.61 31.16 -32.69
CA ARG H 105 -2.80 30.68 -31.33
C ARG H 105 -2.57 31.76 -30.27
N HIS H 106 -1.83 32.82 -30.60
CA HIS H 106 -1.67 33.92 -29.66
C HIS H 106 -2.82 34.92 -29.75
N PHE H 107 -3.18 35.33 -30.96
CA PHE H 107 -4.22 36.33 -31.16
C PHE H 107 -5.62 35.75 -31.26
N ARG H 108 -5.77 34.46 -31.58
CA ARG H 108 -7.07 33.85 -31.80
C ARG H 108 -7.84 34.60 -32.89
N GLU H 109 -7.13 34.90 -33.96
CA GLU H 109 -7.64 35.63 -35.11
C GLU H 109 -7.05 35.02 -36.36
N PRO H 110 -7.72 35.17 -37.50
CA PRO H 110 -7.10 34.72 -38.77
C PRO H 110 -5.81 35.49 -39.02
N VAL H 111 -4.88 34.82 -39.70
CA VAL H 111 -3.61 35.43 -40.07
C VAL H 111 -3.34 35.06 -41.53
N SER H 112 -3.32 36.06 -42.41
CA SER H 112 -3.12 35.84 -43.82
C SER H 112 -1.64 36.00 -44.17
N CYS H 113 -1.14 35.08 -45.01
CA CYS H 113 0.25 35.04 -45.41
C CYS H 113 0.39 33.97 -46.47
N VAL H 114 1.18 34.25 -47.50
CA VAL H 114 1.35 33.29 -48.59
C VAL H 114 2.82 32.89 -48.67
N SER H 115 3.05 31.78 -49.37
CA SER H 115 4.37 31.33 -49.76
C SER H 115 4.36 31.13 -51.26
N ASP H 116 5.56 31.14 -51.87
CA ASP H 116 5.71 30.75 -53.27
C ASP H 116 6.33 29.37 -53.40
N SER H 117 6.33 28.61 -52.31
CA SER H 117 6.43 27.15 -52.33
C SER H 117 7.60 26.68 -53.20
N MET H 118 8.80 27.13 -52.84
CA MET H 118 10.00 26.66 -53.49
C MET H 118 10.30 25.23 -53.06
N THR H 119 10.63 24.38 -54.01
CA THR H 119 10.89 22.97 -53.75
C THR H 119 12.34 22.65 -54.08
N GLU H 120 12.66 21.34 -54.08
CA GLU H 120 14.06 20.91 -54.20
C GLU H 120 14.70 21.40 -55.50
N ASP H 121 13.93 21.50 -56.58
CA ASP H 121 14.49 22.01 -57.83
C ASP H 121 15.09 23.40 -57.64
N ALA H 122 14.49 24.23 -56.78
CA ALA H 122 15.00 25.58 -56.58
C ALA H 122 16.38 25.59 -55.96
N ALA H 123 16.79 24.52 -55.29
CA ALA H 123 18.13 24.48 -54.72
C ALA H 123 19.20 24.52 -55.81
N VAL H 124 18.88 24.02 -56.99
CA VAL H 124 19.83 23.98 -58.10
C VAL H 124 19.63 25.15 -59.06
N PHE H 125 18.37 25.46 -59.39
CA PHE H 125 18.05 26.41 -60.44
C PHE H 125 17.65 27.78 -59.91
N GLY H 126 17.44 27.93 -58.61
CA GLY H 126 16.92 29.16 -58.05
C GLY H 126 15.41 29.22 -58.17
N GLY H 127 14.83 30.18 -57.44
CA GLY H 127 13.39 30.26 -57.35
C GLY H 127 12.75 31.43 -58.07
N GLN H 128 13.31 31.83 -59.22
CA GLN H 128 12.71 32.96 -59.93
C GLN H 128 11.32 32.62 -60.43
N GLN H 129 11.14 31.42 -60.99
CA GLN H 129 9.83 31.04 -61.49
C GLN H 129 8.80 31.03 -60.36
N ASN H 130 9.22 30.67 -59.14
CA ASN H 130 8.33 30.73 -58.00
C ASN H 130 7.87 32.15 -57.72
N MET H 131 8.76 33.13 -57.90
CA MET H 131 8.42 34.51 -57.63
C MET H 131 7.51 35.09 -58.72
N LYS H 132 7.81 34.80 -59.98
CA LYS H 132 6.97 35.30 -61.06
C LYS H 132 5.52 34.86 -60.85
N ASP H 133 5.28 33.56 -60.91
CA ASP H 133 3.91 33.05 -60.80
C ASP H 133 3.29 33.38 -59.45
N GLY H 134 4.11 33.39 -58.39
CA GLY H 134 3.56 33.66 -57.07
C GLY H 134 2.98 35.06 -56.95
N LEU H 135 3.70 36.06 -57.46
CA LEU H 135 3.21 37.43 -57.39
C LEU H 135 1.93 37.59 -58.20
N GLN H 136 1.88 37.01 -59.40
CA GLN H 136 0.66 37.10 -60.19
C GLN H 136 -0.48 36.36 -59.51
N ASN H 137 -0.24 35.13 -59.07
CA ASN H 137 -1.29 34.36 -58.42
C ASN H 137 -1.76 35.05 -57.15
N CYS H 138 -0.82 35.58 -56.36
CA CYS H 138 -1.18 36.28 -55.13
C CYS H 138 -2.01 37.52 -55.44
N LYS H 139 -1.58 38.32 -56.42
CA LYS H 139 -2.32 39.55 -56.72
C LYS H 139 -3.70 39.24 -57.31
N ALA H 140 -3.79 38.19 -58.13
CA ALA H 140 -5.08 37.89 -58.77
C ALA H 140 -6.06 37.31 -57.77
N THR H 141 -5.59 36.50 -56.83
CA THR H 141 -6.48 35.73 -55.98
C THR H 141 -6.94 36.49 -54.75
N TYR H 142 -6.02 37.20 -54.09
CA TYR H 142 -6.31 37.85 -52.82
C TYR H 142 -6.32 39.37 -52.92
N LYS H 143 -6.11 39.91 -54.13
CA LYS H 143 -6.29 41.32 -54.45
C LYS H 143 -5.75 42.24 -53.37
N PRO H 144 -4.50 42.09 -52.95
CA PRO H 144 -3.89 43.09 -52.07
C PRO H 144 -3.47 44.33 -52.85
N ASP H 145 -3.43 45.44 -52.14
CA ASP H 145 -2.92 46.67 -52.73
C ASP H 145 -1.40 46.70 -52.70
N MET H 146 -0.78 45.85 -51.88
CA MET H 146 0.66 45.77 -51.77
C MET H 146 1.06 44.34 -51.39
N ILE H 147 2.21 43.92 -51.88
CA ILE H 147 2.79 42.63 -51.52
C ILE H 147 4.17 42.92 -50.94
N ALA H 148 4.36 42.61 -49.66
CA ALA H 148 5.61 42.83 -48.97
C ALA H 148 6.34 41.50 -48.84
N VAL H 149 7.56 41.44 -49.36
CA VAL H 149 8.28 40.18 -49.54
C VAL H 149 9.37 40.04 -48.47
N SER H 150 9.43 38.86 -47.86
CA SER H 150 10.52 38.44 -46.99
C SER H 150 11.00 37.06 -47.45
N THR H 151 11.94 36.46 -46.70
CA THR H 151 12.57 35.22 -47.13
C THR H 151 12.67 34.21 -46.00
N THR H 152 12.63 32.92 -46.37
CA THR H 152 12.97 31.83 -45.48
C THR H 152 14.44 31.46 -45.67
N CYS H 153 14.97 30.63 -44.77
CA CYS H 153 16.41 30.36 -44.79
C CYS H 153 16.83 29.66 -46.09
N MET H 154 15.93 28.90 -46.70
CA MET H 154 16.26 28.27 -47.98
C MET H 154 16.63 29.30 -49.03
N ALA H 155 15.80 30.33 -49.19
CA ALA H 155 16.07 31.34 -50.21
C ALA H 155 17.36 32.10 -49.92
N GLU H 156 17.72 32.27 -48.65
CA GLU H 156 18.93 33.01 -48.32
C GLU H 156 20.17 32.20 -48.63
N VAL H 157 20.16 30.91 -48.28
CA VAL H 157 21.33 30.07 -48.51
C VAL H 157 21.62 29.95 -50.00
N ILE H 158 20.60 29.66 -50.80
CA ILE H 158 20.83 29.54 -52.24
C ILE H 158 21.10 30.89 -52.88
N GLY H 159 20.73 31.99 -52.22
CA GLY H 159 21.13 33.30 -52.67
C GLY H 159 20.24 33.90 -53.73
N ASP H 160 18.94 33.70 -53.64
CA ASP H 160 18.01 34.28 -54.61
C ASP H 160 18.11 35.80 -54.58
N ASP H 161 18.21 36.41 -55.75
CA ASP H 161 18.25 37.87 -55.88
C ASP H 161 16.83 38.38 -55.95
N LEU H 162 16.31 38.86 -54.81
CA LEU H 162 14.93 39.31 -54.76
C LEU H 162 14.69 40.46 -55.72
N ASN H 163 15.56 41.47 -55.67
CA ASN H 163 15.35 42.65 -56.49
C ASN H 163 15.28 42.28 -57.97
N ALA H 164 16.19 41.42 -58.44
CA ALA H 164 16.17 41.00 -59.83
C ALA H 164 14.89 40.24 -60.16
N PHE H 165 14.48 39.33 -59.26
CA PHE H 165 13.27 38.54 -59.52
C PHE H 165 12.05 39.43 -59.64
N ILE H 166 11.87 40.35 -58.69
CA ILE H 166 10.71 41.23 -58.74
C ILE H 166 10.77 42.11 -59.98
N ASN H 167 11.96 42.62 -60.30
CA ASN H 167 12.10 43.49 -61.46
C ASN H 167 11.74 42.75 -62.74
N ASN H 168 12.16 41.48 -62.84
CA ASN H 168 11.85 40.69 -64.02
C ASN H 168 10.38 40.31 -64.08
N SER H 169 9.76 40.09 -62.92
CA SER H 169 8.33 39.82 -62.91
C SER H 169 7.54 41.01 -63.42
N LYS H 170 7.99 42.22 -63.09
CA LYS H 170 7.31 43.42 -63.57
C LYS H 170 7.61 43.65 -65.05
N LYS H 171 8.85 43.39 -65.46
CA LYS H 171 9.24 43.57 -66.86
C LYS H 171 8.43 42.65 -67.78
N GLU H 172 8.16 41.43 -67.34
CA GLU H 172 7.50 40.43 -68.17
C GLU H 172 6.00 40.36 -67.92
N GLY H 173 5.44 41.30 -67.15
CA GLY H 173 4.01 41.43 -67.07
C GLY H 173 3.31 40.51 -66.09
N PHE H 174 4.05 39.90 -65.16
CA PHE H 174 3.39 39.11 -64.13
C PHE H 174 2.64 40.00 -63.15
N ILE H 175 3.16 41.20 -62.90
CA ILE H 175 2.48 42.22 -62.10
C ILE H 175 2.72 43.58 -62.74
N PRO H 176 1.82 44.52 -62.49
CA PRO H 176 2.01 45.87 -63.04
C PRO H 176 3.30 46.48 -62.53
N ASP H 177 3.95 47.27 -63.41
CA ASP H 177 5.21 47.90 -63.03
C ASP H 177 5.03 48.85 -61.85
N GLU H 178 3.85 49.45 -61.70
CA GLU H 178 3.57 50.38 -60.62
C GLU H 178 3.06 49.69 -59.36
N PHE H 179 2.75 48.40 -59.41
CA PHE H 179 2.26 47.69 -58.23
C PHE H 179 3.36 47.65 -57.16
N PRO H 180 3.05 48.07 -55.92
CA PRO H 180 4.12 48.16 -54.91
C PRO H 180 4.50 46.78 -54.38
N VAL H 181 5.79 46.47 -54.46
CA VAL H 181 6.32 45.23 -53.92
C VAL H 181 7.62 45.53 -53.16
N PRO H 182 7.55 46.13 -51.98
CA PRO H 182 8.75 46.25 -51.15
C PRO H 182 9.20 44.88 -50.69
N PHE H 183 10.49 44.78 -50.38
CA PHE H 183 11.06 43.49 -50.01
C PHE H 183 12.18 43.71 -49.03
N ALA H 184 12.56 42.63 -48.35
CA ALA H 184 13.70 42.65 -47.45
C ALA H 184 14.21 41.22 -47.28
N HIS H 185 15.53 41.07 -47.26
CA HIS H 185 16.12 39.79 -46.93
C HIS H 185 16.04 39.57 -45.43
N THR H 186 15.50 38.41 -45.02
CA THR H 186 15.23 38.10 -43.63
C THR H 186 15.77 36.71 -43.30
N PRO H 187 17.10 36.58 -43.22
CA PRO H 187 17.68 35.25 -42.96
C PRO H 187 17.45 34.83 -41.52
N SER H 188 16.86 33.65 -41.33
CA SER H 188 16.52 33.20 -39.98
C SER H 188 17.76 32.92 -39.14
N PHE H 189 18.92 32.71 -39.77
CA PHE H 189 20.16 32.48 -39.06
C PHE H 189 20.85 33.77 -38.68
N VAL H 190 20.14 34.89 -38.67
CA VAL H 190 20.63 36.16 -38.16
C VAL H 190 19.63 36.67 -37.14
N GLY H 191 20.11 37.02 -35.96
CA GLY H 191 19.25 37.66 -34.98
C GLY H 191 18.07 36.80 -34.60
N SER H 192 16.89 37.41 -34.61
CA SER H 192 15.66 36.74 -34.18
C SER H 192 14.48 37.44 -34.84
N HIS H 193 13.27 37.13 -34.36
CA HIS H 193 12.06 37.65 -34.98
C HIS H 193 12.01 39.16 -34.99
N VAL H 194 12.54 39.80 -33.93
CA VAL H 194 12.49 41.26 -33.88
C VAL H 194 13.38 41.87 -34.97
N THR H 195 14.46 41.18 -35.35
CA THR H 195 15.31 41.65 -36.44
C THR H 195 14.56 41.66 -37.76
N GLY H 196 13.76 40.62 -38.03
CA GLY H 196 12.99 40.59 -39.26
C GLY H 196 12.01 41.73 -39.37
N TRP H 197 11.39 42.10 -38.24
CA TRP H 197 10.51 43.26 -38.23
C TRP H 197 11.27 44.50 -38.68
N ASP H 198 12.45 44.73 -38.09
CA ASP H 198 13.29 45.86 -38.47
C ASP H 198 13.59 45.82 -39.96
N ASN H 199 14.06 44.67 -40.46
CA ASN H 199 14.44 44.57 -41.85
C ASN H 199 13.24 44.83 -42.77
N MET H 200 12.08 44.29 -42.42
CA MET H 200 10.91 44.47 -43.28
C MET H 200 10.45 45.92 -43.29
N PHE H 201 10.49 46.58 -42.13
CA PHE H 201 10.04 47.97 -42.07
C PHE H 201 10.96 48.88 -42.89
N GLU H 202 12.27 48.74 -42.69
CA GLU H 202 13.23 49.56 -43.43
C GLU H 202 13.10 49.30 -44.93
N GLY H 203 12.81 48.05 -45.32
CA GLY H 203 12.61 47.75 -46.72
C GLY H 203 11.36 48.43 -47.27
N ILE H 204 10.31 48.52 -46.47
CA ILE H 204 9.10 49.23 -46.90
C ILE H 204 9.35 50.74 -46.94
N ALA H 205 9.97 51.27 -45.88
CA ALA H 205 10.24 52.72 -45.86
C ALA H 205 11.07 53.15 -47.05
N ARG H 206 12.09 52.35 -47.39
CA ARG H 206 12.92 52.68 -48.55
C ARG H 206 12.09 52.69 -49.82
N TYR H 207 11.23 51.69 -50.00
CA TYR H 207 10.49 51.56 -51.25
C TYR H 207 9.70 52.82 -51.57
N PHE H 208 9.14 53.47 -50.53
CA PHE H 208 8.22 54.57 -50.75
C PHE H 208 8.85 55.95 -50.64
N THR H 209 10.12 56.05 -50.25
CA THR H 209 10.73 57.35 -50.00
C THR H 209 12.13 57.54 -50.58
N LEU H 210 12.88 56.47 -50.83
CA LEU H 210 14.28 56.65 -51.17
C LEU H 210 14.45 57.46 -52.44
N LYS H 211 13.71 57.12 -53.50
CA LYS H 211 13.87 57.77 -54.79
C LYS H 211 13.02 59.02 -54.94
N SER H 212 12.38 59.46 -53.87
CA SER H 212 11.55 60.67 -53.88
C SER H 212 11.86 61.49 -52.64
N MET H 213 13.14 61.65 -52.33
CA MET H 213 13.53 62.51 -51.23
C MET H 213 13.70 63.97 -51.65
N ASP H 214 13.76 64.24 -52.96
CA ASP H 214 13.91 65.61 -53.41
C ASP H 214 12.78 66.49 -52.91
N ASP H 215 11.58 65.93 -52.75
CA ASP H 215 10.40 66.73 -52.45
C ASP H 215 10.07 66.77 -50.97
N LYS H 216 10.98 66.36 -50.09
CA LYS H 216 10.66 66.25 -48.67
C LYS H 216 11.22 67.41 -47.87
N VAL H 217 10.39 67.95 -46.99
CA VAL H 217 10.72 69.06 -46.12
C VAL H 217 10.35 68.63 -44.71
N VAL H 218 11.35 68.50 -43.83
CA VAL H 218 11.09 68.04 -42.48
C VAL H 218 10.17 69.03 -41.78
N GLY H 219 9.16 68.51 -41.10
CA GLY H 219 8.23 69.31 -40.34
C GLY H 219 7.10 69.92 -41.13
N SER H 220 7.06 69.72 -42.45
CA SER H 220 6.08 70.39 -43.27
C SER H 220 4.66 69.85 -43.09
N ASN H 221 4.51 68.61 -42.66
CA ASN H 221 3.18 68.05 -42.43
C ASN H 221 2.75 68.12 -40.96
N LYS H 222 3.63 68.59 -40.07
CA LYS H 222 3.28 68.87 -38.68
C LYS H 222 2.86 67.62 -37.93
N LYS H 223 3.42 66.47 -38.31
CA LYS H 223 3.13 65.20 -37.64
C LYS H 223 4.40 64.62 -37.02
N ILE H 224 4.20 63.63 -36.17
CA ILE H 224 5.28 62.83 -35.59
C ILE H 224 5.06 61.38 -36.01
N ASN H 225 6.09 60.76 -36.57
CA ASN H 225 6.01 59.35 -36.92
C ASN H 225 6.28 58.48 -35.69
N ILE H 226 5.50 57.41 -35.56
CA ILE H 226 5.62 56.45 -34.47
C ILE H 226 5.83 55.09 -35.09
N VAL H 227 6.95 54.45 -34.77
CA VAL H 227 7.26 53.10 -35.22
C VAL H 227 7.10 52.16 -34.01
N PRO H 228 6.15 51.23 -34.04
CA PRO H 228 5.87 50.46 -32.82
C PRO H 228 6.83 49.29 -32.62
N GLY H 229 7.36 48.77 -33.71
CA GLY H 229 8.19 47.57 -33.64
C GLY H 229 7.34 46.32 -33.47
N PHE H 230 8.05 45.21 -33.21
CA PHE H 230 7.37 43.94 -33.00
C PHE H 230 6.51 44.06 -31.74
N GLU H 231 5.20 44.08 -31.91
CA GLU H 231 4.26 44.39 -30.85
C GLU H 231 3.08 43.44 -30.96
N THR H 232 2.79 42.70 -29.88
CA THR H 232 1.77 41.66 -29.88
C THR H 232 0.69 41.88 -28.83
N TYR H 233 0.64 43.05 -28.22
CA TYR H 233 -0.47 43.46 -27.35
C TYR H 233 -1.28 44.52 -28.08
N LEU H 234 -2.53 44.19 -28.42
CA LEU H 234 -3.37 45.15 -29.14
C LEU H 234 -3.49 46.46 -28.37
N GLY H 235 -3.63 46.38 -27.05
CA GLY H 235 -3.74 47.59 -26.24
C GLY H 235 -2.58 48.53 -26.38
N ASN H 236 -1.41 48.03 -26.79
CA ASN H 236 -0.23 48.89 -26.89
C ASN H 236 -0.34 49.82 -28.10
N PHE H 237 -0.84 49.31 -29.22
CA PHE H 237 -1.15 50.18 -30.35
C PHE H 237 -2.22 51.20 -29.97
N ARG H 238 -3.27 50.76 -29.25
CA ARG H 238 -4.40 51.64 -28.97
C ARG H 238 -4.06 52.69 -27.93
N VAL H 239 -3.23 52.35 -26.96
CA VAL H 239 -2.90 53.31 -25.91
C VAL H 239 -2.04 54.44 -26.46
N ILE H 240 -1.11 54.12 -27.37
CA ILE H 240 -0.30 55.17 -27.99
C ILE H 240 -1.17 56.10 -28.81
N LYS H 241 -2.05 55.55 -29.66
CA LYS H 241 -2.98 56.38 -30.41
C LYS H 241 -3.88 57.18 -29.48
N ARG H 242 -4.24 56.60 -28.33
CA ARG H 242 -5.14 57.27 -27.41
C ARG H 242 -4.47 58.48 -26.74
N MET H 243 -3.24 58.31 -26.25
CA MET H 243 -2.58 59.41 -25.57
C MET H 243 -2.22 60.54 -26.53
N LEU H 244 -1.86 60.21 -27.78
CA LEU H 244 -1.45 61.25 -28.72
C LEU H 244 -2.66 62.07 -29.19
N SER H 245 -3.79 61.42 -29.45
CA SER H 245 -5.00 62.16 -29.76
C SER H 245 -5.44 63.01 -28.56
N GLU H 246 -5.20 62.51 -27.35
CA GLU H 246 -5.56 63.25 -26.14
C GLU H 246 -4.79 64.57 -26.05
N MET H 247 -3.53 64.57 -26.50
CA MET H 247 -2.76 65.80 -26.55
C MET H 247 -3.00 66.60 -27.83
N GLY H 248 -3.86 66.12 -28.73
CA GLY H 248 -4.07 66.78 -30.00
C GLY H 248 -2.84 66.80 -30.88
N VAL H 249 -2.00 65.76 -30.80
CA VAL H 249 -0.75 65.70 -31.55
C VAL H 249 -1.02 64.98 -32.87
N GLY H 250 -0.67 65.63 -33.97
CA GLY H 250 -0.73 64.97 -35.26
C GLY H 250 0.36 63.92 -35.37
N TYR H 251 -0.02 62.72 -35.80
CA TYR H 251 0.90 61.58 -35.80
C TYR H 251 0.59 60.66 -36.96
N SER H 252 1.53 59.75 -37.22
CA SER H 252 1.34 58.68 -38.18
C SER H 252 1.97 57.43 -37.59
N LEU H 253 1.15 56.42 -37.31
CA LEU H 253 1.63 55.14 -36.81
C LEU H 253 1.97 54.26 -38.00
N LEU H 254 3.23 53.95 -38.17
CA LEU H 254 3.73 53.22 -39.34
C LEU H 254 3.79 51.74 -38.96
N SER H 255 2.94 50.94 -39.61
CA SER H 255 2.69 49.53 -39.29
C SER H 255 1.66 49.44 -38.17
N ASP H 256 0.39 49.30 -38.53
CA ASP H 256 -0.72 49.34 -37.57
C ASP H 256 -1.70 48.21 -37.84
N PRO H 257 -1.47 47.03 -37.25
CA PRO H 257 -2.34 45.88 -37.49
C PRO H 257 -3.51 45.74 -36.52
N GLU H 258 -3.79 46.74 -35.67
CA GLU H 258 -4.73 46.52 -34.58
C GLU H 258 -6.16 46.32 -35.10
N GLU H 259 -6.50 46.92 -36.24
CA GLU H 259 -7.83 46.69 -36.82
C GLU H 259 -7.95 45.29 -37.37
N VAL H 260 -6.93 44.83 -38.10
CA VAL H 260 -7.02 43.55 -38.79
C VAL H 260 -6.84 42.37 -37.83
N LEU H 261 -6.23 42.58 -36.67
CA LEU H 261 -6.12 41.54 -35.66
C LEU H 261 -7.24 41.63 -34.62
N ASP H 262 -8.33 42.30 -34.96
CA ASP H 262 -9.44 42.44 -34.02
C ASP H 262 -10.69 42.81 -34.79
N THR H 263 -10.94 42.11 -35.91
CA THR H 263 -12.14 42.35 -36.69
C THR H 263 -13.35 41.71 -36.02
N PRO H 264 -14.52 42.33 -36.11
CA PRO H 264 -15.70 41.78 -35.45
C PRO H 264 -16.18 40.50 -36.11
N ALA H 265 -16.80 39.64 -35.30
CA ALA H 265 -17.45 38.43 -35.80
C ALA H 265 -18.91 38.79 -36.07
N ASP H 266 -19.14 39.33 -37.27
CA ASP H 266 -20.45 39.85 -37.66
C ASP H 266 -20.99 39.17 -38.91
N GLY H 267 -20.44 38.03 -39.29
CA GLY H 267 -20.91 37.27 -40.42
C GLY H 267 -20.04 37.35 -41.65
N GLN H 268 -19.01 38.19 -41.65
CA GLN H 268 -18.15 38.33 -42.81
C GLN H 268 -16.69 38.30 -42.38
N PHE H 269 -15.86 37.60 -43.16
CA PHE H 269 -14.43 37.54 -42.91
C PHE H 269 -13.72 38.65 -43.68
N ARG H 270 -13.03 39.52 -42.96
CA ARG H 270 -12.29 40.62 -43.54
C ARG H 270 -10.81 40.24 -43.55
N MET H 271 -10.30 39.87 -44.73
CA MET H 271 -8.88 39.54 -44.82
C MET H 271 -8.01 40.76 -44.51
N TYR H 272 -8.47 41.96 -44.88
CA TYR H 272 -7.76 43.21 -44.61
C TYR H 272 -8.66 44.13 -43.81
N ALA H 273 -8.04 44.97 -42.99
CA ALA H 273 -8.77 45.98 -42.24
C ALA H 273 -7.80 47.03 -41.73
N GLY H 274 -8.11 48.30 -41.99
CA GLY H 274 -7.31 49.39 -41.45
C GLY H 274 -5.90 49.37 -42.00
N GLY H 275 -4.96 49.72 -41.13
CA GLY H 275 -3.56 49.66 -41.47
C GLY H 275 -2.99 50.99 -41.91
N THR H 276 -1.66 51.09 -41.90
CA THR H 276 -0.98 52.27 -42.39
C THR H 276 -1.12 52.37 -43.90
N THR H 277 -1.47 53.55 -44.39
CA THR H 277 -1.70 53.74 -45.81
C THR H 277 -0.37 53.94 -46.54
N GLN H 278 -0.37 53.63 -47.84
CA GLN H 278 0.83 53.88 -48.64
C GLN H 278 1.16 55.36 -48.68
N GLU H 279 0.12 56.22 -48.71
CA GLU H 279 0.36 57.66 -48.65
C GLU H 279 1.02 58.06 -47.34
N GLU H 280 0.70 57.37 -46.23
CA GLU H 280 1.32 57.69 -44.96
C GLU H 280 2.81 57.39 -44.97
N MET H 281 3.23 56.35 -45.70
CA MET H 281 4.66 56.10 -45.88
C MET H 281 5.28 57.15 -46.79
N LYS H 282 4.64 57.43 -47.94
CA LYS H 282 5.20 58.37 -48.89
C LYS H 282 5.36 59.75 -48.27
N ASP H 283 4.44 60.14 -47.39
CA ASP H 283 4.46 61.46 -46.76
C ASP H 283 5.27 61.49 -45.47
N ALA H 284 5.77 60.33 -45.02
CA ALA H 284 6.43 60.29 -43.71
C ALA H 284 7.65 61.18 -43.61
N PRO H 285 8.54 61.28 -44.61
CA PRO H 285 9.72 62.15 -44.47
C PRO H 285 9.37 63.60 -44.18
N ASN H 286 8.14 64.02 -44.47
CA ASN H 286 7.69 65.39 -44.19
C ASN H 286 7.29 65.59 -42.73
N ALA H 287 7.54 64.60 -41.87
CA ALA H 287 7.15 64.70 -40.47
C ALA H 287 8.15 65.55 -39.70
N LEU H 288 7.69 66.03 -38.53
CA LEU H 288 8.56 66.77 -37.64
C LEU H 288 9.73 65.92 -37.18
N ASN H 289 9.46 64.65 -36.87
CA ASN H 289 10.45 63.72 -36.34
C ASN H 289 9.85 62.31 -36.38
N THR H 290 10.66 61.33 -36.02
CA THR H 290 10.24 59.95 -35.97
C THR H 290 10.70 59.32 -34.65
N VAL H 291 9.74 58.75 -33.92
CA VAL H 291 9.98 58.17 -32.60
C VAL H 291 9.88 56.65 -32.72
N LEU H 292 10.86 55.95 -32.16
CA LEU H 292 10.89 54.49 -32.16
C LEU H 292 10.51 54.00 -30.77
N LEU H 293 9.41 53.24 -30.70
CA LEU H 293 8.90 52.78 -29.41
C LEU H 293 9.75 51.66 -28.82
N GLN H 294 10.47 50.91 -29.64
CA GLN H 294 11.31 49.81 -29.19
C GLN H 294 12.66 49.94 -29.89
N PRO H 295 13.49 50.90 -29.44
CA PRO H 295 14.70 51.23 -30.20
C PRO H 295 15.71 50.12 -30.30
N TRP H 296 15.69 49.15 -29.39
CA TRP H 296 16.75 48.13 -29.36
C TRP H 296 16.59 47.06 -30.42
N HIS H 297 15.49 47.06 -31.19
CA HIS H 297 15.40 46.25 -32.40
C HIS H 297 14.90 47.08 -33.58
N LEU H 298 15.19 48.37 -33.60
CA LEU H 298 14.88 49.23 -34.73
C LEU H 298 16.13 49.99 -35.17
N GLU H 299 17.29 49.33 -35.11
CA GLU H 299 18.55 50.01 -35.40
C GLU H 299 18.71 50.27 -36.89
N LYS H 300 18.23 49.35 -37.73
CA LYS H 300 18.32 49.57 -39.18
C LYS H 300 17.34 50.64 -39.62
N THR H 301 16.12 50.64 -39.08
CA THR H 301 15.18 51.70 -39.39
C THR H 301 15.72 53.05 -38.93
N LYS H 302 16.33 53.09 -37.75
CA LYS H 302 16.89 54.35 -37.25
C LYS H 302 17.94 54.89 -38.21
N LYS H 303 18.81 54.02 -38.72
CA LYS H 303 19.84 54.46 -39.65
C LYS H 303 19.22 55.07 -40.91
N PHE H 304 18.17 54.44 -41.44
CA PHE H 304 17.52 54.97 -42.63
C PHE H 304 16.74 56.24 -42.30
N VAL H 305 16.07 56.27 -41.15
CA VAL H 305 15.29 57.45 -40.78
C VAL H 305 16.20 58.65 -40.57
N GLU H 306 17.32 58.45 -39.86
CA GLU H 306 18.25 59.55 -39.65
C GLU H 306 19.01 59.89 -40.93
N GLY H 307 19.49 58.86 -41.63
CA GLY H 307 20.39 59.09 -42.75
C GLY H 307 19.71 59.62 -44.00
N THR H 308 18.47 59.22 -44.23
CA THR H 308 17.75 59.62 -45.44
C THR H 308 16.69 60.68 -45.15
N TRP H 309 15.80 60.44 -44.19
CA TRP H 309 14.78 61.43 -43.87
C TRP H 309 15.35 62.64 -43.15
N LYS H 310 16.55 62.51 -42.59
CA LYS H 310 17.16 63.58 -41.81
C LYS H 310 16.33 63.93 -40.57
N HIS H 311 15.67 62.95 -39.98
CA HIS H 311 14.96 63.16 -38.73
C HIS H 311 15.92 62.96 -37.56
N GLU H 312 15.83 63.85 -36.57
CA GLU H 312 16.65 63.76 -35.37
C GLU H 312 15.89 62.92 -34.35
N VAL H 313 15.96 61.60 -34.55
CA VAL H 313 15.26 60.62 -33.74
C VAL H 313 15.67 60.79 -32.28
N PRO H 314 14.72 61.06 -31.38
CA PRO H 314 15.10 61.28 -29.97
C PRO H 314 15.50 60.00 -29.27
N LYS H 315 16.38 60.15 -28.28
CA LYS H 315 16.89 59.03 -27.50
C LYS H 315 15.90 58.70 -26.39
N LEU H 316 14.89 57.91 -26.74
CA LEU H 316 13.86 57.51 -25.79
C LEU H 316 13.88 56.01 -25.59
N ASN H 317 13.70 55.59 -24.34
CA ASN H 317 13.45 54.19 -24.03
C ASN H 317 12.00 53.83 -24.36
N ILE H 318 11.71 52.54 -24.35
CA ILE H 318 10.32 52.10 -24.54
C ILE H 318 9.43 52.77 -23.50
N PRO H 319 8.25 53.27 -23.86
CA PRO H 319 7.41 53.92 -22.83
C PRO H 319 6.68 52.92 -21.94
N MET H 320 7.44 52.30 -21.03
CA MET H 320 6.91 51.39 -20.02
C MET H 320 7.24 51.92 -18.64
N GLY H 321 6.29 51.81 -17.73
CA GLY H 321 6.49 52.31 -16.38
C GLY H 321 6.18 53.79 -16.25
N LEU H 322 6.56 54.33 -15.11
CA LEU H 322 6.22 55.72 -14.82
C LEU H 322 7.22 56.68 -15.46
N ASP H 323 8.51 56.50 -15.19
CA ASP H 323 9.51 57.46 -15.65
C ASP H 323 9.57 57.52 -17.17
N TRP H 324 9.57 56.37 -17.84
CA TRP H 324 9.73 56.36 -19.29
C TRP H 324 8.45 56.75 -20.03
N THR H 325 7.29 56.57 -19.40
CA THR H 325 6.08 57.18 -19.96
C THR H 325 6.11 58.68 -19.79
N ASP H 326 6.61 59.16 -18.64
CA ASP H 326 6.81 60.60 -18.47
C ASP H 326 7.71 61.16 -19.56
N GLU H 327 8.85 60.52 -19.80
CA GLU H 327 9.82 61.05 -20.75
C GLU H 327 9.24 61.06 -22.16
N PHE H 328 8.48 60.03 -22.52
CA PHE H 328 7.87 59.98 -23.84
C PHE H 328 6.89 61.13 -24.06
N LEU H 329 6.00 61.36 -23.08
CA LEU H 329 5.02 62.43 -23.23
C LEU H 329 5.68 63.79 -23.26
N MET H 330 6.75 63.98 -22.49
CA MET H 330 7.45 65.26 -22.49
C MET H 330 8.20 65.49 -23.79
N LYS H 331 8.78 64.44 -24.36
CA LYS H 331 9.46 64.61 -25.65
C LYS H 331 8.45 64.86 -26.77
N VAL H 332 7.32 64.15 -26.75
CA VAL H 332 6.28 64.42 -27.73
C VAL H 332 5.81 65.87 -27.59
N SER H 333 5.60 66.32 -26.35
CA SER H 333 5.20 67.70 -26.13
C SER H 333 6.23 68.67 -26.71
N GLU H 334 7.52 68.36 -26.54
CA GLU H 334 8.56 69.25 -27.04
C GLU H 334 8.55 69.33 -28.57
N ILE H 335 8.38 68.20 -29.24
CA ILE H 335 8.43 68.18 -30.70
C ILE H 335 7.16 68.77 -31.30
N SER H 336 5.99 68.40 -30.76
CA SER H 336 4.74 68.85 -31.35
C SER H 336 4.35 70.26 -30.90
N GLY H 337 4.91 70.74 -29.81
CA GLY H 337 4.46 71.98 -29.22
C GLY H 337 3.15 71.87 -28.48
N GLN H 338 2.61 70.67 -28.33
CA GLN H 338 1.34 70.49 -27.64
C GLN H 338 1.58 70.25 -26.15
N PRO H 339 0.90 70.97 -25.27
CA PRO H 339 1.07 70.71 -23.83
C PRO H 339 0.47 69.37 -23.44
N ILE H 340 0.98 68.81 -22.36
CA ILE H 340 0.40 67.59 -21.78
C ILE H 340 -0.92 68.00 -21.13
N PRO H 341 -2.06 67.47 -21.57
CA PRO H 341 -3.34 67.93 -21.03
C PRO H 341 -3.59 67.43 -19.62
N ALA H 342 -4.63 67.99 -18.99
CA ALA H 342 -4.95 67.66 -17.61
C ALA H 342 -5.37 66.20 -17.46
N SER H 343 -5.96 65.61 -18.51
CA SER H 343 -6.45 64.24 -18.40
C SER H 343 -5.30 63.24 -18.25
N LEU H 344 -4.19 63.45 -18.96
CA LEU H 344 -3.04 62.56 -18.78
C LEU H 344 -2.34 62.84 -17.46
N THR H 345 -2.25 64.11 -17.07
CA THR H 345 -1.68 64.43 -15.76
C THR H 345 -2.49 63.76 -14.65
N LYS H 346 -3.81 63.70 -14.80
CA LYS H 346 -4.63 62.99 -13.82
C LYS H 346 -4.36 61.49 -13.88
N GLU H 347 -4.33 60.93 -15.09
CA GLU H 347 -4.08 59.49 -15.22
C GLU H 347 -2.77 59.11 -14.55
N ARG H 348 -1.72 59.92 -14.76
CA ARG H 348 -0.45 59.66 -14.11
C ARG H 348 -0.59 59.65 -12.59
N GLY H 349 -1.24 60.67 -12.04
CA GLY H 349 -1.42 60.71 -10.60
C GLY H 349 -2.20 59.54 -10.06
N ARG H 350 -3.11 58.98 -10.86
CA ARG H 350 -3.84 57.79 -10.44
C ARG H 350 -2.96 56.55 -10.46
N LEU H 351 -2.01 56.48 -11.39
CA LEU H 351 -1.03 55.40 -11.36
C LEU H 351 -0.19 55.49 -10.10
N VAL H 352 0.33 56.68 -9.78
CA VAL H 352 1.06 56.87 -8.54
C VAL H 352 0.17 56.48 -7.36
N ASP H 353 -1.12 56.87 -7.43
CA ASP H 353 -2.05 56.51 -6.37
C ASP H 353 -2.11 55.00 -6.17
N MET H 354 -2.08 54.23 -7.27
CA MET H 354 -2.09 52.78 -7.16
C MET H 354 -0.77 52.27 -6.60
N MET H 355 0.35 52.90 -6.96
CA MET H 355 1.65 52.42 -6.47
C MET H 355 1.76 52.58 -4.97
N THR H 356 1.23 53.68 -4.41
CA THR H 356 1.26 53.82 -2.96
C THR H 356 0.35 52.80 -2.29
N ASP H 357 -0.80 52.50 -2.90
CA ASP H 357 -1.78 51.61 -2.27
C ASP H 357 -1.34 50.16 -2.24
N SER H 358 -0.36 49.76 -3.06
CA SER H 358 0.05 48.36 -3.14
C SER H 358 1.53 48.16 -2.82
N HIS H 359 2.23 49.20 -2.37
CA HIS H 359 3.68 49.10 -2.26
C HIS H 359 4.12 48.08 -1.22
N THR H 360 3.29 47.84 -0.20
CA THR H 360 3.71 46.94 0.87
C THR H 360 3.75 45.49 0.38
N TRP H 361 2.80 45.09 -0.46
CA TRP H 361 2.82 43.71 -0.94
C TRP H 361 3.90 43.51 -2.01
N LEU H 362 4.27 44.56 -2.74
CA LEU H 362 5.26 44.42 -3.79
C LEU H 362 6.70 44.51 -3.28
N HIS H 363 6.92 45.19 -2.17
CA HIS H 363 8.29 45.46 -1.72
C HIS H 363 9.09 44.17 -1.57
N GLY H 364 10.29 44.16 -2.14
CA GLY H 364 11.24 43.09 -1.97
C GLY H 364 10.94 41.82 -2.74
N LYS H 365 9.80 41.74 -3.41
CA LYS H 365 9.45 40.53 -4.13
C LYS H 365 10.46 40.25 -5.23
N ARG H 366 10.75 38.98 -5.45
CA ARG H 366 11.85 38.54 -6.30
C ARG H 366 11.29 37.87 -7.54
N PHE H 367 11.75 38.32 -8.73
CA PHE H 367 11.20 37.86 -9.99
C PHE H 367 12.29 37.37 -10.92
N ALA H 368 11.96 36.35 -11.71
CA ALA H 368 12.70 35.97 -12.90
C ALA H 368 11.84 36.28 -14.11
N LEU H 369 12.45 36.82 -15.17
CA LEU H 369 11.67 37.32 -16.30
C LEU H 369 12.45 37.19 -17.60
N TRP H 370 11.72 37.04 -18.71
CA TRP H 370 12.35 36.98 -20.02
C TRP H 370 11.41 37.54 -21.08
N GLY H 371 11.99 37.83 -22.23
CA GLY H 371 11.27 38.43 -23.34
C GLY H 371 12.22 39.19 -24.23
N ASP H 372 11.65 40.00 -25.12
CA ASP H 372 12.45 40.75 -26.07
C ASP H 372 13.18 41.90 -25.37
N PRO H 373 14.22 42.45 -26.00
CA PRO H 373 15.07 43.41 -25.28
C PRO H 373 14.34 44.63 -24.76
N ASP H 374 13.52 45.27 -25.60
CA ASP H 374 12.84 46.49 -25.16
C ASP H 374 11.76 46.19 -24.12
N PHE H 375 11.00 45.11 -24.33
CA PHE H 375 10.02 44.70 -23.34
C PHE H 375 10.68 44.39 -22.00
N VAL H 376 11.78 43.64 -22.03
CA VAL H 376 12.42 43.20 -20.79
C VAL H 376 12.97 44.40 -20.01
N MET H 377 13.68 45.30 -20.69
CA MET H 377 14.28 46.43 -19.99
C MET H 377 13.21 47.35 -19.42
N GLY H 378 12.09 47.49 -20.12
CA GLY H 378 10.98 48.26 -19.57
C GLY H 378 10.35 47.59 -18.37
N LEU H 379 10.23 46.26 -18.43
CA LEU H 379 9.68 45.52 -17.31
C LEU H 379 10.60 45.61 -16.09
N VAL H 380 11.90 45.48 -16.30
CA VAL H 380 12.86 45.62 -15.19
C VAL H 380 12.76 47.03 -14.61
N LYS H 381 12.61 48.04 -15.47
CA LYS H 381 12.54 49.41 -14.98
C LYS H 381 11.31 49.62 -14.11
N PHE H 382 10.16 49.08 -14.52
CA PHE H 382 8.95 49.28 -13.74
C PHE H 382 9.01 48.52 -12.42
N LEU H 383 9.58 47.32 -12.43
CA LEU H 383 9.71 46.56 -11.20
C LEU H 383 10.52 47.33 -10.16
N LEU H 384 11.61 47.97 -10.59
CA LEU H 384 12.39 48.79 -9.67
C LEU H 384 11.57 49.95 -9.14
N GLU H 385 10.76 50.57 -10.00
CA GLU H 385 9.92 51.68 -9.57
C GLU H 385 8.90 51.25 -8.52
N LEU H 386 8.50 49.97 -8.55
CA LEU H 386 7.60 49.42 -7.54
C LEU H 386 8.32 49.01 -6.27
N GLY H 387 9.65 48.93 -6.29
CA GLY H 387 10.38 48.41 -5.17
C GLY H 387 10.50 46.91 -5.15
N CYS H 388 10.37 46.25 -6.30
CA CYS H 388 10.57 44.82 -6.44
C CYS H 388 12.01 44.54 -6.84
N GLU H 389 12.41 43.28 -6.68
CA GLU H 389 13.77 42.88 -7.02
C GLU H 389 13.74 41.97 -8.25
N PRO H 390 14.04 42.48 -9.44
CA PRO H 390 14.37 41.58 -10.55
C PRO H 390 15.67 40.87 -10.23
N VAL H 391 15.63 39.54 -10.24
CA VAL H 391 16.77 38.73 -9.83
C VAL H 391 17.43 38.07 -11.05
N HIS H 392 16.64 37.39 -11.88
CA HIS H 392 17.11 36.73 -13.09
C HIS H 392 16.49 37.42 -14.29
N ILE H 393 17.31 38.10 -15.08
CA ILE H 393 16.88 38.83 -16.27
C ILE H 393 17.48 38.09 -17.47
N LEU H 394 16.61 37.52 -18.30
CA LEU H 394 17.01 36.68 -19.42
C LEU H 394 16.51 37.29 -20.72
N CYS H 395 17.43 37.50 -21.66
CA CYS H 395 17.08 37.96 -23.01
C CYS H 395 17.86 37.09 -23.99
N HIS H 396 17.19 36.07 -24.54
CA HIS H 396 17.89 35.13 -25.43
C HIS H 396 18.38 35.83 -26.69
N ASN H 397 17.69 36.86 -27.15
CA ASN H 397 18.06 37.58 -28.35
C ASN H 397 18.64 38.96 -28.04
N GLY H 398 19.19 39.14 -26.83
CA GLY H 398 19.84 40.38 -26.49
C GLY H 398 21.32 40.38 -26.84
N ASN H 399 21.91 41.57 -26.79
CA ASN H 399 23.32 41.76 -27.12
C ASN H 399 24.05 42.41 -25.96
N LYS H 400 25.38 42.58 -26.12
CA LYS H 400 26.20 43.09 -25.03
C LYS H 400 25.86 44.54 -24.73
N ARG H 401 25.66 45.36 -25.77
CA ARG H 401 25.33 46.77 -25.55
C ARG H 401 24.06 46.89 -24.72
N TRP H 402 23.03 46.12 -25.08
CA TRP H 402 21.79 46.13 -24.31
C TRP H 402 22.04 45.70 -22.87
N LYS H 403 22.85 44.65 -22.68
CA LYS H 403 23.18 44.20 -21.33
C LYS H 403 23.78 45.33 -20.51
N LYS H 404 24.80 46.01 -21.06
CA LYS H 404 25.43 47.10 -20.33
C LYS H 404 24.40 48.14 -19.91
N ALA H 405 23.47 48.48 -20.82
CA ALA H 405 22.47 49.50 -20.51
C ALA H 405 21.50 49.04 -19.43
N VAL H 406 21.17 47.75 -19.40
CA VAL H 406 20.29 47.25 -18.36
C VAL H 406 21.02 47.17 -17.03
N ASP H 407 22.28 46.72 -17.05
CA ASP H 407 23.07 46.71 -15.82
C ASP H 407 23.17 48.12 -15.23
N ALA H 408 23.27 49.14 -16.10
CA ALA H 408 23.34 50.51 -15.61
C ALA H 408 22.05 50.92 -14.92
N ILE H 409 20.91 50.52 -15.46
CA ILE H 409 19.62 50.81 -14.82
C ILE H 409 19.55 50.11 -13.46
N LEU H 410 20.02 48.86 -13.39
CA LEU H 410 20.04 48.16 -12.11
C LEU H 410 20.98 48.84 -11.13
N ALA H 411 22.13 49.30 -11.60
CA ALA H 411 23.12 49.91 -10.72
C ALA H 411 22.61 51.20 -10.09
N ALA H 412 21.65 51.86 -10.72
CA ALA H 412 21.15 53.14 -10.22
C ALA H 412 20.08 52.99 -9.14
N SER H 413 19.73 51.76 -8.75
CA SER H 413 18.67 51.54 -7.78
C SER H 413 19.09 50.51 -6.75
N PRO H 414 18.73 50.72 -5.48
CA PRO H 414 19.05 49.72 -4.46
C PRO H 414 18.36 48.38 -4.68
N TYR H 415 17.27 48.36 -5.46
CA TYR H 415 16.53 47.13 -5.69
C TYR H 415 17.10 46.27 -6.80
N GLY H 416 18.18 46.73 -7.45
CA GLY H 416 18.88 45.94 -8.44
C GLY H 416 20.13 45.25 -7.92
N LYS H 417 20.34 45.22 -6.61
CA LYS H 417 21.58 44.66 -6.06
C LYS H 417 21.71 43.16 -6.27
N ASN H 418 20.58 42.45 -6.44
CA ASN H 418 20.60 41.00 -6.56
C ASN H 418 20.33 40.51 -7.98
N ALA H 419 20.36 41.40 -8.96
CA ALA H 419 20.04 41.04 -10.34
C ALA H 419 21.28 40.65 -11.12
N THR H 420 21.10 39.71 -12.04
CA THR H 420 22.12 39.39 -13.03
C THR H 420 21.43 39.29 -14.39
N VAL H 421 22.01 39.93 -15.40
CA VAL H 421 21.45 39.96 -16.74
C VAL H 421 22.12 38.88 -17.58
N TYR H 422 21.31 38.08 -18.26
CA TYR H 422 21.78 36.98 -19.08
C TYR H 422 21.34 37.17 -20.52
N ILE H 423 22.27 37.03 -21.45
CA ILE H 423 21.99 37.10 -22.88
C ILE H 423 22.48 35.80 -23.52
N GLY H 424 21.81 35.40 -24.59
CA GLY H 424 22.15 34.17 -25.27
C GLY H 424 21.80 32.91 -24.52
N LYS H 425 21.13 33.03 -23.37
CA LYS H 425 20.73 31.89 -22.56
C LYS H 425 19.25 31.60 -22.76
N ASP H 426 18.89 30.34 -22.58
CA ASP H 426 17.56 29.83 -22.90
C ASP H 426 16.82 29.44 -21.63
N LEU H 427 15.60 28.95 -21.80
CA LEU H 427 14.74 28.67 -20.65
C LEU H 427 15.17 27.40 -19.89
N TRP H 428 16.08 26.61 -20.45
CA TRP H 428 16.69 25.56 -19.63
C TRP H 428 17.77 26.14 -18.73
N HIS H 429 18.46 27.19 -19.17
CA HIS H 429 19.32 27.94 -18.26
C HIS H 429 18.49 28.53 -17.12
N LEU H 430 17.39 29.21 -17.46
CA LEU H 430 16.59 29.85 -16.43
C LEU H 430 16.04 28.83 -15.45
N ARG H 431 15.65 27.65 -15.93
CA ARG H 431 15.15 26.60 -15.05
C ARG H 431 16.15 26.32 -13.94
N SER H 432 17.44 26.22 -14.26
CA SER H 432 18.44 26.02 -13.20
C SER H 432 18.48 27.19 -12.25
N LEU H 433 18.26 28.41 -12.76
CA LEU H 433 18.38 29.59 -11.91
C LEU H 433 17.26 29.66 -10.88
N VAL H 434 16.04 29.28 -11.25
CA VAL H 434 14.94 29.33 -10.28
C VAL H 434 14.94 28.15 -9.32
N PHE H 435 15.81 27.17 -9.52
CA PHE H 435 16.02 26.10 -8.55
C PHE H 435 17.10 26.45 -7.55
N THR H 436 18.22 27.02 -8.02
CA THR H 436 19.35 27.29 -7.16
C THR H 436 19.22 28.62 -6.44
N ASP H 437 18.56 29.60 -7.04
CA ASP H 437 18.38 30.93 -6.47
C ASP H 437 16.90 31.30 -6.61
N LYS H 438 16.06 30.66 -5.80
CA LYS H 438 14.63 30.65 -6.06
C LYS H 438 14.04 32.05 -5.94
N PRO H 439 13.29 32.52 -6.95
CA PRO H 439 12.56 33.79 -6.81
C PRO H 439 11.14 33.55 -6.33
N ASP H 440 10.35 34.62 -6.21
CA ASP H 440 8.96 34.44 -5.82
C ASP H 440 8.08 34.09 -7.02
N PHE H 441 8.33 34.70 -8.18
CA PHE H 441 7.53 34.44 -9.37
C PHE H 441 8.40 34.51 -10.63
N MET H 442 7.89 33.92 -11.71
CA MET H 442 8.40 34.16 -13.05
C MET H 442 7.46 35.11 -13.79
N ILE H 443 8.02 35.99 -14.61
CA ILE H 443 7.24 36.80 -15.53
C ILE H 443 7.70 36.43 -16.92
N GLY H 444 6.83 35.78 -17.69
CA GLY H 444 7.24 35.34 -19.01
C GLY H 444 6.06 34.82 -19.80
N ASN H 445 6.37 34.12 -20.88
CA ASN H 445 5.36 33.62 -21.79
C ASN H 445 4.97 32.19 -21.40
N SER H 446 4.11 31.57 -22.22
CA SER H 446 3.49 30.31 -21.83
C SER H 446 4.53 29.20 -21.64
N TYR H 447 5.65 29.26 -22.35
CA TYR H 447 6.66 28.23 -22.20
C TYR H 447 7.14 28.12 -20.75
N GLY H 448 6.97 29.18 -19.96
CA GLY H 448 7.34 29.15 -18.57
C GLY H 448 6.52 28.21 -17.71
N LYS H 449 5.40 27.72 -18.24
CA LYS H 449 4.55 26.83 -17.45
C LYS H 449 5.23 25.50 -17.16
N PHE H 450 6.18 25.09 -18.02
CA PHE H 450 6.89 23.84 -17.81
C PHE H 450 7.98 23.99 -16.76
N ILE H 451 8.50 25.20 -16.57
CA ILE H 451 9.40 25.44 -15.44
C ILE H 451 8.62 25.40 -14.14
N GLN H 452 7.44 26.01 -14.10
CA GLN H 452 6.61 25.93 -12.89
C GLN H 452 6.25 24.48 -12.58
N ARG H 453 5.95 23.69 -13.61
CA ARG H 453 5.68 22.27 -13.40
C ARG H 453 6.89 21.58 -12.79
N ASP H 454 8.09 21.89 -13.29
CA ASP H 454 9.29 21.25 -12.77
C ASP H 454 9.56 21.64 -11.31
N THR H 455 9.41 22.93 -10.99
CA THR H 455 9.68 23.35 -9.61
C THR H 455 8.72 22.69 -8.64
N LEU H 456 7.43 22.65 -8.98
CA LEU H 456 6.47 21.99 -8.11
C LEU H 456 6.85 20.54 -7.85
N HIS H 457 7.40 19.86 -8.87
CA HIS H 457 7.78 18.45 -8.70
C HIS H 457 8.81 18.27 -7.60
N LYS H 458 9.68 19.26 -7.39
CA LYS H 458 10.59 19.19 -6.25
C LYS H 458 9.85 19.33 -4.92
N GLY H 459 8.77 20.09 -4.91
CA GLY H 459 8.01 20.31 -3.69
C GLY H 459 7.23 21.59 -3.77
N LYS H 460 6.15 21.65 -2.99
CA LYS H 460 5.30 22.84 -3.02
C LYS H 460 6.06 24.06 -2.55
N GLU H 461 6.99 23.90 -1.60
CA GLU H 461 7.74 25.04 -1.09
C GLU H 461 8.74 25.57 -2.11
N PHE H 462 9.04 24.81 -3.16
CA PHE H 462 9.98 25.23 -4.19
C PHE H 462 9.31 25.80 -5.43
N GLU H 463 7.98 25.75 -5.49
CA GLU H 463 7.27 26.11 -6.71
C GLU H 463 7.42 27.59 -7.01
N VAL H 464 7.64 27.90 -8.29
CA VAL H 464 7.75 29.26 -8.76
C VAL H 464 6.60 29.51 -9.73
N PRO H 465 5.55 30.23 -9.30
CA PRO H 465 4.42 30.46 -10.20
C PRO H 465 4.76 31.38 -11.36
N LEU H 466 4.08 31.16 -12.50
CA LEU H 466 4.28 31.94 -13.71
C LEU H 466 3.24 33.03 -13.82
N ILE H 467 3.69 34.26 -14.03
CA ILE H 467 2.83 35.39 -14.36
C ILE H 467 2.99 35.65 -15.86
N ARG H 468 1.89 35.58 -16.60
CA ARG H 468 1.96 35.52 -18.06
C ARG H 468 1.94 36.93 -18.64
N ILE H 469 3.12 37.45 -18.97
CA ILE H 469 3.27 38.72 -19.66
C ILE H 469 4.33 38.51 -20.75
N GLY H 470 3.94 38.73 -22.00
CA GLY H 470 4.90 38.59 -23.09
C GLY H 470 4.32 37.96 -24.34
N PHE H 471 5.15 37.25 -25.09
CA PHE H 471 4.70 36.60 -26.31
C PHE H 471 5.53 35.35 -26.52
N PRO H 472 4.92 34.19 -26.82
CA PRO H 472 3.47 33.97 -27.00
C PRO H 472 2.73 33.53 -25.74
N ILE H 473 1.45 33.83 -25.70
CA ILE H 473 0.55 33.36 -24.64
C ILE H 473 -0.48 32.48 -25.32
N PHE H 474 -0.34 31.17 -25.15
CA PHE H 474 -1.16 30.19 -25.84
C PHE H 474 -2.19 29.51 -24.95
N ASP H 475 -1.97 29.49 -23.64
CA ASP H 475 -2.80 28.72 -22.72
C ASP H 475 -3.71 29.59 -21.86
N ARG H 476 -3.89 30.86 -22.23
CA ARG H 476 -4.95 31.69 -21.71
C ARG H 476 -5.58 32.44 -22.87
N HIS H 477 -6.84 32.83 -22.71
CA HIS H 477 -7.58 33.48 -23.79
C HIS H 477 -7.58 34.99 -23.64
N HIS H 478 -7.34 35.68 -24.75
CA HIS H 478 -7.59 37.10 -24.94
C HIS H 478 -6.66 38.01 -24.14
N LEU H 479 -5.54 37.50 -23.63
CA LEU H 479 -4.59 38.39 -22.97
C LEU H 479 -3.91 39.31 -23.97
N HIS H 480 -3.92 38.98 -25.25
CA HIS H 480 -3.37 39.84 -26.29
C HIS H 480 -4.10 41.17 -26.41
N ARG H 481 -5.28 41.31 -25.80
CA ARG H 481 -6.02 42.56 -25.84
C ARG H 481 -5.52 43.57 -24.81
N SER H 482 -4.73 43.13 -23.85
CA SER H 482 -4.37 43.96 -22.70
C SER H 482 -3.31 44.98 -23.14
N THR H 483 -2.76 45.71 -22.16
CA THR H 483 -1.82 46.80 -22.41
C THR H 483 -0.63 46.65 -21.48
N THR H 484 0.55 47.04 -21.98
CA THR H 484 1.76 47.13 -21.16
C THR H 484 2.42 48.49 -21.23
N LEU H 485 2.15 49.31 -22.24
CA LEU H 485 2.78 50.60 -22.42
C LEU H 485 1.98 51.71 -21.73
N GLY H 486 2.67 52.80 -21.45
CA GLY H 486 2.04 53.98 -20.89
C GLY H 486 1.59 53.76 -19.45
N TYR H 487 0.87 54.76 -18.95
CA TYR H 487 0.29 54.65 -17.61
C TYR H 487 -0.75 53.54 -17.57
N GLU H 488 -1.56 53.43 -18.62
CA GLU H 488 -2.59 52.39 -18.68
C GLU H 488 -1.97 51.00 -18.58
N GLY H 489 -0.89 50.77 -19.31
CA GLY H 489 -0.22 49.48 -19.23
C GLY H 489 0.43 49.25 -17.88
N ALA H 490 0.96 50.31 -17.28
CA ALA H 490 1.58 50.17 -15.97
C ALA H 490 0.55 49.77 -14.92
N MET H 491 -0.63 50.38 -14.96
CA MET H 491 -1.68 50.01 -14.00
C MET H 491 -2.03 48.53 -14.13
N GLN H 492 -2.07 48.01 -15.35
CA GLN H 492 -2.46 46.62 -15.54
C GLN H 492 -1.38 45.68 -15.02
N ILE H 493 -0.11 45.97 -15.32
CA ILE H 493 0.98 45.13 -14.80
C ILE H 493 0.97 45.15 -13.28
N LEU H 494 0.89 46.35 -12.69
CA LEU H 494 0.90 46.45 -11.23
C LEU H 494 -0.24 45.65 -10.63
N THR H 495 -1.45 45.81 -11.16
CA THR H 495 -2.59 45.06 -10.64
C THR H 495 -2.35 43.55 -10.76
N THR H 496 -1.80 43.12 -11.90
CA THR H 496 -1.54 41.71 -12.11
C THR H 496 -0.49 41.18 -11.15
N LEU H 497 0.57 41.96 -10.92
CA LEU H 497 1.62 41.52 -10.00
C LEU H 497 1.07 41.40 -8.59
N VAL H 498 0.48 42.47 -8.07
CA VAL H 498 0.07 42.48 -6.66
C VAL H 498 -0.99 41.42 -6.40
N ASN H 499 -1.88 41.19 -7.36
CA ASN H 499 -2.93 40.19 -7.17
C ASN H 499 -2.42 38.77 -7.38
N SER H 500 -1.35 38.60 -8.17
CA SER H 500 -0.68 37.31 -8.21
C SER H 500 -0.07 36.99 -6.84
N ILE H 501 0.55 37.98 -6.21
CA ILE H 501 1.15 37.78 -4.89
C ILE H 501 0.08 37.43 -3.86
N LEU H 502 -1.10 38.04 -3.96
CA LEU H 502 -2.15 37.78 -2.97
C LEU H 502 -2.82 36.43 -3.22
N GLU H 503 -2.97 36.04 -4.49
CA GLU H 503 -3.52 34.72 -4.78
C GLU H 503 -2.63 33.63 -4.20
N ARG H 504 -1.32 33.73 -4.41
CA ARG H 504 -0.40 32.72 -3.90
C ARG H 504 -0.36 32.72 -2.37
N LEU H 505 -0.54 33.89 -1.74
CA LEU H 505 -0.65 33.94 -0.29
C LEU H 505 -1.92 33.24 0.18
N ASP H 506 -3.04 33.47 -0.52
CA ASP H 506 -4.29 32.83 -0.13
C ASP H 506 -4.21 31.32 -0.26
N GLU H 507 -3.57 30.81 -1.30
CA GLU H 507 -3.41 29.36 -1.42
C GLU H 507 -2.53 28.82 -0.30
N GLU H 508 -1.48 29.54 0.07
CA GLU H 508 -0.57 29.08 1.10
C GLU H 508 -1.16 29.18 2.50
N THR H 509 -2.20 30.01 2.67
CA THR H 509 -2.86 30.18 3.96
C THR H 509 -4.28 29.64 3.95
N ARG H 510 -4.59 28.72 3.05
CA ARG H 510 -5.94 28.16 2.97
C ARG H 510 -6.12 26.93 3.86
N GLY H 511 -5.03 26.38 4.39
CA GLY H 511 -5.10 25.17 5.19
C GLY H 511 -5.70 25.43 6.57
N MET H 512 -6.82 24.79 6.88
CA MET H 512 -7.52 25.04 8.12
C MET H 512 -6.73 24.51 9.33
N GLN H 513 -6.65 25.33 10.36
CA GLN H 513 -6.03 24.96 11.63
C GLN H 513 -4.53 24.71 11.47
N ALA H 514 -4.00 24.96 10.28
CA ALA H 514 -2.57 24.87 10.02
C ALA H 514 -2.01 26.22 9.60
N THR H 515 -2.48 26.79 8.49
CA THR H 515 -1.98 28.05 7.99
C THR H 515 -3.06 29.11 7.79
N ASP H 516 -4.34 28.79 8.03
CA ASP H 516 -5.42 29.74 7.77
C ASP H 516 -5.58 30.76 8.88
N TYR H 517 -4.68 30.79 9.86
CA TYR H 517 -4.67 31.92 10.78
C TYR H 517 -4.31 33.21 10.07
N ASN H 518 -3.61 33.12 8.93
CA ASN H 518 -3.24 34.26 8.11
C ASN H 518 -4.10 34.39 6.86
N HIS H 519 -5.28 33.77 6.85
CA HIS H 519 -6.19 33.83 5.71
C HIS H 519 -7.09 35.07 5.85
N ASP H 520 -6.44 36.23 5.86
CA ASP H 520 -7.14 37.48 6.15
C ASP H 520 -8.22 37.77 5.12
N LEU H 521 -9.33 38.32 5.60
CA LEU H 521 -10.36 38.81 4.68
C LEU H 521 -9.88 40.07 3.97
N VAL H 522 -9.13 40.91 4.66
CA VAL H 522 -8.70 42.21 4.15
C VAL H 522 -7.19 42.21 3.94
N ARG H 523 -6.77 42.54 2.74
CA ARG H 523 -5.34 42.68 2.42
C ARG H 523 -5.06 44.05 1.81
C1 HCA I . 16.14 -53.67 -12.67
C2 HCA I . 15.52 -53.82 -11.30
C3 HCA I . 13.99 -53.75 -11.31
C4 HCA I . 13.46 -52.32 -11.39
C5 HCA I . 12.02 -52.26 -10.89
C6 HCA I . 11.27 -51.11 -11.50
C7 HCA I . 13.45 -54.41 -10.07
O1 HCA I . 17.15 -52.95 -12.83
O2 HCA I . 15.69 -54.28 -13.67
O3 HCA I . 10.31 -50.60 -10.88
O4 HCA I . 11.57 -50.65 -12.64
O5 HCA I . 13.93 -54.16 -8.94
O6 HCA I . 12.50 -55.23 -10.13
O7 HCA I . 13.51 -54.46 -12.47
FE1 ICS J . 13.41 -63.06 -13.81
MO1 ICS J . 12.38 -56.43 -12.17
FE2 ICS J . 13.20 -61.31 -11.82
FE3 ICS J . 11.81 -61.02 -14.05
FE4 ICS J . 14.41 -60.63 -14.07
FE5 ICS J . 14.03 -58.11 -13.41
FE6 ICS J . 12.79 -58.87 -11.25
FE7 ICS J . 11.43 -58.53 -13.46
CX ICS J . 12.95 -59.76 -13.04
S1A ICS J . 15.13 -62.20 -12.59
S1B ICS J . 14.39 -57.30 -11.34
S2A ICS J . 11.58 -62.70 -12.53
S2B ICS J . 12.99 -60.47 -9.79
S3A ICS J . 15.81 -58.94 -14.53
S3B ICS J . 10.76 -57.96 -11.40
S4A ICS J . 13.20 -61.74 -15.66
S4B ICS J . 12.48 -56.85 -14.47
S5A ICS J . 10.07 -59.81 -14.65
C1 GOL K . 13.49 -87.91 -11.88
O1 GOL K . 13.17 -87.74 -10.54
C2 GOL K . 14.93 -87.39 -12.05
O2 GOL K . 15.72 -87.70 -10.95
C3 GOL K . 15.44 -88.06 -13.37
O3 GOL K . 16.76 -87.61 -13.61
C1 GOL L . 26.64 -71.32 -23.23
O1 GOL L . 25.92 -70.87 -24.34
C2 GOL L . 26.36 -70.35 -22.05
O2 GOL L . 27.27 -69.30 -21.99
C3 GOL L . 26.37 -71.22 -20.77
O3 GOL L . 26.27 -70.33 -19.69
S SO4 M . -12.77 -55.51 2.79
O1 SO4 M . -12.65 -54.96 4.14
O2 SO4 M . -13.90 -56.43 2.71
O3 SO4 M . -11.54 -56.24 2.46
O4 SO4 M . -12.96 -54.41 1.85
S1 1CL N . 27.63 -46.35 -15.26
FE1 1CL N . 27.34 -48.28 -16.64
FE2 1CL N . 25.33 -47.00 -15.92
FE3 1CL N . 25.13 -49.71 -15.75
FE4 1CL N . 26.65 -48.17 -14.12
FE5 1CL N . 26.99 -45.56 -11.91
FE6 1CL N . 29.02 -43.06 -14.05
FE7 1CL N . 26.66 -42.87 -12.68
FE8 1CL N . 26.26 -44.50 -14.83
S2A 1CL N . 25.30 -48.49 -17.67
S2B 1CL N . 28.57 -43.93 -11.96
S3A 1CL N . 27.35 -50.08 -15.19
S3B 1CL N . 27.00 -42.35 -14.91
S4A 1CL N . 24.37 -48.19 -14.25
S4B 1CL N . 25.14 -44.57 -12.82
C1 GOL O . 14.31 -29.19 30.50
O1 GOL O . 13.03 -29.00 29.98
C2 GOL O . 14.80 -30.57 29.98
O2 GOL O . 16.08 -30.49 29.46
C3 GOL O . 14.71 -31.54 31.18
O3 GOL O . 15.43 -32.70 30.82
C1 GOL P . 37.93 -41.11 14.21
O1 GOL P . 37.88 -40.50 15.50
C2 GOL P . 39.13 -42.00 14.07
O2 GOL P . 40.30 -41.33 14.51
C3 GOL P . 38.99 -43.34 14.78
O3 GOL P . 38.50 -43.18 16.11
C1 GOL Q . 31.22 -18.42 3.22
O1 GOL Q . 32.61 -18.38 2.89
C2 GOL Q . 30.46 -19.37 2.32
O2 GOL Q . 29.69 -20.28 3.10
C3 GOL Q . 29.58 -18.68 1.31
O3 GOL Q . 29.49 -17.28 1.55
C1 GOL R . 39.72 -60.71 16.07
O1 GOL R . 39.90 -61.56 14.94
C2 GOL R . 38.45 -61.07 16.82
O2 GOL R . 38.21 -60.09 17.85
C3 GOL R . 37.24 -61.20 15.94
O3 GOL R . 36.03 -61.27 16.70
C1 GOL S . 19.99 -60.46 21.13
O1 GOL S . 21.23 -59.76 21.07
C2 GOL S . 19.89 -61.49 20.04
O2 GOL S . 18.52 -61.66 19.64
C3 GOL S . 20.47 -62.84 20.43
O3 GOL S . 21.90 -62.80 20.42
S SO4 T . 41.27 -30.43 -1.40
O1 SO4 T . 41.39 -29.16 -0.69
O2 SO4 T . 42.05 -31.44 -0.70
O3 SO4 T . 39.86 -30.83 -1.44
O4 SO4 T . 41.77 -30.30 -2.78
S SO4 U . -1.97 -26.12 -17.48
O1 SO4 U . -1.55 -25.10 -16.56
O2 SO4 U . -1.92 -27.40 -16.83
O3 SO4 U . -3.32 -25.85 -17.90
O4 SO4 U . -1.09 -26.13 -18.62
FE FE V . 5.08 -18.57 21.92
C1 HCA W . -2.99 -23.69 41.05
C2 HCA W . -2.25 -24.76 40.28
C3 HCA W . -0.84 -24.38 39.83
C4 HCA W . -0.79 -23.85 38.41
C5 HCA W . 0.63 -23.58 37.95
C6 HCA W . 0.85 -22.35 37.07
C7 HCA W . 0.11 -25.60 40.01
O1 HCA W . -2.33 -22.93 41.79
O2 HCA W . -4.23 -23.61 40.92
O3 HCA W . 0.06 -21.39 37.14
O4 HCA W . 1.83 -22.33 36.31
O5 HCA W . 1.30 -25.37 40.36
O6 HCA W . -0.36 -26.73 39.80
O7 HCA W . -0.36 -23.31 40.62
FE1 ICS X . 2.92 -24.92 49.16
MO1 ICS X . 1.73 -23.93 42.36
FE2 ICS X . 3.51 -23.46 47.03
FE3 ICS X . 1.03 -24.48 47.32
FE4 ICS X . 3.06 -26.05 46.80
FE5 ICS X . 2.66 -25.71 44.24
FE6 ICS X . 3.00 -23.10 44.51
FE7 ICS X . 0.63 -24.10 44.78
CX ICS X . 2.31 -24.50 45.81
S1A ICS X . 4.81 -25.08 47.89
S1B ICS X . 3.95 -24.37 42.94
S2A ICS X . 2.03 -22.91 48.63
S2B ICS X . 4.28 -21.83 45.75
S3A ICS X . 3.53 -27.56 45.20
S3B ICS X . 1.12 -22.16 43.77
S4A ICS X . 1.43 -26.45 48.35
S4B ICS X . 0.61 -25.77 43.31
S5A ICS X . -0.94 -24.14 46.34
C1 GOL Y . -7.80 -26.26 61.76
O1 GOL Y . -9.16 -26.60 61.77
C2 GOL Y . -7.57 -25.20 62.87
O2 GOL Y . -6.22 -24.95 63.09
C3 GOL Y . -8.33 -23.94 62.39
O3 GOL Y . -9.65 -24.31 62.16
S SO4 Z . 27.39 -27.94 29.50
O1 SO4 Z . 27.80 -26.71 30.19
O2 SO4 Z . 25.95 -28.14 29.67
O3 SO4 Z . 28.10 -29.07 30.09
O4 SO4 Z . 27.71 -27.82 28.09
S1 1CL AA . -16.36 -23.07 38.55
FE1 1CL AA . -15.60 -22.41 40.72
FE2 1CL AA . -13.96 -22.45 38.81
FE3 1CL AA . -13.04 -23.53 41.13
FE4 1CL AA . -14.96 -24.70 39.54
FE5 1CL AA . -16.16 -25.97 36.28
FE6 1CL AA . -18.62 -23.04 35.43
FE7 1CL AA . -16.36 -24.11 34.15
FE8 1CL AA . -15.56 -22.72 36.36
S2A 1CL AA . -13.56 -21.33 40.77
S2B 1CL AA . -18.04 -25.28 35.23
S3A 1CL AA . -15.09 -24.38 41.81
S3B 1CL AA . -16.77 -21.88 34.63
S4A 1CL AA . -12.75 -24.35 39.03
S4B 1CL AA . -14.52 -24.57 35.43
C1 GOL BA . -15.67 -9.19 -5.17
O1 GOL BA . -14.55 -9.15 -4.30
C2 GOL BA . -16.96 -9.41 -4.42
O2 GOL BA . -18.08 -9.05 -5.22
C3 GOL BA . -17.12 -10.84 -3.92
O3 GOL BA . -17.87 -10.90 -2.71
C1 GOL CA . -13.86 -58.51 39.78
O1 GOL CA . -14.88 -58.95 40.66
C2 GOL CA . -12.64 -59.38 39.85
O2 GOL CA . -12.92 -60.67 39.31
C3 GOL CA . -11.42 -58.78 39.16
O3 GOL CA . -10.42 -59.76 38.92
S SO4 DA . -30.27 -34.45 20.74
O1 SO4 DA . -30.15 -33.11 21.27
O2 SO4 DA . -29.35 -35.31 21.44
O3 SO4 DA . -29.96 -34.44 19.34
O4 SO4 DA . -31.61 -34.92 20.93
FE FE EA . 2.63 -38.02 -7.08
C1 HCA FA . -13.22 48.75 15.82
C2 HCA FA . -12.26 47.96 14.95
C3 HCA FA . -10.95 48.70 14.72
C4 HCA FA . -11.01 49.61 13.50
C5 HCA FA . -9.62 49.73 12.88
C6 HCA FA . -9.48 50.99 12.05
C7 HCA FA . -9.88 47.66 14.47
O1 HCA FA . -12.81 49.56 16.66
O2 HCA FA . -14.46 48.59 15.70
O3 HCA FA . -10.30 51.92 12.13
O4 HCA FA . -8.51 51.11 11.25
O5 HCA FA . -8.76 47.76 15.01
O6 HCA FA . -10.12 46.69 13.72
O7 HCA FA . -10.59 49.50 15.88
FE1 ICS GA . -6.36 48.22 23.67
MO1 ICS GA . -8.17 49.22 16.94
FE2 ICS GA . -6.47 47.10 21.25
FE3 ICS GA . -5.91 49.71 21.49
FE4 ICS GA . -8.35 48.81 22.02
FE5 ICS GA . -9.01 49.16 19.54
FE6 ICS GA . -7.08 47.52 18.76
FE7 ICS GA . -6.59 50.05 19.01
CX ICS GA . -7.23 48.74 20.37
S1A ICS GA . -7.96 46.74 22.91
S1B ICS GA . -9.20 47.44 18.06
S2A ICS GA . -4.63 47.97 22.23
S2B ICS GA . -6.17 45.71 19.57
S3A ICS GA . -10.42 49.26 21.30
S3B ICS GA . -5.87 48.73 17.35
S4A ICS GA . -7.16 50.32 23.27
S4B ICS GA . -8.49 51.04 18.41
S5A ICS GA . -5.09 51.24 20.12
S SO4 HA . 17.46 44.57 2.40
O1 SO4 HA . 16.83 45.72 1.76
O2 SO4 HA . 17.60 44.84 3.84
O3 SO4 HA . 16.65 43.37 2.21
O4 SO4 HA . 18.79 44.37 1.82
S1 1CL IA . -26.28 50.32 14.51
FE1 1CL IA . -25.44 51.04 16.62
FE2 1CL IA . -24.19 51.67 14.49
FE3 1CL IA . -22.66 50.77 16.58
FE4 1CL IA . -24.32 49.15 15.14
FE5 1CL IA . -25.41 48.14 11.84
FE6 1CL IA . -28.97 49.62 11.91
FE7 1CL IA . -26.80 49.87 10.10
FE8 1CL IA . -26.19 51.29 12.37
S2A 1CL IA . -23.86 52.72 16.50
S2B 1CL IA . -27.56 47.94 11.15
S3A 1CL IA . -24.20 49.27 17.43
S3B 1CL IA . -28.03 51.58 11.05
S4A 1CL IA . -22.43 50.21 14.39
S4B 1CL IA . -24.70 50.16 10.99
S SO4 JA . -42.49 40.87 -2.27
O1 SO4 JA . -43.77 41.37 -1.78
O2 SO4 JA . -41.41 41.57 -1.57
O3 SO4 JA . -42.41 39.43 -2.01
O4 SO4 JA . -42.39 41.13 -3.70
FE FE KA . -11.08 35.26 -32.51
C1 HCA LA . 1.41 19.79 -38.81
C2 HCA LA . 0.80 19.74 -37.42
C3 HCA LA . -0.73 19.75 -37.45
C4 HCA LA . -1.30 21.17 -37.40
C5 HCA LA . -2.76 21.15 -36.96
C6 HCA LA . -3.49 22.38 -37.40
C7 HCA LA . -1.22 18.97 -36.24
O1 HCA LA . 2.58 20.18 -38.97
O2 HCA LA . 0.76 19.44 -39.83
O3 HCA LA . -4.37 22.88 -36.66
O4 HCA LA . -3.26 22.93 -38.50
O5 HCA LA . -0.75 19.19 -35.11
O6 HCA LA . -2.10 18.10 -36.36
O7 HCA LA . -1.20 19.14 -38.66
FE1 ICS MA . -2.02 10.48 -40.21
MO1 ICS MA . -2.40 17.21 -38.52
FE2 ICS MA . -3.51 12.64 -40.30
FE3 ICS MA . -0.90 12.85 -40.45
FE4 ICS MA . -2.05 12.17 -38.16
FE5 ICS MA . -2.21 14.72 -37.55
FE6 ICS MA . -3.63 15.16 -39.65
FE7 ICS MA . -1.07 15.33 -39.74
CX ICS MA . -2.22 13.77 -39.31
S1A ICS MA . -3.83 10.92 -38.87
S1B ICS MA . -4.12 15.92 -37.62
S2A ICS MA . -2.24 11.84 -41.99
S2B ICS MA . -5.13 14.05 -40.79
S3A ICS MA . -2.07 12.99 -36.09
S3B ICS MA . -2.49 16.68 -40.81
S4A ICS MA . -0.19 11.22 -39.08
S4B ICS MA . -0.48 16.13 -37.77
S5A ICS MA . 0.53 14.46 -40.99
C1 GOL NA . 10.59 1.36 -48.08
O1 GOL NA . 10.52 2.30 -47.05
C2 GOL NA . 10.02 2.04 -49.37
O2 GOL NA . 8.92 2.83 -49.12
C3 GOL NA . 11.19 2.84 -50.02
O3 GOL NA . 11.74 3.65 -49.04
S SO4 OA . -26.15 18.62 -21.52
O1 SO4 OA . -26.07 20.03 -21.13
O2 SO4 OA . -25.56 17.80 -20.45
O3 SO4 OA . -27.54 18.22 -21.71
O4 SO4 OA . -25.40 18.40 -22.75
S1 1CL PA . 12.75 26.67 -42.57
FE1 1CL PA . 12.18 24.84 -44.01
FE2 1CL PA . 10.36 26.08 -42.82
FE3 1CL PA . 10.18 23.36 -42.78
FE4 1CL PA . 12.03 24.74 -41.40
FE5 1CL PA . 12.96 27.44 -39.35
FE6 1CL PA . 14.50 29.95 -41.71
FE7 1CL PA . 12.48 30.17 -39.78
FE8 1CL PA . 11.56 28.55 -41.82
S2A 1CL PA . 9.97 24.71 -44.61
S2B 1CL PA . 14.49 29.08 -39.58
S3A 1CL PA . 12.45 22.93 -42.74
S3B 1CL PA . 12.31 30.68 -42.04
S4A 1CL PA . 9.78 24.76 -41.05
S4B 1CL PA . 10.95 28.49 -39.60
C1 GOL QA . 22.78 11.48 -11.92
O1 GOL QA . 22.59 11.35 -10.55
C2 GOL QA . 24.26 11.15 -12.20
O2 GOL QA . 24.70 11.71 -13.37
C3 GOL QA . 25.04 11.66 -10.98
O3 GOL QA . 25.07 10.63 -10.03
S SO4 RA . 26.93 42.78 -29.45
O1 SO4 RA . 26.24 44.01 -29.08
O2 SO4 RA . 26.58 41.71 -28.52
O3 SO4 RA . 26.54 42.39 -30.80
O4 SO4 RA . 28.38 43.01 -29.40
S SO4 SA . 21.25 51.00 -52.27
O1 SO4 SA . 20.71 52.15 -51.55
O2 SO4 SA . 22.66 50.83 -51.94
O3 SO4 SA . 20.53 49.79 -51.86
O4 SO4 SA . 21.11 51.21 -53.71
FE FE TA . -5.75 55.17 -3.66
#